data_2WHI
#
_entry.id   2WHI
#
_cell.length_a   133.210
_cell.length_b   228.760
_cell.length_c   202.700
_cell.angle_alpha   90.00
_cell.angle_beta   90.00
_cell.angle_gamma   90.00
#
_symmetry.space_group_name_H-M   'C 2 2 21'
#
loop_
_entity.id
_entity.type
_entity.pdbx_description
1 polymer 'GLUTAMINE SYNTHETASE 1'
2 non-polymer 1-(3,4-dichlorobenzyl)-3,7-dimethyl-8-morpholin-4-yl-3,7-dihydro-1H-purine-2,6-dione
3 non-polymer 'MAGNESIUM ION'
4 non-polymer 'L-METHIONINE-S-SULFOXIMINE PHOSPHATE'
5 non-polymer 'PHOSPHATE ION'
6 non-polymer 'CHLORIDE ION'
7 non-polymer 'PENTAETHYLENE GLYCOL'
8 water water
#
_entity_poly.entity_id   1
_entity_poly.type   'polypeptide(L)'
_entity_poly.pdbx_seq_one_letter_code
;MAHHHHHHGTEKTPDDVFKLAKDEKVEYVDVRFCDLPGIMQHFTIPASAFDKSVFDDGLAFDGSSIRGFQSIHESDMLLL
PDPETARIDPFRAAKTLNINFFVHDPFTLEPYSRDPRNIARKAENYLISTGIADTAYFGAEAEFYIFDSVSFDSRANGSF
YEVDAISGWWNTGAATEADGSPNRGYKVRHKGGYFPVAPNDQYVDLRDKMLTNLINSGFILEKGHHEVGSGGQAEINYQF
NSLLHAADDMQLYKYIIKNTAWQNGKTVTFMPKPLFGDNGSGMHCHQSLWKDGAPLMYDETGYAGLSDTARHYIGGLLHH
APSLLAFTNPTVNSYKRLVPGYEAPINLVYSQRNRSACVRIPITGSNPKAKRLEFRSPDSSGNPYLAFSAMLMAGLDGIK
NKIEPQAPVDKDLYELPPEEAASIPQTPTQLSDVIDRLEADHEYLTEGGVFTNDLIETWISFKRENEIEPVNIRPHPYEF
ALYYDV
;
_entity_poly.pdbx_strand_id   A,B,C,D,E,F
#
# COMPACT_ATOMS: atom_id res chain seq x y z
N GLU A 11 39.66 1.27 34.24
CA GLU A 11 39.68 1.75 35.65
C GLU A 11 38.43 2.59 35.98
N LYS A 12 37.32 2.33 35.28
CA LYS A 12 36.06 3.02 35.54
C LYS A 12 35.56 2.73 36.95
N THR A 13 34.91 3.73 37.55
CA THR A 13 34.43 3.63 38.93
C THR A 13 32.90 3.62 38.92
N PRO A 14 32.27 3.17 40.03
CA PRO A 14 30.80 3.28 40.18
C PRO A 14 30.25 4.67 39.84
N ASP A 15 30.91 5.73 40.34
CA ASP A 15 30.47 7.11 40.09
C ASP A 15 30.61 7.55 38.62
N ASP A 16 31.59 7.00 37.93
CA ASP A 16 31.73 7.22 36.48
C ASP A 16 30.51 6.70 35.72
N VAL A 17 30.00 5.54 36.13
CA VAL A 17 28.84 4.92 35.49
C VAL A 17 27.55 5.69 35.81
N PHE A 18 27.40 6.12 37.05
CA PHE A 18 26.26 6.95 37.45
C PHE A 18 26.20 8.24 36.65
N LYS A 19 27.37 8.82 36.40
CA LYS A 19 27.47 10.06 35.63
C LYS A 19 27.09 9.80 34.17
N LEU A 20 27.57 8.70 33.61
CA LEU A 20 27.23 8.30 32.24
C LEU A 20 25.72 8.10 32.08
N ALA A 21 25.11 7.45 33.06
CA ALA A 21 23.66 7.20 33.06
C ALA A 21 22.84 8.50 33.11
N LYS A 22 23.29 9.46 33.92
CA LYS A 22 22.63 10.75 34.04
C LYS A 22 22.80 11.58 32.77
N ASP A 23 24.03 11.68 32.28
CA ASP A 23 24.34 12.48 31.08
C ASP A 23 23.61 11.99 29.84
N GLU A 24 23.49 10.66 29.70
CA GLU A 24 22.84 10.05 28.54
C GLU A 24 21.32 9.97 28.69
N LYS A 25 20.80 10.39 29.84
CA LYS A 25 19.37 10.34 30.17
C LYS A 25 18.79 8.93 29.96
N VAL A 26 19.49 7.98 30.55
CA VAL A 26 19.14 6.56 30.52
C VAL A 26 17.80 6.29 31.24
N GLU A 27 16.93 5.51 30.58
CA GLU A 27 15.64 5.12 31.15
C GLU A 27 15.73 3.75 31.85
N TYR A 28 16.55 2.85 31.30
CA TYR A 28 16.68 1.50 31.83
C TYR A 28 18.13 1.05 31.91
N VAL A 29 18.41 0.16 32.84
CA VAL A 29 19.71 -0.50 32.92
C VAL A 29 19.51 -1.99 32.68
N ASP A 30 20.23 -2.54 31.72
CA ASP A 30 20.19 -3.97 31.40
C ASP A 30 21.35 -4.72 32.09
N VAL A 31 20.99 -5.54 33.08
CA VAL A 31 21.93 -6.31 33.89
C VAL A 31 22.28 -7.61 33.17
N ARG A 32 23.56 -7.79 32.83
CA ARG A 32 24.02 -8.93 32.01
C ARG A 32 25.09 -9.81 32.69
N PHE A 33 25.03 -11.10 32.40
CA PHE A 33 26.02 -12.07 32.87
C PHE A 33 26.07 -13.26 31.91
N CYS A 34 27.11 -14.08 32.04
CA CYS A 34 27.32 -15.18 31.11
C CYS A 34 26.93 -16.54 31.69
N ASP A 35 26.17 -17.34 30.92
CA ASP A 35 25.91 -18.73 31.31
C ASP A 35 27.10 -19.59 30.97
N LEU A 36 27.09 -20.86 31.36
CA LEU A 36 28.28 -21.68 31.16
C LEU A 36 28.59 -21.98 29.67
N PRO A 37 27.60 -22.45 28.88
CA PRO A 37 27.87 -22.69 27.44
C PRO A 37 28.41 -21.46 26.68
N GLY A 38 27.91 -20.26 26.99
CA GLY A 38 28.47 -19.03 26.45
C GLY A 38 27.52 -18.00 25.88
N ILE A 39 26.24 -18.09 26.25
CA ILE A 39 25.22 -17.10 25.88
C ILE A 39 25.02 -16.08 27.00
N MET A 40 24.96 -14.80 26.65
CA MET A 40 24.70 -13.77 27.66
C MET A 40 23.24 -13.77 28.10
N GLN A 41 23.04 -13.54 29.38
CA GLN A 41 21.73 -13.51 30.01
C GLN A 41 21.43 -12.08 30.46
N HIS A 42 20.16 -11.71 30.58
CA HIS A 42 19.82 -10.35 31.00
C HIS A 42 18.44 -10.19 31.65
N PHE A 43 18.33 -9.17 32.50
CA PHE A 43 17.05 -8.62 32.93
C PHE A 43 17.21 -7.10 33.06
N THR A 44 16.09 -6.38 33.08
CA THR A 44 16.12 -4.93 33.05
C THR A 44 15.60 -4.33 34.35
N ILE A 45 16.30 -3.32 34.85
CA ILE A 45 15.83 -2.52 35.98
C ILE A 45 15.66 -1.08 35.52
N PRO A 46 14.69 -0.33 36.10
CA PRO A 46 14.55 1.08 35.70
C PRO A 46 15.71 1.91 36.22
N ALA A 47 15.95 3.07 35.59
CA ALA A 47 17.02 3.97 36.01
C ALA A 47 16.91 4.35 37.50
N SER A 48 15.68 4.57 37.98
CA SER A 48 15.41 4.90 39.38
C SER A 48 15.89 3.82 40.37
N ALA A 49 15.99 2.57 39.92
CA ALA A 49 16.43 1.46 40.76
C ALA A 49 17.92 1.18 40.62
N PHE A 50 18.60 1.97 39.80
CA PHE A 50 20.05 1.85 39.65
C PHE A 50 20.78 2.80 40.60
N ASP A 51 21.16 2.28 41.76
CA ASP A 51 21.73 3.09 42.86
C ASP A 51 22.98 2.42 43.45
N LYS A 52 23.52 3.01 44.52
CA LYS A 52 24.70 2.46 45.19
C LYS A 52 24.47 1.07 45.78
N SER A 53 23.22 0.76 46.13
CA SER A 53 22.85 -0.55 46.65
C SER A 53 23.13 -1.67 45.64
N VAL A 54 23.03 -1.36 44.35
CA VAL A 54 23.36 -2.31 43.28
C VAL A 54 24.85 -2.70 43.37
N PHE A 55 25.69 -1.70 43.65
CA PHE A 55 27.12 -1.92 43.84
C PHE A 55 27.46 -2.55 45.20
N ASP A 56 26.73 -2.14 46.24
CA ASP A 56 27.01 -2.59 47.61
C ASP A 56 26.44 -3.97 47.93
N ASP A 57 25.18 -4.20 47.58
CA ASP A 57 24.47 -5.43 47.91
C ASP A 57 24.31 -6.39 46.74
N GLY A 58 24.25 -5.85 45.53
CA GLY A 58 24.06 -6.66 44.33
C GLY A 58 22.60 -6.95 44.05
N LEU A 59 22.37 -7.82 43.07
CA LEU A 59 21.02 -8.19 42.64
C LEU A 59 20.91 -9.70 42.54
N ALA A 60 19.70 -10.23 42.71
CA ALA A 60 19.46 -11.67 42.72
C ALA A 60 18.89 -12.21 41.40
N PHE A 61 19.05 -13.52 41.20
CA PHE A 61 18.44 -14.22 40.06
C PHE A 61 18.27 -15.71 40.38
N ASP A 62 17.57 -16.43 39.49
CA ASP A 62 17.34 -17.86 39.63
C ASP A 62 18.46 -18.62 38.94
N GLY A 63 19.40 -19.12 39.74
CA GLY A 63 20.53 -19.90 39.25
C GLY A 63 20.15 -21.25 38.63
N SER A 64 18.97 -21.78 38.99
CA SER A 64 18.53 -23.08 38.48
C SER A 64 18.01 -23.02 37.04
N SER A 65 17.70 -21.82 36.56
CA SER A 65 17.21 -21.66 35.18
C SER A 65 18.33 -21.35 34.21
N ILE A 66 19.55 -21.22 34.73
CA ILE A 66 20.73 -20.90 33.93
C ILE A 66 21.59 -22.16 33.76
N ARG A 67 22.00 -22.44 32.52
CA ARG A 67 22.69 -23.68 32.20
C ARG A 67 24.08 -23.75 32.81
N GLY A 68 24.38 -24.91 33.40
CA GLY A 68 25.66 -25.12 34.08
C GLY A 68 25.78 -24.46 35.44
N PHE A 69 24.69 -23.86 35.93
CA PHE A 69 24.71 -23.17 37.23
C PHE A 69 24.20 -24.04 38.38
N GLN A 70 23.08 -23.66 39.01
CA GLN A 70 22.62 -24.28 40.27
C GLN A 70 21.52 -25.32 40.07
N SER A 71 21.31 -26.13 41.10
CA SER A 71 20.11 -26.99 41.16
C SER A 71 18.95 -26.20 41.79
N ILE A 72 17.75 -26.74 41.68
CA ILE A 72 16.52 -26.00 42.05
C ILE A 72 16.41 -25.65 43.55
N HIS A 73 16.95 -26.52 44.41
CA HIS A 73 16.90 -26.29 45.86
C HIS A 73 18.00 -25.36 46.36
N GLU A 74 18.97 -25.07 45.51
CA GLU A 74 20.02 -24.12 45.83
C GLU A 74 20.05 -22.97 44.81
N SER A 75 18.86 -22.53 44.41
CA SER A 75 18.66 -21.66 43.24
C SER A 75 19.22 -20.22 43.36
N ASP A 76 18.84 -19.50 44.42
CA ASP A 76 19.24 -18.09 44.59
C ASP A 76 20.73 -17.88 44.35
N MET A 77 21.06 -16.94 43.48
CA MET A 77 22.43 -16.50 43.29
C MET A 77 22.49 -14.98 43.27
N LEU A 78 23.70 -14.43 43.35
CA LEU A 78 23.90 -12.98 43.47
C LEU A 78 24.73 -12.43 42.29
N LEU A 79 24.55 -11.15 41.97
CA LEU A 79 25.30 -10.49 40.92
C LEU A 79 25.89 -9.16 41.40
N LEU A 80 27.16 -8.92 41.06
CA LEU A 80 27.85 -7.67 41.38
C LEU A 80 28.41 -7.01 40.12
N PRO A 81 28.14 -5.71 39.92
CA PRO A 81 28.47 -4.99 38.67
C PRO A 81 29.97 -4.86 38.36
N ASP A 82 30.29 -4.80 37.06
CA ASP A 82 31.64 -4.50 36.59
C ASP A 82 31.56 -3.19 35.80
N PRO A 83 31.92 -2.06 36.45
CA PRO A 83 31.83 -0.71 35.85
C PRO A 83 32.62 -0.51 34.55
N GLU A 84 33.63 -1.33 34.32
CA GLU A 84 34.42 -1.31 33.07
C GLU A 84 33.57 -1.64 31.83
N THR A 85 32.47 -2.36 32.04
CA THR A 85 31.69 -2.92 30.94
C THR A 85 30.43 -2.12 30.58
N ALA A 86 30.28 -0.92 31.13
CA ALA A 86 29.08 -0.13 30.90
C ALA A 86 29.13 0.50 29.51
N ARG A 87 28.10 0.21 28.71
CA ARG A 87 27.93 0.78 27.36
C ARG A 87 26.47 1.11 27.07
N ILE A 88 26.22 2.12 26.25
CA ILE A 88 24.86 2.47 25.81
C ILE A 88 24.42 1.47 24.74
N ASP A 89 23.22 0.92 24.91
CA ASP A 89 22.65 0.00 23.93
C ASP A 89 22.24 0.73 22.66
N PRO A 90 22.70 0.27 21.49
CA PRO A 90 22.40 0.93 20.22
C PRO A 90 21.01 0.65 19.63
N PHE A 91 20.27 -0.29 20.21
CA PHE A 91 19.06 -0.82 19.58
C PHE A 91 17.74 -0.44 20.23
N ARG A 92 17.71 -0.34 21.55
CA ARG A 92 16.45 -0.11 22.26
C ARG A 92 15.94 1.34 22.13
N ALA A 93 14.67 1.47 21.74
CA ALA A 93 14.02 2.77 21.61
C ALA A 93 14.03 3.57 22.91
N ALA A 94 13.85 2.88 24.04
CA ALA A 94 14.00 3.47 25.37
C ALA A 94 15.46 3.40 25.73
N LYS A 95 16.07 4.55 26.03
CA LYS A 95 17.51 4.66 26.28
C LYS A 95 17.97 3.72 27.39
N THR A 96 18.87 2.80 27.03
CA THR A 96 19.28 1.72 27.92
C THR A 96 20.81 1.64 28.07
N LEU A 97 21.25 1.39 29.29
CA LEU A 97 22.66 1.19 29.60
C LEU A 97 22.91 -0.28 29.96
N ASN A 98 23.81 -0.94 29.23
CA ASN A 98 24.17 -2.34 29.49
C ASN A 98 25.39 -2.43 30.38
N ILE A 99 25.32 -3.27 31.41
CA ILE A 99 26.48 -3.54 32.28
C ILE A 99 26.61 -5.04 32.52
N ASN A 100 27.84 -5.55 32.39
CA ASN A 100 28.14 -6.94 32.77
C ASN A 100 28.39 -7.08 34.28
N PHE A 101 28.00 -8.23 34.81
CA PHE A 101 28.09 -8.53 36.25
C PHE A 101 28.90 -9.81 36.50
N PHE A 102 29.49 -9.90 37.69
CA PHE A 102 30.10 -11.13 38.19
C PHE A 102 29.09 -11.87 39.07
N VAL A 103 29.08 -13.20 38.97
CA VAL A 103 28.20 -14.04 39.78
C VAL A 103 28.88 -14.39 41.09
N HIS A 104 28.16 -14.24 42.20
CA HIS A 104 28.69 -14.48 43.54
C HIS A 104 27.75 -15.36 44.35
N ASP A 105 28.31 -16.08 45.31
CA ASP A 105 27.53 -16.86 46.29
C ASP A 105 26.70 -15.90 47.16
N PRO A 106 25.41 -16.20 47.35
CA PRO A 106 24.53 -15.27 48.07
C PRO A 106 24.77 -15.24 49.58
N PHE A 107 25.43 -16.27 50.13
CA PHE A 107 25.75 -16.33 51.55
C PHE A 107 27.11 -15.73 51.88
N THR A 108 28.15 -16.21 51.21
CA THR A 108 29.54 -15.83 51.52
C THR A 108 30.04 -14.63 50.70
N LEU A 109 29.31 -14.29 49.64
CA LEU A 109 29.70 -13.24 48.68
C LEU A 109 31.00 -13.56 47.91
N GLU A 110 31.44 -14.81 48.02
CA GLU A 110 32.61 -15.30 47.28
C GLU A 110 32.25 -15.47 45.79
N PRO A 111 33.22 -15.19 44.89
CA PRO A 111 33.00 -15.40 43.44
C PRO A 111 32.60 -16.85 43.13
N TYR A 112 31.71 -17.02 42.17
CA TYR A 112 31.16 -18.33 41.80
C TYR A 112 32.19 -19.10 40.94
N SER A 113 32.37 -20.37 41.27
CA SER A 113 33.36 -21.22 40.59
C SER A 113 32.98 -21.55 39.13
N ARG A 114 31.71 -21.35 38.78
CA ARG A 114 31.23 -21.60 37.43
C ARG A 114 30.72 -20.33 36.74
N ASP A 115 31.19 -19.17 37.19
CA ASP A 115 31.02 -17.93 36.45
C ASP A 115 32.16 -17.82 35.45
N PRO A 116 31.86 -17.86 34.14
CA PRO A 116 32.88 -17.73 33.09
C PRO A 116 33.72 -16.46 33.23
N ARG A 117 33.10 -15.35 33.61
CA ARG A 117 33.82 -14.09 33.82
C ARG A 117 34.79 -14.15 34.99
N ASN A 118 34.47 -14.98 35.99
CA ASN A 118 35.40 -15.25 37.09
C ASN A 118 36.63 -16.03 36.64
N ILE A 119 36.45 -16.99 35.74
CA ILE A 119 37.52 -17.84 35.24
C ILE A 119 38.58 -16.98 34.54
N ALA A 120 38.12 -16.04 33.73
CA ALA A 120 38.97 -15.08 33.03
C ALA A 120 39.75 -14.18 34.01
N ARG A 121 39.06 -13.74 35.06
CA ARG A 121 39.65 -12.97 36.17
C ARG A 121 40.77 -13.78 36.81
N LYS A 122 40.48 -15.03 37.15
CA LYS A 122 41.44 -15.93 37.79
C LYS A 122 42.65 -16.24 36.90
N ALA A 123 42.39 -16.42 35.61
CA ALA A 123 43.46 -16.70 34.63
C ALA A 123 44.47 -15.55 34.59
N GLU A 124 43.96 -14.32 34.51
CA GLU A 124 44.80 -13.12 34.48
C GLU A 124 45.67 -12.96 35.72
N ASN A 125 45.11 -13.30 36.89
CA ASN A 125 45.83 -13.19 38.15
C ASN A 125 46.86 -14.29 38.31
N TYR A 126 46.54 -15.48 37.82
CA TYR A 126 47.49 -16.59 37.82
C TYR A 126 48.71 -16.27 36.94
N LEU A 127 48.47 -15.72 35.75
CA LEU A 127 49.56 -15.30 34.87
C LEU A 127 50.55 -14.41 35.61
N ILE A 128 50.05 -13.39 36.30
CA ILE A 128 50.90 -12.47 37.07
C ILE A 128 51.71 -13.23 38.14
N SER A 129 51.05 -14.16 38.83
CA SER A 129 51.67 -14.95 39.90
C SER A 129 52.78 -15.90 39.43
N THR A 130 52.86 -16.19 38.12
CA THR A 130 53.90 -17.09 37.62
C THR A 130 55.22 -16.36 37.37
N GLY A 131 55.15 -15.04 37.22
CA GLY A 131 56.33 -14.25 36.88
C GLY A 131 56.68 -14.25 35.40
N ILE A 132 56.10 -15.18 34.65
CA ILE A 132 56.33 -15.29 33.20
C ILE A 132 55.99 -13.99 32.44
N ALA A 133 54.84 -13.42 32.75
CA ALA A 133 54.37 -12.17 32.12
C ALA A 133 53.36 -11.50 33.03
N ASP A 134 52.92 -10.29 32.67
CA ASP A 134 51.84 -9.64 33.42
C ASP A 134 50.58 -9.38 32.57
N THR A 135 50.71 -9.52 31.26
CA THR A 135 49.58 -9.28 30.35
C THR A 135 49.54 -10.29 29.19
N ALA A 136 48.37 -10.89 28.97
CA ALA A 136 48.11 -11.74 27.81
C ALA A 136 47.13 -11.05 26.86
N TYR A 137 47.59 -10.72 25.66
CA TYR A 137 46.74 -10.05 24.68
C TYR A 137 46.07 -11.03 23.73
N PHE A 138 44.77 -10.87 23.58
CA PHE A 138 43.98 -11.68 22.67
C PHE A 138 43.34 -10.83 21.59
N GLY A 139 43.61 -11.20 20.35
CA GLY A 139 42.95 -10.60 19.19
C GLY A 139 42.16 -11.70 18.49
N ALA A 140 40.89 -11.44 18.20
CA ALA A 140 40.02 -12.48 17.65
C ALA A 140 39.36 -12.07 16.35
N GLU A 141 39.06 -13.06 15.51
CA GLU A 141 38.34 -12.84 14.26
C GLU A 141 37.13 -13.74 14.20
N ALA A 142 35.98 -13.22 14.65
CA ALA A 142 34.74 -13.97 14.67
C ALA A 142 34.00 -13.77 13.36
N GLU A 143 34.19 -14.73 12.46
CA GLU A 143 33.47 -14.71 11.18
C GLU A 143 32.01 -15.13 11.39
N PHE A 144 31.14 -14.72 10.47
CA PHE A 144 29.71 -15.05 10.59
C PHE A 144 29.02 -15.08 9.22
N TYR A 145 27.80 -15.62 9.19
CA TYR A 145 27.00 -15.62 7.97
C TYR A 145 25.80 -14.68 8.10
N ILE A 146 25.58 -13.83 7.12
CA ILE A 146 24.38 -12.98 7.08
C ILE A 146 23.33 -13.67 6.20
N PHE A 147 22.47 -14.49 6.82
CA PHE A 147 21.42 -15.20 6.07
C PHE A 147 20.13 -14.39 5.98
N ASP A 148 19.18 -14.88 5.17
CA ASP A 148 17.84 -14.30 5.07
C ASP A 148 16.82 -15.05 5.92
N SER A 149 17.01 -16.37 6.03
CA SER A 149 16.05 -17.22 6.71
C SER A 149 16.66 -18.54 7.16
N VAL A 150 16.00 -19.18 8.13
CA VAL A 150 16.37 -20.50 8.62
C VAL A 150 15.16 -21.20 9.22
N SER A 151 15.04 -22.50 8.95
CA SER A 151 14.04 -23.33 9.58
C SER A 151 14.58 -24.77 9.67
N PHE A 152 14.05 -25.52 10.62
CA PHE A 152 14.56 -26.85 10.95
C PHE A 152 13.57 -27.50 11.90
N ASP A 153 13.47 -28.83 11.87
CA ASP A 153 12.74 -29.57 12.91
C ASP A 153 13.28 -30.99 13.08
N SER A 154 12.67 -31.74 14.00
CA SER A 154 13.09 -33.09 14.32
C SER A 154 11.88 -33.86 14.85
N ARG A 155 11.38 -34.80 14.05
CA ARG A 155 10.18 -35.56 14.39
C ARG A 155 10.48 -37.05 14.36
N ALA A 156 9.47 -37.88 14.67
CA ALA A 156 9.63 -39.33 14.69
C ALA A 156 9.96 -39.88 13.31
N ASN A 157 9.30 -39.33 12.29
CA ASN A 157 9.37 -39.87 10.92
C ASN A 157 10.15 -39.00 9.92
N GLY A 158 10.76 -37.92 10.40
CA GLY A 158 11.47 -37.01 9.52
C GLY A 158 12.14 -35.86 10.25
N SER A 159 13.11 -35.25 9.58
CA SER A 159 13.89 -34.13 10.09
C SER A 159 14.44 -33.31 8.91
N PHE A 160 14.62 -32.01 9.11
CA PHE A 160 15.16 -31.14 8.05
C PHE A 160 15.83 -29.90 8.63
N TYR A 161 16.70 -29.29 7.83
CA TYR A 161 17.11 -27.91 8.01
C TYR A 161 17.26 -27.23 6.64
N GLU A 162 17.15 -25.91 6.64
CA GLU A 162 17.44 -25.12 5.47
C GLU A 162 17.80 -23.71 5.89
N VAL A 163 18.96 -23.25 5.42
CA VAL A 163 19.30 -21.84 5.53
C VAL A 163 19.17 -21.26 4.12
N ASP A 164 18.91 -19.96 4.01
CA ASP A 164 18.80 -19.33 2.70
C ASP A 164 19.30 -17.88 2.74
N ALA A 165 19.73 -17.41 1.57
CA ALA A 165 20.31 -16.08 1.39
C ALA A 165 20.18 -15.70 -0.07
N ILE A 166 19.88 -14.44 -0.34
CA ILE A 166 19.76 -13.96 -1.72
C ILE A 166 21.03 -14.22 -2.55
N SER A 167 22.19 -14.10 -1.92
CA SER A 167 23.48 -14.25 -2.60
C SER A 167 23.97 -15.70 -2.69
N GLY A 168 23.19 -16.65 -2.19
CA GLY A 168 23.56 -18.06 -2.24
C GLY A 168 23.60 -18.56 -3.67
N TRP A 169 24.69 -19.24 -4.06
CA TRP A 169 24.84 -19.78 -5.40
C TRP A 169 23.74 -20.78 -5.75
N TRP A 170 23.16 -21.42 -4.74
CA TRP A 170 22.10 -22.40 -4.94
C TRP A 170 20.84 -21.75 -5.51
N ASN A 171 20.83 -20.41 -5.53
CA ASN A 171 19.70 -19.64 -6.04
C ASN A 171 19.88 -19.05 -7.44
N THR A 172 20.98 -19.36 -8.13
CA THR A 172 21.20 -18.76 -9.47
C THR A 172 20.07 -19.05 -10.47
N GLY A 173 19.40 -20.20 -10.30
CA GLY A 173 18.34 -20.64 -11.20
C GLY A 173 16.93 -20.23 -10.79
N ALA A 174 16.82 -19.53 -9.66
CA ALA A 174 15.51 -19.11 -9.13
C ALA A 174 14.79 -18.18 -10.11
N ALA A 175 13.50 -18.43 -10.32
CA ALA A 175 12.67 -17.62 -11.21
C ALA A 175 12.47 -16.21 -10.65
N THR A 176 12.26 -16.11 -9.34
CA THR A 176 12.16 -14.82 -8.65
C THR A 176 12.85 -14.89 -7.28
N GLU A 177 13.04 -13.72 -6.67
CA GLU A 177 13.46 -13.65 -5.27
C GLU A 177 12.28 -13.97 -4.33
N ALA A 178 12.57 -14.14 -3.05
CA ALA A 178 11.57 -14.57 -2.05
C ALA A 178 10.34 -13.65 -1.98
N ASP A 179 10.55 -12.35 -2.18
CA ASP A 179 9.47 -11.37 -2.20
C ASP A 179 8.76 -11.26 -3.57
N GLY A 180 9.16 -12.08 -4.53
CA GLY A 180 8.54 -12.05 -5.87
C GLY A 180 9.23 -11.15 -6.89
N SER A 181 10.23 -10.40 -6.44
CA SER A 181 11.00 -9.52 -7.33
C SER A 181 11.97 -10.34 -8.21
N PRO A 182 12.46 -9.74 -9.31
CA PRO A 182 13.30 -10.47 -10.28
C PRO A 182 14.66 -10.95 -9.72
N ASN A 183 15.11 -12.09 -10.22
CA ASN A 183 16.48 -12.55 -10.03
C ASN A 183 17.39 -11.67 -10.87
N ARG A 184 18.31 -10.94 -10.22
CA ARG A 184 19.15 -9.98 -10.92
C ARG A 184 20.62 -10.43 -11.05
N GLY A 185 20.87 -11.70 -10.75
CA GLY A 185 22.21 -12.27 -10.83
C GLY A 185 23.13 -11.74 -9.77
N TYR A 186 24.44 -11.77 -10.06
CA TYR A 186 25.50 -11.30 -9.15
C TYR A 186 25.55 -12.03 -7.81
N LYS A 187 25.13 -13.29 -7.81
CA LYS A 187 25.22 -14.11 -6.61
C LYS A 187 26.66 -14.59 -6.43
N VAL A 188 26.97 -15.06 -5.23
CA VAL A 188 28.34 -15.42 -4.86
C VAL A 188 28.61 -16.90 -5.10
N ARG A 189 29.69 -17.20 -5.82
CA ARG A 189 30.10 -18.58 -6.09
C ARG A 189 30.60 -19.22 -4.80
N HIS A 190 30.41 -20.53 -4.66
CA HIS A 190 30.96 -21.25 -3.52
C HIS A 190 32.47 -21.02 -3.47
N LYS A 191 32.96 -20.68 -2.28
CA LYS A 191 34.38 -20.32 -2.08
C LYS A 191 34.80 -19.06 -2.84
N GLY A 192 33.84 -18.27 -3.30
CA GLY A 192 34.14 -17.09 -4.13
C GLY A 192 33.75 -15.72 -3.59
N GLY A 193 33.50 -15.62 -2.29
CA GLY A 193 33.04 -14.36 -1.69
C GLY A 193 34.12 -13.40 -1.23
N TYR A 194 35.38 -13.86 -1.22
CA TYR A 194 36.50 -13.07 -0.72
C TYR A 194 37.35 -12.56 -1.89
N PHE A 195 37.24 -11.30 -2.26
CA PHE A 195 36.15 -10.38 -1.86
C PHE A 195 35.86 -9.34 -2.95
N PRO A 196 35.16 -9.76 -4.04
CA PRO A 196 34.82 -8.88 -5.15
C PRO A 196 33.98 -7.68 -4.73
N VAL A 197 34.11 -6.59 -5.48
CA VAL A 197 33.31 -5.37 -5.24
C VAL A 197 31.83 -5.59 -5.52
N ALA A 198 31.00 -4.66 -5.02
CA ALA A 198 29.58 -4.64 -5.33
C ALA A 198 29.39 -4.49 -6.84
N PRO A 199 28.29 -5.07 -7.40
CA PRO A 199 27.16 -5.71 -6.74
C PRO A 199 27.32 -7.18 -6.33
N ASN A 200 28.45 -7.81 -6.67
CA ASN A 200 28.76 -9.16 -6.18
C ASN A 200 28.66 -9.24 -4.66
N ASP A 201 29.28 -8.25 -4.00
CA ASP A 201 29.15 -8.04 -2.56
C ASP A 201 27.83 -7.31 -2.33
N GLN A 202 26.85 -8.04 -1.81
CA GLN A 202 25.48 -7.54 -1.64
C GLN A 202 25.22 -6.97 -0.25
N TYR A 203 26.26 -6.95 0.59
CA TYR A 203 26.10 -6.63 2.00
C TYR A 203 26.95 -5.42 2.48
N VAL A 204 27.43 -4.61 1.53
CA VAL A 204 28.28 -3.47 1.85
C VAL A 204 27.64 -2.47 2.84
N ASP A 205 26.41 -2.05 2.55
CA ASP A 205 25.69 -1.09 3.38
C ASP A 205 25.35 -1.65 4.77
N LEU A 206 24.94 -2.92 4.81
CA LEU A 206 24.67 -3.58 6.10
C LEU A 206 25.91 -3.69 6.98
N ARG A 207 27.04 -4.07 6.37
CA ARG A 207 28.30 -4.18 7.13
C ARG A 207 28.80 -2.82 7.58
N ASP A 208 28.46 -1.75 6.84
CA ASP A 208 28.80 -0.38 7.25
C ASP A 208 28.03 -0.02 8.52
N LYS A 209 26.77 -0.44 8.59
CA LYS A 209 25.92 -0.23 9.76
C LYS A 209 26.45 -0.98 10.98
N MET A 210 26.93 -2.20 10.75
CA MET A 210 27.58 -3.00 11.79
C MET A 210 28.84 -2.30 12.30
N LEU A 211 29.65 -1.81 11.37
CA LEU A 211 30.88 -1.09 11.71
C LEU A 211 30.61 0.15 12.54
N THR A 212 29.56 0.89 12.16
CA THR A 212 29.17 2.14 12.85
C THR A 212 28.64 1.89 14.25
N ASN A 213 27.77 0.89 14.40
CA ASN A 213 27.24 0.49 15.70
C ASN A 213 28.36 0.06 16.66
N LEU A 214 29.38 -0.58 16.11
CA LEU A 214 30.54 -0.99 16.90
C LEU A 214 31.36 0.23 17.33
N ILE A 215 31.60 1.14 16.39
CA ILE A 215 32.32 2.38 16.68
C ILE A 215 31.61 3.19 17.78
N ASN A 216 30.29 3.31 17.66
CA ASN A 216 29.49 4.03 18.65
C ASN A 216 29.36 3.32 20.01
N SER A 217 29.85 2.08 20.10
CA SER A 217 29.89 1.32 21.36
C SER A 217 31.28 1.24 21.94
N GLY A 218 32.18 2.08 21.43
CA GLY A 218 33.52 2.19 21.99
C GLY A 218 34.55 1.18 21.48
N PHE A 219 34.17 0.39 20.47
CA PHE A 219 35.12 -0.49 19.80
C PHE A 219 36.07 0.35 18.94
N ILE A 220 37.34 -0.03 18.92
CA ILE A 220 38.33 0.54 17.99
C ILE A 220 38.44 -0.41 16.80
N LEU A 221 38.00 0.08 15.65
CA LEU A 221 37.81 -0.78 14.49
C LEU A 221 39.04 -0.84 13.62
N GLU A 222 39.24 -1.99 12.98
CA GLU A 222 40.35 -2.17 12.05
C GLU A 222 39.91 -2.46 10.61
N LYS A 223 39.04 -3.46 10.42
CA LYS A 223 38.42 -3.69 9.11
C LYS A 223 37.12 -4.50 9.08
N GLY A 224 36.46 -4.47 7.93
CA GLY A 224 35.27 -5.26 7.67
C GLY A 224 35.29 -5.68 6.21
N HIS A 225 34.86 -6.91 5.96
CA HIS A 225 34.82 -7.45 4.60
C HIS A 225 33.93 -8.69 4.48
N HIS A 226 33.52 -8.98 3.24
CA HIS A 226 32.86 -10.22 2.89
C HIS A 226 33.89 -11.34 2.97
N GLU A 227 33.47 -12.51 3.44
CA GLU A 227 34.38 -13.65 3.53
C GLU A 227 34.15 -14.65 2.41
N VAL A 228 34.92 -15.74 2.45
CA VAL A 228 35.00 -16.72 1.35
C VAL A 228 33.65 -17.36 0.98
N GLY A 229 32.84 -17.66 2.00
CA GLY A 229 31.60 -18.39 1.81
C GLY A 229 30.51 -17.67 1.05
N SER A 230 29.83 -18.41 0.16
CA SER A 230 28.64 -17.95 -0.53
C SER A 230 27.50 -17.76 0.47
N GLY A 231 26.50 -16.95 0.11
CA GLY A 231 25.36 -16.72 0.98
C GLY A 231 25.65 -15.83 2.17
N GLY A 232 26.53 -14.84 1.96
CA GLY A 232 26.74 -13.75 2.91
C GLY A 232 27.70 -13.91 4.07
N GLN A 233 28.77 -14.68 3.89
CA GLN A 233 29.78 -14.74 4.93
C GLN A 233 30.48 -13.38 5.10
N ALA A 234 30.84 -13.06 6.34
CA ALA A 234 31.42 -11.77 6.67
C ALA A 234 32.43 -11.88 7.80
N GLU A 235 33.20 -10.81 7.99
CA GLU A 235 34.16 -10.70 9.07
C GLU A 235 34.37 -9.23 9.37
N ILE A 236 34.39 -8.91 10.67
CA ILE A 236 34.79 -7.60 11.17
C ILE A 236 35.89 -7.76 12.25
N ASN A 237 36.91 -6.91 12.16
CA ASN A 237 38.02 -6.92 13.10
C ASN A 237 38.03 -5.65 13.93
N TYR A 238 38.19 -5.82 15.24
CA TYR A 238 38.39 -4.71 16.17
C TYR A 238 39.70 -4.94 16.94
N GLN A 239 40.25 -3.87 17.51
CA GLN A 239 41.52 -3.94 18.23
C GLN A 239 41.55 -4.99 19.33
N PHE A 240 42.66 -5.72 19.43
CA PHE A 240 42.90 -6.68 20.52
C PHE A 240 42.86 -6.01 21.90
N ASN A 241 42.81 -6.83 22.95
CA ASN A 241 42.91 -6.35 24.33
C ASN A 241 43.39 -7.46 25.26
N SER A 242 43.57 -7.14 26.54
CA SER A 242 43.92 -8.16 27.54
C SER A 242 42.77 -9.15 27.74
N LEU A 243 43.11 -10.35 28.17
CA LEU A 243 42.18 -11.50 28.19
C LEU A 243 40.72 -11.20 28.53
N LEU A 244 40.45 -10.78 29.77
CA LEU A 244 39.06 -10.51 30.20
C LEU A 244 38.36 -9.45 29.35
N HIS A 245 39.00 -8.31 29.12
CA HIS A 245 38.43 -7.26 28.26
C HIS A 245 38.10 -7.81 26.87
N ALA A 246 39.01 -8.64 26.33
CA ALA A 246 38.84 -9.21 24.99
C ALA A 246 37.64 -10.16 24.92
N ALA A 247 37.43 -10.94 25.98
CA ALA A 247 36.28 -11.84 26.06
C ALA A 247 34.98 -11.07 26.20
N ASP A 248 35.01 -9.97 26.97
CA ASP A 248 33.85 -9.10 27.13
C ASP A 248 33.50 -8.44 25.78
N ASP A 249 34.53 -7.99 25.06
CA ASP A 249 34.40 -7.42 23.72
C ASP A 249 33.75 -8.41 22.75
N MET A 250 34.18 -9.67 22.81
CA MET A 250 33.64 -10.71 21.93
C MET A 250 32.13 -10.84 22.10
N GLN A 251 31.69 -11.01 23.34
CA GLN A 251 30.27 -11.16 23.67
C GLN A 251 29.42 -9.98 23.17
N LEU A 252 29.89 -8.76 23.39
CA LEU A 252 29.19 -7.57 22.95
C LEU A 252 29.20 -7.45 21.42
N TYR A 253 30.32 -7.80 20.81
CA TYR A 253 30.44 -7.83 19.35
C TYR A 253 29.38 -8.74 18.72
N LYS A 254 29.27 -9.97 19.24
CA LYS A 254 28.25 -10.92 18.77
C LYS A 254 26.84 -10.37 18.92
N TYR A 255 26.56 -9.71 20.04
CA TYR A 255 25.26 -9.06 20.27
C TYR A 255 24.96 -7.95 19.23
N ILE A 256 25.96 -7.10 18.98
CA ILE A 256 25.82 -6.00 18.02
C ILE A 256 25.69 -6.49 16.57
N ILE A 257 26.45 -7.52 16.22
CA ILE A 257 26.35 -8.11 14.89
C ILE A 257 24.95 -8.70 14.67
N LYS A 258 24.51 -9.56 15.59
CA LYS A 258 23.21 -10.26 15.50
C LYS A 258 22.00 -9.32 15.43
N ASN A 259 22.05 -8.23 16.20
CA ASN A 259 20.92 -7.31 16.31
C ASN A 259 20.91 -6.19 15.26
N THR A 260 22.09 -5.80 14.76
CA THR A 260 22.12 -4.91 13.58
C THR A 260 21.47 -5.66 12.40
N ALA A 261 21.86 -6.92 12.21
CA ALA A 261 21.24 -7.78 11.20
C ALA A 261 19.74 -7.90 11.39
N TRP A 262 19.32 -8.18 12.63
CA TRP A 262 17.90 -8.38 12.94
C TRP A 262 17.06 -7.15 12.59
N GLN A 263 17.52 -5.98 13.04
CA GLN A 263 16.85 -4.71 12.79
C GLN A 263 16.78 -4.34 11.30
N ASN A 264 17.62 -4.99 10.50
CA ASN A 264 17.67 -4.72 9.06
C ASN A 264 17.19 -5.90 8.21
N GLY A 265 16.36 -6.75 8.79
CA GLY A 265 15.62 -7.77 8.03
C GLY A 265 16.38 -9.05 7.78
N LYS A 266 17.55 -9.19 8.41
CA LYS A 266 18.41 -10.35 8.20
C LYS A 266 18.51 -11.22 9.47
N THR A 267 19.25 -12.32 9.37
CA THR A 267 19.47 -13.22 10.48
C THR A 267 20.89 -13.79 10.40
N VAL A 268 21.65 -13.65 11.48
CA VAL A 268 23.07 -14.01 11.53
C VAL A 268 23.30 -15.26 12.34
N THR A 269 24.20 -16.11 11.86
CA THR A 269 24.67 -17.25 12.66
C THR A 269 26.20 -17.25 12.79
N PHE A 270 26.67 -17.58 14.00
CA PHE A 270 28.11 -17.80 14.25
C PHE A 270 28.44 -19.28 14.30
N MET A 271 27.53 -20.16 13.88
CA MET A 271 27.81 -21.58 13.95
C MET A 271 28.99 -21.94 13.03
N PRO A 272 29.85 -22.89 13.47
CA PRO A 272 31.08 -23.26 12.77
C PRO A 272 30.92 -23.69 11.30
N LYS A 273 29.89 -24.48 11.00
CA LYS A 273 29.71 -25.00 9.65
C LYS A 273 28.22 -25.07 9.24
N PRO A 274 27.62 -23.93 8.86
CA PRO A 274 26.22 -23.97 8.42
C PRO A 274 26.05 -24.43 6.96
N LEU A 275 27.11 -24.33 6.17
CA LEU A 275 27.06 -24.74 4.76
C LEU A 275 27.99 -25.93 4.52
N PHE A 276 27.45 -26.93 3.83
CA PHE A 276 28.22 -28.09 3.41
C PHE A 276 28.87 -27.80 2.05
N GLY A 277 30.18 -28.03 1.95
CA GLY A 277 30.91 -27.76 0.71
C GLY A 277 31.30 -26.31 0.50
N ASP A 278 31.29 -25.51 1.57
CA ASP A 278 31.79 -24.12 1.55
C ASP A 278 32.45 -23.81 2.91
N ASN A 279 33.15 -22.68 3.00
CA ASN A 279 33.91 -22.34 4.21
C ASN A 279 33.10 -22.33 5.49
N GLY A 280 33.70 -22.82 6.56
CA GLY A 280 33.12 -22.69 7.89
C GLY A 280 33.47 -21.32 8.44
N SER A 281 32.92 -21.00 9.62
CA SER A 281 33.22 -19.74 10.30
C SER A 281 34.11 -20.02 11.51
N GLY A 282 35.32 -19.45 11.50
CA GLY A 282 36.28 -19.66 12.58
C GLY A 282 36.36 -18.49 13.52
N MET A 283 37.10 -18.67 14.61
CA MET A 283 37.45 -17.61 15.55
C MET A 283 38.95 -17.72 15.82
N HIS A 284 39.76 -17.28 14.86
CA HIS A 284 41.21 -17.26 15.02
C HIS A 284 41.58 -16.37 16.19
N CYS A 285 42.48 -16.85 17.04
CA CYS A 285 42.93 -16.10 18.19
C CYS A 285 44.43 -15.78 18.12
N HIS A 286 44.74 -14.53 17.78
CA HIS A 286 46.10 -13.98 17.85
C HIS A 286 46.43 -13.76 19.32
N GLN A 287 47.63 -14.18 19.73
CA GLN A 287 48.03 -14.16 21.13
C GLN A 287 49.48 -13.71 21.31
N SER A 288 49.72 -12.93 22.36
CA SER A 288 51.06 -12.50 22.74
C SER A 288 51.15 -12.24 24.24
N LEU A 289 52.34 -12.46 24.81
CA LEU A 289 52.59 -12.15 26.23
C LEU A 289 53.52 -10.95 26.36
N TRP A 290 53.19 -10.07 27.30
CA TRP A 290 53.98 -8.87 27.58
C TRP A 290 54.34 -8.80 29.07
N LYS A 291 55.45 -8.13 29.38
CA LYS A 291 55.86 -7.89 30.78
C LYS A 291 56.56 -6.54 30.94
N ASP A 292 56.11 -5.78 31.93
CA ASP A 292 56.64 -4.45 32.23
C ASP A 292 56.61 -3.54 31.00
N GLY A 293 55.60 -3.70 30.16
CA GLY A 293 55.45 -2.91 28.95
C GLY A 293 56.35 -3.30 27.79
N ALA A 294 56.92 -4.51 27.86
CA ALA A 294 57.79 -5.00 26.80
C ALA A 294 57.28 -6.33 26.23
N PRO A 295 57.43 -6.53 24.90
CA PRO A 295 56.99 -7.77 24.24
C PRO A 295 57.94 -8.94 24.48
N LEU A 296 57.39 -10.16 24.49
CA LEU A 296 58.17 -11.36 24.83
C LEU A 296 58.22 -12.40 23.71
N MET A 297 57.52 -12.15 22.62
CA MET A 297 57.35 -13.15 21.56
C MET A 297 58.46 -13.11 20.49
N TYR A 298 59.29 -12.06 20.50
CA TYR A 298 60.22 -11.81 19.39
C TYR A 298 61.68 -12.22 19.65
N ASP A 299 62.24 -12.96 18.70
CA ASP A 299 63.68 -13.22 18.60
C ASP A 299 64.06 -13.28 17.12
N GLU A 300 64.86 -12.30 16.72
CA GLU A 300 65.38 -12.16 15.35
C GLU A 300 65.98 -13.45 14.75
N THR A 301 66.49 -14.32 15.62
CA THR A 301 67.20 -15.53 15.19
C THR A 301 66.36 -16.82 15.17
N GLY A 302 65.16 -16.78 15.75
CA GLY A 302 64.27 -17.95 15.73
C GLY A 302 63.52 -18.10 14.42
N TYR A 303 63.01 -19.31 14.17
CA TYR A 303 62.14 -19.54 13.01
C TYR A 303 60.92 -18.61 13.09
N ALA A 304 60.56 -18.02 11.96
CA ALA A 304 59.47 -17.04 11.90
C ALA A 304 59.62 -15.91 12.92
N GLY A 305 60.87 -15.68 13.36
CA GLY A 305 61.18 -14.58 14.28
C GLY A 305 60.61 -14.76 15.68
N LEU A 306 60.49 -16.02 16.12
CA LEU A 306 59.88 -16.34 17.42
C LEU A 306 60.91 -16.59 18.52
N SER A 307 60.66 -16.02 19.70
CA SER A 307 61.48 -16.29 20.88
C SER A 307 61.18 -17.67 21.44
N ASP A 308 61.96 -18.08 22.45
CA ASP A 308 61.76 -19.35 23.14
C ASP A 308 60.41 -19.41 23.84
N THR A 309 60.10 -18.34 24.57
CA THR A 309 58.81 -18.18 25.25
C THR A 309 57.64 -18.41 24.30
N ALA A 310 57.70 -17.77 23.13
CA ALA A 310 56.67 -17.92 22.11
C ALA A 310 56.56 -19.36 21.57
N ARG A 311 57.72 -19.94 21.26
CA ARG A 311 57.79 -21.30 20.70
C ARG A 311 57.27 -22.35 21.69
N HIS A 312 57.56 -22.16 22.97
CA HIS A 312 57.07 -23.05 24.03
C HIS A 312 55.58 -22.88 24.32
N TYR A 313 55.07 -21.66 24.12
CA TYR A 313 53.65 -21.38 24.21
C TYR A 313 52.92 -22.19 23.14
N ILE A 314 53.48 -22.18 21.92
CA ILE A 314 52.95 -22.96 20.79
C ILE A 314 53.04 -24.47 21.10
N GLY A 315 54.17 -24.90 21.67
CA GLY A 315 54.36 -26.28 22.12
C GLY A 315 53.25 -26.73 23.06
N GLY A 316 52.91 -25.87 24.02
CA GLY A 316 51.78 -26.11 24.93
C GLY A 316 50.43 -26.21 24.23
N LEU A 317 50.17 -25.30 23.28
CA LEU A 317 48.91 -25.32 22.52
C LEU A 317 48.74 -26.61 21.72
N LEU A 318 49.79 -26.99 20.98
CA LEU A 318 49.72 -28.17 20.12
C LEU A 318 49.79 -29.48 20.91
N HIS A 319 50.49 -29.47 22.04
CA HIS A 319 50.54 -30.63 22.94
C HIS A 319 49.21 -30.89 23.64
N HIS A 320 48.57 -29.82 24.11
CA HIS A 320 47.32 -29.94 24.85
C HIS A 320 46.05 -29.93 23.98
N ALA A 321 46.20 -29.64 22.69
CA ALA A 321 45.08 -29.63 21.73
C ALA A 321 44.01 -30.73 21.92
N PRO A 322 44.42 -32.03 22.05
CA PRO A 322 43.41 -33.09 22.18
C PRO A 322 42.39 -32.87 23.29
N SER A 323 42.76 -32.15 24.35
CA SER A 323 41.79 -31.82 25.41
C SER A 323 41.36 -30.35 25.36
N LEU A 324 42.28 -29.48 24.97
CA LEU A 324 42.02 -28.05 24.83
C LEU A 324 40.83 -27.73 23.92
N LEU A 325 40.66 -28.51 22.85
CA LEU A 325 39.58 -28.26 21.89
C LEU A 325 38.19 -28.39 22.50
N ALA A 326 38.09 -29.06 23.64
CA ALA A 326 36.84 -29.15 24.40
C ALA A 326 36.30 -27.78 24.80
N PHE A 327 37.21 -26.81 24.98
CA PHE A 327 36.85 -25.43 25.30
C PHE A 327 36.96 -24.45 24.11
N THR A 328 37.76 -24.79 23.10
CA THR A 328 37.97 -23.91 21.93
C THR A 328 37.09 -24.31 20.73
N ASN A 329 36.76 -25.59 20.63
CA ASN A 329 35.86 -26.14 19.59
C ASN A 329 34.80 -27.01 20.25
N PRO A 330 33.85 -26.38 20.99
CA PRO A 330 33.05 -27.09 21.99
C PRO A 330 31.72 -27.70 21.54
N THR A 331 31.44 -27.72 20.25
CA THR A 331 30.15 -28.22 19.78
C THR A 331 30.30 -29.39 18.81
N VAL A 332 29.21 -30.13 18.58
CA VAL A 332 29.23 -31.21 17.58
C VAL A 332 29.52 -30.62 16.19
N ASN A 333 28.90 -29.49 15.90
CA ASN A 333 29.08 -28.80 14.61
C ASN A 333 30.52 -28.31 14.37
N SER A 334 31.27 -28.07 15.46
CA SER A 334 32.67 -27.65 15.36
C SER A 334 33.50 -28.56 14.46
N TYR A 335 33.19 -29.85 14.51
CA TYR A 335 34.01 -30.88 13.85
C TYR A 335 33.64 -31.11 12.38
N LYS A 336 32.56 -30.48 11.94
CA LYS A 336 32.23 -30.42 10.53
C LYS A 336 33.07 -29.35 9.80
N ARG A 337 33.61 -28.41 10.58
CA ARG A 337 34.52 -27.38 10.07
C ARG A 337 35.96 -27.88 9.94
N LEU A 338 36.36 -28.77 10.87
CA LEU A 338 37.72 -29.33 10.87
C LEU A 338 37.89 -30.43 9.81
N VAL A 339 37.66 -30.05 8.55
CA VAL A 339 37.81 -30.92 7.38
C VAL A 339 38.69 -30.22 6.33
N PRO A 340 39.40 -30.99 5.47
CA PRO A 340 40.35 -30.33 4.56
C PRO A 340 39.70 -29.51 3.45
N GLY A 341 40.33 -28.38 3.12
CA GLY A 341 40.01 -27.62 1.91
C GLY A 341 39.34 -26.27 2.11
N TYR A 342 39.28 -25.80 3.37
CA TYR A 342 38.49 -24.61 3.70
C TYR A 342 39.19 -23.61 4.62
N GLU A 343 40.52 -23.65 4.64
CA GLU A 343 41.36 -22.74 5.45
C GLU A 343 41.18 -22.93 6.96
N ALA A 344 40.73 -24.12 7.34
CA ALA A 344 40.69 -24.54 8.75
C ALA A 344 41.69 -25.68 8.99
N PRO A 345 42.18 -25.84 10.24
CA PRO A 345 43.17 -26.90 10.55
C PRO A 345 42.62 -28.31 10.40
N ILE A 346 43.49 -29.23 9.98
CA ILE A 346 43.19 -30.67 9.99
C ILE A 346 44.26 -31.47 10.75
N ASN A 347 45.29 -30.79 11.22
CA ASN A 347 46.39 -31.42 11.98
C ASN A 347 47.14 -30.40 12.83
N LEU A 348 48.06 -30.88 13.68
CA LEU A 348 48.64 -30.04 14.72
C LEU A 348 50.03 -29.53 14.38
N VAL A 349 50.09 -28.64 13.39
CA VAL A 349 51.38 -28.05 13.00
C VAL A 349 51.32 -26.54 13.12
N TYR A 350 52.47 -25.92 13.40
CA TYR A 350 52.61 -24.48 13.22
C TYR A 350 53.47 -24.16 11.99
N SER A 351 53.18 -23.04 11.34
CA SER A 351 53.86 -22.67 10.10
C SER A 351 53.61 -21.19 9.81
N GLN A 352 54.64 -20.48 9.37
CA GLN A 352 54.46 -19.08 9.04
C GLN A 352 53.76 -18.93 7.68
N ARG A 353 52.92 -17.89 7.56
CA ARG A 353 52.22 -17.55 6.31
C ARG A 353 51.17 -18.60 5.87
N ASN A 354 50.95 -19.62 6.70
CA ASN A 354 50.22 -20.82 6.28
C ASN A 354 48.80 -20.91 6.82
N ARG A 355 47.83 -20.68 5.93
CA ARG A 355 46.41 -20.73 6.29
C ARG A 355 45.81 -22.14 6.35
N SER A 356 46.61 -23.16 6.04
CA SER A 356 46.17 -24.56 6.19
C SER A 356 46.67 -25.18 7.51
N ALA A 357 47.40 -24.37 8.28
CA ALA A 357 48.03 -24.84 9.50
C ALA A 357 47.20 -24.59 10.75
N CYS A 358 47.56 -25.28 11.84
CA CYS A 358 46.87 -25.13 13.12
C CYS A 358 47.25 -23.82 13.84
N VAL A 359 48.53 -23.49 13.81
CA VAL A 359 49.01 -22.17 14.25
C VAL A 359 49.77 -21.55 13.07
N ARG A 360 49.28 -20.40 12.61
CA ARG A 360 49.96 -19.62 11.58
C ARG A 360 50.71 -18.47 12.25
N ILE A 361 51.92 -18.21 11.79
CA ILE A 361 52.64 -17.00 12.21
C ILE A 361 52.48 -15.94 11.13
N PRO A 362 51.70 -14.89 11.43
CA PRO A 362 51.48 -13.81 10.44
C PRO A 362 52.79 -13.11 10.10
N ILE A 363 52.91 -12.63 8.85
CA ILE A 363 54.12 -11.92 8.42
C ILE A 363 54.02 -10.47 8.87
N THR A 364 54.82 -10.12 9.87
CA THR A 364 54.73 -8.81 10.54
C THR A 364 56.02 -7.99 10.47
N GLY A 365 57.08 -8.61 9.96
CA GLY A 365 58.36 -7.92 9.77
C GLY A 365 59.27 -7.95 10.98
N SER A 366 60.09 -6.90 11.14
CA SER A 366 61.11 -6.88 12.19
C SER A 366 60.70 -6.15 13.48
N ASN A 367 59.52 -5.50 13.46
CA ASN A 367 58.97 -4.86 14.66
C ASN A 367 58.63 -5.89 15.73
N PRO A 368 59.36 -5.86 16.88
CA PRO A 368 59.18 -6.88 17.92
C PRO A 368 57.79 -6.83 18.57
N LYS A 369 57.16 -5.67 18.54
CA LYS A 369 55.85 -5.45 19.16
C LYS A 369 54.74 -6.21 18.44
N ALA A 370 54.88 -6.37 17.14
CA ALA A 370 53.87 -7.00 16.30
C ALA A 370 53.93 -8.52 16.30
N LYS A 371 54.97 -9.09 16.91
CA LYS A 371 55.18 -10.54 16.90
C LYS A 371 54.14 -11.30 17.70
N ARG A 372 53.53 -12.32 17.07
CA ARG A 372 52.44 -13.08 17.68
C ARG A 372 52.17 -14.38 16.92
N LEU A 373 51.46 -15.29 17.57
CA LEU A 373 50.95 -16.50 16.93
C LEU A 373 49.44 -16.38 16.65
N GLU A 374 48.97 -17.02 15.58
CA GLU A 374 47.54 -17.10 15.31
C GLU A 374 47.10 -18.55 15.50
N PHE A 375 46.34 -18.79 16.55
CA PHE A 375 45.77 -20.10 16.80
C PHE A 375 44.47 -20.20 16.01
N ARG A 376 44.50 -21.00 14.93
CA ARG A 376 43.43 -21.02 13.92
C ARG A 376 42.31 -22.04 14.22
N SER A 377 42.54 -22.90 15.19
CA SER A 377 41.59 -23.95 15.51
C SER A 377 40.22 -23.48 16.07
N PRO A 378 40.21 -22.50 17.00
CA PRO A 378 38.96 -22.17 17.70
C PRO A 378 37.83 -21.67 16.79
N ASP A 379 36.59 -21.81 17.24
CA ASP A 379 35.42 -21.21 16.57
C ASP A 379 34.57 -20.43 17.59
N SER A 380 33.47 -19.84 17.13
CA SER A 380 32.61 -18.98 17.97
C SER A 380 31.43 -19.71 18.58
N SER A 381 31.45 -21.04 18.62
CA SER A 381 30.27 -21.80 19.04
C SER A 381 30.17 -22.05 20.56
N GLY A 382 31.05 -21.42 21.34
CA GLY A 382 31.03 -21.61 22.79
C GLY A 382 31.20 -20.35 23.61
N ASN A 383 32.20 -20.38 24.49
CA ASN A 383 32.38 -19.37 25.54
C ASN A 383 33.78 -18.73 25.44
N PRO A 384 33.85 -17.43 25.10
CA PRO A 384 35.15 -16.80 24.91
C PRO A 384 35.95 -16.65 26.21
N TYR A 385 35.25 -16.47 27.34
CA TYR A 385 35.90 -16.43 28.67
C TYR A 385 36.64 -17.71 28.97
N LEU A 386 35.98 -18.84 28.71
CA LEU A 386 36.53 -20.15 28.96
C LEU A 386 37.59 -20.53 27.91
N ALA A 387 37.31 -20.22 26.65
CA ALA A 387 38.22 -20.53 25.54
C ALA A 387 39.56 -19.78 25.64
N PHE A 388 39.50 -18.46 25.83
CA PHE A 388 40.72 -17.67 25.99
C PHE A 388 41.52 -18.15 27.20
N SER A 389 40.82 -18.42 28.31
CA SER A 389 41.46 -18.90 29.54
C SER A 389 42.17 -20.24 29.36
N ALA A 390 41.49 -21.20 28.73
CA ALA A 390 42.06 -22.52 28.47
C ALA A 390 43.29 -22.44 27.56
N MET A 391 43.23 -21.59 26.53
CA MET A 391 44.39 -21.37 25.65
C MET A 391 45.60 -20.87 26.44
N LEU A 392 45.36 -19.92 27.34
CA LEU A 392 46.42 -19.33 28.16
C LEU A 392 47.05 -20.40 29.05
N MET A 393 46.21 -21.17 29.73
CA MET A 393 46.68 -22.25 30.61
C MET A 393 47.52 -23.30 29.89
N ALA A 394 47.16 -23.58 28.62
CA ALA A 394 47.91 -24.53 27.81
C ALA A 394 49.26 -23.95 27.42
N GLY A 395 49.25 -22.68 27.04
CA GLY A 395 50.47 -21.98 26.63
C GLY A 395 51.44 -21.82 27.79
N LEU A 396 50.89 -21.55 28.98
CA LEU A 396 51.71 -21.38 30.18
C LEU A 396 52.33 -22.69 30.66
N ASP A 397 51.59 -23.80 30.53
CA ASP A 397 52.13 -25.13 30.82
C ASP A 397 53.28 -25.44 29.87
N GLY A 398 53.14 -25.00 28.61
CA GLY A 398 54.18 -25.16 27.61
C GLY A 398 55.45 -24.41 27.93
N ILE A 399 55.32 -23.18 28.41
CA ILE A 399 56.47 -22.35 28.82
C ILE A 399 57.16 -22.94 30.05
N LYS A 400 56.34 -23.27 31.05
CA LYS A 400 56.83 -23.81 32.31
C LYS A 400 57.58 -25.14 32.14
N ASN A 401 57.04 -26.05 31.33
CA ASN A 401 57.69 -27.34 31.05
C ASN A 401 58.55 -27.33 29.78
N LYS A 402 58.80 -26.14 29.24
CA LYS A 402 59.57 -25.97 27.99
C LYS A 402 59.26 -27.07 26.96
N ILE A 403 57.97 -27.22 26.65
CA ILE A 403 57.52 -28.18 25.65
C ILE A 403 57.89 -27.69 24.24
N GLU A 404 58.65 -28.52 23.52
CA GLU A 404 59.07 -28.18 22.17
C GLU A 404 58.05 -28.65 21.15
N PRO A 405 57.59 -27.73 20.29
CA PRO A 405 56.69 -28.16 19.21
C PRO A 405 57.47 -28.92 18.15
N GLN A 406 56.81 -29.85 17.46
CA GLN A 406 57.47 -30.53 16.36
C GLN A 406 57.71 -29.52 15.23
N ALA A 407 58.72 -29.80 14.40
CA ALA A 407 59.20 -28.85 13.40
C ALA A 407 58.07 -28.29 12.54
N PRO A 408 58.12 -26.98 12.23
CA PRO A 408 57.15 -26.37 11.32
C PRO A 408 57.12 -27.04 9.95
N VAL A 409 55.93 -27.14 9.36
CA VAL A 409 55.78 -27.73 8.03
C VAL A 409 55.21 -26.66 7.08
N ASP A 410 56.07 -26.18 6.18
CA ASP A 410 55.75 -25.08 5.29
C ASP A 410 55.22 -25.55 3.93
N LYS A 411 54.06 -26.22 3.96
CA LYS A 411 53.41 -26.75 2.77
C LYS A 411 51.88 -26.63 2.90
N ASP A 412 51.20 -26.84 1.78
CA ASP A 412 49.75 -26.98 1.77
C ASP A 412 49.45 -28.29 2.48
N LEU A 413 48.91 -28.20 3.70
CA LEU A 413 48.78 -29.37 4.58
C LEU A 413 47.64 -30.33 4.22
N TYR A 414 46.83 -29.94 3.24
CA TYR A 414 45.79 -30.82 2.71
C TYR A 414 46.35 -31.70 1.57
N GLU A 415 47.51 -31.31 1.05
CA GLU A 415 48.13 -31.96 -0.11
C GLU A 415 49.36 -32.83 0.22
N LEU A 416 49.60 -33.09 1.50
CA LEU A 416 50.77 -33.89 1.90
C LEU A 416 50.65 -35.35 1.45
N PRO A 417 51.76 -35.91 0.90
CA PRO A 417 51.78 -37.34 0.50
C PRO A 417 51.45 -38.28 1.67
N PRO A 418 50.68 -39.36 1.41
CA PRO A 418 50.13 -40.33 2.39
C PRO A 418 50.96 -40.55 3.67
N GLU A 419 52.24 -40.82 3.51
CA GLU A 419 53.12 -41.19 4.65
C GLU A 419 53.74 -40.00 5.36
N GLU A 420 53.72 -38.84 4.71
CA GLU A 420 54.20 -37.60 5.33
C GLU A 420 53.14 -37.08 6.30
N ALA A 421 51.89 -37.02 5.83
CA ALA A 421 50.73 -36.67 6.66
C ALA A 421 50.53 -37.61 7.85
N ALA A 422 50.89 -38.89 7.67
CA ALA A 422 50.69 -39.93 8.68
C ALA A 422 51.65 -39.85 9.87
N SER A 423 52.75 -39.11 9.69
CA SER A 423 53.70 -38.83 10.77
C SER A 423 53.34 -37.55 11.54
N ILE A 424 52.21 -36.96 11.17
CA ILE A 424 51.71 -35.74 11.82
C ILE A 424 50.42 -36.06 12.60
N PRO A 425 50.36 -35.66 13.89
CA PRO A 425 49.13 -35.80 14.68
C PRO A 425 47.97 -35.00 14.06
N GLN A 426 46.82 -35.67 13.91
CA GLN A 426 45.62 -35.08 13.36
C GLN A 426 44.86 -34.33 14.45
N THR A 427 43.99 -33.40 14.03
CA THR A 427 42.97 -32.83 14.91
C THR A 427 41.94 -33.91 15.23
N PRO A 428 41.30 -33.81 16.42
CA PRO A 428 40.23 -34.74 16.80
C PRO A 428 39.09 -34.77 15.79
N THR A 429 38.47 -35.94 15.68
CA THR A 429 37.42 -36.22 14.69
C THR A 429 36.06 -35.65 15.11
N GLN A 430 35.76 -35.75 16.41
CA GLN A 430 34.41 -35.49 16.94
C GLN A 430 34.47 -35.02 18.39
N LEU A 431 33.40 -34.35 18.84
CA LEU A 431 33.32 -33.78 20.19
C LEU A 431 33.50 -34.81 21.30
N SER A 432 32.95 -36.01 21.13
CA SER A 432 33.02 -37.05 22.16
C SER A 432 34.45 -37.43 22.48
N ASP A 433 35.33 -37.36 21.49
CA ASP A 433 36.75 -37.63 21.66
C ASP A 433 37.46 -36.57 22.52
N VAL A 434 37.19 -35.29 22.29
CA VAL A 434 37.86 -34.22 23.06
C VAL A 434 37.35 -34.13 24.49
N ILE A 435 36.09 -34.49 24.70
CA ILE A 435 35.46 -34.50 26.02
C ILE A 435 36.04 -35.65 26.83
N ASP A 436 36.14 -36.83 26.22
CA ASP A 436 36.81 -37.99 26.82
C ASP A 436 38.23 -37.66 27.26
N ARG A 437 38.96 -36.97 26.39
CA ARG A 437 40.34 -36.60 26.64
C ARG A 437 40.48 -35.53 27.73
N LEU A 438 39.54 -34.58 27.76
CA LEU A 438 39.47 -33.58 28.82
C LEU A 438 39.27 -34.25 30.18
N GLU A 439 38.39 -35.25 30.21
CA GLU A 439 38.09 -36.00 31.42
C GLU A 439 39.32 -36.73 31.94
N ALA A 440 40.11 -37.28 31.02
CA ALA A 440 41.29 -38.06 31.35
C ALA A 440 42.47 -37.19 31.77
N ASP A 441 42.60 -36.02 31.15
CA ASP A 441 43.77 -35.17 31.38
C ASP A 441 43.47 -33.68 31.34
N HIS A 442 43.34 -33.07 32.50
CA HIS A 442 42.99 -31.65 32.59
C HIS A 442 43.76 -30.89 33.67
N GLU A 443 44.89 -31.45 34.10
CA GLU A 443 45.69 -30.86 35.19
C GLU A 443 46.23 -29.47 34.87
N TYR A 444 46.60 -29.24 33.62
CA TYR A 444 47.11 -27.93 33.20
C TYR A 444 46.08 -26.81 33.39
N LEU A 445 44.80 -27.17 33.32
CA LEU A 445 43.69 -26.25 33.50
C LEU A 445 43.43 -25.92 34.96
N THR A 446 43.66 -26.89 35.85
CA THR A 446 43.40 -26.70 37.28
C THR A 446 44.55 -26.02 38.05
N GLU A 447 45.63 -25.69 37.34
CA GLU A 447 46.77 -25.00 37.94
C GLU A 447 46.29 -23.68 38.54
N GLY A 448 46.69 -23.43 39.79
CA GLY A 448 46.34 -22.19 40.49
C GLY A 448 44.85 -22.05 40.77
N GLY A 449 44.11 -23.13 40.51
CA GLY A 449 42.66 -23.13 40.68
C GLY A 449 41.90 -22.27 39.69
N VAL A 450 42.52 -21.97 38.54
CA VAL A 450 41.89 -21.20 37.46
C VAL A 450 40.62 -21.93 36.98
N PHE A 451 40.77 -23.19 36.58
CA PHE A 451 39.62 -24.07 36.40
C PHE A 451 39.55 -24.97 37.62
N THR A 452 38.34 -25.25 38.10
CA THR A 452 38.16 -26.20 39.20
C THR A 452 37.49 -27.48 38.67
N ASN A 453 37.55 -28.56 39.45
CA ASN A 453 36.97 -29.83 39.03
C ASN A 453 35.47 -29.79 38.81
N ASP A 454 34.76 -29.02 39.64
CA ASP A 454 33.31 -28.90 39.49
C ASP A 454 32.94 -28.24 38.15
N LEU A 455 33.76 -27.31 37.68
CA LEU A 455 33.54 -26.67 36.37
C LEU A 455 33.75 -27.68 35.24
N ILE A 456 34.90 -28.35 35.28
CA ILE A 456 35.28 -29.33 34.27
C ILE A 456 34.26 -30.48 34.21
N GLU A 457 33.87 -30.99 35.37
CA GLU A 457 32.88 -32.07 35.45
C GLU A 457 31.49 -31.65 34.95
N THR A 458 31.09 -30.42 35.25
CA THR A 458 29.81 -29.86 34.77
C THR A 458 29.81 -29.74 33.24
N TRP A 459 30.94 -29.26 32.71
CA TRP A 459 31.12 -29.08 31.26
C TRP A 459 31.01 -30.40 30.51
N ILE A 460 31.74 -31.41 30.99
CA ILE A 460 31.76 -32.75 30.41
C ILE A 460 30.36 -33.35 30.39
N SER A 461 29.69 -33.26 31.54
CA SER A 461 28.33 -33.74 31.73
C SER A 461 27.33 -33.03 30.81
N PHE A 462 27.42 -31.71 30.73
CA PHE A 462 26.53 -30.92 29.86
C PHE A 462 26.64 -31.33 28.40
N LYS A 463 27.86 -31.44 27.90
CA LYS A 463 28.09 -31.77 26.50
C LYS A 463 27.61 -33.17 26.12
N ARG A 464 27.84 -34.13 27.00
CA ARG A 464 27.39 -35.50 26.78
C ARG A 464 25.85 -35.61 26.74
N GLU A 465 25.20 -35.05 27.75
CA GLU A 465 23.76 -35.21 27.93
C GLU A 465 22.92 -34.33 27.00
N ASN A 466 23.42 -33.13 26.73
CA ASN A 466 22.66 -32.14 25.98
C ASN A 466 23.05 -31.99 24.50
N GLU A 467 24.20 -32.52 24.11
CA GLU A 467 24.68 -32.34 22.74
C GLU A 467 25.08 -33.63 22.04
N ILE A 468 26.04 -34.35 22.62
CA ILE A 468 26.59 -35.57 22.01
C ILE A 468 25.53 -36.66 21.84
N GLU A 469 24.82 -36.98 22.93
CA GLU A 469 23.82 -38.02 22.93
C GLU A 469 22.58 -37.68 22.07
N PRO A 470 22.01 -36.46 22.22
CA PRO A 470 20.86 -36.08 21.37
C PRO A 470 21.11 -36.18 19.86
N VAL A 471 22.31 -35.86 19.39
CA VAL A 471 22.67 -36.01 17.98
C VAL A 471 22.87 -37.50 17.61
N ASN A 472 23.51 -38.25 18.50
CA ASN A 472 23.82 -39.67 18.25
C ASN A 472 22.62 -40.58 18.06
N ILE A 473 21.53 -40.27 18.75
CA ILE A 473 20.33 -41.10 18.72
C ILE A 473 19.40 -40.76 17.54
N ARG A 474 19.61 -39.59 16.93
CA ARG A 474 18.79 -39.12 15.82
C ARG A 474 19.37 -39.49 14.46
N PRO A 475 18.64 -40.32 13.68
CA PRO A 475 19.05 -40.61 12.30
C PRO A 475 19.32 -39.36 11.45
N HIS A 476 20.40 -39.41 10.69
CA HIS A 476 20.87 -38.35 9.80
C HIS A 476 20.16 -38.56 8.46
N PRO A 477 19.70 -37.47 7.81
CA PRO A 477 19.11 -37.56 6.46
C PRO A 477 19.95 -38.33 5.46
N TYR A 478 21.28 -38.22 5.54
CA TYR A 478 22.15 -38.93 4.60
C TYR A 478 22.15 -40.45 4.79
N GLU A 479 21.75 -40.91 5.95
CA GLU A 479 21.59 -42.33 6.21
C GLU A 479 20.47 -42.91 5.35
N PHE A 480 19.51 -42.06 4.98
CA PHE A 480 18.42 -42.47 4.11
C PHE A 480 18.84 -42.53 2.66
N ALA A 481 19.67 -41.58 2.25
CA ALA A 481 20.36 -41.64 0.95
C ALA A 481 21.22 -42.91 0.81
N LEU A 482 21.98 -43.24 1.84
CA LEU A 482 22.84 -44.41 1.82
C LEU A 482 22.10 -45.75 1.97
N TYR A 483 21.09 -45.79 2.85
CA TYR A 483 20.59 -47.06 3.39
C TYR A 483 19.11 -47.45 3.21
N TYR A 484 18.27 -46.57 2.65
CA TYR A 484 16.85 -46.90 2.56
C TYR A 484 16.61 -48.26 1.87
N ASP A 485 17.38 -48.52 0.81
CA ASP A 485 17.21 -49.69 -0.06
C ASP A 485 18.13 -50.90 0.30
N VAL A 486 18.64 -50.96 1.54
CA VAL A 486 19.53 -52.06 1.95
C VAL A 486 18.89 -53.46 1.89
N GLU B 11 -3.33 8.85 51.47
CA GLU B 11 -4.17 9.84 52.20
C GLU B 11 -4.77 10.90 51.27
N LYS B 12 -4.95 10.55 49.99
CA LYS B 12 -5.55 11.46 49.02
C LYS B 12 -6.99 11.81 49.42
N THR B 13 -7.39 13.05 49.11
CA THR B 13 -8.72 13.57 49.46
C THR B 13 -9.54 13.80 48.19
N PRO B 14 -10.89 13.91 48.33
CA PRO B 14 -11.75 14.27 47.19
C PRO B 14 -11.25 15.46 46.38
N ASP B 15 -10.84 16.52 47.08
CA ASP B 15 -10.34 17.74 46.42
C ASP B 15 -9.00 17.56 45.70
N ASP B 16 -8.16 16.66 46.20
CA ASP B 16 -6.93 16.27 45.49
C ASP B 16 -7.25 15.69 44.12
N VAL B 17 -8.27 14.83 44.05
CA VAL B 17 -8.69 14.19 42.80
C VAL B 17 -9.32 15.20 41.83
N PHE B 18 -10.15 16.10 42.34
CA PHE B 18 -10.73 17.17 41.52
C PHE B 18 -9.65 18.05 40.90
N LYS B 19 -8.60 18.34 41.68
CA LYS B 19 -7.48 19.12 41.20
C LYS B 19 -6.73 18.39 40.10
N LEU B 20 -6.46 17.10 40.32
CA LEU B 20 -5.80 16.25 39.33
C LEU B 20 -6.58 16.22 38.01
N ALA B 21 -7.90 16.09 38.11
CA ALA B 21 -8.78 16.07 36.93
C ALA B 21 -8.74 17.38 36.13
N LYS B 22 -8.72 18.50 36.84
CA LYS B 22 -8.66 19.82 36.22
C LYS B 22 -7.29 20.08 35.60
N ASP B 23 -6.22 19.78 36.34
CA ASP B 23 -4.85 20.00 35.87
C ASP B 23 -4.52 19.17 34.64
N GLU B 24 -5.00 17.92 34.61
CA GLU B 24 -4.76 17.00 33.49
C GLU B 24 -5.72 17.20 32.31
N LYS B 25 -6.69 18.10 32.48
CA LYS B 25 -7.71 18.40 31.46
C LYS B 25 -8.44 17.13 31.03
N VAL B 26 -8.92 16.41 32.02
CA VAL B 26 -9.63 15.15 31.86
C VAL B 26 -10.97 15.34 31.15
N GLU B 27 -11.25 14.51 30.15
CA GLU B 27 -12.53 14.54 29.44
C GLU B 27 -13.55 13.57 30.03
N TYR B 28 -13.06 12.44 30.52
CA TYR B 28 -13.91 11.38 31.07
C TYR B 28 -13.39 10.78 32.37
N VAL B 29 -14.31 10.27 33.19
CA VAL B 29 -13.91 9.54 34.39
C VAL B 29 -14.44 8.10 34.29
N ASP B 30 -13.54 7.12 34.42
CA ASP B 30 -13.89 5.71 34.35
C ASP B 30 -14.08 5.18 35.77
N VAL B 31 -15.33 4.83 36.09
CA VAL B 31 -15.74 4.28 37.37
C VAL B 31 -15.51 2.77 37.40
N ARG B 32 -14.63 2.31 38.28
CA ARG B 32 -14.24 0.89 38.34
C ARG B 32 -14.50 0.21 39.68
N PHE B 33 -14.86 -1.07 39.62
CA PHE B 33 -15.04 -1.92 40.81
C PHE B 33 -14.79 -3.39 40.45
N CYS B 34 -14.64 -4.24 41.46
CA CYS B 34 -14.25 -5.62 41.23
C CYS B 34 -15.42 -6.58 41.40
N ASP B 35 -15.60 -7.48 40.43
CA ASP B 35 -16.60 -8.55 40.56
C ASP B 35 -16.05 -9.64 41.47
N LEU B 36 -16.85 -10.64 41.82
CA LEU B 36 -16.38 -11.65 42.77
C LEU B 36 -15.23 -12.56 42.25
N PRO B 37 -15.37 -13.15 41.03
CA PRO B 37 -14.27 -13.96 40.51
C PRO B 37 -12.91 -13.23 40.41
N GLY B 38 -12.93 -11.94 40.12
CA GLY B 38 -11.69 -11.13 40.08
C GLY B 38 -11.40 -10.22 38.88
N ILE B 39 -12.42 -9.93 38.04
CA ILE B 39 -12.30 -9.07 36.85
C ILE B 39 -12.86 -7.66 37.14
N MET B 40 -12.10 -6.64 36.79
CA MET B 40 -12.57 -5.27 37.00
C MET B 40 -13.68 -4.87 36.01
N GLN B 41 -14.66 -4.15 36.54
CA GLN B 41 -15.84 -3.71 35.81
C GLN B 41 -15.77 -2.21 35.71
N HIS B 42 -16.39 -1.64 34.67
CA HIS B 42 -16.32 -0.19 34.48
C HIS B 42 -17.48 0.39 33.69
N PHE B 43 -17.76 1.67 33.94
CA PHE B 43 -18.55 2.53 33.07
C PHE B 43 -17.98 3.94 33.11
N THR B 44 -18.31 4.73 32.11
CA THR B 44 -17.71 6.05 31.95
C THR B 44 -18.72 7.17 32.15
N ILE B 45 -18.31 8.21 32.89
CA ILE B 45 -19.07 9.44 33.04
C ILE B 45 -18.25 10.60 32.51
N PRO B 46 -18.91 11.64 31.97
CA PRO B 46 -18.13 12.80 31.49
C PRO B 46 -17.56 13.61 32.64
N ALA B 47 -16.49 14.35 32.38
CA ALA B 47 -15.86 15.19 33.40
C ALA B 47 -16.87 16.12 34.07
N SER B 48 -17.79 16.66 33.27
CA SER B 48 -18.85 17.55 33.77
C SER B 48 -19.78 16.90 34.81
N ALA B 49 -19.87 15.56 34.80
CA ALA B 49 -20.70 14.84 35.76
C ALA B 49 -19.90 14.36 36.97
N PHE B 50 -18.59 14.64 36.99
CA PHE B 50 -17.75 14.26 38.12
C PHE B 50 -17.67 15.40 39.14
N ASP B 51 -18.54 15.33 40.15
CA ASP B 51 -18.71 16.40 41.14
C ASP B 51 -18.73 15.83 42.56
N LYS B 52 -19.00 16.68 43.55
CA LYS B 52 -19.08 16.26 44.96
C LYS B 52 -20.19 15.26 45.22
N SER B 53 -21.26 15.32 44.42
CA SER B 53 -22.36 14.37 44.53
C SER B 53 -21.92 12.92 44.32
N VAL B 54 -20.87 12.73 43.50
CA VAL B 54 -20.28 11.41 43.28
C VAL B 54 -19.69 10.89 44.60
N PHE B 55 -19.06 11.77 45.36
CA PHE B 55 -18.51 11.44 46.68
C PHE B 55 -19.57 11.35 47.79
N ASP B 56 -20.58 12.22 47.72
CA ASP B 56 -21.64 12.29 48.73
C ASP B 56 -22.74 11.24 48.56
N ASP B 57 -23.25 11.10 47.34
CA ASP B 57 -24.38 10.20 47.07
C ASP B 57 -23.96 8.90 46.38
N GLY B 58 -22.89 8.94 45.60
CA GLY B 58 -22.42 7.76 44.87
C GLY B 58 -23.09 7.58 43.54
N LEU B 59 -22.87 6.42 42.91
CA LEU B 59 -23.43 6.12 41.60
C LEU B 59 -24.01 4.73 41.60
N ALA B 60 -25.00 4.49 40.74
CA ALA B 60 -25.73 3.21 40.69
C ALA B 60 -25.28 2.29 39.57
N PHE B 61 -25.55 1.00 39.72
CA PHE B 61 -25.32 0.00 38.67
C PHE B 61 -26.24 -1.21 38.85
N ASP B 62 -26.21 -2.12 37.88
CA ASP B 62 -27.03 -3.34 37.93
C ASP B 62 -26.24 -4.48 38.56
N GLY B 63 -26.51 -4.73 39.83
CA GLY B 63 -25.85 -5.80 40.58
C GLY B 63 -26.14 -7.20 40.09
N SER B 64 -27.24 -7.38 39.34
CA SER B 64 -27.62 -8.71 38.83
C SER B 64 -26.81 -9.16 37.61
N SER B 65 -26.13 -8.21 36.95
CA SER B 65 -25.32 -8.52 35.77
C SER B 65 -23.87 -8.76 36.15
N ILE B 66 -23.56 -8.61 37.43
CA ILE B 66 -22.21 -8.81 37.95
C ILE B 66 -22.12 -10.14 38.68
N ARG B 67 -21.09 -10.92 38.36
CA ARG B 67 -20.95 -12.28 38.89
C ARG B 67 -20.68 -12.31 40.39
N GLY B 68 -21.46 -13.13 41.09
CA GLY B 68 -21.35 -13.27 42.53
C GLY B 68 -22.01 -12.16 43.33
N PHE B 69 -22.74 -11.28 42.64
CA PHE B 69 -23.40 -10.15 43.29
C PHE B 69 -24.89 -10.41 43.60
N GLN B 70 -25.79 -9.62 42.99
CA GLN B 70 -27.21 -9.66 43.34
C GLN B 70 -28.07 -10.54 42.43
N SER B 71 -29.29 -10.84 42.87
CA SER B 71 -30.31 -11.43 42.01
C SER B 71 -31.08 -10.30 41.32
N ILE B 72 -31.87 -10.68 40.31
CA ILE B 72 -32.51 -9.70 39.42
C ILE B 72 -33.54 -8.79 40.11
N HIS B 73 -34.23 -9.32 41.12
CA HIS B 73 -35.26 -8.56 41.83
C HIS B 73 -34.69 -7.66 42.92
N GLU B 74 -33.40 -7.88 43.25
CA GLU B 74 -32.68 -7.02 44.20
C GLU B 74 -31.46 -6.38 43.53
N SER B 75 -31.63 -5.99 42.27
CA SER B 75 -30.51 -5.62 41.39
C SER B 75 -29.74 -4.33 41.77
N ASP B 76 -30.44 -3.22 41.93
CA ASP B 76 -29.78 -1.92 42.22
C ASP B 76 -28.72 -2.02 43.32
N MET B 77 -27.52 -1.55 43.02
CA MET B 77 -26.45 -1.41 44.00
C MET B 77 -25.80 -0.03 43.89
N LEU B 78 -24.99 0.31 44.89
CA LEU B 78 -24.38 1.66 44.96
C LEU B 78 -22.85 1.59 44.98
N LEU B 79 -22.21 2.65 44.51
CA LEU B 79 -20.75 2.75 44.47
C LEU B 79 -20.25 4.04 45.13
N LEU B 80 -19.19 3.96 45.91
CA LEU B 80 -18.58 5.14 46.52
C LEU B 80 -17.07 5.18 46.23
N PRO B 81 -16.56 6.33 45.76
CA PRO B 81 -15.17 6.45 45.27
C PRO B 81 -14.11 6.25 46.34
N ASP B 82 -12.95 5.74 45.92
CA ASP B 82 -11.74 5.65 46.74
C ASP B 82 -10.66 6.53 46.09
N PRO B 83 -10.52 7.78 46.59
CA PRO B 83 -9.59 8.78 46.05
C PRO B 83 -8.11 8.36 45.99
N GLU B 84 -7.70 7.39 46.82
CA GLU B 84 -6.34 6.80 46.76
C GLU B 84 -6.01 6.15 45.41
N THR B 85 -7.05 5.74 44.66
CA THR B 85 -6.87 4.89 43.47
C THR B 85 -7.00 5.66 42.15
N ALA B 86 -7.02 6.99 42.20
CA ALA B 86 -7.16 7.81 41.00
C ALA B 86 -5.86 7.86 40.22
N ARG B 87 -5.93 7.45 38.95
CA ARG B 87 -4.79 7.45 38.02
C ARG B 87 -5.26 7.82 36.62
N ILE B 88 -4.39 8.47 35.85
CA ILE B 88 -4.67 8.77 34.43
C ILE B 88 -4.52 7.51 33.59
N ASP B 89 -5.48 7.26 32.71
CA ASP B 89 -5.45 6.09 31.82
C ASP B 89 -4.45 6.31 30.69
N PRO B 90 -3.49 5.37 30.52
CA PRO B 90 -2.44 5.55 29.50
C PRO B 90 -2.88 5.26 28.06
N PHE B 91 -4.09 4.71 27.88
CA PHE B 91 -4.47 4.15 26.57
C PHE B 91 -5.51 4.96 25.76
N ARG B 92 -6.49 5.52 26.45
CA ARG B 92 -7.60 6.21 25.77
C ARG B 92 -7.21 7.55 25.15
N ALA B 93 -7.55 7.73 23.88
CA ALA B 93 -7.26 8.95 23.13
C ALA B 93 -7.92 10.18 23.76
N ALA B 94 -9.14 10.00 24.28
CA ALA B 94 -9.80 11.03 25.08
C ALA B 94 -9.31 10.93 26.52
N LYS B 95 -8.76 12.01 27.06
CA LYS B 95 -8.11 11.99 28.38
C LYS B 95 -9.05 11.49 29.47
N THR B 96 -8.67 10.39 30.10
CA THR B 96 -9.54 9.70 31.05
C THR B 96 -8.86 9.46 32.41
N LEU B 97 -9.62 9.66 33.48
CA LEU B 97 -9.17 9.38 34.83
C LEU B 97 -9.88 8.15 35.41
N ASN B 98 -9.09 7.15 35.81
CA ASN B 98 -9.64 5.92 36.39
C ASN B 98 -9.69 6.00 37.92
N ILE B 99 -10.83 5.64 38.51
CA ILE B 99 -10.96 5.56 39.97
C ILE B 99 -11.67 4.28 40.37
N ASN B 100 -11.12 3.58 41.37
CA ASN B 100 -11.78 2.42 41.97
C ASN B 100 -12.83 2.85 42.99
N PHE B 101 -13.90 2.06 43.08
CA PHE B 101 -15.01 2.32 44.01
C PHE B 101 -15.27 1.14 44.94
N PHE B 102 -15.86 1.43 46.10
CA PHE B 102 -16.39 0.41 47.01
C PHE B 102 -17.88 0.23 46.75
N VAL B 103 -18.35 -1.01 46.79
CA VAL B 103 -19.76 -1.32 46.59
C VAL B 103 -20.48 -1.22 47.95
N HIS B 104 -21.63 -0.55 47.94
CA HIS B 104 -22.45 -0.33 49.13
C HIS B 104 -23.90 -0.70 48.90
N ASP B 105 -24.61 -1.04 49.99
CA ASP B 105 -26.06 -1.28 49.95
C ASP B 105 -26.78 0.04 49.62
N PRO B 106 -27.75 0.00 48.67
CA PRO B 106 -28.38 1.27 48.24
C PRO B 106 -29.37 1.85 49.25
N PHE B 107 -29.81 1.04 50.23
CA PHE B 107 -30.73 1.51 51.28
C PHE B 107 -29.98 1.99 52.52
N THR B 108 -29.12 1.13 53.07
CA THR B 108 -28.45 1.39 54.36
C THR B 108 -27.09 2.08 54.21
N LEU B 109 -26.57 2.10 52.98
CA LEU B 109 -25.23 2.62 52.66
C LEU B 109 -24.09 1.86 53.38
N GLU B 110 -24.41 0.69 53.93
CA GLU B 110 -23.42 -0.19 54.51
C GLU B 110 -22.57 -0.86 53.41
N PRO B 111 -21.27 -1.11 53.69
CA PRO B 111 -20.41 -1.83 52.74
C PRO B 111 -20.97 -3.21 52.40
N TYR B 112 -20.78 -3.63 51.15
CA TYR B 112 -21.32 -4.89 50.63
C TYR B 112 -20.48 -6.07 51.11
N SER B 113 -21.14 -7.14 51.56
CA SER B 113 -20.43 -8.29 52.09
C SER B 113 -19.70 -9.09 51.00
N ARG B 114 -20.08 -8.87 49.74
CA ARG B 114 -19.43 -9.55 48.62
C ARG B 114 -18.66 -8.60 47.67
N ASP B 115 -18.28 -7.43 48.19
CA ASP B 115 -17.33 -6.57 47.51
C ASP B 115 -15.92 -7.00 47.92
N PRO B 116 -15.11 -7.49 46.94
CA PRO B 116 -13.74 -7.94 47.22
C PRO B 116 -12.88 -6.84 47.86
N ARG B 117 -13.07 -5.60 47.42
CA ARG B 117 -12.33 -4.47 48.02
C ARG B 117 -12.70 -4.22 49.48
N ASN B 118 -13.94 -4.56 49.85
CA ASN B 118 -14.36 -4.51 51.24
C ASN B 118 -13.66 -5.57 52.10
N ILE B 119 -13.50 -6.78 51.55
CA ILE B 119 -12.86 -7.89 52.26
C ILE B 119 -11.43 -7.53 52.65
N ALA B 120 -10.71 -6.91 51.70
CA ALA B 120 -9.35 -6.43 51.94
C ALA B 120 -9.30 -5.34 53.02
N ARG B 121 -10.26 -4.41 52.97
CA ARG B 121 -10.46 -3.38 54.00
C ARG B 121 -10.63 -4.03 55.39
N LYS B 122 -11.56 -4.99 55.46
CA LYS B 122 -11.86 -5.70 56.70
C LYS B 122 -10.67 -6.49 57.22
N ALA B 123 -9.94 -7.12 56.32
CA ALA B 123 -8.76 -7.91 56.71
C ALA B 123 -7.70 -7.05 57.40
N GLU B 124 -7.45 -5.87 56.83
CA GLU B 124 -6.49 -4.92 57.39
C GLU B 124 -6.88 -4.44 58.78
N ASN B 125 -8.16 -4.17 58.98
CA ASN B 125 -8.68 -3.69 60.26
C ASN B 125 -8.66 -4.78 61.32
N TYR B 126 -8.98 -6.02 60.89
CA TYR B 126 -8.90 -7.16 61.79
C TYR B 126 -7.47 -7.37 62.29
N LEU B 127 -6.49 -7.29 61.38
CA LEU B 127 -5.08 -7.42 61.76
C LEU B 127 -4.71 -6.46 62.91
N ILE B 128 -5.09 -5.20 62.77
CA ILE B 128 -4.83 -4.19 63.80
C ILE B 128 -5.50 -4.59 65.12
N SER B 129 -6.74 -5.10 65.02
CA SER B 129 -7.52 -5.48 66.20
C SER B 129 -6.95 -6.68 66.99
N THR B 130 -6.07 -7.46 66.38
CA THR B 130 -5.48 -8.63 67.06
C THR B 130 -4.28 -8.25 67.91
N GLY B 131 -3.70 -7.07 67.66
CA GLY B 131 -2.50 -6.62 68.36
C GLY B 131 -1.22 -7.26 67.87
N ILE B 132 -1.34 -8.28 67.01
CA ILE B 132 -0.17 -9.00 66.46
C ILE B 132 0.73 -8.06 65.64
N ALA B 133 0.11 -7.26 64.79
CA ALA B 133 0.83 -6.30 63.95
C ALA B 133 -0.13 -5.20 63.53
N ASP B 134 0.39 -4.16 62.86
CA ASP B 134 -0.49 -3.15 62.29
C ASP B 134 -0.44 -3.07 60.75
N THR B 135 0.56 -3.72 60.15
CA THR B 135 0.72 -3.72 58.69
C THR B 135 1.14 -5.07 58.13
N ALA B 136 0.43 -5.51 57.09
CA ALA B 136 0.81 -6.70 56.33
C ALA B 136 1.23 -6.30 54.92
N TYR B 137 2.50 -6.54 54.59
CA TYR B 137 3.04 -6.17 53.28
C TYR B 137 2.99 -7.33 52.30
N PHE B 138 2.45 -7.06 51.13
CA PHE B 138 2.37 -8.04 50.04
C PHE B 138 3.18 -7.58 48.83
N GLY B 139 4.12 -8.43 48.41
CA GLY B 139 4.84 -8.27 47.15
C GLY B 139 4.50 -9.43 46.26
N ALA B 140 4.11 -9.12 45.02
CA ALA B 140 3.63 -10.15 44.10
C ALA B 140 4.38 -10.19 42.77
N GLU B 141 4.49 -11.38 42.19
CA GLU B 141 5.13 -11.57 40.89
C GLU B 141 4.14 -12.23 39.95
N ALA B 142 3.36 -11.41 39.25
CA ALA B 142 2.37 -11.91 38.28
C ALA B 142 3.01 -12.12 36.91
N GLU B 143 3.41 -13.37 36.64
CA GLU B 143 4.00 -13.75 35.37
C GLU B 143 2.89 -13.86 34.31
N PHE B 144 3.27 -13.76 33.04
CA PHE B 144 2.29 -13.79 31.94
C PHE B 144 2.92 -14.22 30.62
N TYR B 145 2.08 -14.59 29.65
CA TYR B 145 2.53 -14.93 28.31
C TYR B 145 2.15 -13.86 27.31
N ILE B 146 3.09 -13.43 26.48
CA ILE B 146 2.81 -12.49 25.39
C ILE B 146 2.62 -13.30 24.10
N PHE B 147 1.38 -13.67 23.82
CA PHE B 147 1.07 -14.48 22.62
C PHE B 147 0.77 -13.60 21.38
N ASP B 148 0.65 -14.24 20.22
CA ASP B 148 0.24 -13.56 18.98
C ASP B 148 -1.24 -13.77 18.67
N SER B 149 -1.74 -14.95 19.03
CA SER B 149 -3.09 -15.34 18.71
C SER B 149 -3.61 -16.45 19.62
N VAL B 150 -4.94 -16.55 19.69
CA VAL B 150 -5.63 -17.63 20.39
C VAL B 150 -7.00 -17.88 19.74
N SER B 151 -7.37 -19.15 19.62
CA SER B 151 -8.73 -19.53 19.25
C SER B 151 -9.07 -20.87 19.90
N PHE B 152 -10.37 -21.10 20.08
CA PHE B 152 -10.89 -22.26 20.80
C PHE B 152 -12.40 -22.35 20.57
N ASP B 153 -12.94 -23.56 20.59
CA ASP B 153 -14.39 -23.75 20.67
C ASP B 153 -14.79 -25.04 21.37
N SER B 154 -16.09 -25.26 21.46
CA SER B 154 -16.65 -26.46 22.10
C SER B 154 -18.00 -26.77 21.45
N ARG B 155 -18.05 -27.90 20.74
CA ARG B 155 -19.24 -28.29 19.97
C ARG B 155 -19.67 -29.70 20.36
N ALA B 156 -20.77 -30.17 19.78
CA ALA B 156 -21.27 -31.52 20.10
C ALA B 156 -20.29 -32.60 19.67
N ASN B 157 -19.66 -32.41 18.50
CA ASN B 157 -18.84 -33.42 17.87
C ASN B 157 -17.33 -33.13 17.86
N GLY B 158 -16.93 -32.02 18.48
CA GLY B 158 -15.52 -31.63 18.49
C GLY B 158 -15.23 -30.43 19.36
N SER B 159 -13.97 -30.28 19.76
CA SER B 159 -13.49 -29.15 20.56
C SER B 159 -12.00 -28.95 20.31
N PHE B 160 -11.51 -27.71 20.44
CA PHE B 160 -10.10 -27.39 20.21
C PHE B 160 -9.67 -26.14 20.95
N TYR B 161 -8.36 -26.01 21.18
CA TYR B 161 -7.74 -24.71 21.46
C TYR B 161 -6.39 -24.65 20.76
N GLU B 162 -5.91 -23.45 20.53
CA GLU B 162 -4.57 -23.23 20.02
C GLU B 162 -4.12 -21.83 20.41
N VAL B 163 -2.96 -21.75 21.07
CA VAL B 163 -2.27 -20.47 21.27
C VAL B 163 -1.07 -20.46 20.32
N ASP B 164 -0.63 -19.28 19.90
CA ASP B 164 0.54 -19.18 19.03
C ASP B 164 1.35 -17.92 19.31
N ALA B 165 2.63 -18.00 18.99
CA ALA B 165 3.60 -16.93 19.24
C ALA B 165 4.77 -17.14 18.28
N ILE B 166 5.31 -16.05 17.73
CA ILE B 166 6.44 -16.13 16.82
C ILE B 166 7.65 -16.87 17.44
N SER B 167 7.88 -16.66 18.74
CA SER B 167 9.02 -17.24 19.46
C SER B 167 8.79 -18.65 19.97
N GLY B 168 7.62 -19.22 19.74
CA GLY B 168 7.33 -20.59 20.16
C GLY B 168 8.18 -21.64 19.44
N TRP B 169 8.73 -22.57 20.21
CA TRP B 169 9.60 -23.60 19.66
C TRP B 169 8.89 -24.52 18.67
N TRP B 170 7.57 -24.61 18.78
CA TRP B 170 6.76 -25.43 17.89
C TRP B 170 6.79 -24.87 16.46
N ASN B 171 7.32 -23.65 16.31
CA ASN B 171 7.39 -22.99 15.02
C ASN B 171 8.77 -23.01 14.35
N THR B 172 9.74 -23.75 14.89
CA THR B 172 11.09 -23.75 14.29
C THR B 172 11.11 -24.26 12.84
N GLY B 173 10.18 -25.13 12.50
CA GLY B 173 10.07 -25.71 11.15
C GLY B 173 9.18 -24.95 10.19
N ALA B 174 8.60 -23.85 10.63
CA ALA B 174 7.66 -23.08 9.80
C ALA B 174 8.34 -22.50 8.56
N ALA B 175 7.70 -22.66 7.41
CA ALA B 175 8.21 -22.15 6.13
C ALA B 175 8.26 -20.61 6.12
N THR B 176 7.23 -19.97 6.67
CA THR B 176 7.18 -18.52 6.81
C THR B 176 6.48 -18.17 8.13
N GLU B 177 6.61 -16.92 8.55
CA GLU B 177 5.81 -16.37 9.64
C GLU B 177 4.36 -16.13 9.20
N ALA B 178 3.48 -15.85 10.16
CA ALA B 178 2.05 -15.70 9.90
C ALA B 178 1.70 -14.65 8.82
N ASP B 179 2.49 -13.58 8.75
CA ASP B 179 2.28 -12.54 7.74
C ASP B 179 2.94 -12.85 6.40
N GLY B 180 3.59 -14.01 6.30
CA GLY B 180 4.25 -14.42 5.06
C GLY B 180 5.73 -14.10 4.99
N SER B 181 6.24 -13.39 5.98
CA SER B 181 7.67 -13.04 6.04
C SER B 181 8.53 -14.25 6.46
N PRO B 182 9.84 -14.21 6.17
CA PRO B 182 10.72 -15.37 6.39
C PRO B 182 10.88 -15.79 7.87
N ASN B 183 11.04 -17.09 8.09
CA ASN B 183 11.42 -17.62 9.39
C ASN B 183 12.89 -17.27 9.60
N ARG B 184 13.17 -16.46 10.63
CA ARG B 184 14.53 -15.99 10.88
C ARG B 184 15.23 -16.66 12.07
N GLY B 185 14.62 -17.74 12.59
CA GLY B 185 15.21 -18.48 13.69
C GLY B 185 15.14 -17.73 15.01
N TYR B 186 16.09 -18.04 15.90
CA TYR B 186 16.18 -17.42 17.24
C TYR B 186 14.91 -17.57 18.11
N LYS B 187 14.19 -18.67 17.90
CA LYS B 187 13.00 -18.97 18.68
C LYS B 187 13.42 -19.53 20.04
N VAL B 188 12.51 -19.54 21.00
CA VAL B 188 12.85 -19.90 22.37
C VAL B 188 12.58 -21.38 22.60
N ARG B 189 13.59 -22.09 23.14
CA ARG B 189 13.46 -23.49 23.48
C ARG B 189 12.53 -23.66 24.68
N HIS B 190 11.81 -24.78 24.74
CA HIS B 190 10.97 -25.06 25.90
C HIS B 190 11.84 -25.01 27.15
N LYS B 191 11.35 -24.33 28.19
CA LYS B 191 12.09 -24.13 29.44
C LYS B 191 13.38 -23.33 29.25
N GLY B 192 13.52 -22.67 28.10
CA GLY B 192 14.76 -21.95 27.79
C GLY B 192 14.70 -20.44 27.62
N GLY B 193 13.64 -19.80 28.11
CA GLY B 193 13.44 -18.36 27.93
C GLY B 193 14.05 -17.46 29.01
N TYR B 194 14.55 -18.06 30.08
CA TYR B 194 15.10 -17.33 31.21
C TYR B 194 16.64 -17.42 31.20
N PHE B 195 17.35 -16.39 30.74
CA PHE B 195 16.82 -15.25 29.97
C PHE B 195 17.89 -14.68 29.02
N PRO B 196 18.14 -15.38 27.88
CA PRO B 196 19.15 -14.97 26.89
C PRO B 196 18.88 -13.61 26.27
N VAL B 197 19.94 -12.91 25.87
CA VAL B 197 19.82 -11.61 25.23
C VAL B 197 19.13 -11.69 23.85
N ALA B 198 18.69 -10.55 23.36
CA ALA B 198 18.15 -10.45 22.00
C ALA B 198 19.22 -10.88 21.01
N PRO B 199 18.83 -11.46 19.86
CA PRO B 199 17.46 -11.61 19.36
C PRO B 199 16.68 -12.82 19.86
N ASN B 200 17.28 -13.68 20.67
CA ASN B 200 16.55 -14.76 21.35
C ASN B 200 15.32 -14.24 22.10
N ASP B 201 15.55 -13.17 22.87
CA ASP B 201 14.52 -12.41 23.53
C ASP B 201 13.91 -11.47 22.50
N GLN B 202 12.71 -11.80 22.04
CA GLN B 202 12.07 -11.07 20.94
C GLN B 202 11.09 -9.99 21.44
N TYR B 203 11.04 -9.79 22.75
CA TYR B 203 10.04 -8.94 23.39
C TYR B 203 10.62 -7.77 24.22
N VAL B 204 11.90 -7.46 24.01
CA VAL B 204 12.59 -6.39 24.77
C VAL B 204 11.90 -5.01 24.66
N ASP B 205 11.63 -4.58 23.43
CA ASP B 205 10.99 -3.27 23.18
C ASP B 205 9.57 -3.20 23.73
N LEU B 206 8.79 -4.25 23.55
CA LEU B 206 7.44 -4.32 24.09
C LEU B 206 7.42 -4.29 25.63
N ARG B 207 8.33 -5.01 26.27
CA ARG B 207 8.39 -5.01 27.73
C ARG B 207 8.88 -3.65 28.26
N ASP B 208 9.68 -2.94 27.46
CA ASP B 208 10.09 -1.58 27.82
C ASP B 208 8.88 -0.67 27.85
N LYS B 209 7.98 -0.86 26.89
CA LYS B 209 6.73 -0.07 26.79
C LYS B 209 5.81 -0.34 27.97
N MET B 210 5.75 -1.61 28.36
CA MET B 210 5.03 -2.03 29.57
C MET B 210 5.61 -1.39 30.83
N LEU B 211 6.94 -1.39 30.94
CA LEU B 211 7.62 -0.80 32.09
C LEU B 211 7.38 0.71 32.17
N THR B 212 7.38 1.38 31.02
CA THR B 212 7.17 2.82 30.95
C THR B 212 5.74 3.23 31.30
N ASN B 213 4.76 2.50 30.78
CA ASN B 213 3.35 2.71 31.11
C ASN B 213 3.05 2.53 32.59
N LEU B 214 3.72 1.57 33.22
CA LEU B 214 3.60 1.37 34.66
C LEU B 214 4.24 2.54 35.42
N ILE B 215 5.42 2.99 34.99
CA ILE B 215 6.12 4.10 35.62
C ILE B 215 5.22 5.36 35.56
N ASN B 216 4.66 5.61 34.39
CA ASN B 216 3.78 6.76 34.19
C ASN B 216 2.40 6.65 34.88
N SER B 217 2.12 5.49 35.49
CA SER B 217 0.90 5.30 36.30
C SER B 217 1.21 5.25 37.77
N GLY B 218 2.41 5.68 38.15
CA GLY B 218 2.77 5.81 39.56
C GLY B 218 3.29 4.56 40.23
N PHE B 219 3.54 3.51 39.44
CA PHE B 219 4.18 2.30 39.97
C PHE B 219 5.67 2.59 40.22
N ILE B 220 6.21 2.03 41.31
CA ILE B 220 7.64 2.06 41.54
C ILE B 220 8.20 0.73 41.07
N LEU B 221 8.99 0.78 40.00
CA LEU B 221 9.45 -0.41 39.31
C LEU B 221 10.75 -0.97 39.86
N GLU B 222 10.89 -2.28 39.76
CA GLU B 222 12.10 -2.98 40.20
C GLU B 222 12.80 -3.74 39.09
N LYS B 223 12.07 -4.57 38.36
CA LYS B 223 12.61 -5.22 37.16
C LYS B 223 11.59 -5.78 36.15
N GLY B 224 12.08 -6.04 34.93
CA GLY B 224 11.34 -6.73 33.90
C GLY B 224 12.26 -7.70 33.20
N HIS B 225 11.74 -8.87 32.84
CA HIS B 225 12.49 -9.89 32.10
C HIS B 225 11.60 -10.93 31.42
N HIS B 226 12.19 -11.64 30.44
CA HIS B 226 11.59 -12.81 29.83
C HIS B 226 11.63 -13.92 30.87
N GLU B 227 10.60 -14.77 30.90
CA GLU B 227 10.58 -15.91 31.82
C GLU B 227 10.90 -17.21 31.11
N VAL B 228 10.91 -18.30 31.88
CA VAL B 228 11.35 -19.63 31.45
C VAL B 228 10.62 -20.16 30.21
N GLY B 229 9.32 -19.91 30.11
CA GLY B 229 8.50 -20.52 29.05
C GLY B 229 8.74 -19.97 27.65
N SER B 230 8.71 -20.89 26.67
CA SER B 230 8.79 -20.56 25.26
C SER B 230 7.52 -19.81 24.85
N GLY B 231 7.58 -19.07 23.74
CA GLY B 231 6.39 -18.38 23.24
C GLY B 231 6.04 -17.15 24.05
N GLY B 232 7.05 -16.50 24.61
CA GLY B 232 6.90 -15.15 25.13
C GLY B 232 6.49 -14.95 26.58
N GLN B 233 6.90 -15.87 27.47
CA GLN B 233 6.63 -15.68 28.88
C GLN B 233 7.42 -14.48 29.40
N ALA B 234 6.83 -13.74 30.34
CA ALA B 234 7.42 -12.52 30.86
C ALA B 234 7.09 -12.33 32.33
N GLU B 235 7.83 -11.43 32.97
CA GLU B 235 7.58 -11.04 34.35
C GLU B 235 8.03 -9.61 34.55
N ILE B 236 7.20 -8.83 35.25
CA ILE B 236 7.59 -7.50 35.70
C ILE B 236 7.35 -7.38 37.22
N ASN B 237 8.28 -6.76 37.93
CA ASN B 237 8.17 -6.56 39.36
C ASN B 237 8.05 -5.08 39.68
N TYR B 238 7.10 -4.76 40.56
CA TYR B 238 6.97 -3.42 41.12
C TYR B 238 7.02 -3.50 42.65
N GLN B 239 7.30 -2.37 43.31
CA GLN B 239 7.42 -2.33 44.75
C GLN B 239 6.19 -2.86 45.51
N PHE B 240 6.43 -3.63 46.56
CA PHE B 240 5.39 -4.14 47.46
C PHE B 240 4.62 -3.00 48.12
N ASN B 241 3.48 -3.34 48.73
CA ASN B 241 2.71 -2.39 49.53
C ASN B 241 1.85 -3.11 50.57
N SER B 242 1.11 -2.35 51.37
CA SER B 242 0.16 -2.95 52.31
C SER B 242 -1.01 -3.62 51.56
N LEU B 243 -1.62 -4.62 52.19
CA LEU B 243 -2.60 -5.52 51.55
C LEU B 243 -3.52 -4.89 50.50
N LEU B 244 -4.39 -3.96 50.92
CA LEU B 244 -5.38 -3.38 49.99
C LEU B 244 -4.73 -2.64 48.82
N HIS B 245 -3.74 -1.79 49.12
CA HIS B 245 -2.98 -1.09 48.06
C HIS B 245 -2.35 -2.08 47.09
N ALA B 246 -1.76 -3.14 47.61
CA ALA B 246 -1.13 -4.17 46.80
C ALA B 246 -2.12 -4.89 45.86
N ALA B 247 -3.31 -5.19 46.36
CA ALA B 247 -4.36 -5.81 45.55
C ALA B 247 -4.88 -4.85 44.46
N ASP B 248 -5.00 -3.56 44.80
CA ASP B 248 -5.38 -2.55 43.82
C ASP B 248 -4.30 -2.40 42.73
N ASP B 249 -3.04 -2.42 43.17
CA ASP B 249 -1.87 -2.41 42.27
C ASP B 249 -1.91 -3.58 41.28
N MET B 250 -2.19 -4.78 41.79
CA MET B 250 -2.25 -5.98 40.96
C MET B 250 -3.26 -5.82 39.81
N GLN B 251 -4.49 -5.41 40.16
CA GLN B 251 -5.57 -5.24 39.18
C GLN B 251 -5.22 -4.23 38.09
N LEU B 252 -4.60 -3.12 38.47
CA LEU B 252 -4.19 -2.10 37.50
C LEU B 252 -3.01 -2.60 36.64
N TYR B 253 -2.05 -3.27 37.27
CA TYR B 253 -0.93 -3.90 36.57
C TYR B 253 -1.42 -4.83 35.46
N LYS B 254 -2.36 -5.72 35.80
CA LYS B 254 -2.91 -6.65 34.79
C LYS B 254 -3.56 -5.90 33.64
N TYR B 255 -4.28 -4.82 33.97
CA TYR B 255 -4.92 -3.96 32.96
C TYR B 255 -3.88 -3.31 32.02
N ILE B 256 -2.79 -2.81 32.60
CA ILE B 256 -1.74 -2.12 31.85
C ILE B 256 -0.94 -3.10 30.98
N ILE B 257 -0.67 -4.29 31.52
CA ILE B 257 0.04 -5.31 30.76
C ILE B 257 -0.81 -5.75 29.55
N LYS B 258 -2.06 -6.12 29.81
CA LYS B 258 -2.98 -6.60 28.78
C LYS B 258 -3.19 -5.62 27.63
N ASN B 259 -3.29 -4.33 27.96
CA ASN B 259 -3.62 -3.30 26.99
C ASN B 259 -2.41 -2.67 26.29
N THR B 260 -1.24 -2.67 26.93
CA THR B 260 0.00 -2.33 26.22
C THR B 260 0.23 -3.37 25.13
N ALA B 261 0.05 -4.64 25.48
CA ALA B 261 0.14 -5.73 24.50
C ALA B 261 -0.86 -5.55 23.37
N TRP B 262 -2.11 -5.28 23.71
CA TRP B 262 -3.18 -5.16 22.72
C TRP B 262 -2.90 -4.05 21.73
N GLN B 263 -2.47 -2.89 22.23
CA GLN B 263 -2.17 -1.72 21.41
C GLN B 263 -0.96 -1.94 20.51
N ASN B 264 -0.17 -2.95 20.81
CA ASN B 264 1.02 -3.26 20.05
C ASN B 264 0.95 -4.58 19.28
N GLY B 265 -0.28 -5.05 19.03
CA GLY B 265 -0.50 -6.15 18.10
C GLY B 265 -0.45 -7.53 18.72
N LYS B 266 -0.33 -7.58 20.06
CA LYS B 266 -0.19 -8.85 20.76
C LYS B 266 -1.42 -9.17 21.63
N THR B 267 -1.38 -10.29 22.33
CA THR B 267 -2.45 -10.72 23.22
C THR B 267 -1.84 -11.48 24.41
N VAL B 268 -2.17 -11.01 25.62
CA VAL B 268 -1.58 -11.53 26.84
C VAL B 268 -2.58 -12.40 27.60
N THR B 269 -2.07 -13.49 28.18
CA THR B 269 -2.85 -14.27 29.14
C THR B 269 -2.12 -14.46 30.48
N PHE B 270 -2.89 -14.38 31.56
CA PHE B 270 -2.41 -14.65 32.91
C PHE B 270 -2.87 -16.02 33.40
N MET B 271 -3.40 -16.86 32.50
CA MET B 271 -3.85 -18.18 32.92
C MET B 271 -2.67 -19.02 33.42
N PRO B 272 -2.90 -19.85 34.47
CA PRO B 272 -1.85 -20.62 35.13
C PRO B 272 -1.03 -21.55 34.23
N LYS B 273 -1.67 -22.21 33.28
CA LYS B 273 -0.97 -23.20 32.46
C LYS B 273 -1.52 -23.23 31.01
N PRO B 274 -1.13 -22.23 30.19
CA PRO B 274 -1.54 -22.23 28.78
C PRO B 274 -0.75 -23.20 27.89
N LEU B 275 0.46 -23.58 28.33
CA LEU B 275 1.31 -24.49 27.58
C LEU B 275 1.52 -25.79 28.34
N PHE B 276 1.39 -26.89 27.61
CA PHE B 276 1.62 -28.22 28.15
C PHE B 276 3.10 -28.54 27.90
N GLY B 277 3.78 -28.96 28.96
CA GLY B 277 5.19 -29.33 28.84
C GLY B 277 6.14 -28.15 28.92
N ASP B 278 5.65 -27.02 29.44
CA ASP B 278 6.50 -25.83 29.68
C ASP B 278 5.99 -25.11 30.93
N ASN B 279 6.74 -24.14 31.44
CA ASN B 279 6.38 -23.47 32.70
C ASN B 279 5.00 -22.84 32.72
N GLY B 280 4.33 -22.94 33.85
CA GLY B 280 3.07 -22.24 34.07
C GLY B 280 3.38 -20.83 34.53
N SER B 281 2.34 -20.03 34.74
CA SER B 281 2.49 -18.65 35.22
C SER B 281 1.97 -18.56 36.67
N GLY B 282 2.89 -18.23 37.58
CA GLY B 282 2.54 -18.14 38.99
C GLY B 282 2.34 -16.72 39.45
N MET B 283 1.83 -16.57 40.68
CA MET B 283 1.76 -15.28 41.35
C MET B 283 2.34 -15.47 42.76
N HIS B 284 3.67 -15.55 42.85
CA HIS B 284 4.32 -15.70 44.14
C HIS B 284 4.00 -14.48 45.00
N CYS B 285 3.70 -14.73 46.27
CA CYS B 285 3.39 -13.65 47.20
C CYS B 285 4.39 -13.60 48.35
N HIS B 286 5.29 -12.64 48.30
CA HIS B 286 6.19 -12.32 49.40
C HIS B 286 5.37 -11.62 50.47
N GLN B 287 5.56 -12.03 51.72
CA GLN B 287 4.74 -11.51 52.83
C GLN B 287 5.58 -11.23 54.07
N SER B 288 5.28 -10.12 54.74
CA SER B 288 5.88 -9.78 56.05
C SER B 288 4.90 -8.99 56.92
N LEU B 289 5.03 -9.13 58.25
CA LEU B 289 4.24 -8.34 59.21
C LEU B 289 5.11 -7.32 59.92
N TRP B 290 4.57 -6.11 60.09
CA TRP B 290 5.28 -5.03 60.77
C TRP B 290 4.41 -4.41 61.87
N LYS B 291 5.05 -3.86 62.89
CA LYS B 291 4.32 -3.16 63.97
C LYS B 291 5.11 -1.96 64.51
N ASP B 292 4.44 -0.82 64.60
CA ASP B 292 5.05 0.44 65.06
C ASP B 292 6.30 0.80 64.27
N GLY B 293 6.31 0.46 62.98
CA GLY B 293 7.44 0.75 62.11
C GLY B 293 8.61 -0.19 62.26
N ALA B 294 8.40 -1.34 62.89
CA ALA B 294 9.46 -2.33 63.11
C ALA B 294 9.09 -3.69 62.52
N PRO B 295 10.05 -4.40 61.89
CA PRO B 295 9.81 -5.71 61.30
C PRO B 295 9.69 -6.83 62.33
N LEU B 296 8.87 -7.85 62.03
CA LEU B 296 8.59 -8.93 62.99
C LEU B 296 9.03 -10.30 62.52
N MET B 297 9.54 -10.39 61.29
CA MET B 297 9.86 -11.70 60.68
C MET B 297 11.26 -12.25 61.00
N TYR B 298 12.11 -11.41 61.57
CA TYR B 298 13.54 -11.75 61.73
C TYR B 298 13.97 -12.24 63.14
N ASP B 299 14.68 -13.36 63.15
CA ASP B 299 15.43 -13.83 64.31
C ASP B 299 16.71 -14.50 63.83
N GLU B 300 17.84 -13.88 64.16
CA GLU B 300 19.18 -14.36 63.81
C GLU B 300 19.41 -15.84 64.11
N THR B 301 18.72 -16.37 65.11
CA THR B 301 18.96 -17.74 65.61
C THR B 301 18.03 -18.80 65.01
N GLY B 302 16.97 -18.38 64.32
CA GLY B 302 16.02 -19.31 63.72
C GLY B 302 16.53 -19.87 62.39
N TYR B 303 15.96 -21.01 61.97
CA TYR B 303 16.23 -21.54 60.63
C TYR B 303 15.88 -20.48 59.58
N ALA B 304 16.75 -20.32 58.58
CA ALA B 304 16.60 -19.30 57.54
C ALA B 304 16.37 -17.89 58.11
N GLY B 305 16.86 -17.66 59.33
CA GLY B 305 16.76 -16.35 59.99
C GLY B 305 15.34 -15.91 60.33
N LEU B 306 14.46 -16.87 60.62
CA LEU B 306 13.04 -16.60 60.86
C LEU B 306 12.65 -16.56 62.34
N SER B 307 11.90 -15.53 62.73
CA SER B 307 11.34 -15.44 64.07
C SER B 307 10.21 -16.45 64.28
N ASP B 308 9.75 -16.59 65.53
CA ASP B 308 8.60 -17.43 65.86
C ASP B 308 7.33 -16.98 65.16
N THR B 309 7.09 -15.67 65.14
CA THR B 309 5.92 -15.09 64.47
C THR B 309 5.88 -15.50 63.00
N ALA B 310 7.03 -15.39 62.33
CA ALA B 310 7.17 -15.75 60.92
C ALA B 310 6.95 -17.25 60.69
N ARG B 311 7.58 -18.08 61.52
CA ARG B 311 7.49 -19.53 61.43
C ARG B 311 6.06 -20.05 61.65
N HIS B 312 5.33 -19.40 62.57
CA HIS B 312 3.93 -19.75 62.83
C HIS B 312 3.00 -19.29 61.72
N TYR B 313 3.32 -18.15 61.11
CA TYR B 313 2.60 -17.65 59.93
C TYR B 313 2.71 -18.69 58.81
N ILE B 314 3.91 -19.23 58.60
CA ILE B 314 4.13 -20.31 57.63
C ILE B 314 3.36 -21.57 58.01
N GLY B 315 3.38 -21.90 59.30
CA GLY B 315 2.61 -23.04 59.85
C GLY B 315 1.15 -22.93 59.50
N GLY B 316 0.60 -21.72 59.66
CA GLY B 316 -0.78 -21.42 59.26
C GLY B 316 -1.05 -21.60 57.77
N LEU B 317 -0.16 -21.09 56.93
CA LEU B 317 -0.30 -21.22 55.47
C LEU B 317 -0.28 -22.68 55.02
N LEU B 318 0.66 -23.47 55.55
CA LEU B 318 0.81 -24.86 55.15
C LEU B 318 -0.27 -25.78 55.76
N HIS B 319 -0.74 -25.43 56.95
CA HIS B 319 -1.83 -26.17 57.60
C HIS B 319 -3.17 -25.91 56.91
N HIS B 320 -3.42 -24.66 56.53
CA HIS B 320 -4.70 -24.30 55.91
C HIS B 320 -4.75 -24.47 54.39
N ALA B 321 -3.61 -24.77 53.79
CA ALA B 321 -3.50 -24.95 52.33
C ALA B 321 -4.65 -25.73 51.65
N PRO B 322 -5.03 -26.92 52.18
CA PRO B 322 -6.10 -27.69 51.54
C PRO B 322 -7.41 -26.92 51.27
N SER B 323 -7.70 -25.90 52.08
CA SER B 323 -8.87 -25.05 51.85
C SER B 323 -8.47 -23.68 51.32
N LEU B 324 -7.32 -23.17 51.76
CA LEU B 324 -6.79 -21.87 51.33
C LEU B 324 -6.66 -21.75 49.81
N LEU B 325 -6.28 -22.84 49.16
CA LEU B 325 -6.04 -22.84 47.71
C LEU B 325 -7.30 -22.53 46.91
N ALA B 326 -8.47 -22.69 47.53
CA ALA B 326 -9.73 -22.31 46.90
C ALA B 326 -9.77 -20.82 46.53
N PHE B 327 -9.02 -20.00 47.29
CA PHE B 327 -8.90 -18.56 47.02
C PHE B 327 -7.56 -18.13 46.38
N THR B 328 -6.52 -18.95 46.52
CA THR B 328 -5.21 -18.63 45.94
C THR B 328 -4.96 -19.32 44.58
N ASN B 329 -5.57 -20.49 44.37
CA ASN B 329 -5.47 -21.25 43.13
C ASN B 329 -6.89 -21.66 42.67
N PRO B 330 -7.70 -20.66 42.27
CA PRO B 330 -9.15 -20.81 42.26
C PRO B 330 -9.79 -21.35 40.97
N THR B 331 -8.98 -21.80 40.01
CA THR B 331 -9.54 -22.27 38.72
C THR B 331 -9.20 -23.73 38.44
N VAL B 332 -9.92 -24.36 37.51
CA VAL B 332 -9.60 -25.74 37.09
C VAL B 332 -8.20 -25.79 36.49
N ASN B 333 -7.85 -24.77 35.69
CA ASN B 333 -6.52 -24.67 35.06
C ASN B 333 -5.38 -24.51 36.07
N SER B 334 -5.67 -23.97 37.24
CA SER B 334 -4.68 -23.81 38.32
C SER B 334 -3.93 -25.10 38.60
N TYR B 335 -4.63 -26.24 38.50
CA TYR B 335 -4.10 -27.53 38.95
C TYR B 335 -3.32 -28.28 37.87
N LYS B 336 -3.35 -27.74 36.65
CA LYS B 336 -2.43 -28.17 35.59
C LYS B 336 -1.02 -27.58 35.78
N ARG B 337 -0.93 -26.50 36.55
CA ARG B 337 0.35 -25.89 36.92
C ARG B 337 1.02 -26.60 38.11
N LEU B 338 0.22 -27.09 39.06
CA LEU B 338 0.74 -27.81 40.25
C LEU B 338 1.17 -29.24 39.93
N VAL B 339 2.14 -29.36 39.01
CA VAL B 339 2.71 -30.63 38.58
C VAL B 339 4.24 -30.52 38.64
N PRO B 340 4.96 -31.65 38.84
CA PRO B 340 6.40 -31.54 39.06
C PRO B 340 7.22 -31.13 37.83
N GLY B 341 8.27 -30.34 38.07
CA GLY B 341 9.28 -30.05 37.06
C GLY B 341 9.30 -28.64 36.50
N TYR B 342 8.49 -27.75 37.07
CA TYR B 342 8.30 -26.42 36.47
C TYR B 342 8.39 -25.25 37.46
N GLU B 343 9.11 -25.48 38.57
CA GLU B 343 9.33 -24.46 39.59
C GLU B 343 8.05 -24.00 40.31
N ALA B 344 7.04 -24.88 40.30
CA ALA B 344 5.80 -24.67 41.05
C ALA B 344 5.69 -25.80 42.10
N PRO B 345 4.98 -25.52 43.23
CA PRO B 345 4.90 -26.50 44.33
C PRO B 345 4.13 -27.76 43.96
N ILE B 346 4.54 -28.90 44.52
CA ILE B 346 3.79 -30.16 44.43
C ILE B 346 3.50 -30.77 45.82
N ASN B 347 3.98 -30.11 46.87
CA ASN B 347 3.74 -30.53 48.25
C ASN B 347 3.93 -29.38 49.24
N LEU B 348 3.55 -29.60 50.50
CA LEU B 348 3.45 -28.52 51.48
C LEU B 348 4.68 -28.41 52.39
N VAL B 349 5.80 -27.97 51.83
CA VAL B 349 7.02 -27.77 52.62
C VAL B 349 7.55 -26.35 52.46
N TYR B 350 8.21 -25.84 53.50
CA TYR B 350 8.98 -24.61 53.36
C TYR B 350 10.47 -24.91 53.36
N SER B 351 11.23 -24.09 52.66
CA SER B 351 12.67 -24.32 52.50
C SER B 351 13.33 -23.06 51.97
N GLN B 352 14.48 -22.70 52.53
CA GLN B 352 15.19 -21.53 52.02
C GLN B 352 15.86 -21.84 50.68
N ARG B 353 15.90 -20.83 49.82
CA ARG B 353 16.60 -20.89 48.53
C ARG B 353 15.98 -21.89 47.54
N ASN B 354 14.81 -22.44 47.91
CA ASN B 354 14.26 -23.61 47.21
C ASN B 354 13.03 -23.30 46.33
N ARG B 355 13.26 -23.28 45.01
CA ARG B 355 12.21 -22.98 44.05
C ARG B 355 11.28 -24.18 43.72
N SER B 356 11.57 -25.34 44.29
CA SER B 356 10.67 -26.49 44.19
C SER B 356 9.71 -26.58 45.37
N ALA B 357 9.85 -25.65 46.33
CA ALA B 357 9.07 -25.71 47.57
C ALA B 357 7.78 -24.87 47.54
N CYS B 358 6.91 -25.14 48.51
CA CYS B 358 5.63 -24.40 48.62
C CYS B 358 5.83 -22.99 49.18
N VAL B 359 6.71 -22.88 50.18
CA VAL B 359 7.15 -21.59 50.69
C VAL B 359 8.68 -21.58 50.59
N ARG B 360 9.20 -20.66 49.78
CA ARG B 360 10.64 -20.42 49.74
C ARG B 360 10.99 -19.24 50.64
N ILE B 361 12.11 -19.33 51.34
CA ILE B 361 12.67 -18.18 52.05
C ILE B 361 13.82 -17.60 51.20
N PRO B 362 13.61 -16.42 50.60
CA PRO B 362 14.66 -15.81 49.78
C PRO B 362 15.90 -15.49 50.62
N ILE B 363 17.08 -15.56 50.01
CA ILE B 363 18.32 -15.23 50.69
C ILE B 363 18.50 -13.72 50.70
N THR B 364 18.33 -13.12 51.88
CA THR B 364 18.34 -11.66 52.03
C THR B 364 19.41 -11.13 52.98
N GLY B 365 20.16 -12.03 53.62
CA GLY B 365 21.23 -11.64 54.52
C GLY B 365 20.80 -11.33 55.94
N SER B 366 21.54 -10.44 56.61
CA SER B 366 21.31 -10.16 58.03
C SER B 366 20.45 -8.91 58.30
N ASN B 367 20.08 -8.18 57.25
CA ASN B 367 19.15 -7.05 57.39
C ASN B 367 17.77 -7.55 57.80
N PRO B 368 17.31 -7.17 59.02
CA PRO B 368 16.03 -7.67 59.54
C PRO B 368 14.83 -7.17 58.75
N LYS B 369 14.94 -5.99 58.14
CA LYS B 369 13.86 -5.41 57.35
C LYS B 369 13.51 -6.22 56.10
N ALA B 370 14.50 -6.89 55.51
CA ALA B 370 14.32 -7.63 54.27
C ALA B 370 13.73 -9.04 54.47
N LYS B 371 13.64 -9.48 55.74
CA LYS B 371 13.20 -10.84 56.05
C LYS B 371 11.73 -11.08 55.71
N ARG B 372 11.46 -12.16 54.97
CA ARG B 372 10.12 -12.47 54.48
C ARG B 372 10.02 -13.92 53.99
N LEU B 373 8.79 -14.37 53.81
CA LEU B 373 8.49 -15.66 53.19
C LEU B 373 7.92 -15.45 51.79
N GLU B 374 8.22 -16.37 50.88
CA GLU B 374 7.62 -16.37 49.55
C GLU B 374 6.66 -17.54 49.42
N PHE B 375 5.36 -17.23 49.36
CA PHE B 375 4.34 -18.26 49.18
C PHE B 375 4.19 -18.49 47.68
N ARG B 376 4.71 -19.62 47.20
CA ARG B 376 4.86 -19.87 45.76
C ARG B 376 3.65 -20.55 45.12
N SER B 377 2.70 -20.98 45.94
CA SER B 377 1.51 -21.67 45.43
C SER B 377 0.52 -20.83 44.57
N PRO B 378 0.25 -19.55 44.96
CA PRO B 378 -0.81 -18.81 44.27
C PRO B 378 -0.57 -18.53 42.78
N ASP B 379 -1.65 -18.29 42.03
CA ASP B 379 -1.57 -17.87 40.63
C ASP B 379 -2.48 -16.66 40.36
N SER B 380 -2.45 -16.15 39.13
CA SER B 380 -3.19 -14.92 38.78
C SER B 380 -4.59 -15.16 38.23
N SER B 381 -5.12 -16.37 38.38
CA SER B 381 -6.39 -16.72 37.73
C SER B 381 -7.65 -16.37 38.52
N GLY B 382 -7.51 -15.63 39.61
CA GLY B 382 -8.66 -15.23 40.42
C GLY B 382 -8.68 -13.77 40.88
N ASN B 383 -8.80 -13.60 42.19
CA ASN B 383 -9.06 -12.31 42.79
C ASN B 383 -8.00 -11.96 43.84
N PRO B 384 -7.20 -10.91 43.58
CA PRO B 384 -6.09 -10.59 44.49
C PRO B 384 -6.57 -10.10 45.87
N TYR B 385 -7.68 -9.36 45.90
CA TYR B 385 -8.30 -8.91 47.15
C TYR B 385 -8.64 -10.09 48.06
N LEU B 386 -9.29 -11.12 47.49
CA LEU B 386 -9.67 -12.30 48.23
C LEU B 386 -8.48 -13.20 48.56
N ALA B 387 -7.57 -13.35 47.60
CA ALA B 387 -6.37 -14.17 47.79
C ALA B 387 -5.44 -13.62 48.87
N PHE B 388 -5.09 -12.35 48.79
CA PHE B 388 -4.23 -11.73 49.81
C PHE B 388 -4.88 -11.82 51.20
N SER B 389 -6.18 -11.52 51.27
CA SER B 389 -6.93 -11.58 52.52
C SER B 389 -6.94 -12.99 53.12
N ALA B 390 -7.24 -14.00 52.30
CA ALA B 390 -7.26 -15.39 52.77
C ALA B 390 -5.89 -15.86 53.27
N MET B 391 -4.82 -15.47 52.57
CA MET B 391 -3.45 -15.78 53.02
C MET B 391 -3.18 -15.18 54.40
N LEU B 392 -3.61 -13.93 54.59
CA LEU B 392 -3.39 -13.24 55.87
C LEU B 392 -4.13 -13.96 57.00
N MET B 393 -5.41 -14.29 56.78
CA MET B 393 -6.24 -15.00 57.75
C MET B 393 -5.64 -16.36 58.17
N ALA B 394 -5.07 -17.07 57.20
CA ALA B 394 -4.41 -18.35 57.49
C ALA B 394 -3.15 -18.15 58.32
N GLY B 395 -2.36 -17.13 57.97
CA GLY B 395 -1.13 -16.82 58.69
C GLY B 395 -1.41 -16.40 60.13
N LEU B 396 -2.44 -15.57 60.29
CA LEU B 396 -2.86 -15.08 61.61
C LEU B 396 -3.39 -16.19 62.52
N ASP B 397 -4.13 -17.13 61.95
CA ASP B 397 -4.58 -18.31 62.69
C ASP B 397 -3.39 -19.13 63.15
N GLY B 398 -2.36 -19.19 62.32
CA GLY B 398 -1.12 -19.89 62.65
C GLY B 398 -0.37 -19.26 63.82
N ILE B 399 -0.32 -17.93 63.85
CA ILE B 399 0.35 -17.19 64.92
C ILE B 399 -0.45 -17.37 66.22
N LYS B 400 -1.77 -17.19 66.13
CA LYS B 400 -2.65 -17.23 67.29
C LYS B 400 -2.66 -18.60 67.96
N ASN B 401 -2.69 -19.66 67.14
CA ASN B 401 -2.66 -21.03 67.66
C ASN B 401 -1.26 -21.63 67.69
N LYS B 402 -0.24 -20.81 67.47
CA LYS B 402 1.15 -21.25 67.43
C LYS B 402 1.34 -22.59 66.70
N ILE B 403 0.81 -22.66 65.47
CA ILE B 403 0.93 -23.85 64.63
C ILE B 403 2.38 -24.01 64.12
N GLU B 404 2.97 -25.15 64.42
CA GLU B 404 4.34 -25.42 64.02
C GLU B 404 4.35 -26.11 62.66
N PRO B 405 5.11 -25.53 61.69
CA PRO B 405 5.22 -26.21 60.41
C PRO B 405 6.12 -27.42 60.56
N GLN B 406 5.91 -28.45 59.73
CA GLN B 406 6.82 -29.57 59.74
C GLN B 406 8.20 -29.12 59.24
N ALA B 407 9.24 -29.83 59.66
CA ALA B 407 10.64 -29.45 59.40
C ALA B 407 10.88 -29.12 57.92
N PRO B 408 11.66 -28.05 57.65
CA PRO B 408 12.06 -27.71 56.29
C PRO B 408 12.79 -28.84 55.58
N VAL B 409 12.55 -28.98 54.28
CA VAL B 409 13.21 -30.01 53.48
C VAL B 409 14.06 -29.33 52.40
N ASP B 410 15.36 -29.37 52.57
CA ASP B 410 16.29 -28.68 51.69
C ASP B 410 16.82 -29.58 50.56
N LYS B 411 15.91 -30.09 49.74
CA LYS B 411 16.25 -30.95 48.61
C LYS B 411 15.39 -30.60 47.40
N ASP B 412 15.76 -31.15 46.24
CA ASP B 412 14.89 -31.15 45.07
C ASP B 412 13.68 -32.01 45.41
N LEU B 413 12.53 -31.35 45.54
CA LEU B 413 11.32 -32.00 46.02
C LEU B 413 10.59 -32.84 44.96
N TYR B 414 10.91 -32.60 43.67
CA TYR B 414 10.41 -33.43 42.57
C TYR B 414 11.17 -34.75 42.45
N GLU B 415 12.39 -34.77 42.98
CA GLU B 415 13.29 -35.92 42.88
C GLU B 415 13.38 -36.76 44.16
N LEU B 416 12.50 -36.51 45.12
CA LEU B 416 12.46 -37.29 46.37
C LEU B 416 12.14 -38.76 46.12
N PRO B 417 12.80 -39.68 46.88
CA PRO B 417 12.48 -41.12 46.80
C PRO B 417 11.07 -41.43 47.29
N PRO B 418 10.43 -42.48 46.71
CA PRO B 418 9.06 -42.92 46.98
C PRO B 418 8.58 -42.83 48.43
N GLU B 419 9.35 -43.39 49.37
CA GLU B 419 8.91 -43.46 50.78
C GLU B 419 8.98 -42.10 51.48
N GLU B 420 9.97 -41.29 51.12
CA GLU B 420 10.12 -39.95 51.69
C GLU B 420 9.06 -38.99 51.13
N ALA B 421 8.76 -39.12 49.84
CA ALA B 421 7.73 -38.31 49.18
C ALA B 421 6.34 -38.54 49.78
N ALA B 422 6.03 -39.81 50.05
CA ALA B 422 4.72 -40.20 50.59
C ALA B 422 4.54 -39.89 52.10
N SER B 423 5.57 -39.32 52.71
CA SER B 423 5.53 -38.94 54.11
C SER B 423 5.35 -37.42 54.24
N ILE B 424 5.23 -36.74 53.11
CA ILE B 424 4.98 -35.31 53.07
C ILE B 424 3.62 -35.07 52.42
N PRO B 425 2.78 -34.20 53.03
CA PRO B 425 1.48 -33.86 52.46
C PRO B 425 1.61 -33.21 51.07
N GLN B 426 0.83 -33.72 50.12
CA GLN B 426 0.83 -33.21 48.76
C GLN B 426 -0.07 -31.99 48.65
N THR B 427 0.15 -31.19 47.62
CA THR B 427 -0.83 -30.18 47.19
C THR B 427 -2.07 -30.90 46.64
N PRO B 428 -3.25 -30.27 46.76
CA PRO B 428 -4.47 -30.79 46.16
C PRO B 428 -4.36 -31.05 44.65
N THR B 429 -5.06 -32.07 44.18
CA THR B 429 -5.02 -32.55 42.81
C THR B 429 -5.85 -31.70 41.87
N GLN B 430 -7.02 -31.26 42.34
CA GLN B 430 -8.02 -30.63 41.49
C GLN B 430 -8.87 -29.63 42.26
N LEU B 431 -9.52 -28.72 41.54
CA LEU B 431 -10.34 -27.65 42.15
C LEU B 431 -11.49 -28.17 43.03
N SER B 432 -12.16 -29.24 42.58
CA SER B 432 -13.29 -29.81 43.32
C SER B 432 -12.90 -30.22 44.73
N ASP B 433 -11.66 -30.69 44.91
CA ASP B 433 -11.11 -31.06 46.21
C ASP B 433 -10.95 -29.87 47.18
N VAL B 434 -10.39 -28.76 46.70
CA VAL B 434 -10.20 -27.59 47.57
C VAL B 434 -11.52 -26.88 47.91
N ILE B 435 -12.48 -26.93 46.97
CA ILE B 435 -13.80 -26.36 47.19
C ILE B 435 -14.55 -27.17 48.25
N ASP B 436 -14.54 -28.50 48.12
CA ASP B 436 -15.07 -29.41 49.14
C ASP B 436 -14.48 -29.13 50.51
N ARG B 437 -13.17 -28.95 50.55
CA ARG B 437 -12.46 -28.71 51.81
C ARG B 437 -12.79 -27.33 52.40
N LEU B 438 -12.93 -26.33 51.54
CA LEU B 438 -13.34 -24.99 51.96
C LEU B 438 -14.74 -25.04 52.60
N GLU B 439 -15.62 -25.84 52.01
CA GLU B 439 -16.98 -26.01 52.50
C GLU B 439 -17.01 -26.64 53.88
N ALA B 440 -16.11 -27.60 54.10
CA ALA B 440 -16.07 -28.35 55.36
C ALA B 440 -15.36 -27.58 56.47
N ASP B 441 -14.36 -26.78 56.11
CA ASP B 441 -13.55 -26.08 57.11
C ASP B 441 -13.11 -24.68 56.66
N HIS B 442 -13.80 -23.65 57.14
CA HIS B 442 -13.47 -22.27 56.75
C HIS B 442 -13.51 -21.27 57.91
N GLU B 443 -13.46 -21.77 59.15
CA GLU B 443 -13.61 -20.92 60.33
C GLU B 443 -12.54 -19.84 60.46
N TYR B 444 -11.30 -20.18 60.09
CA TYR B 444 -10.18 -19.21 60.13
C TYR B 444 -10.45 -17.99 59.28
N LEU B 445 -11.24 -18.16 58.22
CA LEU B 445 -11.58 -17.08 57.30
C LEU B 445 -12.67 -16.17 57.86
N THR B 446 -13.61 -16.75 58.61
CA THR B 446 -14.73 -16.01 59.16
C THR B 446 -14.42 -15.28 60.48
N GLU B 447 -13.19 -15.41 60.97
CA GLU B 447 -12.75 -14.68 62.17
C GLU B 447 -12.90 -13.18 61.96
N GLY B 448 -13.51 -12.52 62.95
CA GLY B 448 -13.73 -11.06 62.90
C GLY B 448 -14.68 -10.62 61.80
N GLY B 449 -15.33 -11.59 61.16
CA GLY B 449 -16.22 -11.32 60.03
C GLY B 449 -15.55 -10.81 58.77
N VAL B 450 -14.26 -11.11 58.62
CA VAL B 450 -13.49 -10.72 57.43
C VAL B 450 -14.10 -11.37 56.19
N PHE B 451 -14.23 -12.70 56.21
CA PHE B 451 -15.08 -13.41 55.26
C PHE B 451 -16.38 -13.76 55.97
N THR B 452 -17.49 -13.64 55.27
CA THR B 452 -18.77 -14.04 55.81
C THR B 452 -19.26 -15.31 55.11
N ASN B 453 -20.21 -16.01 55.73
CA ASN B 453 -20.73 -17.26 55.15
C ASN B 453 -21.37 -17.10 53.76
N ASP B 454 -22.05 -15.96 53.53
CA ASP B 454 -22.68 -15.70 52.24
C ASP B 454 -21.65 -15.58 51.12
N LEU B 455 -20.47 -15.03 51.43
CA LEU B 455 -19.38 -14.93 50.46
C LEU B 455 -18.83 -16.32 50.14
N ILE B 456 -18.53 -17.08 51.19
CA ILE B 456 -17.96 -18.42 51.05
C ILE B 456 -18.92 -19.36 50.31
N GLU B 457 -20.20 -19.32 50.66
CA GLU B 457 -21.20 -20.15 49.98
C GLU B 457 -21.43 -19.75 48.52
N THR B 458 -21.38 -18.45 48.22
CA THR B 458 -21.49 -17.96 46.84
C THR B 458 -20.30 -18.41 45.99
N TRP B 459 -19.10 -18.34 46.58
CA TRP B 459 -17.87 -18.76 45.93
C TRP B 459 -17.92 -20.24 45.56
N ILE B 460 -18.25 -21.08 46.55
CA ILE B 460 -18.36 -22.52 46.37
C ILE B 460 -19.36 -22.88 45.27
N SER B 461 -20.52 -22.24 45.31
CA SER B 461 -21.59 -22.44 44.35
C SER B 461 -21.18 -22.01 42.93
N PHE B 462 -20.56 -20.83 42.83
CA PHE B 462 -20.07 -20.33 41.53
C PHE B 462 -19.08 -21.28 40.86
N LYS B 463 -18.10 -21.76 41.62
CA LYS B 463 -17.05 -22.61 41.07
C LYS B 463 -17.59 -23.95 40.60
N ARG B 464 -18.51 -24.52 41.38
CA ARG B 464 -19.13 -25.81 41.06
C ARG B 464 -19.99 -25.74 39.79
N GLU B 465 -20.87 -24.74 39.73
CA GLU B 465 -21.83 -24.61 38.63
C GLU B 465 -21.24 -24.04 37.34
N ASN B 466 -20.31 -23.11 37.47
CA ASN B 466 -19.76 -22.40 36.31
C ASN B 466 -18.39 -22.89 35.80
N GLU B 467 -17.70 -23.72 36.58
CA GLU B 467 -16.34 -24.14 36.23
C GLU B 467 -16.12 -25.64 36.33
N ILE B 468 -16.26 -26.20 37.54
CA ILE B 468 -16.03 -27.63 37.78
C ILE B 468 -16.93 -28.53 36.92
N GLU B 469 -18.24 -28.28 36.95
CA GLU B 469 -19.20 -29.10 36.25
C GLU B 469 -19.12 -28.95 34.72
N PRO B 470 -19.07 -27.71 34.18
CA PRO B 470 -18.89 -27.53 32.73
C PRO B 470 -17.67 -28.25 32.11
N VAL B 471 -16.54 -28.31 32.83
CA VAL B 471 -15.36 -29.04 32.36
C VAL B 471 -15.54 -30.57 32.49
N ASN B 472 -16.18 -31.02 33.58
CA ASN B 472 -16.38 -32.44 33.84
C ASN B 472 -17.27 -33.18 32.85
N ILE B 473 -18.23 -32.47 32.27
CA ILE B 473 -19.20 -33.08 31.35
C ILE B 473 -18.69 -33.10 29.91
N ARG B 474 -17.68 -32.28 29.62
CA ARG B 474 -17.10 -32.16 28.27
C ARG B 474 -15.92 -33.11 28.04
N PRO B 475 -16.05 -34.06 27.09
CA PRO B 475 -14.94 -34.92 26.72
C PRO B 475 -13.66 -34.16 26.35
N HIS B 476 -12.54 -34.66 26.87
CA HIS B 476 -11.20 -34.10 26.66
C HIS B 476 -10.62 -34.69 25.34
N PRO B 477 -9.97 -33.87 24.49
CA PRO B 477 -9.35 -34.39 23.26
C PRO B 477 -8.45 -35.62 23.48
N TYR B 478 -7.74 -35.67 24.60
CA TYR B 478 -6.85 -36.80 24.88
C TYR B 478 -7.57 -38.11 25.17
N GLU B 479 -8.86 -38.01 25.53
CA GLU B 479 -9.71 -39.21 25.68
C GLU B 479 -9.91 -39.90 24.34
N PHE B 480 -9.84 -39.14 23.24
CA PHE B 480 -9.96 -39.70 21.91
C PHE B 480 -8.66 -40.40 21.50
N ALA B 481 -7.53 -39.81 21.87
CA ALA B 481 -6.23 -40.44 21.67
C ALA B 481 -6.14 -41.75 22.45
N LEU B 482 -6.65 -41.76 23.68
CA LEU B 482 -6.64 -42.95 24.52
C LEU B 482 -7.68 -44.01 24.13
N TYR B 483 -8.89 -43.57 23.77
CA TYR B 483 -10.06 -44.46 23.79
C TYR B 483 -10.87 -44.68 22.50
N TYR B 484 -10.56 -43.98 21.40
CA TYR B 484 -11.41 -44.12 20.21
C TYR B 484 -11.53 -45.58 19.77
N ASP B 485 -10.43 -46.32 19.85
CA ASP B 485 -10.35 -47.70 19.39
C ASP B 485 -10.58 -48.78 20.47
N VAL B 486 -11.27 -48.44 21.56
CA VAL B 486 -11.51 -49.42 22.64
C VAL B 486 -12.35 -50.63 22.20
N GLU C 11 -36.69 28.30 24.25
CA GLU C 11 -37.32 29.61 23.85
C GLU C 11 -36.54 30.30 22.73
N LYS C 12 -35.83 29.51 21.92
CA LYS C 12 -35.09 30.05 20.78
C LYS C 12 -36.02 30.70 19.76
N THR C 13 -35.54 31.77 19.14
CA THR C 13 -36.31 32.54 18.17
C THR C 13 -35.73 32.36 16.76
N PRO C 14 -36.50 32.69 15.71
CA PRO C 14 -35.98 32.71 14.33
C PRO C 14 -34.66 33.44 14.17
N ASP C 15 -34.53 34.62 14.79
CA ASP C 15 -33.31 35.42 14.72
C ASP C 15 -32.11 34.80 15.45
N ASP C 16 -32.37 34.05 16.52
CA ASP C 16 -31.34 33.25 17.20
C ASP C 16 -30.71 32.24 16.25
N VAL C 17 -31.55 31.58 15.45
CA VAL C 17 -31.11 30.56 14.48
C VAL C 17 -30.32 31.19 13.33
N PHE C 18 -30.81 32.32 12.81
CA PHE C 18 -30.09 33.08 11.77
C PHE C 18 -28.70 33.48 12.24
N LYS C 19 -28.59 33.91 13.49
CA LYS C 19 -27.32 34.31 14.07
C LYS C 19 -26.37 33.11 14.20
N LEU C 20 -26.90 31.97 14.66
CA LEU C 20 -26.14 30.73 14.76
C LEU C 20 -25.59 30.30 13.41
N ALA C 21 -26.43 30.40 12.38
CA ALA C 21 -26.05 30.04 10.99
C ALA C 21 -24.93 30.92 10.46
N LYS C 22 -25.03 32.23 10.74
CA LYS C 22 -24.01 33.19 10.33
C LYS C 22 -22.68 33.00 11.08
N ASP C 23 -22.78 32.86 12.40
CA ASP C 23 -21.59 32.70 13.24
C ASP C 23 -20.82 31.42 12.93
N GLU C 24 -21.55 30.34 12.64
CA GLU C 24 -20.93 29.04 12.35
C GLU C 24 -20.49 28.88 10.89
N LYS C 25 -20.80 29.90 10.08
CA LYS C 25 -20.48 29.93 8.64
C LYS C 25 -21.05 28.71 7.93
N VAL C 26 -22.32 28.48 8.19
CA VAL C 26 -23.08 27.36 7.64
C VAL C 26 -23.20 27.45 6.12
N GLU C 27 -22.95 26.33 5.43
CA GLU C 27 -23.10 26.27 3.98
C GLU C 27 -24.48 25.75 3.57
N TYR C 28 -25.03 24.83 4.37
CA TYR C 28 -26.30 24.19 4.06
C TYR C 28 -27.20 24.06 5.27
N VAL C 29 -28.50 24.04 5.02
CA VAL C 29 -29.49 23.77 6.06
C VAL C 29 -30.25 22.49 5.71
N ASP C 30 -30.23 21.53 6.65
CA ASP C 30 -30.92 20.25 6.49
C ASP C 30 -32.30 20.29 7.17
N VAL C 31 -33.35 20.26 6.34
CA VAL C 31 -34.74 20.36 6.80
C VAL C 31 -35.24 18.96 7.14
N ARG C 32 -35.60 18.76 8.41
CA ARG C 32 -35.98 17.43 8.90
C ARG C 32 -37.37 17.35 9.50
N PHE C 33 -38.04 16.21 9.29
CA PHE C 33 -39.33 15.91 9.89
C PHE C 33 -39.51 14.39 10.06
N CYS C 34 -40.49 13.99 10.88
CA CYS C 34 -40.68 12.58 11.20
C CYS C 34 -41.79 11.91 10.37
N ASP C 35 -41.52 10.71 9.84
CA ASP C 35 -42.59 9.95 9.21
C ASP C 35 -43.40 9.23 10.30
N LEU C 36 -44.46 8.53 9.92
CA LEU C 36 -45.31 7.93 10.94
C LEU C 36 -44.66 6.76 11.70
N PRO C 37 -44.07 5.77 11.00
CA PRO C 37 -43.38 4.68 11.72
C PRO C 37 -42.29 5.14 12.69
N GLY C 38 -41.57 6.22 12.35
CA GLY C 38 -40.59 6.80 13.26
C GLY C 38 -39.18 7.07 12.77
N ILE C 39 -38.99 7.15 11.45
CA ILE C 39 -37.70 7.48 10.81
C ILE C 39 -37.69 8.95 10.39
N MET C 40 -36.60 9.67 10.68
CA MET C 40 -36.51 11.07 10.25
C MET C 40 -36.23 11.18 8.76
N GLN C 41 -36.85 12.18 8.13
CA GLN C 41 -36.76 12.46 6.71
C GLN C 41 -36.06 13.80 6.54
N HIS C 42 -35.37 13.99 5.41
CA HIS C 42 -34.63 15.23 5.20
C HIS C 42 -34.46 15.64 3.73
N PHE C 43 -34.32 16.94 3.51
CA PHE C 43 -33.77 17.47 2.27
C PHE C 43 -32.93 18.69 2.63
N THR C 44 -32.08 19.13 1.70
CA THR C 44 -31.09 20.18 1.99
C THR C 44 -31.36 21.40 1.15
N ILE C 45 -31.25 22.57 1.77
CA ILE C 45 -31.31 23.84 1.08
C ILE C 45 -29.99 24.59 1.33
N PRO C 46 -29.54 25.42 0.38
CA PRO C 46 -28.32 26.18 0.62
C PRO C 46 -28.56 27.30 1.62
N ALA C 47 -27.50 27.70 2.33
CA ALA C 47 -27.57 28.81 3.29
C ALA C 47 -28.26 30.05 2.73
N SER C 48 -27.97 30.36 1.47
CA SER C 48 -28.56 31.51 0.76
C SER C 48 -30.10 31.44 0.64
N ALA C 49 -30.66 30.25 0.71
CA ALA C 49 -32.11 30.06 0.61
C ALA C 49 -32.77 29.96 1.98
N PHE C 50 -31.97 30.06 3.03
CA PHE C 50 -32.49 30.03 4.39
C PHE C 50 -32.76 31.46 4.87
N ASP C 51 -34.01 31.90 4.70
CA ASP C 51 -34.42 33.27 5.01
C ASP C 51 -35.72 33.29 5.82
N LYS C 52 -36.27 34.49 6.03
CA LYS C 52 -37.51 34.67 6.80
C LYS C 52 -38.71 33.99 6.14
N SER C 53 -38.67 33.86 4.82
CA SER C 53 -39.72 33.19 4.07
C SER C 53 -39.89 31.72 4.49
N VAL C 54 -38.79 31.09 4.91
CA VAL C 54 -38.83 29.72 5.43
C VAL C 54 -39.71 29.68 6.68
N PHE C 55 -39.58 30.70 7.53
CA PHE C 55 -40.38 30.82 8.75
C PHE C 55 -41.82 31.29 8.49
N ASP C 56 -41.98 32.19 7.52
CA ASP C 56 -43.28 32.79 7.19
C ASP C 56 -44.16 31.90 6.31
N ASP C 57 -43.59 31.39 5.22
CA ASP C 57 -44.35 30.61 4.24
C ASP C 57 -44.13 29.11 4.35
N GLY C 58 -42.94 28.70 4.81
CA GLY C 58 -42.62 27.29 4.92
C GLY C 58 -42.06 26.70 3.64
N LEU C 59 -41.91 25.38 3.62
CA LEU C 59 -41.34 24.66 2.49
C LEU C 59 -42.20 23.44 2.16
N ALA C 60 -42.19 23.03 0.90
CA ALA C 60 -43.07 21.95 0.46
C ALA C 60 -42.33 20.62 0.31
N PHE C 61 -43.11 19.54 0.32
CA PHE C 61 -42.60 18.20 0.03
C PHE C 61 -43.69 17.28 -0.52
N ASP C 62 -43.33 16.08 -0.93
CA ASP C 62 -44.27 15.10 -1.47
C ASP C 62 -44.74 14.19 -0.35
N GLY C 63 -45.93 14.49 0.17
CA GLY C 63 -46.53 13.70 1.23
C GLY C 63 -46.89 12.28 0.87
N SER C 64 -47.01 11.97 -0.43
CA SER C 64 -47.35 10.61 -0.87
C SER C 64 -46.17 9.63 -0.86
N SER C 65 -44.95 10.14 -0.76
CA SER C 65 -43.75 9.31 -0.68
C SER C 65 -43.34 9.03 0.76
N ILE C 66 -44.07 9.63 1.71
CA ILE C 66 -43.78 9.47 3.15
C ILE C 66 -44.81 8.52 3.79
N ARG C 67 -44.31 7.55 4.56
CA ARG C 67 -45.17 6.50 5.12
C ARG C 67 -46.16 7.02 6.17
N GLY C 68 -47.41 6.59 6.03
CA GLY C 68 -48.49 7.03 6.92
C GLY C 68 -49.01 8.44 6.64
N PHE C 69 -48.54 9.08 5.56
CA PHE C 69 -48.95 10.45 5.24
C PHE C 69 -50.07 10.49 4.19
N GLN C 70 -49.80 11.08 3.02
CA GLN C 70 -50.86 11.39 2.04
C GLN C 70 -50.98 10.37 0.92
N SER C 71 -52.09 10.42 0.19
CA SER C 71 -52.23 9.69 -1.06
C SER C 71 -51.71 10.55 -2.20
N ILE C 72 -51.50 9.93 -3.36
CA ILE C 72 -50.81 10.57 -4.50
C ILE C 72 -51.54 11.79 -5.06
N HIS C 73 -52.87 11.79 -5.04
CA HIS C 73 -53.68 12.90 -5.57
C HIS C 73 -53.82 14.07 -4.59
N GLU C 74 -53.42 13.85 -3.33
CA GLU C 74 -53.43 14.89 -2.32
C GLU C 74 -52.02 15.07 -1.74
N SER C 75 -51.01 14.99 -2.62
CA SER C 75 -49.60 14.82 -2.23
C SER C 75 -48.95 16.02 -1.52
N ASP C 76 -49.02 17.21 -2.13
CA ASP C 76 -48.38 18.41 -1.55
C ASP C 76 -48.67 18.57 -0.05
N MET C 77 -47.61 18.73 0.73
CA MET C 77 -47.71 19.10 2.14
C MET C 77 -46.74 20.23 2.45
N LEU C 78 -46.89 20.85 3.63
CA LEU C 78 -46.10 22.01 4.00
C LEU C 78 -45.31 21.76 5.29
N LEU C 79 -44.19 22.46 5.44
CA LEU C 79 -43.34 22.34 6.62
C LEU C 79 -43.04 23.72 7.23
N LEU C 80 -43.12 23.81 8.56
CA LEU C 80 -42.78 25.03 9.31
C LEU C 80 -41.74 24.76 10.40
N PRO C 81 -40.66 25.57 10.46
CA PRO C 81 -39.50 25.28 11.32
C PRO C 81 -39.79 25.35 12.82
N ASP C 82 -39.03 24.57 13.59
CA ASP C 82 -39.02 24.66 15.04
C ASP C 82 -37.62 25.09 15.48
N PRO C 83 -37.44 26.40 15.75
CA PRO C 83 -36.13 26.98 16.13
C PRO C 83 -35.43 26.37 17.37
N GLU C 84 -36.21 25.71 18.24
CA GLU C 84 -35.65 25.01 19.41
C GLU C 84 -34.73 23.84 19.02
N THR C 85 -34.90 23.32 17.81
CA THR C 85 -34.25 22.07 17.39
C THR C 85 -33.02 22.27 16.48
N ALA C 86 -32.59 23.52 16.33
CA ALA C 86 -31.45 23.84 15.47
C ALA C 86 -30.13 23.39 16.12
N ARG C 87 -29.40 22.52 15.41
CA ARG C 87 -28.09 22.02 15.85
C ARG C 87 -27.14 21.91 14.66
N ILE C 88 -25.85 22.10 14.90
CA ILE C 88 -24.81 21.85 13.88
C ILE C 88 -24.59 20.34 13.68
N ASP C 89 -24.56 19.91 12.42
CA ASP C 89 -24.31 18.52 12.09
C ASP C 89 -22.83 18.17 12.29
N PRO C 90 -22.55 17.11 13.08
CA PRO C 90 -21.16 16.73 13.38
C PRO C 90 -20.45 15.97 12.25
N PHE C 91 -21.17 15.54 11.22
CA PHE C 91 -20.63 14.60 10.23
C PHE C 91 -20.27 15.19 8.86
N ARG C 92 -21.09 16.12 8.36
CA ARG C 92 -20.95 16.61 6.98
C ARG C 92 -19.74 17.53 6.82
N ALA C 93 -18.92 17.24 5.81
CA ALA C 93 -17.72 18.04 5.51
C ALA C 93 -18.07 19.48 5.17
N ALA C 94 -19.19 19.69 4.48
CA ALA C 94 -19.73 21.02 4.24
C ALA C 94 -20.58 21.38 5.46
N LYS C 95 -20.25 22.50 6.10
CA LYS C 95 -20.91 22.93 7.34
C LYS C 95 -22.43 23.02 7.21
N THR C 96 -23.13 22.24 8.03
CA THR C 96 -24.57 22.06 7.89
C THR C 96 -25.30 22.27 9.22
N LEU C 97 -26.42 22.97 9.15
CA LEU C 97 -27.30 23.18 10.29
C LEU C 97 -28.58 22.36 10.12
N ASN C 98 -28.85 21.49 11.10
CA ASN C 98 -30.06 20.66 11.09
C ASN C 98 -31.18 21.35 11.86
N ILE C 99 -32.39 21.34 11.31
CA ILE C 99 -33.57 21.88 12.01
C ILE C 99 -34.76 20.95 11.79
N ASN C 100 -35.47 20.63 12.86
CA ASN C 100 -36.74 19.88 12.77
C ASN C 100 -37.91 20.80 12.42
N PHE C 101 -38.87 20.25 11.68
CA PHE C 101 -40.05 21.00 11.20
C PHE C 101 -41.35 20.32 11.64
N PHE C 102 -42.42 21.12 11.74
CA PHE C 102 -43.77 20.61 11.92
C PHE C 102 -44.46 20.54 10.55
N VAL C 103 -45.26 19.50 10.33
CA VAL C 103 -45.98 19.30 9.08
C VAL C 103 -47.34 20.00 9.20
N HIS C 104 -47.70 20.76 8.17
CA HIS C 104 -48.93 21.53 8.13
C HIS C 104 -49.70 21.29 6.82
N ASP C 105 -51.03 21.49 6.87
CA ASP C 105 -51.87 21.44 5.68
C ASP C 105 -51.50 22.62 4.75
N PRO C 106 -51.33 22.35 3.45
CA PRO C 106 -50.88 23.42 2.54
C PRO C 106 -51.96 24.48 2.20
N PHE C 107 -53.24 24.18 2.45
CA PHE C 107 -54.33 25.13 2.23
C PHE C 107 -54.67 25.94 3.49
N THR C 108 -54.92 25.25 4.61
CA THR C 108 -55.40 25.89 5.83
C THR C 108 -54.28 26.30 6.80
N LEU C 109 -53.07 25.78 6.55
CA LEU C 109 -51.91 25.95 7.44
C LEU C 109 -52.11 25.36 8.85
N GLU C 110 -53.15 24.54 9.00
CA GLU C 110 -53.41 23.82 10.25
C GLU C 110 -52.42 22.67 10.43
N PRO C 111 -52.00 22.41 11.68
CA PRO C 111 -51.11 21.28 11.95
C PRO C 111 -51.70 19.96 11.45
N TYR C 112 -50.83 19.08 10.96
CA TYR C 112 -51.23 17.81 10.37
C TYR C 112 -51.56 16.80 11.47
N SER C 113 -52.68 16.09 11.29
CA SER C 113 -53.16 15.12 12.29
C SER C 113 -52.27 13.89 12.38
N ARG C 114 -51.44 13.65 11.37
CA ARG C 114 -50.51 12.53 11.38
C ARG C 114 -49.02 12.93 11.40
N ASP C 115 -48.74 14.15 11.88
CA ASP C 115 -47.38 14.55 12.19
C ASP C 115 -47.08 14.12 13.62
N PRO C 116 -46.14 13.16 13.81
CA PRO C 116 -45.77 12.69 15.15
C PRO C 116 -45.34 13.81 16.09
N ARG C 117 -44.66 14.83 15.57
CA ARG C 117 -44.24 15.98 16.37
C ARG C 117 -45.44 16.82 16.84
N ASN C 118 -46.52 16.80 16.06
CA ASN C 118 -47.75 17.47 16.46
C ASN C 118 -48.43 16.72 17.62
N ILE C 119 -48.42 15.40 17.57
CA ILE C 119 -49.02 14.57 18.62
C ILE C 119 -48.38 14.88 19.98
N ALA C 120 -47.05 14.96 20.01
CA ALA C 120 -46.29 15.31 21.21
C ALA C 120 -46.65 16.72 21.71
N ARG C 121 -46.77 17.67 20.79
CA ARG C 121 -47.24 19.04 21.08
C ARG C 121 -48.61 18.99 21.77
N LYS C 122 -49.55 18.28 21.15
CA LYS C 122 -50.92 18.14 21.65
C LYS C 122 -50.99 17.45 23.02
N ALA C 123 -50.17 16.41 23.21
CA ALA C 123 -50.11 15.71 24.49
C ALA C 123 -49.72 16.63 25.63
N GLU C 124 -48.67 17.44 25.41
CA GLU C 124 -48.20 18.41 26.40
C GLU C 124 -49.25 19.47 26.77
N ASN C 125 -50.00 19.94 25.77
CA ASN C 125 -51.06 20.93 26.00
C ASN C 125 -52.27 20.33 26.71
N TYR C 126 -52.61 19.09 26.35
CA TYR C 126 -53.66 18.37 27.05
C TYR C 126 -53.34 18.18 28.54
N LEU C 127 -52.10 17.78 28.85
CA LEU C 127 -51.67 17.63 30.24
C LEU C 127 -51.95 18.88 31.06
N ILE C 128 -51.55 20.03 30.54
CA ILE C 128 -51.79 21.32 31.20
C ILE C 128 -53.30 21.55 31.41
N SER C 129 -54.10 21.22 30.40
CA SER C 129 -55.55 21.44 30.44
C SER C 129 -56.29 20.56 31.47
N THR C 130 -55.65 19.49 31.94
CA THR C 130 -56.27 18.61 32.95
C THR C 130 -56.11 19.14 34.37
N GLY C 131 -55.15 20.04 34.58
CA GLY C 131 -54.86 20.57 35.91
C GLY C 131 -54.01 19.62 36.75
N ILE C 132 -53.89 18.36 36.31
CA ILE C 132 -53.11 17.34 37.04
C ILE C 132 -51.66 17.75 37.24
N ALA C 133 -51.04 18.24 36.17
CA ALA C 133 -49.64 18.67 36.19
C ALA C 133 -49.42 19.67 35.06
N ASP C 134 -48.24 20.28 35.01
CA ASP C 134 -47.89 21.11 33.85
C ASP C 134 -46.68 20.61 33.05
N THR C 135 -45.94 19.64 33.60
CA THR C 135 -44.76 19.08 32.94
C THR C 135 -44.64 17.56 33.14
N ALA C 136 -44.45 16.84 32.03
CA ALA C 136 -44.15 15.41 32.07
C ALA C 136 -42.72 15.18 31.62
N TYR C 137 -41.88 14.68 32.52
CA TYR C 137 -40.48 14.44 32.22
C TYR C 137 -40.24 13.01 31.74
N PHE C 138 -39.52 12.88 30.62
CA PHE C 138 -39.15 11.58 30.09
C PHE C 138 -37.65 11.42 30.02
N GLY C 139 -37.16 10.36 30.67
CA GLY C 139 -35.76 9.95 30.59
C GLY C 139 -35.73 8.58 29.92
N ALA C 140 -34.90 8.43 28.90
CA ALA C 140 -34.90 7.18 28.12
C ALA C 140 -33.52 6.54 28.02
N GLU C 141 -33.50 5.22 27.91
CA GLU C 141 -32.24 4.48 27.74
C GLU C 141 -32.33 3.63 26.47
N ALA C 142 -31.90 4.20 25.35
CA ALA C 142 -31.92 3.49 24.08
C ALA C 142 -30.62 2.71 23.90
N GLU C 143 -30.70 1.41 24.20
CA GLU C 143 -29.59 0.49 24.02
C GLU C 143 -29.46 0.13 22.54
N PHE C 144 -28.26 -0.27 22.12
CA PHE C 144 -27.99 -0.60 20.73
C PHE C 144 -26.84 -1.60 20.60
N TYR C 145 -26.68 -2.18 19.42
CA TYR C 145 -25.57 -3.08 19.11
C TYR C 145 -24.63 -2.44 18.11
N ILE C 146 -23.33 -2.51 18.40
CA ILE C 146 -22.31 -2.05 17.46
C ILE C 146 -21.78 -3.26 16.70
N PHE C 147 -22.38 -3.56 15.55
CA PHE C 147 -21.97 -4.69 14.71
C PHE C 147 -20.91 -4.29 13.68
N ASP C 148 -20.33 -5.30 13.02
CA ASP C 148 -19.35 -5.11 11.94
C ASP C 148 -20.02 -5.22 10.57
N SER C 149 -21.03 -6.09 10.47
CA SER C 149 -21.67 -6.39 9.20
C SER C 149 -23.07 -6.98 9.40
N VAL C 150 -23.87 -6.87 8.34
CA VAL C 150 -25.19 -7.51 8.28
C VAL C 150 -25.55 -7.80 6.83
N SER C 151 -26.17 -8.97 6.60
CA SER C 151 -26.77 -9.29 5.30
C SER C 151 -27.96 -10.23 5.51
N PHE C 152 -28.89 -10.18 4.57
CA PHE C 152 -30.16 -10.90 4.66
C PHE C 152 -30.84 -10.87 3.30
N ASP C 153 -31.64 -11.89 3.01
CA ASP C 153 -32.52 -11.84 1.85
C ASP C 153 -33.76 -12.71 2.02
N SER C 154 -34.63 -12.69 1.00
CA SER C 154 -35.87 -13.44 1.01
C SER C 154 -36.23 -13.82 -0.42
N ARG C 155 -36.15 -15.11 -0.74
CA ARG C 155 -36.41 -15.61 -2.08
C ARG C 155 -37.48 -16.72 -2.07
N ALA C 156 -37.86 -17.21 -3.24
CA ALA C 156 -38.86 -18.26 -3.36
C ALA C 156 -38.44 -19.54 -2.66
N ASN C 157 -37.15 -19.89 -2.79
CA ASN C 157 -36.65 -21.19 -2.34
C ASN C 157 -35.70 -21.11 -1.14
N GLY C 158 -35.54 -19.92 -0.56
CA GLY C 158 -34.66 -19.73 0.59
C GLY C 158 -34.66 -18.33 1.16
N SER C 159 -34.18 -18.21 2.40
CA SER C 159 -34.08 -16.93 3.10
C SER C 159 -33.01 -17.03 4.18
N PHE C 160 -32.35 -15.91 4.50
CA PHE C 160 -31.29 -15.91 5.52
C PHE C 160 -31.10 -14.54 6.15
N TYR C 161 -30.51 -14.51 7.34
CA TYR C 161 -29.89 -13.31 7.87
C TYR C 161 -28.62 -13.70 8.63
N GLU C 162 -27.73 -12.74 8.77
CA GLU C 162 -26.54 -12.90 9.57
C GLU C 162 -26.03 -11.54 9.98
N VAL C 163 -25.86 -11.35 11.27
CA VAL C 163 -25.13 -10.21 11.83
C VAL C 163 -23.78 -10.73 12.31
N ASP C 164 -22.77 -9.86 12.32
CA ASP C 164 -21.45 -10.27 12.81
C ASP C 164 -20.72 -9.13 13.51
N ALA C 165 -19.80 -9.51 14.39
CA ALA C 165 -19.05 -8.58 15.21
C ALA C 165 -17.80 -9.28 15.70
N ILE C 166 -16.68 -8.57 15.70
CA ILE C 166 -15.41 -9.14 16.17
C ILE C 166 -15.52 -9.72 17.59
N SER C 167 -16.31 -9.07 18.46
CA SER C 167 -16.43 -9.47 19.86
C SER C 167 -17.48 -10.56 20.13
N GLY C 168 -18.13 -11.03 19.06
CA GLY C 168 -19.15 -12.07 19.17
C GLY C 168 -18.58 -13.40 19.63
N TRP C 169 -19.21 -14.00 20.64
CA TRP C 169 -18.72 -15.27 21.17
C TRP C 169 -18.72 -16.39 20.13
N TRP C 170 -19.59 -16.26 19.13
CA TRP C 170 -19.67 -17.24 18.03
C TRP C 170 -18.39 -17.24 17.16
N ASN C 171 -17.51 -16.27 17.40
CA ASN C 171 -16.22 -16.19 16.69
C ASN C 171 -14.98 -16.69 17.47
N THR C 172 -15.16 -17.26 18.66
CA THR C 172 -13.98 -17.65 19.46
C THR C 172 -13.08 -18.65 18.73
N GLY C 173 -13.68 -19.48 17.88
CA GLY C 173 -12.94 -20.51 17.14
C GLY C 173 -12.44 -20.10 15.77
N ALA C 174 -12.63 -18.83 15.40
CA ALA C 174 -12.23 -18.34 14.07
C ALA C 174 -10.72 -18.38 13.90
N ALA C 175 -10.27 -18.88 12.75
CA ALA C 175 -8.84 -18.94 12.43
C ALA C 175 -8.22 -17.55 12.31
N THR C 176 -8.95 -16.63 11.69
CA THR C 176 -8.51 -15.25 11.54
C THR C 176 -9.72 -14.32 11.65
N GLU C 177 -9.44 -13.02 11.78
CA GLU C 177 -10.47 -12.00 11.72
C GLU C 177 -10.87 -11.78 10.26
N ALA C 178 -11.93 -11.02 10.04
CA ALA C 178 -12.47 -10.81 8.68
C ALA C 178 -11.46 -10.22 7.69
N ASP C 179 -10.57 -9.36 8.19
CA ASP C 179 -9.52 -8.76 7.36
C ASP C 179 -8.28 -9.65 7.20
N GLY C 180 -8.31 -10.85 7.80
CA GLY C 180 -7.19 -11.78 7.70
C GLY C 180 -6.18 -11.71 8.84
N SER C 181 -6.33 -10.72 9.73
CA SER C 181 -5.49 -10.59 10.92
C SER C 181 -5.83 -11.66 12.00
N PRO C 182 -4.89 -11.90 12.95
CA PRO C 182 -5.05 -12.99 13.92
C PRO C 182 -6.22 -12.83 14.89
N ASN C 183 -6.79 -13.96 15.30
CA ASN C 183 -7.76 -14.00 16.39
C ASN C 183 -6.98 -13.77 17.68
N ARG C 184 -7.27 -12.70 18.39
CA ARG C 184 -6.52 -12.35 19.61
C ARG C 184 -7.29 -12.61 20.91
N GLY C 185 -8.41 -13.34 20.82
CA GLY C 185 -9.23 -13.64 21.99
C GLY C 185 -9.95 -12.42 22.56
N TYR C 186 -10.25 -12.48 23.85
CA TYR C 186 -10.95 -11.40 24.58
C TYR C 186 -12.34 -11.05 24.02
N LYS C 187 -13.00 -12.04 23.45
CA LYS C 187 -14.36 -11.86 22.93
C LYS C 187 -15.36 -11.92 24.10
N VAL C 188 -16.55 -11.40 23.88
CA VAL C 188 -17.54 -11.26 24.94
C VAL C 188 -18.44 -12.49 25.01
N ARG C 189 -18.53 -13.10 26.19
CA ARG C 189 -19.42 -14.24 26.43
C ARG C 189 -20.88 -13.79 26.34
N HIS C 190 -21.76 -14.69 25.93
CA HIS C 190 -23.19 -14.37 25.88
C HIS C 190 -23.65 -13.99 27.27
N LYS C 191 -24.44 -12.91 27.36
CA LYS C 191 -24.87 -12.34 28.64
C LYS C 191 -23.70 -11.83 29.52
N GLY C 192 -22.51 -11.68 28.92
CA GLY C 192 -21.30 -11.33 29.70
C GLY C 192 -20.63 -10.00 29.39
N GLY C 193 -21.35 -9.09 28.73
CA GLY C 193 -20.76 -7.82 28.30
C GLY C 193 -20.84 -6.67 29.29
N TYR C 194 -21.60 -6.86 30.36
CA TYR C 194 -21.84 -5.83 31.36
C TYR C 194 -21.06 -6.13 32.64
N PHE C 195 -19.93 -5.46 32.89
CA PHE C 195 -19.20 -4.64 31.91
C PHE C 195 -17.69 -4.63 32.21
N PRO C 196 -16.99 -5.73 31.86
CA PRO C 196 -15.54 -5.87 32.11
C PRO C 196 -14.71 -4.82 31.41
N VAL C 197 -13.53 -4.50 31.99
CA VAL C 197 -12.62 -3.51 31.39
C VAL C 197 -12.01 -4.01 30.08
N ALA C 198 -11.43 -3.10 29.31
CA ALA C 198 -10.69 -3.48 28.10
C ALA C 198 -9.52 -4.40 28.51
N PRO C 199 -9.11 -5.32 27.61
CA PRO C 199 -9.53 -5.47 26.20
C PRO C 199 -10.80 -6.28 25.94
N ASN C 200 -11.41 -6.85 26.98
CA ASN C 200 -12.76 -7.46 26.88
C ASN C 200 -13.78 -6.52 26.24
N ASP C 201 -13.78 -5.28 26.71
CA ASP C 201 -14.54 -4.21 26.13
C ASP C 201 -13.72 -3.67 24.95
N GLN C 202 -14.17 -3.98 23.74
CA GLN C 202 -13.43 -3.65 22.52
C GLN C 202 -13.92 -2.34 21.85
N TYR C 203 -14.83 -1.64 22.52
CA TYR C 203 -15.51 -0.48 21.95
C TYR C 203 -15.35 0.82 22.76
N VAL C 204 -14.37 0.86 23.65
CA VAL C 204 -14.15 2.02 24.54
C VAL C 204 -13.91 3.32 23.77
N ASP C 205 -12.94 3.31 22.85
CA ASP C 205 -12.63 4.48 22.03
C ASP C 205 -13.80 4.94 21.13
N LEU C 206 -14.50 3.99 20.53
CA LEU C 206 -15.65 4.32 19.69
C LEU C 206 -16.78 4.96 20.50
N ARG C 207 -17.09 4.40 21.67
CA ARG C 207 -18.11 4.97 22.55
C ARG C 207 -17.72 6.35 23.09
N ASP C 208 -16.42 6.60 23.29
CA ASP C 208 -15.91 7.94 23.63
C ASP C 208 -16.21 8.94 22.52
N LYS C 209 -16.07 8.51 21.27
CA LYS C 209 -16.38 9.35 20.10
C LYS C 209 -17.87 9.68 20.02
N MET C 210 -18.69 8.67 20.34
CA MET C 210 -20.14 8.87 20.43
C MET C 210 -20.51 9.88 21.50
N LEU C 211 -19.89 9.73 22.68
CA LEU C 211 -20.13 10.63 23.82
C LEU C 211 -19.72 12.06 23.51
N THR C 212 -18.60 12.23 22.81
CA THR C 212 -18.09 13.55 22.41
C THR C 212 -18.98 14.24 21.36
N ASN C 213 -19.41 13.48 20.34
CA ASN C 213 -20.33 13.99 19.33
C ASN C 213 -21.66 14.44 19.92
N LEU C 214 -22.12 13.72 20.94
CA LEU C 214 -23.34 14.08 21.66
C LEU C 214 -23.12 15.38 22.47
N ILE C 215 -22.01 15.46 23.18
CA ILE C 215 -21.67 16.65 23.96
C ILE C 215 -21.61 17.89 23.06
N ASN C 216 -20.93 17.75 21.93
CA ASN C 216 -20.82 18.84 20.95
C ASN C 216 -22.12 19.17 20.20
N SER C 217 -23.17 18.35 20.39
CA SER C 217 -24.50 18.65 19.86
C SER C 217 -25.47 19.14 20.94
N GLY C 218 -24.93 19.54 22.09
CA GLY C 218 -25.74 20.15 23.15
C GLY C 218 -26.44 19.18 24.09
N PHE C 219 -26.14 17.89 23.96
CA PHE C 219 -26.65 16.91 24.94
C PHE C 219 -25.91 17.10 26.26
N ILE C 220 -26.63 16.93 27.36
CA ILE C 220 -26.00 16.86 28.69
C ILE C 220 -25.86 15.39 29.04
N LEU C 221 -24.62 14.93 29.12
CA LEU C 221 -24.33 13.49 29.24
C LEU C 221 -24.25 13.01 30.68
N GLU C 222 -24.65 11.76 30.89
CA GLU C 222 -24.58 11.16 32.20
C GLU C 222 -23.65 9.94 32.26
N LYS C 223 -23.84 8.99 31.34
CA LYS C 223 -22.91 7.86 31.22
C LYS C 223 -22.95 7.09 29.91
N GLY C 224 -21.89 6.30 29.69
CA GLY C 224 -21.82 5.36 28.59
C GLY C 224 -21.16 4.09 29.07
N HIS C 225 -21.64 2.96 28.58
CA HIS C 225 -21.05 1.66 28.90
C HIS C 225 -21.42 0.56 27.89
N HIS C 226 -20.65 -0.52 27.92
CA HIS C 226 -20.98 -1.76 27.22
C HIS C 226 -22.19 -2.38 27.95
N GLU C 227 -23.09 -3.01 27.19
CA GLU C 227 -24.22 -3.70 27.78
C GLU C 227 -24.03 -5.20 27.80
N VAL C 228 -25.01 -5.91 28.35
CA VAL C 228 -24.96 -7.35 28.63
C VAL C 228 -24.63 -8.21 27.40
N GLY C 229 -25.18 -7.86 26.24
CA GLY C 229 -25.08 -8.69 25.05
C GLY C 229 -23.69 -8.78 24.43
N SER C 230 -23.34 -9.99 23.99
CA SER C 230 -22.13 -10.25 23.22
C SER C 230 -22.23 -9.55 21.86
N GLY C 231 -21.10 -9.33 21.21
CA GLY C 231 -21.10 -8.71 19.90
C GLY C 231 -21.39 -7.22 19.89
N GLY C 232 -20.97 -6.54 20.96
CA GLY C 232 -20.93 -5.08 20.99
C GLY C 232 -22.16 -4.31 21.44
N GLN C 233 -22.93 -4.85 22.38
CA GLN C 233 -24.09 -4.11 22.90
C GLN C 233 -23.58 -2.90 23.71
N ALA C 234 -24.33 -1.82 23.65
CA ALA C 234 -23.91 -0.55 24.26
C ALA C 234 -25.10 0.24 24.76
N GLU C 235 -24.82 1.24 25.61
CA GLU C 235 -25.84 2.15 26.12
C GLU C 235 -25.19 3.47 26.48
N ILE C 236 -25.85 4.56 26.09
CA ILE C 236 -25.44 5.89 26.51
C ILE C 236 -26.65 6.64 27.07
N ASN C 237 -26.44 7.31 28.21
CA ASN C 237 -27.48 8.06 28.90
C ASN C 237 -27.22 9.56 28.83
N TYR C 238 -28.25 10.31 28.47
CA TYR C 238 -28.23 11.77 28.50
C TYR C 238 -29.38 12.26 29.40
N GLN C 239 -29.27 13.49 29.89
CA GLN C 239 -30.27 14.08 30.78
C GLN C 239 -31.69 14.05 30.22
N PHE C 240 -32.64 13.76 31.10
CA PHE C 240 -34.07 13.76 30.76
C PHE C 240 -34.56 15.15 30.35
N ASN C 241 -35.76 15.23 29.82
CA ASN C 241 -36.39 16.51 29.48
C ASN C 241 -37.90 16.35 29.40
N SER C 242 -38.60 17.44 29.11
CA SER C 242 -40.05 17.40 28.91
C SER C 242 -40.38 16.66 27.61
N LEU C 243 -41.59 16.10 27.55
CA LEU C 243 -41.98 15.14 26.50
C LEU C 243 -41.45 15.43 25.09
N LEU C 244 -41.91 16.53 24.47
CA LEU C 244 -41.50 16.85 23.10
C LEU C 244 -39.98 16.95 22.94
N HIS C 245 -39.33 17.74 23.82
CA HIS C 245 -37.89 17.87 23.78
C HIS C 245 -37.20 16.52 23.87
N ALA C 246 -37.67 15.67 24.78
CA ALA C 246 -37.13 14.31 24.98
C ALA C 246 -37.26 13.43 23.73
N ALA C 247 -38.38 13.55 23.02
CA ALA C 247 -38.58 12.79 21.79
C ALA C 247 -37.69 13.31 20.67
N ASP C 248 -37.50 14.63 20.61
CA ASP C 248 -36.58 15.24 19.65
C ASP C 248 -35.14 14.78 19.97
N ASP C 249 -34.78 14.77 21.25
CA ASP C 249 -33.48 14.28 21.70
C ASP C 249 -33.22 12.84 21.27
N MET C 250 -34.22 11.98 21.45
CA MET C 250 -34.10 10.57 21.04
C MET C 250 -33.75 10.42 19.56
N GLN C 251 -34.50 11.11 18.69
CA GLN C 251 -34.29 11.03 17.25
C GLN C 251 -32.89 11.47 16.82
N LEU C 252 -32.40 12.55 17.41
CA LEU C 252 -31.07 13.06 17.14
C LEU C 252 -29.99 12.13 17.70
N TYR C 253 -30.22 11.61 18.90
CA TYR C 253 -29.33 10.64 19.52
C TYR C 253 -29.13 9.42 18.62
N LYS C 254 -30.22 8.86 18.10
CA LYS C 254 -30.13 7.70 17.19
C LYS C 254 -29.34 8.04 15.93
N TYR C 255 -29.55 9.25 15.39
CA TYR C 255 -28.79 9.73 14.24
C TYR C 255 -27.28 9.81 14.51
N ILE C 256 -26.92 10.35 15.68
CA ILE C 256 -25.51 10.53 16.07
C ILE C 256 -24.82 9.20 16.36
N ILE C 257 -25.54 8.30 17.02
CA ILE C 257 -25.01 6.96 17.28
C ILE C 257 -24.77 6.21 15.97
N LYS C 258 -25.78 6.14 15.11
CA LYS C 258 -25.68 5.43 13.83
C LYS C 258 -24.54 5.92 12.94
N ASN C 259 -24.39 7.24 12.87
CA ASN C 259 -23.42 7.87 11.98
C ASN C 259 -22.00 8.00 12.52
N THR C 260 -21.85 8.06 13.84
CA THR C 260 -20.51 7.95 14.45
C THR C 260 -19.96 6.56 14.14
N ALA C 261 -20.80 5.55 14.34
CA ALA C 261 -20.48 4.17 14.00
C ALA C 261 -20.10 4.02 12.53
N TRP C 262 -20.93 4.56 11.64
CA TRP C 262 -20.73 4.47 10.19
C TRP C 262 -19.38 5.05 9.77
N GLN C 263 -19.07 6.25 10.27
CA GLN C 263 -17.84 6.96 9.94
C GLN C 263 -16.60 6.25 10.44
N ASN C 264 -16.80 5.34 11.39
CA ASN C 264 -15.70 4.60 12.01
C ASN C 264 -15.73 3.09 11.68
N GLY C 265 -16.37 2.75 10.56
CA GLY C 265 -16.26 1.40 9.97
C GLY C 265 -17.18 0.36 10.57
N LYS C 266 -18.12 0.81 11.39
CA LYS C 266 -19.09 -0.08 12.03
C LYS C 266 -20.52 0.16 11.51
N THR C 267 -21.45 -0.64 12.03
CA THR C 267 -22.87 -0.54 11.69
C THR C 267 -23.71 -0.84 12.94
N VAL C 268 -24.62 0.09 13.27
CA VAL C 268 -25.41 -0.01 14.50
C VAL C 268 -26.86 -0.38 14.21
N THR C 269 -27.44 -1.21 15.07
CA THR C 269 -28.87 -1.45 15.03
C THR C 269 -29.55 -1.21 16.38
N PHE C 270 -30.74 -0.61 16.30
CA PHE C 270 -31.59 -0.41 17.47
C PHE C 270 -32.75 -1.42 17.50
N MET C 271 -32.71 -2.44 16.65
CA MET C 271 -33.78 -3.43 16.65
C MET C 271 -33.82 -4.16 17.99
N PRO C 272 -35.04 -4.50 18.47
CA PRO C 272 -35.28 -5.08 19.80
C PRO C 272 -34.53 -6.38 20.09
N LYS C 273 -34.45 -7.28 19.12
CA LYS C 273 -33.84 -8.60 19.36
C LYS C 273 -33.05 -9.13 18.14
N PRO C 274 -31.83 -8.60 17.91
CA PRO C 274 -31.02 -9.08 16.78
C PRO C 274 -30.29 -10.39 17.08
N LEU C 275 -30.11 -10.69 18.35
CA LEU C 275 -29.46 -11.94 18.73
C LEU C 275 -30.43 -12.86 19.45
N PHE C 276 -30.41 -14.12 19.04
CA PHE C 276 -31.17 -15.18 19.69
C PHE C 276 -30.31 -15.77 20.82
N GLY C 277 -30.88 -15.83 22.03
CA GLY C 277 -30.18 -16.39 23.16
C GLY C 277 -29.26 -15.41 23.87
N ASP C 278 -29.47 -14.11 23.65
CA ASP C 278 -28.73 -13.05 24.35
C ASP C 278 -29.66 -11.85 24.50
N ASN C 279 -29.26 -10.86 25.31
CA ASN C 279 -30.14 -9.72 25.62
C ASN C 279 -30.64 -8.95 24.39
N GLY C 280 -31.90 -8.55 24.46
CA GLY C 280 -32.46 -7.63 23.49
C GLY C 280 -32.09 -6.21 23.86
N SER C 281 -32.45 -5.26 23.01
CA SER C 281 -32.20 -3.84 23.26
C SER C 281 -33.52 -3.15 23.60
N GLY C 282 -33.59 -2.59 24.80
CA GLY C 282 -34.80 -1.92 25.26
C GLY C 282 -34.69 -0.40 25.21
N MET C 283 -35.81 0.26 25.45
CA MET C 283 -35.85 1.71 25.62
C MET C 283 -36.66 2.00 26.89
N HIS C 284 -36.07 1.73 28.05
CA HIS C 284 -36.72 2.03 29.32
C HIS C 284 -37.05 3.52 29.40
N CYS C 285 -38.26 3.84 29.86
CA CYS C 285 -38.68 5.23 29.99
C CYS C 285 -38.98 5.57 31.45
N HIS C 286 -38.05 6.30 32.07
CA HIS C 286 -38.28 6.91 33.38
C HIS C 286 -39.23 8.09 33.22
N GLN C 287 -40.23 8.17 34.08
CA GLN C 287 -41.31 9.17 33.96
C GLN C 287 -41.64 9.82 35.30
N SER C 288 -41.89 11.13 35.28
CA SER C 288 -42.39 11.87 36.44
C SER C 288 -43.24 13.06 36.03
N LEU C 289 -44.22 13.40 36.87
CA LEU C 289 -45.06 14.57 36.66
C LEU C 289 -44.73 15.66 37.67
N TRP C 290 -44.66 16.91 37.19
CA TRP C 290 -44.36 18.07 38.03
C TRP C 290 -45.41 19.16 37.84
N LYS C 291 -45.60 19.99 38.86
CA LYS C 291 -46.52 21.14 38.77
C LYS C 291 -46.02 22.32 39.59
N ASP C 292 -46.01 23.50 38.97
CA ASP C 292 -45.55 24.75 39.59
C ASP C 292 -44.14 24.59 40.16
N GLY C 293 -43.31 23.81 39.48
CA GLY C 293 -41.93 23.57 39.90
C GLY C 293 -41.76 22.62 41.08
N ALA C 294 -42.80 21.85 41.37
CA ALA C 294 -42.76 20.87 42.48
C ALA C 294 -43.08 19.45 41.99
N PRO C 295 -42.36 18.45 42.54
CA PRO C 295 -42.56 17.04 42.16
C PRO C 295 -43.83 16.42 42.75
N LEU C 296 -44.45 15.50 42.00
CA LEU C 296 -45.74 14.92 42.41
C LEU C 296 -45.69 13.42 42.70
N MET C 297 -44.54 12.79 42.45
CA MET C 297 -44.44 11.33 42.52
C MET C 297 -44.11 10.77 43.92
N TYR C 298 -43.76 11.64 44.86
CA TYR C 298 -43.23 11.20 46.16
C TYR C 298 -44.22 11.26 47.34
N ASP C 299 -44.29 10.14 48.06
CA ASP C 299 -44.94 10.07 49.38
C ASP C 299 -44.14 9.10 50.24
N GLU C 300 -43.53 9.64 51.29
CA GLU C 300 -42.74 8.90 52.26
C GLU C 300 -43.41 7.62 52.80
N THR C 301 -44.75 7.60 52.81
CA THR C 301 -45.52 6.51 53.43
C THR C 301 -46.02 5.44 52.45
N GLY C 302 -45.92 5.70 51.14
CA GLY C 302 -46.33 4.72 50.13
C GLY C 302 -45.28 3.63 49.90
N TYR C 303 -45.71 2.51 49.32
CA TYR C 303 -44.78 1.48 48.87
C TYR C 303 -43.79 2.10 47.89
N ALA C 304 -42.51 1.76 48.05
CA ALA C 304 -41.40 2.31 47.24
C ALA C 304 -41.38 3.84 47.21
N GLY C 305 -41.96 4.47 48.23
CA GLY C 305 -41.99 5.91 48.38
C GLY C 305 -42.84 6.64 47.35
N LEU C 306 -43.92 6.00 46.88
CA LEU C 306 -44.74 6.53 45.79
C LEU C 306 -46.03 7.18 46.28
N SER C 307 -46.32 8.38 45.77
CA SER C 307 -47.60 9.05 46.02
C SER C 307 -48.75 8.34 45.30
N ASP C 308 -49.98 8.80 45.59
CA ASP C 308 -51.19 8.29 44.94
C ASP C 308 -51.18 8.57 43.46
N THR C 309 -50.78 9.79 43.10
CA THR C 309 -50.69 10.21 41.70
C THR C 309 -49.79 9.28 40.90
N ALA C 310 -48.61 8.99 41.45
CA ALA C 310 -47.64 8.08 40.84
C ALA C 310 -48.19 6.66 40.71
N ARG C 311 -48.80 6.14 41.78
CA ARG C 311 -49.33 4.79 41.82
C ARG C 311 -50.47 4.61 40.81
N HIS C 312 -51.29 5.64 40.63
CA HIS C 312 -52.40 5.61 39.66
C HIS C 312 -51.90 5.73 38.21
N TYR C 313 -50.83 6.50 38.03
CA TYR C 313 -50.13 6.56 36.74
C TYR C 313 -49.65 5.15 36.34
N ILE C 314 -49.04 4.45 37.28
CA ILE C 314 -48.64 3.05 37.06
C ILE C 314 -49.85 2.18 36.76
N GLY C 315 -50.93 2.37 37.53
CA GLY C 315 -52.19 1.65 37.29
C GLY C 315 -52.68 1.80 35.87
N GLY C 316 -52.61 3.01 35.34
CA GLY C 316 -52.98 3.30 33.96
C GLY C 316 -52.09 2.61 32.93
N LEU C 317 -50.77 2.62 33.18
CA LEU C 317 -49.80 1.96 32.30
C LEU C 317 -50.04 0.46 32.22
N LEU C 318 -50.20 -0.18 33.38
CA LEU C 318 -50.37 -1.64 33.42
C LEU C 318 -51.76 -2.07 32.97
N HIS C 319 -52.77 -1.24 33.22
CA HIS C 319 -54.14 -1.51 32.75
C HIS C 319 -54.25 -1.37 31.23
N HIS C 320 -53.62 -0.34 30.67
CA HIS C 320 -53.72 -0.09 29.23
C HIS C 320 -52.69 -0.83 28.39
N ALA C 321 -51.73 -1.47 29.04
CA ALA C 321 -50.65 -2.20 28.35
C ALA C 321 -51.07 -3.02 27.11
N PRO C 322 -52.13 -3.86 27.21
CA PRO C 322 -52.53 -4.67 26.05
C PRO C 322 -52.73 -3.90 24.74
N SER C 323 -53.09 -2.62 24.82
CA SER C 323 -53.22 -1.78 23.61
C SER C 323 -52.08 -0.77 23.50
N LEU C 324 -51.61 -0.27 24.64
CA LEU C 324 -50.50 0.67 24.70
C LEU C 324 -49.25 0.15 23.97
N LEU C 325 -48.97 -1.15 24.09
CA LEU C 325 -47.77 -1.73 23.47
C LEU C 325 -47.75 -1.58 21.94
N ALA C 326 -48.91 -1.30 21.34
CA ALA C 326 -48.98 -1.05 19.90
C ALA C 326 -48.14 0.17 19.50
N PHE C 327 -47.95 1.10 20.45
CA PHE C 327 -47.12 2.28 20.21
C PHE C 327 -45.76 2.23 20.93
N THR C 328 -45.63 1.39 21.96
CA THR C 328 -44.37 1.31 22.72
C THR C 328 -43.49 0.14 22.28
N ASN C 329 -44.13 -0.92 21.77
CA ASN C 329 -43.45 -2.11 21.24
C ASN C 329 -44.05 -2.46 19.87
N PRO C 330 -43.79 -1.62 18.85
CA PRO C 330 -44.61 -1.56 17.63
C PRO C 330 -44.22 -2.47 16.47
N THR C 331 -43.26 -3.37 16.66
CA THR C 331 -42.77 -4.21 15.55
C THR C 331 -42.95 -5.70 15.85
N VAL C 332 -42.86 -6.53 14.82
CA VAL C 332 -42.93 -7.99 15.02
C VAL C 332 -41.72 -8.43 15.87
N ASN C 333 -40.54 -7.89 15.57
CA ASN C 333 -39.32 -8.19 16.34
C ASN C 333 -39.40 -7.82 17.85
N SER C 334 -40.23 -6.82 18.17
CA SER C 334 -40.45 -6.40 19.57
C SER C 334 -40.76 -7.58 20.48
N TYR C 335 -41.50 -8.56 19.95
CA TYR C 335 -42.05 -9.65 20.76
C TYR C 335 -41.11 -10.84 20.92
N LYS C 336 -39.98 -10.79 20.20
CA LYS C 336 -38.89 -11.72 20.42
C LYS C 336 -38.04 -11.32 21.63
N ARG C 337 -38.14 -10.04 22.02
CA ARG C 337 -37.47 -9.53 23.22
C ARG C 337 -38.27 -9.82 24.49
N LEU C 338 -39.59 -9.83 24.38
CA LEU C 338 -40.47 -10.06 25.52
C LEU C 338 -40.57 -11.56 25.86
N VAL C 339 -39.41 -12.13 26.19
CA VAL C 339 -39.27 -13.53 26.59
C VAL C 339 -38.45 -13.59 27.88
N PRO C 340 -38.63 -14.65 28.70
CA PRO C 340 -37.98 -14.63 30.02
C PRO C 340 -36.46 -14.83 29.97
N GLY C 341 -35.76 -14.16 30.88
CA GLY C 341 -34.34 -14.42 31.14
C GLY C 341 -33.36 -13.35 30.69
N TYR C 342 -33.87 -12.20 30.24
CA TYR C 342 -32.99 -11.19 29.61
C TYR C 342 -33.21 -9.75 30.09
N GLU C 343 -33.73 -9.62 31.31
CA GLU C 343 -34.01 -8.31 31.93
C GLU C 343 -35.06 -7.47 31.20
N ALA C 344 -35.93 -8.15 30.46
CA ALA C 344 -37.10 -7.53 29.84
C ALA C 344 -38.38 -8.12 30.45
N PRO C 345 -39.49 -7.36 30.45
CA PRO C 345 -40.76 -7.82 31.06
C PRO C 345 -41.38 -9.03 30.37
N ILE C 346 -42.01 -9.88 31.17
CA ILE C 346 -42.85 -10.98 30.64
C ILE C 346 -44.28 -10.95 31.21
N ASN C 347 -44.52 -10.02 32.13
CA ASN C 347 -45.85 -9.83 32.73
C ASN C 347 -46.04 -8.41 33.28
N LEU C 348 -47.27 -8.09 33.67
CA LEU C 348 -47.64 -6.72 34.02
C LEU C 348 -47.62 -6.45 35.53
N VAL C 349 -46.41 -6.42 36.11
CA VAL C 349 -46.27 -6.07 37.52
C VAL C 349 -45.31 -4.90 37.69
N TYR C 350 -45.51 -4.13 38.77
CA TYR C 350 -44.51 -3.15 39.20
C TYR C 350 -43.83 -3.61 40.47
N SER C 351 -42.56 -3.25 40.64
CA SER C 351 -41.78 -3.70 41.77
C SER C 351 -40.51 -2.86 41.88
N GLN C 352 -40.16 -2.48 43.11
CA GLN C 352 -38.95 -1.68 43.29
C GLN C 352 -37.71 -2.55 43.15
N ARG C 353 -36.63 -1.95 42.63
CA ARG C 353 -35.32 -2.60 42.49
C ARG C 353 -35.32 -3.81 41.52
N ASN C 354 -36.45 -4.06 40.85
CA ASN C 354 -36.69 -5.30 40.11
C ASN C 354 -36.55 -5.19 38.58
N ARG C 355 -35.43 -5.69 38.06
CA ARG C 355 -35.17 -5.67 36.63
C ARG C 355 -35.88 -6.77 35.84
N SER C 356 -36.62 -7.63 36.52
CA SER C 356 -37.48 -8.62 35.84
C SER C 356 -38.93 -8.14 35.67
N ALA C 357 -39.22 -6.94 36.19
CA ALA C 357 -40.58 -6.40 36.24
C ALA C 357 -40.93 -5.47 35.09
N CYS C 358 -42.22 -5.21 34.90
CA CYS C 358 -42.72 -4.34 33.83
C CYS C 358 -42.48 -2.85 34.14
N VAL C 359 -42.72 -2.47 35.39
CA VAL C 359 -42.34 -1.17 35.92
C VAL C 359 -41.43 -1.39 37.13
N ARG C 360 -40.20 -0.91 37.05
CA ARG C 360 -39.28 -0.93 38.16
C ARG C 360 -39.26 0.45 38.80
N ILE C 361 -39.23 0.49 40.13
CA ILE C 361 -39.02 1.74 40.84
C ILE C 361 -37.54 1.77 41.26
N PRO C 362 -36.76 2.66 40.63
CA PRO C 362 -35.33 2.78 40.97
C PRO C 362 -35.15 3.22 42.43
N ILE C 363 -34.07 2.77 43.07
CA ILE C 363 -33.79 3.15 44.45
C ILE C 363 -33.11 4.52 44.46
N THR C 364 -33.86 5.54 44.89
CA THR C 364 -33.39 6.93 44.82
C THR C 364 -33.27 7.63 46.17
N GLY C 365 -33.73 6.96 47.23
CA GLY C 365 -33.65 7.53 48.57
C GLY C 365 -34.82 8.41 48.96
N SER C 366 -34.56 9.38 49.83
CA SER C 366 -35.62 10.21 50.41
C SER C 366 -35.84 11.56 49.69
N ASN C 367 -34.96 11.88 48.74
CA ASN C 367 -35.12 13.09 47.90
C ASN C 367 -36.37 12.99 47.02
N PRO C 368 -37.38 13.86 47.29
CA PRO C 368 -38.66 13.79 46.56
C PRO C 368 -38.54 14.07 45.07
N LYS C 369 -37.54 14.88 44.70
CA LYS C 369 -37.32 15.27 43.30
C LYS C 369 -36.91 14.09 42.42
N ALA C 370 -36.19 13.14 42.99
CA ALA C 370 -35.65 11.99 42.26
C ALA C 370 -36.65 10.87 42.04
N LYS C 371 -37.82 10.98 42.67
CA LYS C 371 -38.83 9.91 42.64
C LYS C 371 -39.44 9.77 41.26
N ARG C 372 -39.48 8.53 40.76
CA ARG C 372 -39.98 8.24 39.42
C ARG C 372 -40.22 6.75 39.22
N LEU C 373 -40.97 6.42 38.16
CA LEU C 373 -41.15 5.04 37.72
C LEU C 373 -40.34 4.78 36.44
N GLU C 374 -39.85 3.53 36.29
CA GLU C 374 -39.19 3.10 35.07
C GLU C 374 -40.07 2.11 34.34
N PHE C 375 -40.63 2.55 33.21
CA PHE C 375 -41.44 1.66 32.36
C PHE C 375 -40.48 0.90 31.43
N ARG C 376 -40.29 -0.38 31.73
CA ARG C 376 -39.23 -1.20 31.10
C ARG C 376 -39.68 -1.89 29.81
N SER C 377 -40.98 -1.86 29.53
CA SER C 377 -41.51 -2.54 28.35
C SER C 377 -41.09 -1.97 26.97
N PRO C 378 -41.07 -0.62 26.80
CA PRO C 378 -40.82 -0.05 25.46
C PRO C 378 -39.47 -0.42 24.83
N ASP C 379 -39.41 -0.38 23.49
CA ASP C 379 -38.15 -0.52 22.76
C ASP C 379 -37.98 0.61 21.75
N SER C 380 -36.85 0.61 21.02
CA SER C 380 -36.51 1.69 20.10
C SER C 380 -36.94 1.45 18.65
N SER C 381 -37.82 0.47 18.42
CA SER C 381 -38.16 0.07 17.05
C SER C 381 -39.28 0.86 16.39
N GLY C 382 -39.70 1.96 17.01
CA GLY C 382 -40.77 2.78 16.44
C GLY C 382 -40.58 4.28 16.54
N ASN C 383 -41.56 4.95 17.14
CA ASN C 383 -41.66 6.40 17.10
C ASN C 383 -41.71 6.99 18.51
N PRO C 384 -40.68 7.73 18.92
CA PRO C 384 -40.64 8.20 20.31
C PRO C 384 -41.69 9.28 20.60
N TYR C 385 -42.06 10.08 19.60
CA TYR C 385 -43.11 11.07 19.75
C TYR C 385 -44.42 10.38 20.11
N LEU C 386 -44.76 9.33 19.37
CA LEU C 386 -46.00 8.59 19.57
C LEU C 386 -45.94 7.75 20.84
N ALA C 387 -44.81 7.09 21.08
CA ALA C 387 -44.62 6.25 22.25
C ALA C 387 -44.71 7.03 23.57
N PHE C 388 -43.96 8.14 23.65
CA PHE C 388 -43.99 8.97 24.87
C PHE C 388 -45.40 9.50 25.11
N SER C 389 -46.04 9.98 24.04
CA SER C 389 -47.41 10.49 24.10
C SER C 389 -48.42 9.45 24.57
N ALA C 390 -48.38 8.26 23.98
CA ALA C 390 -49.29 7.17 24.37
C ALA C 390 -49.12 6.77 25.87
N MET C 391 -47.86 6.68 26.32
CA MET C 391 -47.56 6.39 27.74
C MET C 391 -48.19 7.43 28.65
N LEU C 392 -48.09 8.70 28.26
CA LEU C 392 -48.66 9.81 29.05
C LEU C 392 -50.18 9.70 29.12
N MET C 393 -50.82 9.47 27.97
CA MET C 393 -52.27 9.31 27.91
C MET C 393 -52.79 8.15 28.78
N ALA C 394 -52.04 7.05 28.82
CA ALA C 394 -52.39 5.90 29.67
C ALA C 394 -52.26 6.25 31.15
N GLY C 395 -51.16 6.94 31.48
CA GLY C 395 -50.91 7.35 32.86
C GLY C 395 -51.94 8.33 33.37
N LEU C 396 -52.34 9.27 32.51
CA LEU C 396 -53.34 10.29 32.85
C LEU C 396 -54.74 9.69 33.02
N ASP C 397 -55.09 8.72 32.18
CA ASP C 397 -56.35 7.99 32.34
C ASP C 397 -56.37 7.26 33.69
N GLY C 398 -55.20 6.76 34.11
CA GLY C 398 -55.05 6.06 35.39
C GLY C 398 -55.26 6.98 36.58
N ILE C 399 -54.70 8.18 36.52
CA ILE C 399 -54.87 9.20 37.56
C ILE C 399 -56.35 9.67 37.62
N LYS C 400 -56.91 9.97 36.45
CA LYS C 400 -58.28 10.49 36.35
C LYS C 400 -59.31 9.48 36.87
N ASN C 401 -59.15 8.21 36.51
CA ASN C 401 -60.05 7.14 36.97
C ASN C 401 -59.53 6.41 38.22
N LYS C 402 -58.50 6.95 38.85
CA LYS C 402 -57.87 6.36 40.05
C LYS C 402 -57.73 4.83 39.95
N ILE C 403 -57.13 4.36 38.85
CA ILE C 403 -56.95 2.92 38.61
C ILE C 403 -55.86 2.40 39.53
N GLU C 404 -56.20 1.41 40.34
CA GLU C 404 -55.26 0.82 41.29
C GLU C 404 -54.51 -0.34 40.64
N PRO C 405 -53.16 -0.29 40.66
CA PRO C 405 -52.40 -1.42 40.13
C PRO C 405 -52.49 -2.58 41.10
N GLN C 406 -52.40 -3.80 40.59
CA GLN C 406 -52.35 -4.96 41.48
C GLN C 406 -51.04 -4.95 42.29
N ALA C 407 -51.09 -5.57 43.46
CA ALA C 407 -49.97 -5.49 44.42
C ALA C 407 -48.61 -5.78 43.79
N PRO C 408 -47.58 -5.01 44.17
CA PRO C 408 -46.22 -5.26 43.71
C PRO C 408 -45.74 -6.67 44.05
N VAL C 409 -44.95 -7.26 43.17
CA VAL C 409 -44.40 -8.59 43.39
C VAL C 409 -42.88 -8.50 43.40
N ASP C 410 -42.30 -8.64 44.60
CA ASP C 410 -40.85 -8.46 44.80
C ASP C 410 -40.07 -9.77 44.72
N LYS C 411 -40.16 -10.42 43.57
CA LYS C 411 -39.44 -11.65 43.29
C LYS C 411 -38.91 -11.62 41.86
N ASP C 412 -38.04 -12.59 41.55
CA ASP C 412 -37.61 -12.86 40.18
C ASP C 412 -38.85 -13.38 39.43
N LEU C 413 -39.34 -12.59 38.50
CA LEU C 413 -40.62 -12.90 37.84
C LEU C 413 -40.52 -13.99 36.77
N TYR C 414 -39.29 -14.39 36.43
CA TYR C 414 -39.06 -15.47 35.48
C TYR C 414 -39.05 -16.82 36.19
N GLU C 415 -38.98 -16.79 37.53
CA GLU C 415 -38.81 -18.01 38.32
C GLU C 415 -40.01 -18.30 39.21
N LEU C 416 -41.16 -17.68 38.91
CA LEU C 416 -42.34 -17.82 39.75
C LEU C 416 -42.93 -19.23 39.65
N PRO C 417 -43.40 -19.79 40.79
CA PRO C 417 -44.06 -21.09 40.83
C PRO C 417 -45.24 -21.16 39.86
N PRO C 418 -45.51 -22.36 39.29
CA PRO C 418 -46.58 -22.54 38.29
C PRO C 418 -47.90 -21.83 38.61
N GLU C 419 -48.35 -21.95 39.85
CA GLU C 419 -49.63 -21.40 40.29
C GLU C 419 -49.63 -19.88 40.49
N GLU C 420 -48.54 -19.35 41.03
CA GLU C 420 -48.39 -17.90 41.24
C GLU C 420 -48.22 -17.17 39.91
N ALA C 421 -47.53 -17.81 38.97
CA ALA C 421 -47.24 -17.23 37.65
C ALA C 421 -48.50 -16.92 36.83
N ALA C 422 -49.44 -17.86 36.81
CA ALA C 422 -50.66 -17.75 36.02
C ALA C 422 -51.72 -16.85 36.66
N SER C 423 -51.42 -16.30 37.83
CA SER C 423 -52.33 -15.37 38.52
C SER C 423 -52.00 -13.91 38.18
N ILE C 424 -50.99 -13.72 37.35
CA ILE C 424 -50.55 -12.39 36.91
C ILE C 424 -50.75 -12.31 35.40
N PRO C 425 -51.37 -11.20 34.93
CA PRO C 425 -51.52 -10.95 33.51
C PRO C 425 -50.17 -10.92 32.80
N GLN C 426 -50.07 -11.66 31.70
CA GLN C 426 -48.86 -11.71 30.89
C GLN C 426 -48.79 -10.52 29.94
N THR C 427 -47.59 -10.24 29.45
CA THR C 427 -47.41 -9.34 28.31
C THR C 427 -47.94 -10.03 27.04
N PRO C 428 -48.40 -9.25 26.06
CA PRO C 428 -48.85 -9.80 24.79
C PRO C 428 -47.78 -10.64 24.09
N THR C 429 -48.23 -11.67 23.36
CA THR C 429 -47.36 -12.64 22.69
C THR C 429 -46.77 -12.11 21.38
N GLN C 430 -47.59 -11.39 20.62
CA GLN C 430 -47.26 -10.99 19.26
C GLN C 430 -47.94 -9.67 18.84
N LEU C 431 -47.39 -9.01 17.82
CA LEU C 431 -47.87 -7.70 17.38
C LEU C 431 -49.34 -7.68 16.95
N SER C 432 -49.79 -8.74 16.28
CA SER C 432 -51.17 -8.82 15.81
C SER C 432 -52.17 -8.72 16.95
N ASP C 433 -51.81 -9.27 18.12
CA ASP C 433 -52.63 -9.16 19.32
C ASP C 433 -52.79 -7.72 19.85
N VAL C 434 -51.70 -6.95 19.92
CA VAL C 434 -51.77 -5.57 20.44
C VAL C 434 -52.45 -4.63 19.46
N ILE C 435 -52.28 -4.89 18.16
CA ILE C 435 -52.95 -4.12 17.12
C ILE C 435 -54.46 -4.35 17.19
N ASP C 436 -54.86 -5.62 17.30
CA ASP C 436 -56.27 -5.99 17.48
C ASP C 436 -56.89 -5.30 18.68
N ARG C 437 -56.14 -5.29 19.78
CA ARG C 437 -56.60 -4.69 21.04
C ARG C 437 -56.68 -3.16 20.96
N LEU C 438 -55.73 -2.55 20.24
CA LEU C 438 -55.74 -1.11 19.98
C LEU C 438 -56.98 -0.72 19.19
N GLU C 439 -57.33 -1.56 18.21
CA GLU C 439 -58.50 -1.35 17.37
C GLU C 439 -59.79 -1.38 18.17
N ALA C 440 -59.86 -2.31 19.12
CA ALA C 440 -61.05 -2.51 19.95
C ALA C 440 -61.19 -1.46 21.05
N ASP C 441 -60.08 -1.00 21.59
CA ASP C 441 -60.11 -0.08 22.73
C ASP C 441 -58.98 0.95 22.70
N HIS C 442 -59.31 2.16 22.28
CA HIS C 442 -58.31 3.21 22.19
C HIS C 442 -58.81 4.59 22.67
N GLU C 443 -59.85 4.59 23.50
CA GLU C 443 -60.51 5.84 23.90
C GLU C 443 -59.61 6.73 24.73
N TYR C 444 -58.76 6.13 25.56
CA TYR C 444 -57.84 6.89 26.42
C TYR C 444 -56.87 7.73 25.60
N LEU C 445 -56.56 7.26 24.39
CA LEU C 445 -55.66 7.95 23.47
C LEU C 445 -56.31 9.13 22.75
N THR C 446 -57.61 9.01 22.46
CA THR C 446 -58.34 10.05 21.76
C THR C 446 -58.85 11.19 22.66
N GLU C 447 -58.61 11.09 23.97
CA GLU C 447 -58.97 12.16 24.90
C GLU C 447 -58.31 13.47 24.49
N GLY C 448 -59.10 14.54 24.47
CA GLY C 448 -58.60 15.87 24.11
C GLY C 448 -58.14 15.99 22.66
N GLY C 449 -58.40 14.95 21.86
CA GLY C 449 -57.96 14.89 20.48
C GLY C 449 -56.46 14.75 20.28
N VAL C 450 -55.75 14.27 21.30
CA VAL C 450 -54.29 14.06 21.24
C VAL C 450 -53.95 13.06 20.13
N PHE C 451 -54.56 11.88 20.19
CA PHE C 451 -54.60 10.99 19.04
C PHE C 451 -55.97 11.13 18.40
N THR C 452 -56.02 11.08 17.08
CA THR C 452 -57.29 11.09 16.35
C THR C 452 -57.51 9.74 15.70
N ASN C 453 -58.74 9.47 15.27
CA ASN C 453 -59.10 8.18 14.70
C ASN C 453 -58.36 7.86 13.40
N ASP C 454 -58.12 8.88 12.57
CA ASP C 454 -57.39 8.70 11.33
C ASP C 454 -55.95 8.24 11.58
N LEU C 455 -55.33 8.73 12.65
CA LEU C 455 -53.98 8.31 13.02
C LEU C 455 -53.99 6.83 13.45
N ILE C 456 -54.90 6.50 14.35
CA ILE C 456 -54.99 5.16 14.90
C ILE C 456 -55.30 4.16 13.80
N GLU C 457 -56.25 4.51 12.93
CA GLU C 457 -56.63 3.63 11.80
C GLU C 457 -55.52 3.46 10.78
N THR C 458 -54.73 4.52 10.56
CA THR C 458 -53.60 4.46 9.64
C THR C 458 -52.50 3.57 10.19
N TRP C 459 -52.23 3.72 11.49
CA TRP C 459 -51.26 2.89 12.20
C TRP C 459 -51.61 1.41 12.13
N ILE C 460 -52.85 1.08 12.48
CA ILE C 460 -53.33 -0.31 12.46
C ILE C 460 -53.18 -0.93 11.07
N SER C 461 -53.62 -0.18 10.07
CA SER C 461 -53.55 -0.59 8.67
C SER C 461 -52.10 -0.81 8.20
N PHE C 462 -51.22 0.13 8.52
CA PHE C 462 -49.80 0.04 8.16
C PHE C 462 -49.15 -1.23 8.72
N LYS C 463 -49.38 -1.51 10.00
CA LYS C 463 -48.73 -2.63 10.68
C LYS C 463 -49.19 -3.97 10.11
N ARG C 464 -50.49 -4.07 9.84
CA ARG C 464 -51.09 -5.29 9.28
C ARG C 464 -50.58 -5.58 7.87
N GLU C 465 -50.60 -4.57 7.01
CA GLU C 465 -50.27 -4.75 5.59
C GLU C 465 -48.78 -4.81 5.29
N ASN C 466 -47.99 -4.04 6.04
CA ASN C 466 -46.56 -3.91 5.79
C ASN C 466 -45.65 -4.72 6.71
N GLU C 467 -46.18 -5.23 7.83
CA GLU C 467 -45.35 -5.94 8.80
C GLU C 467 -45.87 -7.32 9.19
N ILE C 468 -47.08 -7.36 9.74
CA ILE C 468 -47.67 -8.59 10.26
C ILE C 468 -47.86 -9.63 9.15
N GLU C 469 -48.55 -9.22 8.08
CA GLU C 469 -48.84 -10.12 6.97
C GLU C 469 -47.58 -10.60 6.21
N PRO C 470 -46.68 -9.68 5.80
CA PRO C 470 -45.44 -10.09 5.13
C PRO C 470 -44.59 -11.15 5.88
N VAL C 471 -44.56 -11.08 7.22
CA VAL C 471 -43.84 -12.07 8.03
C VAL C 471 -44.62 -13.38 8.11
N ASN C 472 -45.94 -13.29 8.22
CA ASN C 472 -46.82 -14.47 8.34
C ASN C 472 -46.82 -15.40 7.13
N ILE C 473 -46.66 -14.83 5.95
CA ILE C 473 -46.73 -15.63 4.72
C ILE C 473 -45.40 -16.27 4.36
N ARG C 474 -44.32 -15.78 4.97
CA ARG C 474 -42.97 -16.26 4.68
C ARG C 474 -42.54 -17.38 5.64
N PRO C 475 -42.30 -18.60 5.10
CA PRO C 475 -41.71 -19.68 5.91
C PRO C 475 -40.45 -19.27 6.68
N HIS C 476 -40.38 -19.70 7.94
CA HIS C 476 -39.29 -19.42 8.87
C HIS C 476 -38.27 -20.55 8.70
N PRO C 477 -36.95 -20.23 8.68
CA PRO C 477 -35.91 -21.25 8.61
C PRO C 477 -36.08 -22.40 9.60
N TYR C 478 -36.53 -22.11 10.82
CA TYR C 478 -36.69 -23.15 11.83
C TYR C 478 -37.80 -24.16 11.52
N GLU C 479 -38.75 -23.77 10.68
CA GLU C 479 -39.77 -24.69 10.17
C GLU C 479 -39.15 -25.80 9.33
N PHE C 480 -38.00 -25.53 8.73
CA PHE C 480 -37.29 -26.54 7.95
C PHE C 480 -36.53 -27.52 8.85
N ALA C 481 -35.97 -26.99 9.93
CA ALA C 481 -35.40 -27.81 11.00
C ALA C 481 -36.44 -28.75 11.63
N LEU C 482 -37.63 -28.21 11.87
CA LEU C 482 -38.71 -28.97 12.48
C LEU C 482 -39.42 -29.93 11.52
N TYR C 483 -39.62 -29.51 10.26
CA TYR C 483 -40.61 -30.17 9.41
C TYR C 483 -40.18 -30.73 8.05
N TYR C 484 -38.92 -30.57 7.65
CA TYR C 484 -38.54 -31.04 6.31
C TYR C 484 -38.87 -32.53 6.12
N ASP C 485 -38.64 -33.31 7.17
CA ASP C 485 -38.78 -34.77 7.11
C ASP C 485 -40.13 -35.32 7.61
N VAL C 486 -41.18 -34.49 7.63
CA VAL C 486 -42.50 -34.93 8.11
C VAL C 486 -43.08 -36.09 7.30
N GLU D 11 -26.95 40.13 -20.25
CA GLU D 11 -26.48 41.25 -21.13
C GLU D 11 -24.94 41.34 -21.17
N LYS D 12 -24.26 40.22 -20.93
CA LYS D 12 -22.80 40.19 -20.97
C LYS D 12 -22.29 40.53 -22.38
N THR D 13 -21.13 41.19 -22.43
CA THR D 13 -20.53 41.65 -23.68
C THR D 13 -19.24 40.86 -23.96
N PRO D 14 -18.76 40.87 -25.22
CA PRO D 14 -17.44 40.29 -25.52
C PRO D 14 -16.32 40.73 -24.56
N ASP D 15 -16.26 42.02 -24.24
CA ASP D 15 -15.22 42.57 -23.36
C ASP D 15 -15.35 42.11 -21.90
N ASP D 16 -16.58 41.86 -21.46
CA ASP D 16 -16.84 41.26 -20.14
C ASP D 16 -16.19 39.89 -20.03
N VAL D 17 -16.28 39.11 -21.10
CA VAL D 17 -15.73 37.75 -21.16
C VAL D 17 -14.20 37.76 -21.21
N PHE D 18 -13.63 38.66 -22.02
CA PHE D 18 -12.17 38.85 -22.05
C PHE D 18 -11.61 39.22 -20.68
N LYS D 19 -12.33 40.08 -19.96
CA LYS D 19 -11.92 40.50 -18.63
C LYS D 19 -11.98 39.33 -17.63
N LEU D 20 -13.05 38.54 -17.71
CA LEU D 20 -13.20 37.32 -16.90
C LEU D 20 -12.05 36.34 -17.13
N ALA D 21 -11.69 36.15 -18.39
CA ALA D 21 -10.60 35.26 -18.80
C ALA D 21 -9.25 35.71 -18.24
N LYS D 22 -9.00 37.01 -18.32
CA LYS D 22 -7.77 37.62 -17.79
C LYS D 22 -7.70 37.55 -16.26
N ASP D 23 -8.78 37.96 -15.59
CA ASP D 23 -8.85 37.97 -14.13
C ASP D 23 -8.69 36.57 -13.52
N GLU D 24 -9.29 35.58 -14.16
CA GLU D 24 -9.24 34.18 -13.69
C GLU D 24 -7.96 33.45 -14.11
N LYS D 25 -7.12 34.11 -14.91
CA LYS D 25 -5.88 33.54 -15.44
C LYS D 25 -6.14 32.22 -16.17
N VAL D 26 -7.09 32.28 -17.10
CA VAL D 26 -7.54 31.14 -17.88
C VAL D 26 -6.44 30.66 -18.85
N GLU D 27 -6.21 29.36 -18.87
CA GLU D 27 -5.24 28.74 -19.77
C GLU D 27 -5.89 28.30 -21.08
N TYR D 28 -7.12 27.81 -21.01
CA TYR D 28 -7.84 27.28 -22.17
C TYR D 28 -9.27 27.77 -22.25
N VAL D 29 -9.81 27.81 -23.46
CA VAL D 29 -11.22 28.09 -23.67
C VAL D 29 -11.86 26.88 -24.36
N ASP D 30 -12.92 26.36 -23.75
CA ASP D 30 -13.69 25.24 -24.29
C ASP D 30 -14.91 25.75 -25.06
N VAL D 31 -14.87 25.55 -26.38
CA VAL D 31 -15.90 25.97 -27.31
C VAL D 31 -16.97 24.88 -27.39
N ARG D 32 -18.20 25.21 -26.97
CA ARG D 32 -19.29 24.23 -26.88
C ARG D 32 -20.52 24.57 -27.72
N PHE D 33 -21.17 23.54 -28.23
CA PHE D 33 -22.43 23.67 -28.96
C PHE D 33 -23.24 22.37 -28.85
N CYS D 34 -24.52 22.45 -29.21
CA CYS D 34 -25.44 21.34 -29.02
C CYS D 34 -25.69 20.57 -30.32
N ASP D 35 -25.57 19.24 -30.27
CA ASP D 35 -26.00 18.41 -31.40
C ASP D 35 -27.53 18.25 -31.38
N LEU D 36 -28.10 17.65 -32.43
CA LEU D 36 -29.56 17.58 -32.52
C LEU D 36 -30.21 16.71 -31.44
N PRO D 37 -29.73 15.45 -31.22
CA PRO D 37 -30.33 14.64 -30.15
C PRO D 37 -30.29 15.26 -28.75
N GLY D 38 -29.23 16.02 -28.45
CA GLY D 38 -29.16 16.77 -27.19
C GLY D 38 -27.92 16.67 -26.31
N ILE D 39 -26.82 16.18 -26.89
CA ILE D 39 -25.51 16.08 -26.21
C ILE D 39 -24.63 17.27 -26.59
N MET D 40 -23.98 17.89 -25.60
CA MET D 40 -23.07 19.00 -25.88
C MET D 40 -21.74 18.50 -26.47
N GLN D 41 -21.24 19.27 -27.44
CA GLN D 41 -20.02 18.97 -28.21
C GLN D 41 -19.00 20.04 -27.87
N HIS D 42 -17.70 19.69 -27.92
CA HIS D 42 -16.65 20.64 -27.54
C HIS D 42 -15.29 20.41 -28.22
N PHE D 43 -14.55 21.51 -28.38
CA PHE D 43 -13.12 21.46 -28.62
C PHE D 43 -12.46 22.60 -27.86
N THR D 44 -11.14 22.51 -27.69
CA THR D 44 -10.43 23.46 -26.84
C THR D 44 -9.47 24.33 -27.65
N ILE D 45 -9.45 25.63 -27.38
CA ILE D 45 -8.44 26.54 -27.92
C ILE D 45 -7.63 27.13 -26.77
N PRO D 46 -6.35 27.47 -27.00
CA PRO D 46 -5.58 28.09 -25.93
C PRO D 46 -6.05 29.52 -25.69
N ALA D 47 -5.81 30.04 -24.50
CA ALA D 47 -6.17 31.41 -24.15
C ALA D 47 -5.62 32.43 -25.15
N SER D 48 -4.39 32.18 -25.63
CA SER D 48 -3.74 33.05 -26.63
C SER D 48 -4.51 33.16 -27.95
N ALA D 49 -5.30 32.14 -28.27
CA ALA D 49 -6.09 32.11 -29.49
C ALA D 49 -7.52 32.63 -29.28
N PHE D 50 -7.85 33.04 -28.06
CA PHE D 50 -9.16 33.60 -27.76
C PHE D 50 -9.11 35.12 -27.86
N ASP D 51 -9.49 35.63 -29.04
CA ASP D 51 -9.39 37.05 -29.36
C ASP D 51 -10.68 37.56 -30.02
N LYS D 52 -10.67 38.82 -30.46
CA LYS D 52 -11.82 39.44 -31.11
C LYS D 52 -12.25 38.74 -32.39
N SER D 53 -11.31 38.08 -33.05
CA SER D 53 -11.57 37.33 -34.27
C SER D 53 -12.55 36.18 -34.03
N VAL D 54 -12.51 35.59 -32.83
CA VAL D 54 -13.46 34.54 -32.43
C VAL D 54 -14.90 35.09 -32.45
N PHE D 55 -15.06 36.33 -31.99
CA PHE D 55 -16.35 37.02 -32.03
C PHE D 55 -16.72 37.55 -33.43
N ASP D 56 -15.73 38.02 -34.17
CA ASP D 56 -15.96 38.63 -35.50
C ASP D 56 -16.13 37.62 -36.63
N ASP D 57 -15.22 36.65 -36.69
CA ASP D 57 -15.20 35.66 -37.77
C ASP D 57 -15.73 34.29 -37.36
N GLY D 58 -15.58 33.94 -36.10
CA GLY D 58 -16.05 32.65 -35.59
C GLY D 58 -15.02 31.56 -35.76
N LEU D 59 -15.44 30.32 -35.49
CA LEU D 59 -14.59 29.14 -35.57
C LEU D 59 -15.27 28.02 -36.35
N ALA D 60 -14.49 27.15 -36.98
CA ALA D 60 -15.03 26.12 -37.86
C ALA D 60 -15.05 24.74 -37.21
N PHE D 61 -15.89 23.85 -37.72
CA PHE D 61 -15.92 22.44 -37.28
C PHE D 61 -16.48 21.56 -38.40
N ASP D 62 -16.44 20.25 -38.19
CA ASP D 62 -16.92 19.27 -39.17
C ASP D 62 -18.37 18.91 -38.87
N GLY D 63 -19.29 19.53 -39.63
CA GLY D 63 -20.71 19.33 -39.44
C GLY D 63 -21.18 17.91 -39.77
N SER D 64 -20.38 17.15 -40.53
CA SER D 64 -20.76 15.78 -40.93
C SER D 64 -20.54 14.74 -39.83
N SER D 65 -19.73 15.09 -38.82
CA SER D 65 -19.48 14.20 -37.69
C SER D 65 -20.45 14.44 -36.54
N ILE D 66 -21.32 15.44 -36.70
CA ILE D 66 -22.29 15.80 -35.66
C ILE D 66 -23.69 15.33 -36.07
N ARG D 67 -24.38 14.68 -35.15
CA ARG D 67 -25.66 14.04 -35.46
C ARG D 67 -26.77 15.05 -35.76
N GLY D 68 -27.53 14.76 -36.81
CA GLY D 68 -28.59 15.64 -37.26
C GLY D 68 -28.12 16.88 -38.00
N PHE D 69 -26.82 16.99 -38.27
CA PHE D 69 -26.26 18.17 -38.93
C PHE D 69 -26.06 17.96 -40.44
N GLN D 70 -24.81 18.01 -40.91
CA GLN D 70 -24.53 18.08 -42.36
C GLN D 70 -24.16 16.73 -42.96
N SER D 71 -24.19 16.66 -44.28
CA SER D 71 -23.62 15.53 -45.02
C SER D 71 -22.13 15.82 -45.30
N ILE D 72 -21.40 14.77 -45.70
CA ILE D 72 -19.94 14.84 -45.79
C ILE D 72 -19.42 15.85 -46.83
N HIS D 73 -20.17 16.04 -47.91
CA HIS D 73 -19.77 16.95 -48.99
C HIS D 73 -20.14 18.40 -48.70
N GLU D 74 -20.96 18.61 -47.69
CA GLU D 74 -21.32 19.95 -47.22
C GLU D 74 -20.92 20.13 -45.75
N SER D 75 -19.76 19.60 -45.39
CA SER D 75 -19.36 19.43 -43.99
C SER D 75 -19.09 20.72 -43.20
N ASP D 76 -18.21 21.59 -43.72
CA ASP D 76 -17.80 22.81 -42.99
C ASP D 76 -19.00 23.56 -42.43
N MET D 77 -18.94 23.87 -41.13
CA MET D 77 -19.91 24.76 -40.49
C MET D 77 -19.19 25.79 -39.63
N LEU D 78 -19.91 26.82 -39.20
CA LEU D 78 -19.33 27.93 -38.44
C LEU D 78 -19.97 28.06 -37.04
N LEU D 79 -19.21 28.62 -36.10
CA LEU D 79 -19.67 28.87 -34.73
C LEU D 79 -19.42 30.31 -34.30
N LEU D 80 -20.40 30.90 -33.64
CA LEU D 80 -20.29 32.25 -33.10
C LEU D 80 -20.64 32.26 -31.61
N PRO D 81 -19.78 32.88 -30.77
CA PRO D 81 -19.92 32.82 -29.30
C PRO D 81 -21.18 33.50 -28.74
N ASP D 82 -21.65 32.98 -27.60
CA ASP D 82 -22.71 33.60 -26.81
C ASP D 82 -22.11 33.98 -25.44
N PRO D 83 -21.71 35.26 -25.28
CA PRO D 83 -21.06 35.76 -24.05
C PRO D 83 -21.85 35.58 -22.74
N GLU D 84 -23.17 35.44 -22.83
CA GLU D 84 -24.02 35.14 -21.68
C GLU D 84 -23.69 33.80 -21.00
N THR D 85 -23.08 32.88 -21.75
CA THR D 85 -22.89 31.50 -21.29
C THR D 85 -21.48 31.19 -20.78
N ALA D 86 -20.65 32.21 -20.61
CA ALA D 86 -19.28 32.02 -20.18
C ALA D 86 -19.19 31.68 -18.70
N ARG D 87 -18.59 30.52 -18.39
CA ARG D 87 -18.42 30.05 -17.00
C ARG D 87 -17.07 29.34 -16.85
N ILE D 88 -16.48 29.43 -15.67
CA ILE D 88 -15.26 28.71 -15.35
C ILE D 88 -15.58 27.23 -15.10
N ASP D 89 -14.81 26.35 -15.73
CA ASP D 89 -14.97 24.90 -15.55
C ASP D 89 -14.47 24.48 -14.17
N PRO D 90 -15.32 23.75 -13.41
CA PRO D 90 -14.92 23.33 -12.05
C PRO D 90 -13.98 22.12 -11.98
N PHE D 91 -13.76 21.43 -13.10
CA PHE D 91 -13.11 20.12 -13.10
C PHE D 91 -11.69 20.07 -13.62
N ARG D 92 -11.38 20.84 -14.66
CA ARG D 92 -10.10 20.77 -15.33
C ARG D 92 -8.96 21.40 -14.52
N ALA D 93 -7.87 20.64 -14.35
CA ALA D 93 -6.68 21.06 -13.61
C ALA D 93 -6.06 22.32 -14.23
N ALA D 94 -6.07 22.38 -15.57
CA ALA D 94 -5.67 23.59 -16.28
C ALA D 94 -6.88 24.52 -16.37
N LYS D 95 -6.73 25.74 -15.85
CA LYS D 95 -7.86 26.69 -15.75
C LYS D 95 -8.55 26.91 -17.09
N THR D 96 -9.85 26.56 -17.15
CA THR D 96 -10.59 26.57 -18.40
C THR D 96 -11.89 27.38 -18.32
N LEU D 97 -12.14 28.16 -19.35
CA LEU D 97 -13.40 28.90 -19.50
C LEU D 97 -14.29 28.27 -20.58
N ASN D 98 -15.48 27.81 -20.19
CA ASN D 98 -16.47 27.24 -21.11
C ASN D 98 -17.39 28.31 -21.68
N ILE D 99 -17.60 28.29 -23.00
CA ILE D 99 -18.57 29.18 -23.65
C ILE D 99 -19.43 28.38 -24.65
N ASN D 100 -20.73 28.62 -24.65
CA ASN D 100 -21.63 28.09 -25.66
C ASN D 100 -21.66 28.94 -26.93
N PHE D 101 -21.85 28.28 -28.07
CA PHE D 101 -21.82 28.95 -29.37
C PHE D 101 -23.11 28.65 -30.16
N PHE D 102 -23.43 29.55 -31.09
CA PHE D 102 -24.51 29.34 -32.06
C PHE D 102 -23.90 28.86 -33.37
N VAL D 103 -24.56 27.89 -34.01
CA VAL D 103 -24.10 27.35 -35.28
C VAL D 103 -24.65 28.21 -36.42
N HIS D 104 -23.77 28.58 -37.36
CA HIS D 104 -24.13 29.42 -38.51
C HIS D 104 -23.64 28.81 -39.83
N ASP D 105 -24.29 29.20 -40.92
CA ASP D 105 -23.88 28.80 -42.27
C ASP D 105 -22.54 29.49 -42.60
N PRO D 106 -21.58 28.73 -43.16
CA PRO D 106 -20.24 29.31 -43.38
C PRO D 106 -20.15 30.28 -44.56
N PHE D 107 -21.15 30.26 -45.44
CA PHE D 107 -21.21 31.19 -46.58
C PHE D 107 -22.00 32.47 -46.27
N THR D 108 -23.23 32.30 -45.77
CA THR D 108 -24.17 33.41 -45.58
C THR D 108 -24.14 33.98 -44.17
N LEU D 109 -23.51 33.26 -43.25
CA LEU D 109 -23.46 33.61 -41.82
C LEU D 109 -24.85 33.62 -41.15
N GLU D 110 -25.84 33.10 -41.86
CA GLU D 110 -27.19 32.97 -41.32
C GLU D 110 -27.23 31.85 -40.27
N PRO D 111 -28.07 32.00 -39.22
CA PRO D 111 -28.23 30.95 -38.21
C PRO D 111 -28.69 29.62 -38.82
N TYR D 112 -28.19 28.52 -38.28
CA TYR D 112 -28.47 27.19 -38.79
C TYR D 112 -29.89 26.76 -38.39
N SER D 113 -30.64 26.19 -39.33
CA SER D 113 -31.99 25.73 -39.07
C SER D 113 -32.06 24.52 -38.12
N ARG D 114 -30.94 23.80 -37.97
CA ARG D 114 -30.89 22.64 -37.08
C ARG D 114 -29.96 22.82 -35.88
N ASP D 115 -29.69 24.07 -35.52
CA ASP D 115 -29.04 24.39 -34.26
C ASP D 115 -30.11 24.49 -33.17
N PRO D 116 -30.09 23.57 -32.19
CA PRO D 116 -31.07 23.57 -31.10
C PRO D 116 -31.11 24.90 -30.36
N ARG D 117 -29.96 25.53 -30.13
CA ARG D 117 -29.89 26.85 -29.49
C ARG D 117 -30.56 27.97 -30.34
N ASN D 118 -30.55 27.81 -31.67
CA ASN D 118 -31.28 28.73 -32.55
C ASN D 118 -32.81 28.57 -32.42
N ILE D 119 -33.27 27.34 -32.27
CA ILE D 119 -34.70 27.05 -32.11
C ILE D 119 -35.25 27.76 -30.87
N ALA D 120 -34.50 27.68 -29.78
CA ALA D 120 -34.87 28.37 -28.54
C ALA D 120 -34.92 29.89 -28.72
N ARG D 121 -33.93 30.44 -29.41
CA ARG D 121 -33.86 31.86 -29.78
C ARG D 121 -35.12 32.27 -30.55
N LYS D 122 -35.45 31.49 -31.59
CA LYS D 122 -36.61 31.74 -32.44
C LYS D 122 -37.93 31.64 -31.69
N ALA D 123 -38.02 30.66 -30.78
CA ALA D 123 -39.22 30.47 -29.95
C ALA D 123 -39.51 31.72 -29.11
N GLU D 124 -38.48 32.22 -28.44
CA GLU D 124 -38.58 33.42 -27.61
C GLU D 124 -39.02 34.66 -28.39
N ASN D 125 -38.50 34.82 -29.61
CA ASN D 125 -38.86 35.94 -30.47
C ASN D 125 -40.27 35.85 -31.03
N TYR D 126 -40.69 34.62 -31.35
CA TYR D 126 -42.04 34.37 -31.79
C TYR D 126 -43.06 34.72 -30.70
N LEU D 127 -42.78 34.30 -29.46
CA LEU D 127 -43.63 34.63 -28.31
C LEU D 127 -43.90 36.14 -28.23
N ILE D 128 -42.84 36.93 -28.29
CA ILE D 128 -42.97 38.39 -28.28
C ILE D 128 -43.86 38.87 -29.44
N SER D 129 -43.65 38.31 -30.64
CA SER D 129 -44.40 38.72 -31.84
C SER D 129 -45.89 38.41 -31.80
N THR D 130 -46.32 37.52 -30.90
CA THR D 130 -47.74 37.18 -30.79
C THR D 130 -48.54 38.15 -29.93
N GLY D 131 -47.84 38.93 -29.11
CA GLY D 131 -48.49 39.88 -28.20
C GLY D 131 -49.02 39.22 -26.94
N ILE D 132 -49.12 37.90 -26.93
CA ILE D 132 -49.62 37.13 -25.79
C ILE D 132 -48.80 37.40 -24.51
N ALA D 133 -47.48 37.36 -24.64
CA ALA D 133 -46.57 37.57 -23.50
C ALA D 133 -45.23 38.02 -24.05
N ASP D 134 -44.32 38.43 -23.17
CA ASP D 134 -42.94 38.70 -23.59
C ASP D 134 -41.90 37.77 -22.96
N THR D 135 -42.30 37.00 -21.94
CA THR D 135 -41.38 36.08 -21.27
C THR D 135 -42.04 34.75 -20.91
N ALA D 136 -41.37 33.64 -21.25
CA ALA D 136 -41.78 32.30 -20.84
C ALA D 136 -40.77 31.75 -19.86
N TYR D 137 -41.19 31.50 -18.62
CA TYR D 137 -40.31 30.96 -17.59
C TYR D 137 -40.39 29.45 -17.48
N PHE D 138 -39.22 28.81 -17.51
CA PHE D 138 -39.13 27.37 -17.34
C PHE D 138 -38.33 27.01 -16.09
N GLY D 139 -38.97 26.22 -15.22
CA GLY D 139 -38.31 25.61 -14.07
C GLY D 139 -38.34 24.11 -14.26
N ALA D 140 -37.19 23.46 -14.12
CA ALA D 140 -37.07 22.04 -14.43
C ALA D 140 -36.52 21.24 -13.26
N GLU D 141 -36.94 19.98 -13.15
CA GLU D 141 -36.39 19.07 -12.14
C GLU D 141 -35.84 17.84 -12.81
N ALA D 142 -34.54 17.87 -13.13
CA ALA D 142 -33.88 16.74 -13.76
C ALA D 142 -33.35 15.78 -12.71
N GLU D 143 -34.13 14.72 -12.44
CA GLU D 143 -33.73 13.65 -11.53
C GLU D 143 -32.69 12.75 -12.20
N PHE D 144 -31.92 12.03 -11.38
CA PHE D 144 -30.84 11.16 -11.88
C PHE D 144 -30.49 10.04 -10.88
N TYR D 145 -29.79 9.02 -11.37
CA TYR D 145 -29.29 7.93 -10.51
C TYR D 145 -27.78 8.03 -10.33
N ILE D 146 -27.33 7.93 -9.09
CA ILE D 146 -25.89 7.85 -8.78
C ILE D 146 -25.47 6.38 -8.61
N PHE D 147 -25.06 5.75 -9.71
CA PHE D 147 -24.69 4.34 -9.69
C PHE D 147 -23.19 4.16 -9.39
N ASP D 148 -22.79 2.91 -9.20
CA ASP D 148 -21.37 2.55 -9.02
C ASP D 148 -20.74 2.00 -10.30
N SER D 149 -21.56 1.32 -11.10
CA SER D 149 -21.08 0.64 -12.30
C SER D 149 -22.21 0.34 -13.27
N VAL D 150 -21.83 0.13 -14.53
CA VAL D 150 -22.75 -0.28 -15.61
C VAL D 150 -21.97 -1.04 -16.68
N SER D 151 -22.56 -2.12 -17.19
CA SER D 151 -22.05 -2.80 -18.36
C SER D 151 -23.20 -3.42 -19.13
N PHE D 152 -22.98 -3.63 -20.43
CA PHE D 152 -24.01 -4.07 -21.36
C PHE D 152 -23.33 -4.46 -22.69
N ASP D 153 -23.94 -5.40 -23.41
CA ASP D 153 -23.53 -5.69 -24.78
C ASP D 153 -24.68 -6.24 -25.62
N SER D 154 -24.40 -6.50 -26.90
CA SER D 154 -25.38 -7.02 -27.84
C SER D 154 -24.67 -7.85 -28.90
N ARG D 155 -24.86 -9.16 -28.85
CA ARG D 155 -24.17 -10.10 -29.74
C ARG D 155 -25.19 -10.95 -30.50
N ALA D 156 -24.70 -11.83 -31.37
CA ALA D 156 -25.57 -12.68 -32.18
C ALA D 156 -26.36 -13.66 -31.33
N ASN D 157 -25.69 -14.20 -30.31
CA ASN D 157 -26.26 -15.27 -29.48
C ASN D 157 -26.65 -14.86 -28.05
N GLY D 158 -26.55 -13.57 -27.74
CA GLY D 158 -26.82 -13.09 -26.40
C GLY D 158 -26.69 -11.59 -26.22
N SER D 159 -27.32 -11.07 -25.17
CA SER D 159 -27.30 -9.64 -24.84
C SER D 159 -27.57 -9.47 -23.34
N PHE D 160 -27.02 -8.41 -22.75
CA PHE D 160 -27.22 -8.17 -21.31
C PHE D 160 -27.06 -6.70 -20.97
N TYR D 161 -27.61 -6.29 -19.84
CA TYR D 161 -27.20 -5.06 -19.16
C TYR D 161 -27.21 -5.33 -17.66
N GLU D 162 -26.44 -4.53 -16.92
CA GLU D 162 -26.49 -4.54 -15.46
C GLU D 162 -26.00 -3.20 -14.95
N VAL D 163 -26.81 -2.57 -14.10
CA VAL D 163 -26.38 -1.39 -13.34
C VAL D 163 -26.24 -1.85 -11.90
N ASP D 164 -25.40 -1.18 -11.14
CA ASP D 164 -25.18 -1.55 -9.75
C ASP D 164 -24.86 -0.34 -8.88
N ALA D 165 -25.20 -0.45 -7.60
CA ALA D 165 -25.01 0.60 -6.62
C ALA D 165 -24.97 -0.04 -5.24
N ILE D 166 -24.11 0.48 -4.36
CA ILE D 166 -23.99 -0.04 -3.01
C ILE D 166 -25.34 -0.03 -2.26
N SER D 167 -26.14 1.02 -2.50
CA SER D 167 -27.43 1.21 -1.82
C SER D 167 -28.61 0.47 -2.45
N GLY D 168 -28.37 -0.28 -3.51
CA GLY D 168 -29.41 -1.04 -4.18
C GLY D 168 -29.93 -2.17 -3.32
N TRP D 169 -31.25 -2.27 -3.21
CA TRP D 169 -31.87 -3.32 -2.38
C TRP D 169 -31.53 -4.74 -2.83
N TRP D 170 -31.21 -4.89 -4.12
CA TRP D 170 -30.83 -6.19 -4.69
C TRP D 170 -29.54 -6.68 -4.07
N ASN D 171 -28.85 -5.82 -3.32
CA ASN D 171 -27.58 -6.19 -2.66
C ASN D 171 -27.67 -6.50 -1.16
N THR D 172 -28.87 -6.53 -0.58
CA THR D 172 -28.98 -6.78 0.88
C THR D 172 -28.37 -8.11 1.34
N GLY D 173 -28.35 -9.10 0.44
CA GLY D 173 -27.82 -10.43 0.74
C GLY D 173 -26.36 -10.65 0.37
N ALA D 174 -25.70 -9.60 -0.16
CA ALA D 174 -24.30 -9.68 -0.57
C ALA D 174 -23.38 -10.00 0.61
N ALA D 175 -22.46 -10.95 0.41
CA ALA D 175 -21.49 -11.32 1.44
C ALA D 175 -20.52 -10.18 1.77
N THR D 176 -20.06 -9.49 0.73
CA THR D 176 -19.19 -8.32 0.87
C THR D 176 -19.56 -7.28 -0.18
N GLU D 177 -19.05 -6.07 -0.01
CA GLU D 177 -19.14 -5.03 -1.02
C GLU D 177 -18.15 -5.32 -2.17
N ALA D 178 -18.28 -4.58 -3.26
CA ALA D 178 -17.47 -4.81 -4.47
C ALA D 178 -15.96 -4.80 -4.21
N ASP D 179 -15.51 -3.95 -3.28
CA ASP D 179 -14.10 -3.85 -2.94
C ASP D 179 -13.64 -4.87 -1.88
N GLY D 180 -14.56 -5.76 -1.48
CA GLY D 180 -14.25 -6.79 -0.49
C GLY D 180 -14.56 -6.43 0.96
N SER D 181 -14.93 -5.17 1.20
CA SER D 181 -15.29 -4.70 2.54
C SER D 181 -16.68 -5.25 2.98
N PRO D 182 -16.97 -5.22 4.30
CA PRO D 182 -18.22 -5.81 4.81
C PRO D 182 -19.51 -5.13 4.34
N ASN D 183 -20.57 -5.93 4.18
CA ASN D 183 -21.93 -5.43 3.98
C ASN D 183 -22.40 -4.85 5.32
N ARG D 184 -22.69 -3.55 5.34
CA ARG D 184 -23.03 -2.86 6.58
C ARG D 184 -24.53 -2.47 6.68
N GLY D 185 -25.34 -3.04 5.77
CA GLY D 185 -26.77 -2.78 5.74
C GLY D 185 -27.09 -1.36 5.36
N TYR D 186 -28.26 -0.87 5.79
CA TYR D 186 -28.77 0.49 5.52
C TYR D 186 -28.97 0.78 4.03
N LYS D 187 -29.27 -0.26 3.27
CA LYS D 187 -29.55 -0.12 1.85
C LYS D 187 -30.97 0.41 1.65
N VAL D 188 -31.25 0.95 0.47
CA VAL D 188 -32.52 1.62 0.21
C VAL D 188 -33.54 0.65 -0.37
N ARG D 189 -34.71 0.58 0.28
CA ARG D 189 -35.82 -0.26 -0.22
C ARG D 189 -36.37 0.30 -1.52
N HIS D 190 -36.86 -0.57 -2.39
CA HIS D 190 -37.49 -0.12 -3.63
C HIS D 190 -38.62 0.84 -3.29
N LYS D 191 -38.69 1.96 -4.03
CA LYS D 191 -39.65 3.03 -3.75
C LYS D 191 -39.47 3.67 -2.35
N GLY D 192 -38.32 3.44 -1.71
CA GLY D 192 -38.11 3.88 -0.34
C GLY D 192 -37.02 4.91 -0.08
N GLY D 193 -36.55 5.57 -1.14
CA GLY D 193 -35.42 6.50 -1.04
C GLY D 193 -35.75 7.93 -0.68
N TYR D 194 -37.04 8.27 -0.70
CA TYR D 194 -37.51 9.63 -0.44
C TYR D 194 -38.17 9.74 0.95
N PHE D 195 -37.47 10.28 1.95
CA PHE D 195 -36.03 10.55 1.93
C PHE D 195 -35.42 10.48 3.34
N PRO D 196 -35.25 9.24 3.85
CA PRO D 196 -34.69 9.01 5.21
C PRO D 196 -33.31 9.61 5.42
N VAL D 197 -32.99 9.96 6.66
CA VAL D 197 -31.68 10.52 6.99
C VAL D 197 -30.58 9.48 6.82
N ALA D 198 -29.33 9.94 6.78
CA ALA D 198 -28.16 9.05 6.83
C ALA D 198 -28.20 8.21 8.10
N PRO D 199 -27.64 6.98 8.06
CA PRO D 199 -26.87 6.36 6.96
C PRO D 199 -27.69 5.70 5.82
N ASN D 200 -29.02 5.69 5.93
CA ASN D 200 -29.91 5.21 4.85
C ASN D 200 -29.61 5.94 3.55
N ASP D 201 -29.49 7.27 3.67
CA ASP D 201 -29.05 8.14 2.61
C ASP D 201 -27.53 8.10 2.58
N GLN D 202 -26.98 7.40 1.57
CA GLN D 202 -25.54 7.13 1.51
C GLN D 202 -24.80 8.13 0.62
N TYR D 203 -25.52 9.15 0.13
CA TYR D 203 -24.97 10.08 -0.87
C TYR D 203 -24.99 11.56 -0.43
N VAL D 204 -25.08 11.81 0.88
CA VAL D 204 -25.23 13.17 1.41
C VAL D 204 -24.02 14.04 1.06
N ASP D 205 -22.82 13.56 1.35
CA ASP D 205 -21.57 14.29 1.07
C ASP D 205 -21.35 14.51 -0.43
N LEU D 206 -21.62 13.51 -1.25
CA LEU D 206 -21.51 13.65 -2.70
C LEU D 206 -22.49 14.68 -3.27
N ARG D 207 -23.74 14.67 -2.81
CA ARG D 207 -24.71 15.65 -3.26
C ARG D 207 -24.36 17.07 -2.77
N ASP D 208 -23.69 17.18 -1.63
CA ASP D 208 -23.18 18.48 -1.14
C ASP D 208 -22.12 19.03 -2.09
N LYS D 209 -21.25 18.14 -2.58
CA LYS D 209 -20.24 18.51 -3.59
C LYS D 209 -20.87 18.97 -4.91
N MET D 210 -21.94 18.28 -5.33
CA MET D 210 -22.70 18.70 -6.52
C MET D 210 -23.34 20.07 -6.33
N LEU D 211 -23.95 20.29 -5.18
CA LEU D 211 -24.56 21.57 -4.83
C LEU D 211 -23.54 22.72 -4.85
N THR D 212 -22.35 22.45 -4.34
CA THR D 212 -21.27 23.44 -4.24
C THR D 212 -20.71 23.81 -5.62
N ASN D 213 -20.47 22.79 -6.44
CA ASN D 213 -20.01 22.99 -7.83
C ASN D 213 -20.99 23.79 -8.65
N LEU D 214 -22.28 23.58 -8.41
CA LEU D 214 -23.32 24.37 -9.08
C LEU D 214 -23.30 25.82 -8.58
N ILE D 215 -23.20 26.02 -7.27
CA ILE D 215 -23.14 27.35 -6.68
C ILE D 215 -21.96 28.13 -7.25
N ASN D 216 -20.79 27.49 -7.29
CA ASN D 216 -19.58 28.10 -7.84
C ASN D 216 -19.59 28.32 -9.36
N SER D 217 -20.60 27.78 -10.05
CA SER D 217 -20.81 28.01 -11.49
C SER D 217 -21.94 29.01 -11.76
N GLY D 218 -22.36 29.75 -10.73
CA GLY D 218 -23.36 30.80 -10.91
C GLY D 218 -24.82 30.36 -10.88
N PHE D 219 -25.08 29.09 -10.56
CA PHE D 219 -26.45 28.63 -10.32
C PHE D 219 -26.98 29.20 -9.00
N ILE D 220 -28.26 29.57 -8.97
CA ILE D 220 -28.94 29.93 -7.74
C ILE D 220 -29.72 28.71 -7.26
N LEU D 221 -29.29 28.15 -6.14
CA LEU D 221 -29.76 26.85 -5.67
C LEU D 221 -30.98 26.94 -4.78
N GLU D 222 -31.82 25.91 -4.85
CA GLU D 222 -33.02 25.85 -4.03
C GLU D 222 -33.03 24.63 -3.11
N LYS D 223 -32.83 23.44 -3.68
CA LYS D 223 -32.67 22.24 -2.85
C LYS D 223 -31.97 21.04 -3.50
N GLY D 224 -31.56 20.09 -2.66
CA GLY D 224 -31.04 18.82 -3.08
C GLY D 224 -31.55 17.74 -2.16
N HIS D 225 -31.90 16.58 -2.72
CA HIS D 225 -32.33 15.42 -1.92
C HIS D 225 -32.21 14.08 -2.65
N HIS D 226 -32.23 13.01 -1.89
CA HIS D 226 -32.38 11.66 -2.41
C HIS D 226 -33.81 11.53 -2.94
N GLU D 227 -33.99 10.79 -4.01
CA GLU D 227 -35.31 10.55 -4.56
C GLU D 227 -35.80 9.15 -4.23
N VAL D 228 -37.01 8.84 -4.70
CA VAL D 228 -37.73 7.61 -4.36
C VAL D 228 -36.96 6.31 -4.65
N GLY D 229 -36.25 6.28 -5.77
CA GLY D 229 -35.63 5.05 -6.26
C GLY D 229 -34.47 4.54 -5.43
N SER D 230 -34.42 3.22 -5.28
CA SER D 230 -33.30 2.52 -4.67
C SER D 230 -32.08 2.64 -5.58
N GLY D 231 -30.89 2.47 -5.01
CA GLY D 231 -29.66 2.53 -5.80
C GLY D 231 -29.24 3.95 -6.17
N GLY D 232 -29.53 4.91 -5.30
CA GLY D 232 -28.97 6.26 -5.41
C GLY D 232 -29.69 7.28 -6.27
N GLN D 233 -31.01 7.22 -6.35
CA GLN D 233 -31.74 8.27 -7.09
C GLN D 233 -31.61 9.61 -6.36
N ALA D 234 -31.50 10.69 -7.13
CA ALA D 234 -31.28 12.01 -6.58
C ALA D 234 -32.00 13.08 -7.39
N GLU D 235 -32.11 14.27 -6.80
CA GLU D 235 -32.67 15.44 -7.45
C GLU D 235 -32.05 16.69 -6.84
N ILE D 236 -31.69 17.64 -7.70
CA ILE D 236 -31.27 18.96 -7.28
C ILE D 236 -32.08 20.02 -8.05
N ASN D 237 -32.52 21.06 -7.34
CA ASN D 237 -33.29 22.15 -7.93
C ASN D 237 -32.51 23.46 -7.90
N TYR D 238 -32.55 24.16 -9.05
CA TYR D 238 -31.97 25.50 -9.16
C TYR D 238 -33.04 26.45 -9.70
N GLN D 239 -32.86 27.76 -9.47
CA GLN D 239 -33.85 28.76 -9.87
C GLN D 239 -34.22 28.71 -11.34
N PHE D 240 -35.52 28.85 -11.62
CA PHE D 240 -36.04 28.93 -13.00
C PHE D 240 -35.45 30.12 -13.76
N ASN D 241 -35.67 30.15 -15.08
CA ASN D 241 -35.26 31.27 -15.91
C ASN D 241 -36.09 31.30 -17.20
N SER D 242 -35.83 32.30 -18.06
CA SER D 242 -36.47 32.36 -19.37
C SER D 242 -35.95 31.24 -20.28
N LEU D 243 -36.78 30.86 -21.25
CA LEU D 243 -36.59 29.63 -22.05
C LEU D 243 -35.14 29.28 -22.41
N LEU D 244 -34.48 30.13 -23.21
CA LEU D 244 -33.10 29.84 -23.66
C LEU D 244 -32.10 29.71 -22.51
N HIS D 245 -32.12 30.65 -21.57
CA HIS D 245 -31.27 30.56 -20.38
C HIS D 245 -31.50 29.26 -19.62
N ALA D 246 -32.76 28.89 -19.45
CA ALA D 246 -33.12 27.67 -18.74
C ALA D 246 -32.59 26.40 -19.42
N ALA D 247 -32.58 26.39 -20.75
CA ALA D 247 -32.12 25.24 -21.49
C ALA D 247 -30.59 25.15 -21.42
N ASP D 248 -29.94 26.32 -21.47
CA ASP D 248 -28.49 26.41 -21.29
C ASP D 248 -28.10 25.94 -19.89
N ASP D 249 -28.88 26.36 -18.88
CA ASP D 249 -28.71 25.90 -17.49
C ASP D 249 -28.81 24.39 -17.39
N MET D 250 -29.81 23.80 -18.06
CA MET D 250 -30.02 22.35 -18.00
C MET D 250 -28.77 21.60 -18.47
N GLN D 251 -28.25 21.99 -19.63
CA GLN D 251 -27.10 21.33 -20.22
C GLN D 251 -25.87 21.39 -19.34
N LEU D 252 -25.62 22.55 -18.74
CA LEU D 252 -24.50 22.73 -17.83
C LEU D 252 -24.69 21.96 -16.53
N TYR D 253 -25.92 21.96 -16.02
CA TYR D 253 -26.30 21.18 -14.84
C TYR D 253 -25.97 19.69 -15.01
N LYS D 254 -26.37 19.12 -16.15
CA LYS D 254 -26.11 17.69 -16.45
C LYS D 254 -24.61 17.43 -16.51
N TYR D 255 -23.87 18.38 -17.09
CA TYR D 255 -22.41 18.28 -17.16
C TYR D 255 -21.78 18.27 -15.77
N ILE D 256 -22.24 19.17 -14.91
CA ILE D 256 -21.70 19.28 -13.55
C ILE D 256 -22.08 18.07 -12.70
N ILE D 257 -23.31 17.61 -12.83
CA ILE D 257 -23.73 16.42 -12.10
C ILE D 257 -22.89 15.20 -12.50
N LYS D 258 -22.81 14.95 -13.81
CA LYS D 258 -22.10 13.78 -14.35
C LYS D 258 -20.64 13.76 -13.95
N ASN D 259 -19.98 14.91 -14.02
CA ASN D 259 -18.55 15.01 -13.75
C ASN D 259 -18.14 15.16 -12.28
N THR D 260 -19.02 15.71 -11.45
CA THR D 260 -18.79 15.65 -9.99
C THR D 260 -18.81 14.18 -9.57
N ALA D 261 -19.80 13.44 -10.06
CA ALA D 261 -19.91 12.00 -9.82
C ALA D 261 -18.66 11.25 -10.28
N TRP D 262 -18.25 11.51 -11.52
CA TRP D 262 -17.09 10.83 -12.12
C TRP D 262 -15.81 11.03 -11.29
N GLN D 263 -15.56 12.28 -10.89
CA GLN D 263 -14.37 12.62 -10.12
C GLN D 263 -14.36 12.01 -8.74
N ASN D 264 -15.53 11.57 -8.28
CA ASN D 264 -15.67 10.98 -6.94
C ASN D 264 -16.00 9.49 -6.98
N GLY D 265 -15.66 8.83 -8.08
CA GLY D 265 -15.69 7.37 -8.16
C GLY D 265 -17.03 6.76 -8.53
N LYS D 266 -18.00 7.60 -8.90
CA LYS D 266 -19.33 7.15 -9.26
C LYS D 266 -19.62 7.35 -10.76
N THR D 267 -20.82 6.94 -11.18
CA THR D 267 -21.29 7.12 -12.55
C THR D 267 -22.79 7.44 -12.54
N VAL D 268 -23.16 8.53 -13.23
CA VAL D 268 -24.54 9.02 -13.22
C VAL D 268 -25.25 8.74 -14.54
N THR D 269 -26.53 8.38 -14.45
CA THR D 269 -27.37 8.34 -15.65
C THR D 269 -28.63 9.18 -15.49
N PHE D 270 -28.99 9.88 -16.57
CA PHE D 270 -30.26 10.60 -16.67
C PHE D 270 -31.31 9.85 -17.52
N MET D 271 -31.05 8.57 -17.81
CA MET D 271 -32.02 7.80 -18.61
C MET D 271 -33.34 7.66 -17.85
N PRO D 272 -34.47 7.69 -18.58
CA PRO D 272 -35.83 7.69 -17.98
C PRO D 272 -36.16 6.51 -17.06
N LYS D 273 -35.72 5.31 -17.42
CA LYS D 273 -36.08 4.12 -16.66
C LYS D 273 -34.93 3.08 -16.65
N PRO D 274 -33.89 3.31 -15.83
CA PRO D 274 -32.81 2.32 -15.70
C PRO D 274 -33.15 1.13 -14.80
N LEU D 275 -34.14 1.30 -13.91
CA LEU D 275 -34.56 0.23 -13.02
C LEU D 275 -35.98 -0.24 -13.32
N PHE D 276 -36.16 -1.55 -13.37
CA PHE D 276 -37.46 -2.15 -13.57
C PHE D 276 -38.09 -2.38 -12.20
N GLY D 277 -39.33 -1.90 -12.02
CA GLY D 277 -40.02 -2.04 -10.74
C GLY D 277 -39.66 -1.01 -9.68
N ASP D 278 -39.07 0.12 -10.10
CA ASP D 278 -38.80 1.25 -9.20
C ASP D 278 -38.93 2.53 -10.02
N ASN D 279 -38.93 3.69 -9.36
CA ASN D 279 -39.20 4.96 -10.03
C ASN D 279 -38.28 5.26 -11.20
N GLY D 280 -38.84 5.82 -12.27
CA GLY D 280 -38.04 6.36 -13.36
C GLY D 280 -37.56 7.74 -12.99
N SER D 281 -36.76 8.37 -13.86
CA SER D 281 -36.28 9.73 -13.65
C SER D 281 -36.95 10.67 -14.64
N GLY D 282 -37.65 11.67 -14.12
CA GLY D 282 -38.37 12.60 -14.96
C GLY D 282 -37.69 13.95 -15.06
N MET D 283 -38.25 14.81 -15.92
CA MET D 283 -37.84 16.20 -16.02
C MET D 283 -39.12 17.03 -16.03
N HIS D 284 -39.74 17.19 -14.86
CA HIS D 284 -40.93 18.03 -14.73
C HIS D 284 -40.58 19.45 -15.13
N CYS D 285 -41.45 20.08 -15.90
CA CYS D 285 -41.24 21.46 -16.34
C CYS D 285 -42.34 22.38 -15.85
N HIS D 286 -42.02 23.17 -14.83
CA HIS D 286 -42.90 24.24 -14.35
C HIS D 286 -42.83 25.39 -15.34
N GLN D 287 -43.99 25.94 -15.71
CA GLN D 287 -44.07 26.94 -16.78
C GLN D 287 -45.02 28.07 -16.41
N SER D 288 -44.65 29.29 -16.78
CA SER D 288 -45.51 30.47 -16.65
C SER D 288 -45.20 31.53 -17.71
N LEU D 289 -46.22 32.29 -18.09
CA LEU D 289 -46.05 33.40 -19.02
C LEU D 289 -46.20 34.74 -18.30
N TRP D 290 -45.32 35.68 -18.64
CA TRP D 290 -45.32 37.03 -18.05
C TRP D 290 -45.33 38.08 -19.15
N LYS D 291 -45.89 39.26 -18.84
CA LYS D 291 -45.89 40.40 -19.77
C LYS D 291 -45.77 41.73 -19.04
N ASP D 292 -44.85 42.58 -19.51
CA ASP D 292 -44.56 43.89 -18.90
C ASP D 292 -44.28 43.78 -17.39
N GLY D 293 -43.63 42.69 -16.99
CA GLY D 293 -43.30 42.45 -15.58
C GLY D 293 -44.46 42.02 -14.71
N ALA D 294 -45.54 41.55 -15.33
CA ALA D 294 -46.72 41.07 -14.59
C ALA D 294 -47.08 39.62 -14.96
N PRO D 295 -47.51 38.82 -13.97
CA PRO D 295 -47.88 37.42 -14.19
C PRO D 295 -49.23 37.26 -14.89
N LEU D 296 -49.37 36.19 -15.68
CA LEU D 296 -50.59 35.98 -16.49
C LEU D 296 -51.35 34.70 -16.15
N MET D 297 -50.80 33.90 -15.25
CA MET D 297 -51.36 32.57 -14.96
C MET D 297 -52.45 32.55 -13.88
N TYR D 298 -52.62 33.66 -13.17
CA TYR D 298 -53.48 33.68 -11.97
C TYR D 298 -54.89 34.29 -12.15
N ASP D 299 -55.89 33.55 -11.68
CA ASP D 299 -57.25 34.06 -11.50
C ASP D 299 -57.84 33.41 -10.27
N GLU D 300 -58.09 34.22 -9.26
CA GLU D 300 -58.68 33.80 -7.98
C GLU D 300 -59.93 32.92 -8.12
N THR D 301 -60.67 33.09 -9.22
CA THR D 301 -61.96 32.43 -9.40
C THR D 301 -61.92 31.14 -10.24
N GLY D 302 -60.78 30.88 -10.89
CA GLY D 302 -60.63 29.68 -11.71
C GLY D 302 -60.29 28.46 -10.87
N TYR D 303 -60.54 27.27 -11.41
CA TYR D 303 -60.10 26.02 -10.76
C TYR D 303 -58.59 26.07 -10.52
N ALA D 304 -58.18 25.64 -9.32
CA ALA D 304 -56.77 25.69 -8.91
C ALA D 304 -56.14 27.08 -9.09
N GLY D 305 -56.99 28.12 -9.09
CA GLY D 305 -56.53 29.50 -9.18
C GLY D 305 -55.94 29.89 -10.53
N LEU D 306 -56.39 29.24 -11.59
CA LEU D 306 -55.83 29.43 -12.93
C LEU D 306 -56.64 30.40 -13.81
N SER D 307 -55.94 31.32 -14.46
CA SER D 307 -56.56 32.20 -15.46
C SER D 307 -56.91 31.45 -16.74
N ASP D 308 -57.63 32.13 -17.64
CA ASP D 308 -57.99 31.57 -18.95
C ASP D 308 -56.77 31.27 -19.80
N THR D 309 -55.82 32.20 -19.79
CA THR D 309 -54.55 32.05 -20.52
C THR D 309 -53.83 30.77 -20.10
N ALA D 310 -53.74 30.56 -18.78
CA ALA D 310 -53.12 29.37 -18.20
C ALA D 310 -53.85 28.09 -18.59
N ARG D 311 -55.18 28.10 -18.45
CA ARG D 311 -56.02 26.94 -18.73
C ARG D 311 -55.96 26.53 -20.20
N HIS D 312 -55.89 27.52 -21.10
CA HIS D 312 -55.76 27.27 -22.53
C HIS D 312 -54.36 26.79 -22.92
N TYR D 313 -53.34 27.25 -22.20
CA TYR D 313 -51.97 26.76 -22.36
C TYR D 313 -51.94 25.27 -22.05
N ILE D 314 -52.58 24.87 -20.94
CA ILE D 314 -52.75 23.46 -20.57
C ILE D 314 -53.54 22.69 -21.63
N GLY D 315 -54.63 23.28 -22.12
CA GLY D 315 -55.40 22.69 -23.22
C GLY D 315 -54.54 22.38 -24.43
N GLY D 316 -53.66 23.31 -24.78
CA GLY D 316 -52.67 23.10 -25.85
C GLY D 316 -51.70 21.96 -25.60
N LEU D 317 -51.17 21.88 -24.38
CA LEU D 317 -50.24 20.82 -24.01
C LEU D 317 -50.90 19.43 -24.10
N LEU D 318 -52.09 19.30 -23.51
CA LEU D 318 -52.79 18.02 -23.49
C LEU D 318 -53.38 17.63 -24.86
N HIS D 319 -53.79 18.62 -25.64
CA HIS D 319 -54.27 18.39 -27.00
C HIS D 319 -53.14 17.95 -27.94
N HIS D 320 -51.97 18.58 -27.82
CA HIS D 320 -50.86 18.29 -28.72
C HIS D 320 -49.95 17.16 -28.25
N ALA D 321 -50.16 16.68 -27.02
CA ALA D 321 -49.34 15.61 -26.43
C ALA D 321 -48.98 14.43 -27.37
N PRO D 322 -49.97 13.87 -28.13
CA PRO D 322 -49.63 12.75 -29.00
C PRO D 322 -48.46 12.98 -29.98
N SER D 323 -48.22 14.23 -30.37
CA SER D 323 -47.06 14.54 -31.20
C SER D 323 -45.97 15.27 -30.41
N LEU D 324 -46.39 16.07 -29.43
CA LEU D 324 -45.46 16.82 -28.58
C LEU D 324 -44.44 15.92 -27.87
N LEU D 325 -44.87 14.73 -27.46
CA LEU D 325 -44.00 13.82 -26.72
C LEU D 325 -42.78 13.36 -27.53
N ALA D 326 -42.85 13.52 -28.86
CA ALA D 326 -41.70 13.23 -29.73
C ALA D 326 -40.48 14.07 -29.36
N PHE D 327 -40.72 15.26 -28.81
CA PHE D 327 -39.65 16.17 -28.37
C PHE D 327 -39.48 16.23 -26.85
N THR D 328 -40.50 15.81 -26.10
CA THR D 328 -40.41 15.85 -24.62
C THR D 328 -40.05 14.49 -24.00
N ASN D 329 -40.42 13.41 -24.70
CA ASN D 329 -40.13 12.04 -24.30
C ASN D 329 -39.58 11.29 -25.51
N PRO D 330 -38.35 11.64 -25.94
CA PRO D 330 -37.87 11.34 -27.29
C PRO D 330 -37.12 10.01 -27.50
N THR D 331 -37.09 9.14 -26.48
CA THR D 331 -36.33 7.88 -26.61
C THR D 331 -37.22 6.65 -26.44
N VAL D 332 -36.75 5.49 -26.89
CA VAL D 332 -37.49 4.24 -26.66
C VAL D 332 -37.66 3.99 -25.16
N ASN D 333 -36.60 4.24 -24.39
CA ASN D 333 -36.63 4.06 -22.93
C ASN D 333 -37.63 4.97 -22.20
N SER D 334 -37.93 6.14 -22.80
CA SER D 334 -38.93 7.07 -22.27
C SER D 334 -40.25 6.40 -21.92
N TYR D 335 -40.66 5.43 -22.74
CA TYR D 335 -41.97 4.80 -22.62
C TYR D 335 -42.04 3.65 -21.61
N LYS D 336 -40.89 3.24 -21.10
CA LYS D 336 -40.82 2.32 -19.95
C LYS D 336 -41.11 3.06 -18.63
N ARG D 337 -40.96 4.38 -18.64
CA ARG D 337 -41.27 5.22 -17.49
C ARG D 337 -42.76 5.55 -17.40
N LEU D 338 -43.41 5.66 -18.56
CA LEU D 338 -44.84 6.02 -18.65
C LEU D 338 -45.73 4.80 -18.40
N VAL D 339 -45.57 4.21 -17.20
CA VAL D 339 -46.33 3.06 -16.73
C VAL D 339 -46.86 3.38 -15.33
N PRO D 340 -47.98 2.75 -14.91
CA PRO D 340 -48.60 3.16 -13.65
C PRO D 340 -47.84 2.76 -12.38
N GLY D 341 -47.87 3.65 -11.39
CA GLY D 341 -47.41 3.32 -10.04
C GLY D 341 -46.13 4.00 -9.59
N TYR D 342 -45.63 4.96 -10.36
CA TYR D 342 -44.30 5.52 -10.11
C TYR D 342 -44.23 7.06 -10.22
N GLU D 343 -45.38 7.72 -10.02
CA GLU D 343 -45.47 9.19 -10.01
C GLU D 343 -45.14 9.82 -11.36
N ALA D 344 -45.33 9.04 -12.42
CA ALA D 344 -45.25 9.52 -13.79
C ALA D 344 -46.62 9.37 -14.46
N PRO D 345 -46.94 10.22 -15.46
CA PRO D 345 -48.25 10.20 -16.13
C PRO D 345 -48.55 8.91 -16.91
N ILE D 346 -49.82 8.50 -16.91
CA ILE D 346 -50.30 7.42 -17.78
C ILE D 346 -51.48 7.86 -18.66
N ASN D 347 -51.93 9.10 -18.46
CA ASN D 347 -53.02 9.65 -19.26
C ASN D 347 -52.98 11.18 -19.28
N LEU D 348 -53.81 11.80 -20.11
CA LEU D 348 -53.73 13.24 -20.35
C LEU D 348 -54.73 14.06 -19.54
N VAL D 349 -54.51 14.13 -18.23
CA VAL D 349 -55.36 14.97 -17.36
C VAL D 349 -54.51 15.98 -16.60
N TYR D 350 -55.11 17.13 -16.28
CA TYR D 350 -54.52 18.04 -15.31
C TYR D 350 -55.29 17.99 -14.00
N SER D 351 -54.59 18.19 -12.89
CA SER D 351 -55.20 18.13 -11.57
C SER D 351 -54.28 18.82 -10.57
N GLN D 352 -54.85 19.58 -9.64
CA GLN D 352 -54.03 20.22 -8.62
C GLN D 352 -53.58 19.19 -7.58
N ARG D 353 -52.38 19.40 -7.03
CA ARG D 353 -51.83 18.59 -5.93
C ARG D 353 -51.58 17.12 -6.32
N ASN D 354 -51.78 16.79 -7.60
CA ASN D 354 -51.85 15.40 -8.06
C ASN D 354 -50.59 14.91 -8.79
N ARG D 355 -49.79 14.08 -8.13
CA ARG D 355 -48.57 13.54 -8.70
C ARG D 355 -48.77 12.34 -9.64
N SER D 356 -50.02 11.89 -9.79
CA SER D 356 -50.34 10.83 -10.76
C SER D 356 -50.82 11.41 -12.08
N ALA D 357 -50.92 12.74 -12.14
CA ALA D 357 -51.47 13.43 -13.31
C ALA D 357 -50.42 13.88 -14.33
N CYS D 358 -50.88 14.22 -15.54
CA CYS D 358 -50.01 14.67 -16.62
C CYS D 358 -49.55 16.13 -16.42
N VAL D 359 -50.46 16.98 -15.97
CA VAL D 359 -50.13 18.33 -15.50
C VAL D 359 -50.63 18.47 -14.07
N ARG D 360 -49.72 18.71 -13.15
CA ARG D 360 -50.08 19.00 -11.76
C ARG D 360 -50.02 20.50 -11.54
N ILE D 361 -50.99 21.04 -10.80
CA ILE D 361 -50.91 22.42 -10.36
C ILE D 361 -50.43 22.45 -8.91
N PRO D 362 -49.18 22.89 -8.69
CA PRO D 362 -48.63 22.93 -7.32
C PRO D 362 -49.44 23.86 -6.42
N ILE D 363 -49.52 23.54 -5.13
CA ILE D 363 -50.23 24.40 -4.18
C ILE D 363 -49.32 25.55 -3.77
N THR D 364 -49.65 26.75 -4.25
CA THR D 364 -48.80 27.93 -4.06
C THR D 364 -49.48 29.09 -3.32
N GLY D 365 -50.78 28.96 -3.07
CA GLY D 365 -51.52 29.96 -2.30
C GLY D 365 -52.12 31.05 -3.15
N SER D 366 -52.26 32.24 -2.56
CA SER D 366 -52.93 33.36 -3.22
C SER D 366 -51.99 34.35 -3.91
N ASN D 367 -50.69 34.16 -3.75
CA ASN D 367 -49.69 34.99 -4.45
C ASN D 367 -49.75 34.74 -5.97
N PRO D 368 -50.14 35.76 -6.75
CA PRO D 368 -50.33 35.58 -8.19
C PRO D 368 -49.01 35.24 -8.92
N LYS D 369 -47.90 35.74 -8.40
CA LYS D 369 -46.59 35.53 -9.01
C LYS D 369 -46.16 34.07 -9.01
N ALA D 370 -46.58 33.31 -8.00
CA ALA D 370 -46.18 31.92 -7.84
C ALA D 370 -47.00 30.93 -8.68
N LYS D 371 -48.07 31.42 -9.32
CA LYS D 371 -48.99 30.56 -10.09
C LYS D 371 -48.35 29.99 -11.34
N ARG D 372 -48.47 28.67 -11.51
CA ARG D 372 -47.85 27.96 -12.60
C ARG D 372 -48.41 26.53 -12.76
N LEU D 373 -48.14 25.93 -13.91
CA LEU D 373 -48.45 24.53 -14.16
C LEU D 373 -47.17 23.72 -14.16
N GLU D 374 -47.25 22.47 -13.69
CA GLU D 374 -46.15 21.53 -13.78
C GLU D 374 -46.47 20.44 -14.80
N PHE D 375 -45.79 20.49 -15.95
CA PHE D 375 -45.92 19.46 -16.99
C PHE D 375 -45.01 18.29 -16.62
N ARG D 376 -45.61 17.19 -16.18
CA ARG D 376 -44.89 16.07 -15.55
C ARG D 376 -44.41 15.00 -16.53
N SER D 377 -44.91 15.07 -17.76
CA SER D 377 -44.55 14.07 -18.78
C SER D 377 -43.08 14.03 -19.23
N PRO D 378 -42.44 15.20 -19.47
CA PRO D 378 -41.07 15.18 -20.03
C PRO D 378 -40.01 14.43 -19.20
N ASP D 379 -38.96 13.94 -19.88
CA ASP D 379 -37.80 13.36 -19.23
C ASP D 379 -36.50 13.99 -19.75
N SER D 380 -35.36 13.56 -19.22
CA SER D 380 -34.06 14.16 -19.57
C SER D 380 -33.30 13.43 -20.67
N SER D 381 -33.99 12.59 -21.44
CA SER D 381 -33.31 11.73 -22.41
C SER D 381 -33.09 12.37 -23.81
N GLY D 382 -33.34 13.67 -23.93
CA GLY D 382 -33.19 14.35 -25.21
C GLY D 382 -32.56 15.74 -25.16
N ASN D 383 -33.29 16.71 -25.70
CA ASN D 383 -32.76 18.04 -25.96
C ASN D 383 -33.63 19.11 -25.30
N PRO D 384 -33.10 19.81 -24.28
CA PRO D 384 -33.91 20.78 -23.56
C PRO D 384 -34.30 21.99 -24.41
N TYR D 385 -33.43 22.40 -25.34
CA TYR D 385 -33.72 23.50 -26.26
C TYR D 385 -34.95 23.18 -27.10
N LEU D 386 -34.99 21.96 -27.63
CA LEU D 386 -36.10 21.53 -28.47
C LEU D 386 -37.35 21.25 -27.65
N ALA D 387 -37.16 20.64 -26.48
CA ALA D 387 -38.28 20.26 -25.61
C ALA D 387 -39.00 21.48 -25.07
N PHE D 388 -38.25 22.42 -24.48
CA PHE D 388 -38.85 23.63 -23.95
C PHE D 388 -39.58 24.38 -25.06
N SER D 389 -38.93 24.50 -26.22
CA SER D 389 -39.49 25.20 -27.39
C SER D 389 -40.81 24.59 -27.86
N ALA D 390 -40.84 23.26 -28.02
CA ALA D 390 -42.04 22.53 -28.44
C ALA D 390 -43.19 22.68 -27.44
N MET D 391 -42.88 22.62 -26.13
CA MET D 391 -43.88 22.87 -25.08
C MET D 391 -44.52 24.25 -25.20
N LEU D 392 -43.69 25.27 -25.43
CA LEU D 392 -44.17 26.62 -25.62
C LEU D 392 -45.10 26.73 -26.84
N MET D 393 -44.66 26.17 -27.97
CA MET D 393 -45.44 26.20 -29.21
C MET D 393 -46.81 25.56 -29.05
N ALA D 394 -46.87 24.46 -28.28
CA ALA D 394 -48.14 23.77 -28.02
C ALA D 394 -49.05 24.61 -27.15
N GLY D 395 -48.48 25.25 -26.13
CA GLY D 395 -49.22 26.10 -25.21
C GLY D 395 -49.75 27.33 -25.91
N LEU D 396 -48.94 27.93 -26.78
CA LEU D 396 -49.33 29.13 -27.53
C LEU D 396 -50.45 28.82 -28.53
N ASP D 397 -50.41 27.64 -29.16
CA ASP D 397 -51.49 27.21 -30.05
C ASP D 397 -52.78 27.03 -29.27
N GLY D 398 -52.65 26.55 -28.02
CA GLY D 398 -53.79 26.43 -27.11
C GLY D 398 -54.44 27.75 -26.76
N ILE D 399 -53.62 28.76 -26.43
CA ILE D 399 -54.09 30.11 -26.13
C ILE D 399 -54.76 30.73 -27.36
N LYS D 400 -54.07 30.65 -28.49
CA LYS D 400 -54.53 31.27 -29.73
C LYS D 400 -55.87 30.70 -30.23
N ASN D 401 -56.01 29.38 -30.15
CA ASN D 401 -57.26 28.70 -30.54
C ASN D 401 -58.21 28.45 -29.37
N LYS D 402 -57.90 29.03 -28.21
CA LYS D 402 -58.68 28.85 -26.98
C LYS D 402 -59.13 27.41 -26.75
N ILE D 403 -58.16 26.49 -26.80
CA ILE D 403 -58.44 25.06 -26.63
C ILE D 403 -58.75 24.79 -25.15
N GLU D 404 -59.93 24.24 -24.90
CA GLU D 404 -60.36 23.91 -23.55
C GLU D 404 -59.89 22.51 -23.16
N PRO D 405 -59.17 22.39 -22.03
CA PRO D 405 -58.82 21.06 -21.55
C PRO D 405 -60.05 20.36 -20.99
N GLN D 406 -60.07 19.04 -21.05
CA GLN D 406 -61.16 18.31 -20.40
C GLN D 406 -61.05 18.46 -18.89
N ALA D 407 -62.19 18.32 -18.20
CA ALA D 407 -62.29 18.60 -16.78
C ALA D 407 -61.19 17.93 -15.96
N PRO D 408 -60.62 18.65 -14.98
CA PRO D 408 -59.64 18.06 -14.08
C PRO D 408 -60.19 16.84 -13.35
N VAL D 409 -59.33 15.85 -13.08
CA VAL D 409 -59.72 14.64 -12.36
C VAL D 409 -58.89 14.53 -11.09
N ASP D 410 -59.51 14.80 -9.94
CA ASP D 410 -58.81 14.84 -8.66
C ASP D 410 -58.86 13.50 -7.92
N LYS D 411 -58.24 12.48 -8.51
CA LYS D 411 -58.22 11.13 -7.98
C LYS D 411 -56.82 10.52 -8.20
N ASP D 412 -56.52 9.40 -7.55
CA ASP D 412 -55.37 8.59 -7.94
C ASP D 412 -55.66 7.93 -9.28
N LEU D 413 -55.02 8.43 -10.34
CA LEU D 413 -55.30 8.01 -11.71
C LEU D 413 -54.87 6.59 -12.08
N TYR D 414 -54.02 5.97 -11.26
CA TYR D 414 -53.62 4.58 -11.44
C TYR D 414 -54.72 3.66 -10.94
N GLU D 415 -55.56 4.17 -10.05
CA GLU D 415 -56.63 3.40 -9.42
C GLU D 415 -58.03 3.70 -9.96
N LEU D 416 -58.12 4.32 -11.13
CA LEU D 416 -59.43 4.62 -11.73
C LEU D 416 -60.17 3.34 -12.14
N PRO D 417 -61.49 3.28 -11.88
CA PRO D 417 -62.32 2.17 -12.36
C PRO D 417 -62.12 1.99 -13.86
N PRO D 418 -62.08 0.72 -14.33
CA PRO D 418 -61.67 0.40 -15.70
C PRO D 418 -62.46 1.14 -16.77
N GLU D 419 -63.71 1.50 -16.45
CA GLU D 419 -64.60 2.12 -17.42
C GLU D 419 -64.66 3.64 -17.32
N GLU D 420 -64.18 4.19 -16.21
CA GLU D 420 -64.00 5.64 -16.09
C GLU D 420 -62.69 6.04 -16.76
N ALA D 421 -61.69 5.18 -16.64
CA ALA D 421 -60.39 5.40 -17.24
C ALA D 421 -60.51 5.35 -18.75
N ALA D 422 -61.45 4.54 -19.22
CA ALA D 422 -61.72 4.34 -20.65
C ALA D 422 -62.06 5.61 -21.41
N SER D 423 -62.68 6.58 -20.73
CA SER D 423 -63.10 7.83 -21.38
C SER D 423 -61.98 8.88 -21.40
N ILE D 424 -60.87 8.59 -20.74
CA ILE D 424 -59.74 9.52 -20.66
C ILE D 424 -58.62 9.05 -21.60
N PRO D 425 -58.17 9.97 -22.48
CA PRO D 425 -57.08 9.68 -23.41
C PRO D 425 -55.81 9.26 -22.69
N GLN D 426 -55.23 8.15 -23.14
CA GLN D 426 -54.00 7.62 -22.56
C GLN D 426 -52.78 8.34 -23.15
N THR D 427 -51.66 8.26 -22.44
CA THR D 427 -50.37 8.63 -22.99
C THR D 427 -49.97 7.59 -24.04
N PRO D 428 -49.18 8.00 -25.05
CA PRO D 428 -48.69 7.07 -26.07
C PRO D 428 -47.92 5.88 -25.47
N THR D 429 -48.00 4.74 -26.14
CA THR D 429 -47.41 3.48 -25.68
C THR D 429 -45.91 3.38 -25.95
N GLN D 430 -45.49 3.88 -27.11
CA GLN D 430 -44.14 3.66 -27.61
C GLN D 430 -43.70 4.82 -28.51
N LEU D 431 -42.38 4.98 -28.67
CA LEU D 431 -41.79 6.06 -29.48
C LEU D 431 -42.27 6.10 -30.95
N SER D 432 -42.43 4.94 -31.58
CA SER D 432 -42.84 4.89 -32.97
C SER D 432 -44.19 5.55 -33.19
N ASP D 433 -45.07 5.46 -32.19
CA ASP D 433 -46.39 6.11 -32.25
C ASP D 433 -46.32 7.64 -32.27
N VAL D 434 -45.50 8.23 -31.40
CA VAL D 434 -45.38 9.70 -31.33
C VAL D 434 -44.65 10.28 -32.53
N ILE D 435 -43.69 9.52 -33.08
CA ILE D 435 -42.96 9.93 -34.28
C ILE D 435 -43.90 9.91 -35.50
N ASP D 436 -44.70 8.86 -35.61
CA ASP D 436 -45.74 8.77 -36.64
C ASP D 436 -46.70 9.96 -36.57
N ARG D 437 -47.11 10.30 -35.36
CA ARG D 437 -48.07 11.36 -35.12
C ARG D 437 -47.44 12.73 -35.38
N LEU D 438 -46.16 12.87 -35.03
CA LEU D 438 -45.41 14.10 -35.34
C LEU D 438 -45.33 14.33 -36.85
N GLU D 439 -45.13 13.25 -37.59
CA GLU D 439 -45.03 13.30 -39.05
C GLU D 439 -46.36 13.72 -39.68
N ALA D 440 -47.46 13.25 -39.10
CA ALA D 440 -48.79 13.52 -39.62
C ALA D 440 -49.30 14.91 -39.24
N ASP D 441 -48.93 15.40 -38.07
CA ASP D 441 -49.44 16.68 -37.57
C ASP D 441 -48.40 17.47 -36.77
N HIS D 442 -47.79 18.46 -37.40
CA HIS D 442 -46.77 19.27 -36.73
C HIS D 442 -46.87 20.77 -37.03
N GLU D 443 -48.03 21.23 -37.51
CA GLU D 443 -48.21 22.62 -37.92
C GLU D 443 -48.02 23.64 -36.79
N TYR D 444 -48.43 23.28 -35.58
CA TYR D 444 -48.26 24.16 -34.42
C TYR D 444 -46.79 24.49 -34.16
N LEU D 445 -45.91 23.55 -34.51
CA LEU D 445 -44.47 23.70 -34.33
C LEU D 445 -43.84 24.63 -35.37
N THR D 446 -44.37 24.60 -36.58
CA THR D 446 -43.83 25.37 -37.70
C THR D 446 -44.35 26.81 -37.76
N GLU D 447 -45.21 27.19 -36.80
CA GLU D 447 -45.69 28.57 -36.71
C GLU D 447 -44.54 29.54 -36.53
N GLY D 448 -44.51 30.60 -37.33
CA GLY D 448 -43.47 31.62 -37.26
C GLY D 448 -42.10 31.10 -37.65
N GLY D 449 -42.05 29.89 -38.22
CA GLY D 449 -40.79 29.24 -38.58
C GLY D 449 -39.88 28.86 -37.40
N VAL D 450 -40.45 28.75 -36.21
CA VAL D 450 -39.71 28.30 -35.02
C VAL D 450 -39.07 26.93 -35.25
N PHE D 451 -39.90 25.94 -35.60
CA PHE D 451 -39.41 24.68 -36.16
C PHE D 451 -39.62 24.77 -37.67
N THR D 452 -38.67 24.22 -38.42
CA THR D 452 -38.81 24.12 -39.87
C THR D 452 -38.96 22.65 -40.28
N ASN D 453 -39.43 22.41 -41.50
CA ASN D 453 -39.68 21.05 -41.98
C ASN D 453 -38.42 20.18 -42.01
N ASP D 454 -37.30 20.76 -42.40
CA ASP D 454 -36.03 20.04 -42.44
C ASP D 454 -35.62 19.51 -41.05
N LEU D 455 -35.91 20.28 -40.01
CA LEU D 455 -35.62 19.86 -38.63
C LEU D 455 -36.50 18.68 -38.24
N ILE D 456 -37.80 18.84 -38.46
CA ILE D 456 -38.80 17.83 -38.13
C ILE D 456 -38.55 16.53 -38.88
N GLU D 457 -38.28 16.65 -40.19
CA GLU D 457 -37.97 15.48 -41.02
C GLU D 457 -36.68 14.78 -40.64
N THR D 458 -35.65 15.55 -40.27
CA THR D 458 -34.37 15.00 -39.78
C THR D 458 -34.57 14.24 -38.46
N TRP D 459 -35.35 14.83 -37.56
CA TRP D 459 -35.65 14.24 -36.25
C TRP D 459 -36.36 12.89 -36.42
N ILE D 460 -37.40 12.87 -37.25
CA ILE D 460 -38.19 11.66 -37.50
C ILE D 460 -37.31 10.55 -38.07
N SER D 461 -36.52 10.91 -39.07
CA SER D 461 -35.58 10.01 -39.72
C SER D 461 -34.54 9.45 -38.74
N PHE D 462 -33.95 10.31 -37.92
CA PHE D 462 -32.95 9.90 -36.94
C PHE D 462 -33.49 8.88 -35.95
N LYS D 463 -34.69 9.14 -35.42
CA LYS D 463 -35.27 8.27 -34.40
C LYS D 463 -35.62 6.90 -34.96
N ARG D 464 -36.17 6.87 -36.18
CA ARG D 464 -36.54 5.63 -36.84
C ARG D 464 -35.33 4.73 -37.13
N GLU D 465 -34.30 5.33 -37.73
CA GLU D 465 -33.14 4.59 -38.23
C GLU D 465 -32.13 4.21 -37.16
N ASN D 466 -31.98 5.10 -36.17
CA ASN D 466 -30.97 4.96 -35.12
C ASN D 466 -31.46 4.44 -33.77
N GLU D 467 -32.77 4.46 -33.55
CA GLU D 467 -33.34 4.08 -32.26
C GLU D 467 -34.45 3.04 -32.36
N ILE D 468 -35.54 3.38 -33.04
CA ILE D 468 -36.71 2.50 -33.13
C ILE D 468 -36.38 1.15 -33.80
N GLU D 469 -35.79 1.21 -34.98
CA GLU D 469 -35.46 0.00 -35.74
C GLU D 469 -34.40 -0.89 -35.07
N PRO D 470 -33.28 -0.30 -34.60
CA PRO D 470 -32.27 -1.10 -33.90
C PRO D 470 -32.78 -1.86 -32.68
N VAL D 471 -33.72 -1.30 -31.91
CA VAL D 471 -34.34 -2.00 -30.79
C VAL D 471 -35.32 -3.08 -31.25
N ASN D 472 -36.09 -2.78 -32.30
CA ASN D 472 -37.10 -3.70 -32.86
C ASN D 472 -36.58 -5.01 -33.43
N ILE D 473 -35.39 -4.98 -34.00
CA ILE D 473 -34.80 -6.17 -34.63
C ILE D 473 -34.05 -7.05 -33.64
N ARG D 474 -33.75 -6.51 -32.46
CA ARG D 474 -33.01 -7.25 -31.43
C ARG D 474 -33.92 -7.97 -30.44
N PRO D 475 -33.85 -9.32 -30.39
CA PRO D 475 -34.59 -10.08 -29.37
C PRO D 475 -34.32 -9.59 -27.95
N HIS D 476 -35.39 -9.50 -27.16
CA HIS D 476 -35.37 -9.06 -25.76
C HIS D 476 -35.15 -10.28 -24.88
N PRO D 477 -34.31 -10.17 -23.83
CA PRO D 477 -34.08 -11.28 -22.89
C PRO D 477 -35.35 -11.93 -22.36
N TYR D 478 -36.38 -11.12 -22.11
CA TYR D 478 -37.64 -11.66 -21.60
C TYR D 478 -38.41 -12.55 -22.60
N GLU D 479 -38.09 -12.43 -23.88
CA GLU D 479 -38.64 -13.31 -24.91
C GLU D 479 -38.13 -14.74 -24.73
N PHE D 480 -36.94 -14.87 -24.14
CA PHE D 480 -36.39 -16.19 -23.85
C PHE D 480 -37.04 -16.82 -22.63
N ALA D 481 -37.34 -15.99 -21.63
CA ALA D 481 -38.14 -16.40 -20.47
C ALA D 481 -39.51 -16.88 -20.91
N LEU D 482 -40.14 -16.13 -21.82
CA LEU D 482 -41.47 -16.48 -22.32
C LEU D 482 -41.51 -17.64 -23.32
N TYR D 483 -40.51 -17.70 -24.20
CA TYR D 483 -40.67 -18.48 -25.44
C TYR D 483 -39.65 -19.57 -25.80
N TYR D 484 -38.60 -19.75 -24.99
CA TYR D 484 -37.58 -20.76 -25.34
C TYR D 484 -38.18 -22.15 -25.56
N ASP D 485 -39.16 -22.50 -24.71
CA ASP D 485 -39.76 -23.83 -24.70
C ASP D 485 -41.08 -23.95 -25.48
N VAL D 486 -41.32 -23.06 -26.46
CA VAL D 486 -42.58 -23.09 -27.24
C VAL D 486 -42.75 -24.37 -28.05
N GLU E 11 16.10 32.71 -37.52
CA GLU E 11 17.44 33.34 -37.73
C GLU E 11 18.34 33.20 -36.49
N LYS E 12 18.11 32.16 -35.70
CA LYS E 12 18.93 31.91 -34.51
C LYS E 12 20.39 31.63 -34.89
N THR E 13 21.30 32.05 -34.01
CA THR E 13 22.74 31.92 -34.24
C THR E 13 23.34 30.92 -33.24
N PRO E 14 24.54 30.39 -33.53
CA PRO E 14 25.24 29.55 -32.54
C PRO E 14 25.31 30.18 -31.14
N ASP E 15 25.65 31.46 -31.05
CA ASP E 15 25.74 32.14 -29.75
C ASP E 15 24.40 32.30 -29.03
N ASP E 16 23.31 32.41 -29.78
CA ASP E 16 21.96 32.40 -29.22
C ASP E 16 21.69 31.09 -28.47
N VAL E 17 22.13 29.98 -29.07
CA VAL E 17 21.94 28.65 -28.49
C VAL E 17 22.80 28.43 -27.24
N PHE E 18 24.05 28.89 -27.30
CA PHE E 18 24.94 28.83 -26.14
C PHE E 18 24.38 29.61 -24.96
N LYS E 19 23.78 30.76 -25.24
CA LYS E 19 23.15 31.60 -24.23
C LYS E 19 21.93 30.90 -23.61
N LEU E 20 21.10 30.30 -24.47
CA LEU E 20 19.95 29.53 -24.02
C LEU E 20 20.36 28.37 -23.10
N ALA E 21 21.43 27.67 -23.48
CA ALA E 21 21.96 26.55 -22.69
C ALA E 21 22.46 26.99 -21.31
N LYS E 22 23.17 28.13 -21.27
CA LYS E 22 23.66 28.70 -20.03
C LYS E 22 22.52 29.20 -19.12
N ASP E 23 21.58 29.95 -19.71
CA ASP E 23 20.46 30.53 -18.95
C ASP E 23 19.54 29.47 -18.36
N GLU E 24 19.33 28.39 -19.11
CA GLU E 24 18.48 27.28 -18.66
C GLU E 24 19.20 26.27 -17.77
N LYS E 25 20.50 26.49 -17.54
CA LYS E 25 21.33 25.59 -16.74
C LYS E 25 21.23 24.14 -17.22
N VAL E 26 21.42 23.99 -18.53
CA VAL E 26 21.34 22.70 -19.21
C VAL E 26 22.48 21.76 -18.77
N GLU E 27 22.11 20.51 -18.46
CA GLU E 27 23.08 19.48 -18.09
C GLU E 27 23.55 18.65 -19.28
N TYR E 28 22.63 18.42 -20.23
CA TYR E 28 22.90 17.59 -21.41
C TYR E 28 22.36 18.19 -22.69
N VAL E 29 23.01 17.87 -23.81
CA VAL E 29 22.51 18.23 -25.13
C VAL E 29 22.20 16.94 -25.92
N ASP E 30 20.98 16.86 -26.42
CA ASP E 30 20.53 15.71 -27.21
C ASP E 30 20.63 16.04 -28.70
N VAL E 31 21.57 15.37 -29.36
CA VAL E 31 21.85 15.55 -30.79
C VAL E 31 20.91 14.69 -31.61
N ARG E 32 20.07 15.31 -32.44
CA ARG E 32 19.04 14.60 -33.20
C ARG E 32 19.14 14.76 -34.70
N PHE E 33 18.77 13.70 -35.43
CA PHE E 33 18.67 13.71 -36.89
C PHE E 33 17.65 12.68 -37.37
N CYS E 34 17.25 12.77 -38.63
CA CYS E 34 16.17 11.94 -39.17
C CYS E 34 16.70 10.79 -40.01
N ASP E 35 16.20 9.59 -39.76
CA ASP E 35 16.52 8.46 -40.65
C ASP E 35 15.63 8.51 -41.90
N LEU E 36 15.86 7.63 -42.87
CA LEU E 36 15.12 7.73 -44.12
C LEU E 36 13.61 7.44 -44.00
N PRO E 37 13.22 6.32 -43.36
CA PRO E 37 11.78 6.07 -43.19
C PRO E 37 11.00 7.19 -42.45
N GLY E 38 11.63 7.81 -41.45
CA GLY E 38 11.04 8.99 -40.80
C GLY E 38 11.03 9.05 -39.27
N ILE E 39 11.91 8.28 -38.62
CA ILE E 39 12.03 8.25 -37.16
C ILE E 39 13.24 9.07 -36.73
N MET E 40 13.08 9.92 -35.73
CA MET E 40 14.21 10.69 -35.23
C MET E 40 15.19 9.83 -34.43
N GLN E 41 16.48 10.08 -34.63
CA GLN E 41 17.56 9.36 -34.00
C GLN E 41 18.29 10.32 -33.05
N HIS E 42 18.90 9.81 -32.00
CA HIS E 42 19.57 10.67 -31.02
C HIS E 42 20.74 10.01 -30.26
N PHE E 43 21.68 10.86 -29.85
CA PHE E 43 22.62 10.53 -28.76
C PHE E 43 22.84 11.78 -27.91
N THR E 44 23.38 11.58 -26.72
CA THR E 44 23.51 12.67 -25.75
C THR E 44 24.97 13.01 -25.47
N ILE E 45 25.26 14.31 -25.43
CA ILE E 45 26.56 14.81 -25.00
C ILE E 45 26.36 15.66 -23.74
N PRO E 46 27.36 15.69 -22.83
CA PRO E 46 27.23 16.58 -21.68
C PRO E 46 27.35 18.05 -22.07
N ALA E 47 26.83 18.94 -21.23
CA ALA E 47 26.89 20.38 -21.49
C ALA E 47 28.33 20.86 -21.72
N SER E 48 29.26 20.30 -20.95
CA SER E 48 30.67 20.64 -21.05
C SER E 48 31.29 20.34 -22.43
N ALA E 49 30.69 19.40 -23.16
CA ALA E 49 31.17 19.02 -24.50
C ALA E 49 30.45 19.78 -25.60
N PHE E 50 29.52 20.66 -25.23
CA PHE E 50 28.80 21.46 -26.21
C PHE E 50 29.50 22.81 -26.39
N ASP E 51 30.37 22.88 -27.39
CA ASP E 51 31.21 24.05 -27.66
C ASP E 51 31.18 24.46 -29.13
N LYS E 52 32.01 25.44 -29.49
CA LYS E 52 32.10 25.91 -30.89
C LYS E 52 32.56 24.82 -31.86
N SER E 53 33.32 23.85 -31.36
CA SER E 53 33.80 22.74 -32.16
C SER E 53 32.66 21.87 -32.71
N VAL E 54 31.56 21.80 -31.97
CA VAL E 54 30.33 21.15 -32.44
C VAL E 54 29.79 21.83 -33.70
N PHE E 55 29.86 23.16 -33.73
CA PHE E 55 29.43 23.95 -34.88
C PHE E 55 30.47 23.96 -36.02
N ASP E 56 31.75 23.97 -35.65
CA ASP E 56 32.84 24.07 -36.64
C ASP E 56 33.20 22.73 -37.28
N ASP E 57 33.35 21.70 -36.46
CA ASP E 57 33.80 20.38 -36.93
C ASP E 57 32.67 19.35 -37.02
N GLY E 58 31.66 19.50 -36.17
CA GLY E 58 30.53 18.58 -36.15
C GLY E 58 30.78 17.37 -35.28
N LEU E 59 29.89 16.38 -35.37
CA LEU E 59 29.99 15.16 -34.56
C LEU E 59 29.73 13.94 -35.43
N ALA E 60 30.33 12.80 -35.06
CA ALA E 60 30.27 11.58 -35.86
C ALA E 60 29.23 10.58 -35.39
N PHE E 61 28.80 9.69 -36.29
CA PHE E 61 27.93 8.57 -35.94
C PHE E 61 28.12 7.39 -36.90
N ASP E 62 27.50 6.27 -36.60
CA ASP E 62 27.57 5.06 -37.44
C ASP E 62 26.43 5.06 -38.45
N GLY E 63 26.74 5.47 -39.67
CA GLY E 63 25.75 5.54 -40.76
C GLY E 63 25.20 4.19 -41.20
N SER E 64 25.91 3.10 -40.88
CA SER E 64 25.46 1.76 -41.26
C SER E 64 24.36 1.19 -40.36
N SER E 65 24.18 1.78 -39.18
CA SER E 65 23.11 1.36 -38.26
C SER E 65 21.80 2.16 -38.46
N ILE E 66 21.83 3.13 -39.36
CA ILE E 66 20.68 3.98 -39.64
C ILE E 66 20.04 3.56 -40.98
N ARG E 67 18.72 3.39 -40.98
CA ARG E 67 18.01 2.87 -42.14
C ARG E 67 18.04 3.83 -43.33
N GLY E 68 18.33 3.27 -44.50
CA GLY E 68 18.43 4.05 -45.73
C GLY E 68 19.71 4.86 -45.88
N PHE E 69 20.66 4.69 -44.95
CA PHE E 69 21.90 5.45 -44.97
C PHE E 69 23.07 4.67 -45.61
N GLN E 70 24.11 4.37 -44.83
CA GLN E 70 25.36 3.83 -45.38
C GLN E 70 25.49 2.31 -45.26
N SER E 71 26.43 1.75 -46.02
CA SER E 71 26.84 0.38 -45.84
C SER E 71 27.95 0.32 -44.79
N ILE E 72 28.23 -0.89 -44.28
CA ILE E 72 29.14 -1.07 -43.15
C ILE E 72 30.59 -0.62 -43.39
N HIS E 73 31.07 -0.75 -44.63
CA HIS E 73 32.45 -0.35 -44.97
C HIS E 73 32.60 1.15 -45.26
N GLU E 74 31.47 1.84 -45.39
CA GLU E 74 31.46 3.30 -45.59
C GLU E 74 30.65 3.97 -44.47
N SER E 75 30.80 3.43 -43.25
CA SER E 75 29.91 3.74 -42.13
C SER E 75 29.98 5.17 -41.56
N ASP E 76 31.18 5.66 -41.24
CA ASP E 76 31.32 7.00 -40.63
C ASP E 76 30.56 8.07 -41.41
N MET E 77 29.74 8.84 -40.68
CA MET E 77 29.07 10.01 -41.22
C MET E 77 29.22 11.19 -40.26
N LEU E 78 28.89 12.40 -40.73
CA LEU E 78 29.07 13.62 -39.95
C LEU E 78 27.74 14.37 -39.73
N LEU E 79 27.66 15.12 -38.64
CA LEU E 79 26.48 15.91 -38.30
C LEU E 79 26.84 17.35 -38.01
N LEU E 80 26.05 18.29 -38.53
CA LEU E 80 26.24 19.72 -38.27
C LEU E 80 24.94 20.34 -37.76
N PRO E 81 25.02 21.12 -36.65
CA PRO E 81 23.82 21.63 -35.95
C PRO E 81 22.97 22.63 -36.73
N ASP E 82 21.67 22.64 -36.47
CA ASP E 82 20.74 23.66 -36.96
C ASP E 82 20.20 24.46 -35.77
N PRO E 83 20.79 25.62 -35.48
CA PRO E 83 20.44 26.44 -34.32
C PRO E 83 18.96 26.86 -34.21
N GLU E 84 18.25 26.89 -35.34
CA GLU E 84 16.81 27.17 -35.39
C GLU E 84 15.97 26.15 -34.62
N THR E 85 16.50 24.95 -34.45
CA THR E 85 15.73 23.83 -33.88
C THR E 85 16.00 23.54 -32.39
N ALA E 86 16.74 24.41 -31.72
CA ALA E 86 17.06 24.22 -30.32
C ALA E 86 15.84 24.46 -29.43
N ARG E 87 15.47 23.45 -28.64
CA ARG E 87 14.36 23.52 -27.68
C ARG E 87 14.70 22.75 -26.41
N ILE E 88 14.19 23.21 -25.27
CA ILE E 88 14.34 22.49 -24.01
C ILE E 88 13.43 21.25 -23.98
N ASP E 89 13.98 20.12 -23.55
CA ASP E 89 13.21 18.88 -23.45
C ASP E 89 12.26 18.93 -22.24
N PRO E 90 10.96 18.67 -22.47
CA PRO E 90 9.99 18.75 -21.36
C PRO E 90 9.98 17.54 -20.41
N PHE E 91 10.68 16.46 -20.77
CA PHE E 91 10.49 15.16 -20.09
C PHE E 91 11.64 14.70 -19.17
N ARG E 92 12.87 15.00 -19.56
CA ARG E 92 14.04 14.48 -18.85
C ARG E 92 14.30 15.20 -17.54
N ALA E 93 14.50 14.43 -16.47
CA ALA E 93 14.74 14.95 -15.14
C ALA E 93 16.01 15.80 -15.09
N ALA E 94 17.03 15.36 -15.83
CA ALA E 94 18.25 16.14 -16.01
C ALA E 94 18.02 17.11 -17.15
N LYS E 95 18.21 18.40 -16.89
CA LYS E 95 17.89 19.45 -17.87
C LYS E 95 18.61 19.23 -19.20
N THR E 96 17.83 19.10 -20.26
CA THR E 96 18.35 18.72 -21.57
C THR E 96 17.89 19.68 -22.68
N LEU E 97 18.82 20.03 -23.56
CA LEU E 97 18.52 20.82 -24.75
C LEU E 97 18.59 19.96 -26.01
N ASN E 98 17.49 19.92 -26.77
CA ASN E 98 17.41 19.14 -28.01
C ASN E 98 17.78 20.02 -29.19
N ILE E 99 18.63 19.52 -30.09
CA ILE E 99 18.94 20.24 -31.35
C ILE E 99 18.92 19.27 -32.52
N ASN E 100 18.28 19.67 -33.63
CA ASN E 100 18.34 18.90 -34.87
C ASN E 100 19.60 19.20 -35.67
N PHE E 101 20.11 18.18 -36.36
CA PHE E 101 21.34 18.29 -37.13
C PHE E 101 21.11 17.91 -38.61
N PHE E 102 21.96 18.45 -39.48
CA PHE E 102 22.04 18.03 -40.88
C PHE E 102 23.16 16.98 -41.02
N VAL E 103 22.91 15.95 -41.83
CA VAL E 103 23.91 14.92 -42.12
C VAL E 103 24.80 15.37 -43.28
N HIS E 104 26.12 15.22 -43.09
CA HIS E 104 27.11 15.61 -44.09
C HIS E 104 28.11 14.48 -44.35
N ASP E 105 28.70 14.50 -45.55
CA ASP E 105 29.81 13.60 -45.91
C ASP E 105 31.04 13.92 -45.04
N PRO E 106 31.68 12.88 -44.46
CA PRO E 106 32.80 13.13 -43.54
C PRO E 106 34.11 13.55 -44.20
N PHE E 107 34.22 13.37 -45.52
CA PHE E 107 35.39 13.78 -46.29
C PHE E 107 35.22 15.17 -46.90
N THR E 108 34.15 15.37 -47.66
CA THR E 108 33.93 16.60 -48.44
C THR E 108 33.11 17.66 -47.71
N LEU E 109 32.48 17.26 -46.59
CA LEU E 109 31.55 18.10 -45.81
C LEU E 109 30.32 18.57 -46.62
N GLU E 110 30.10 17.96 -47.77
CA GLU E 110 28.91 18.21 -48.57
C GLU E 110 27.67 17.59 -47.89
N PRO E 111 26.49 18.25 -48.02
CA PRO E 111 25.25 17.69 -47.49
C PRO E 111 24.93 16.31 -48.09
N TYR E 112 24.35 15.43 -47.27
CA TYR E 112 24.09 14.05 -47.64
C TYR E 112 22.85 13.97 -48.53
N SER E 113 22.96 13.21 -49.62
CA SER E 113 21.85 13.07 -50.57
C SER E 113 20.64 12.33 -49.99
N ARG E 114 20.84 11.60 -48.89
CA ARG E 114 19.77 10.86 -48.25
C ARG E 114 19.44 11.34 -46.83
N ASP E 115 19.79 12.58 -46.53
CA ASP E 115 19.33 13.26 -45.33
C ASP E 115 17.98 13.92 -45.66
N PRO E 116 16.89 13.45 -44.99
CA PRO E 116 15.56 14.01 -45.22
C PRO E 116 15.51 15.54 -45.01
N ARG E 117 16.21 16.03 -43.99
CA ARG E 117 16.29 17.47 -43.72
C ARG E 117 16.99 18.25 -44.82
N ASN E 118 17.93 17.60 -45.52
CA ASN E 118 18.54 18.19 -46.71
C ASN E 118 17.54 18.33 -47.88
N ILE E 119 16.71 17.30 -48.08
CA ILE E 119 15.71 17.30 -49.15
C ILE E 119 14.75 18.50 -49.02
N ALA E 120 14.29 18.75 -47.79
CA ALA E 120 13.43 19.89 -47.47
C ALA E 120 14.13 21.22 -47.74
N ARG E 121 15.41 21.30 -47.38
CA ARG E 121 16.29 22.45 -47.66
C ARG E 121 16.32 22.72 -49.17
N LYS E 122 16.61 21.67 -49.94
CA LYS E 122 16.73 21.75 -51.39
C LYS E 122 15.40 22.14 -52.06
N ALA E 123 14.31 21.59 -51.55
CA ALA E 123 12.97 21.88 -52.06
C ALA E 123 12.65 23.37 -51.96
N GLU E 124 12.95 23.94 -50.79
CA GLU E 124 12.72 25.37 -50.54
C GLU E 124 13.53 26.28 -51.48
N ASN E 125 14.79 25.90 -51.71
CA ASN E 125 15.67 26.66 -52.61
C ASN E 125 15.27 26.52 -54.05
N TYR E 126 14.83 25.32 -54.44
CA TYR E 126 14.33 25.11 -55.79
C TYR E 126 13.09 25.98 -56.08
N LEU E 127 12.15 26.02 -55.14
CA LEU E 127 10.96 26.87 -55.26
C LEU E 127 11.34 28.33 -55.59
N ILE E 128 12.26 28.90 -54.83
CA ILE E 128 12.75 30.26 -55.07
C ILE E 128 13.33 30.38 -56.49
N SER E 129 14.11 29.40 -56.92
CA SER E 129 14.76 29.41 -58.22
C SER E 129 13.80 29.35 -59.42
N THR E 130 12.56 28.93 -59.18
CA THR E 130 11.59 28.84 -60.27
C THR E 130 10.92 30.17 -60.57
N GLY E 131 10.99 31.12 -59.64
CA GLY E 131 10.31 32.39 -59.79
C GLY E 131 8.82 32.36 -59.47
N ILE E 132 8.24 31.15 -59.41
CA ILE E 132 6.82 30.95 -59.10
C ILE E 132 6.40 31.57 -57.75
N ALA E 133 7.19 31.32 -56.71
CA ALA E 133 6.93 31.82 -55.36
C ALA E 133 8.24 31.81 -54.58
N ASP E 134 8.24 32.39 -53.38
CA ASP E 134 9.41 32.29 -52.51
C ASP E 134 9.13 31.54 -51.21
N THR E 135 7.85 31.29 -50.91
CA THR E 135 7.47 30.57 -49.69
C THR E 135 6.32 29.58 -49.91
N ALA E 136 6.52 28.35 -49.45
CA ALA E 136 5.48 27.34 -49.41
C ALA E 136 5.09 27.02 -47.96
N TYR E 137 3.84 27.33 -47.61
CA TYR E 137 3.33 27.12 -46.26
C TYR E 137 2.62 25.78 -46.12
N PHE E 138 3.00 25.04 -45.08
CA PHE E 138 2.39 23.76 -44.75
C PHE E 138 1.76 23.78 -43.37
N GLY E 139 0.46 23.47 -43.34
CA GLY E 139 -0.28 23.28 -42.11
C GLY E 139 -0.74 21.84 -42.08
N ALA E 140 -0.45 21.14 -40.98
CA ALA E 140 -0.73 19.71 -40.88
C ALA E 140 -1.61 19.35 -39.70
N GLU E 141 -2.41 18.29 -39.87
CA GLU E 141 -3.23 17.76 -38.79
C GLU E 141 -2.87 16.29 -38.56
N ALA E 142 -1.94 16.03 -37.66
CA ALA E 142 -1.55 14.67 -37.34
C ALA E 142 -2.42 14.10 -36.23
N GLU E 143 -3.40 13.29 -36.63
CA GLU E 143 -4.33 12.66 -35.69
C GLU E 143 -3.63 11.43 -35.10
N PHE E 144 -4.12 10.96 -33.94
CA PHE E 144 -3.49 9.84 -33.23
C PHE E 144 -4.46 9.16 -32.28
N TYR E 145 -4.12 7.95 -31.86
CA TYR E 145 -4.89 7.22 -30.86
C TYR E 145 -4.19 7.17 -29.51
N ILE E 146 -4.93 7.47 -28.44
CA ILE E 146 -4.38 7.31 -27.09
C ILE E 146 -4.85 5.97 -26.52
N PHE E 147 -4.04 4.93 -26.70
CA PHE E 147 -4.40 3.60 -26.23
C PHE E 147 -3.90 3.34 -24.80
N ASP E 148 -4.31 2.21 -24.22
CA ASP E 148 -3.83 1.75 -22.92
C ASP E 148 -2.74 0.68 -23.03
N SER E 149 -2.83 -0.13 -24.08
CA SER E 149 -1.97 -1.27 -24.27
C SER E 149 -1.97 -1.75 -25.72
N VAL E 150 -0.90 -2.47 -26.07
CA VAL E 150 -0.76 -3.13 -27.37
C VAL E 150 0.17 -4.33 -27.24
N SER E 151 -0.18 -5.42 -27.92
CA SER E 151 0.70 -6.57 -28.04
C SER E 151 0.42 -7.28 -29.36
N PHE E 152 1.42 -8.00 -29.85
CA PHE E 152 1.38 -8.61 -31.18
C PHE E 152 2.57 -9.57 -31.30
N ASP E 153 2.41 -10.62 -32.09
CA ASP E 153 3.55 -11.43 -32.50
C ASP E 153 3.34 -12.11 -33.86
N SER E 154 4.34 -12.88 -34.28
CA SER E 154 4.32 -13.58 -35.56
C SER E 154 5.19 -14.82 -35.43
N ARG E 155 4.54 -15.99 -35.47
CA ARG E 155 5.21 -17.27 -35.30
C ARG E 155 4.90 -18.20 -36.48
N ALA E 156 5.48 -19.39 -36.49
CA ALA E 156 5.26 -20.36 -37.56
C ALA E 156 3.81 -20.82 -37.64
N ASN E 157 3.19 -21.03 -36.48
CA ASN E 157 1.86 -21.63 -36.38
C ASN E 157 0.73 -20.66 -35.96
N GLY E 158 1.07 -19.38 -35.78
CA GLY E 158 0.09 -18.40 -35.33
C GLY E 158 0.62 -16.98 -35.30
N SER E 159 -0.30 -16.02 -35.28
CA SER E 159 0.01 -14.58 -35.25
C SER E 159 -1.19 -13.83 -34.67
N PHE E 160 -0.94 -12.71 -33.99
CA PHE E 160 -1.99 -11.91 -33.40
C PHE E 160 -1.58 -10.43 -33.27
N TYR E 161 -2.57 -9.56 -33.17
CA TYR E 161 -2.41 -8.24 -32.56
C TYR E 161 -3.64 -7.90 -31.73
N GLU E 162 -3.46 -7.02 -30.75
CA GLU E 162 -4.55 -6.46 -29.98
C GLU E 162 -4.14 -5.11 -29.42
N VAL E 163 -4.96 -4.10 -29.70
CA VAL E 163 -4.86 -2.80 -29.03
C VAL E 163 -6.03 -2.71 -28.03
N ASP E 164 -5.88 -1.92 -26.99
CA ASP E 164 -6.95 -1.76 -26.02
C ASP E 164 -6.95 -0.36 -25.43
N ALA E 165 -8.14 0.06 -25.00
CA ALA E 165 -8.37 1.38 -24.43
C ALA E 165 -9.61 1.32 -23.55
N ILE E 166 -9.57 1.97 -22.40
CA ILE E 166 -10.73 2.02 -21.51
C ILE E 166 -12.01 2.51 -22.22
N SER E 167 -11.87 3.49 -23.12
CA SER E 167 -13.01 4.08 -23.83
C SER E 167 -13.46 3.31 -25.09
N GLY E 168 -12.80 2.21 -25.39
CA GLY E 168 -13.18 1.38 -26.55
C GLY E 168 -14.55 0.77 -26.39
N TRP E 169 -15.37 0.89 -27.43
CA TRP E 169 -16.73 0.34 -27.41
C TRP E 169 -16.76 -1.17 -27.22
N TRP E 170 -15.69 -1.85 -27.63
CA TRP E 170 -15.57 -3.31 -27.48
C TRP E 170 -15.55 -3.73 -26.01
N ASN E 171 -15.38 -2.75 -25.11
CA ASN E 171 -15.34 -2.99 -23.68
C ASN E 171 -16.62 -2.67 -22.89
N THR E 172 -17.71 -2.31 -23.58
CA THR E 172 -18.97 -1.99 -22.87
C THR E 172 -19.48 -3.11 -21.96
N GLY E 173 -19.18 -4.37 -22.30
CA GLY E 173 -19.65 -5.53 -21.56
C GLY E 173 -18.67 -6.07 -20.55
N ALA E 174 -17.53 -5.40 -20.39
CA ALA E 174 -16.48 -5.86 -19.45
C ALA E 174 -16.99 -5.81 -18.00
N ALA E 175 -16.71 -6.88 -17.25
CA ALA E 175 -17.11 -6.97 -15.85
C ALA E 175 -16.37 -5.94 -14.97
N THR E 176 -15.08 -5.75 -15.26
CA THR E 176 -14.27 -4.75 -14.56
C THR E 176 -13.29 -4.12 -15.54
N GLU E 177 -12.65 -3.04 -15.13
CA GLU E 177 -11.54 -2.46 -15.87
C GLU E 177 -10.27 -3.30 -15.67
N ALA E 178 -9.22 -3.01 -16.45
CA ALA E 178 -7.98 -3.79 -16.41
C ALA E 178 -7.34 -3.89 -15.02
N ASP E 179 -7.44 -2.80 -14.24
CA ASP E 179 -6.91 -2.78 -12.87
C ASP E 179 -7.89 -3.37 -11.83
N GLY E 180 -9.02 -3.91 -12.29
CA GLY E 180 -9.99 -4.54 -11.39
C GLY E 180 -11.10 -3.62 -10.88
N SER E 181 -10.99 -2.33 -11.17
CA SER E 181 -11.99 -1.33 -10.80
C SER E 181 -13.27 -1.45 -11.66
N PRO E 182 -14.40 -0.90 -11.17
CA PRO E 182 -15.69 -1.08 -11.87
C PRO E 182 -15.76 -0.47 -13.27
N ASN E 183 -16.52 -1.11 -14.15
CA ASN E 183 -16.93 -0.54 -15.42
C ASN E 183 -17.95 0.56 -15.14
N ARG E 184 -17.61 1.80 -15.48
CA ARG E 184 -18.48 2.94 -15.18
C ARG E 184 -19.19 3.52 -16.41
N GLY E 185 -19.15 2.80 -17.52
CA GLY E 185 -19.80 3.21 -18.75
C GLY E 185 -19.16 4.44 -19.39
N TYR E 186 -19.95 5.18 -20.16
CA TYR E 186 -19.50 6.38 -20.87
C TYR E 186 -18.36 6.12 -21.87
N LYS E 187 -18.37 4.92 -22.44
CA LYS E 187 -17.38 4.56 -23.46
C LYS E 187 -17.80 5.17 -24.80
N VAL E 188 -16.86 5.25 -25.72
CA VAL E 188 -17.10 5.93 -27.01
C VAL E 188 -17.60 4.96 -28.08
N ARG E 189 -18.73 5.30 -28.72
CA ARG E 189 -19.30 4.49 -29.79
C ARG E 189 -18.38 4.58 -31.02
N HIS E 190 -18.36 3.53 -31.84
CA HIS E 190 -17.59 3.56 -33.07
C HIS E 190 -18.09 4.71 -33.93
N LYS E 191 -17.15 5.48 -34.47
CA LYS E 191 -17.46 6.69 -35.24
C LYS E 191 -18.17 7.77 -34.40
N GLY E 192 -18.14 7.64 -33.07
CA GLY E 192 -18.88 8.55 -32.18
C GLY E 192 -18.07 9.44 -31.25
N GLY E 193 -16.78 9.59 -31.51
CA GLY E 193 -15.88 10.31 -30.61
C GLY E 193 -15.78 11.81 -30.82
N TYR E 194 -16.35 12.29 -31.92
CA TYR E 194 -16.23 13.68 -32.33
C TYR E 194 -17.55 14.41 -32.15
N PHE E 195 -17.71 15.21 -31.09
CA PHE E 195 -16.83 15.24 -29.91
C PHE E 195 -17.61 15.61 -28.64
N PRO E 196 -18.35 14.64 -28.07
CA PRO E 196 -19.13 14.88 -26.84
C PRO E 196 -18.30 15.33 -25.64
N VAL E 197 -18.92 16.08 -24.73
CA VAL E 197 -18.25 16.52 -23.50
C VAL E 197 -17.95 15.34 -22.56
N ALA E 198 -17.07 15.59 -21.59
CA ALA E 198 -16.79 14.63 -20.53
C ALA E 198 -18.07 14.37 -19.75
N PRO E 199 -18.24 13.14 -19.21
CA PRO E 199 -17.27 12.05 -19.11
C PRO E 199 -17.14 11.11 -20.32
N ASN E 200 -17.94 11.32 -21.37
CA ASN E 200 -17.77 10.59 -22.64
C ASN E 200 -16.35 10.74 -23.16
N ASP E 201 -15.88 11.98 -23.15
CA ASP E 201 -14.50 12.32 -23.48
C ASP E 201 -13.68 12.07 -22.23
N GLN E 202 -12.93 10.96 -22.24
CA GLN E 202 -12.17 10.50 -21.06
C GLN E 202 -10.71 11.00 -21.04
N TYR E 203 -10.34 11.84 -22.00
CA TYR E 203 -8.95 12.24 -22.21
C TYR E 203 -8.71 13.75 -22.17
N VAL E 204 -9.65 14.49 -21.59
CA VAL E 204 -9.58 15.97 -21.52
C VAL E 204 -8.32 16.46 -20.79
N ASP E 205 -8.08 15.95 -19.58
CA ASP E 205 -6.91 16.36 -18.78
C ASP E 205 -5.59 15.99 -19.43
N LEU E 206 -5.52 14.79 -20.05
CA LEU E 206 -4.31 14.34 -20.72
C LEU E 206 -3.99 15.19 -21.96
N ARG E 207 -5.01 15.52 -22.74
CA ARG E 207 -4.83 16.40 -23.90
C ARG E 207 -4.44 17.82 -23.48
N ASP E 208 -4.91 18.27 -22.31
CA ASP E 208 -4.50 19.58 -21.78
C ASP E 208 -3.00 19.58 -21.48
N LYS E 209 -2.51 18.46 -20.93
CA LYS E 209 -1.08 18.27 -20.66
C LYS E 209 -0.24 18.26 -21.93
N MET E 210 -0.78 17.64 -22.98
CA MET E 210 -0.15 17.65 -24.30
C MET E 210 -0.10 19.08 -24.84
N LEU E 211 -1.22 19.80 -24.75
CA LEU E 211 -1.31 21.19 -25.21
C LEU E 211 -0.31 22.10 -24.47
N THR E 212 -0.17 21.88 -23.16
CA THR E 212 0.75 22.68 -22.34
C THR E 212 2.22 22.41 -22.65
N ASN E 213 2.59 21.13 -22.80
CA ASN E 213 3.94 20.74 -23.21
C ASN E 213 4.35 21.30 -24.58
N LEU E 214 3.39 21.37 -25.50
CA LEU E 214 3.62 21.98 -26.81
C LEU E 214 3.84 23.51 -26.68
N ILE E 215 2.98 24.17 -25.90
CA ILE E 215 3.08 25.61 -25.67
C ILE E 215 4.46 25.93 -25.06
N ASN E 216 4.87 25.15 -24.06
CA ASN E 216 6.18 25.34 -23.40
C ASN E 216 7.38 24.97 -24.27
N SER E 217 7.14 24.37 -25.43
CA SER E 217 8.20 24.07 -26.42
C SER E 217 8.16 25.03 -27.61
N GLY E 218 7.43 26.13 -27.46
CA GLY E 218 7.43 27.18 -28.47
C GLY E 218 6.48 27.00 -29.64
N PHE E 219 5.59 26.01 -29.56
CA PHE E 219 4.51 25.86 -30.53
C PHE E 219 3.46 26.95 -30.29
N ILE E 220 2.91 27.49 -31.39
CA ILE E 220 1.74 28.35 -31.32
C ILE E 220 0.50 27.51 -31.57
N LEU E 221 -0.34 27.37 -30.54
CA LEU E 221 -1.44 26.41 -30.55
C LEU E 221 -2.72 27.00 -31.08
N GLU E 222 -3.52 26.16 -31.73
CA GLU E 222 -4.83 26.56 -32.27
C GLU E 222 -6.00 25.80 -31.65
N LYS E 223 -5.96 24.47 -31.67
CA LYS E 223 -6.93 23.66 -30.93
C LYS E 223 -6.52 22.22 -30.60
N GLY E 224 -7.30 21.60 -29.70
CA GLY E 224 -7.19 20.20 -29.37
C GLY E 224 -8.59 19.64 -29.14
N HIS E 225 -8.82 18.41 -29.59
CA HIS E 225 -10.09 17.73 -29.41
C HIS E 225 -9.98 16.23 -29.58
N HIS E 226 -10.99 15.52 -29.09
CA HIS E 226 -11.19 14.09 -29.34
C HIS E 226 -11.61 13.96 -30.80
N GLU E 227 -11.17 12.90 -31.47
CA GLU E 227 -11.56 12.65 -32.85
C GLU E 227 -12.62 11.55 -32.95
N VAL E 228 -13.06 11.29 -34.18
CA VAL E 228 -14.19 10.39 -34.48
C VAL E 228 -14.06 8.99 -33.86
N GLY E 229 -12.87 8.42 -33.91
CA GLY E 229 -12.66 7.02 -33.52
C GLY E 229 -12.82 6.70 -32.05
N SER E 230 -13.46 5.57 -31.77
CA SER E 230 -13.56 5.01 -30.43
C SER E 230 -12.18 4.63 -29.89
N GLY E 231 -12.03 4.55 -28.57
CA GLY E 231 -10.76 4.11 -27.99
C GLY E 231 -9.69 5.18 -28.00
N GLY E 232 -10.14 6.43 -27.87
CA GLY E 232 -9.25 7.55 -27.60
C GLY E 232 -8.56 8.26 -28.77
N GLN E 233 -9.23 8.36 -29.92
CA GLN E 233 -8.64 9.12 -31.02
C GLN E 233 -8.60 10.60 -30.65
N ALA E 234 -7.58 11.30 -31.12
CA ALA E 234 -7.36 12.70 -30.77
C ALA E 234 -6.73 13.47 -31.92
N GLU E 235 -6.74 14.81 -31.79
CA GLU E 235 -6.12 15.71 -32.75
C GLU E 235 -5.73 17.00 -32.04
N ILE E 236 -4.51 17.48 -32.31
CA ILE E 236 -4.09 18.80 -31.87
C ILE E 236 -3.55 19.59 -33.08
N ASN E 237 -3.93 20.87 -33.17
CA ASN E 237 -3.49 21.74 -34.24
C ASN E 237 -2.59 22.86 -33.73
N TYR E 238 -1.47 23.05 -34.40
CA TYR E 238 -0.57 24.17 -34.14
C TYR E 238 -0.42 24.98 -35.43
N GLN E 239 0.06 26.22 -35.28
CA GLN E 239 0.20 27.13 -36.42
C GLN E 239 1.11 26.60 -37.54
N PHE E 240 0.67 26.79 -38.78
CA PHE E 240 1.43 26.43 -39.98
C PHE E 240 2.78 27.14 -40.03
N ASN E 241 3.65 26.70 -40.93
CA ASN E 241 4.93 27.35 -41.18
C ASN E 241 5.45 27.02 -42.57
N SER E 242 6.60 27.58 -42.94
CA SER E 242 7.27 27.22 -44.19
C SER E 242 7.78 25.77 -44.13
N LEU E 243 7.93 25.16 -45.30
CA LEU E 243 8.16 23.72 -45.45
C LEU E 243 9.10 23.07 -44.40
N LEU E 244 10.37 23.45 -44.38
CA LEU E 244 11.34 22.84 -43.48
C LEU E 244 10.96 23.00 -42.00
N HIS E 245 10.59 24.22 -41.59
CA HIS E 245 10.16 24.48 -40.22
C HIS E 245 8.95 23.61 -39.86
N ALA E 246 8.02 23.50 -40.79
CA ALA E 246 6.80 22.69 -40.60
C ALA E 246 7.10 21.21 -40.42
N ALA E 247 8.09 20.70 -41.15
CA ALA E 247 8.50 19.29 -41.03
C ALA E 247 9.23 19.04 -39.70
N ASP E 248 10.06 20.00 -39.30
CA ASP E 248 10.73 19.96 -38.00
C ASP E 248 9.71 19.99 -36.85
N ASP E 249 8.71 20.88 -36.98
CA ASP E 249 7.58 20.95 -36.03
C ASP E 249 6.84 19.62 -35.91
N MET E 250 6.57 18.97 -37.04
CA MET E 250 5.86 17.69 -37.04
C MET E 250 6.60 16.61 -36.23
N GLN E 251 7.89 16.48 -36.48
CA GLN E 251 8.72 15.50 -35.77
C GLN E 251 8.74 15.72 -34.26
N LEU E 252 8.85 16.99 -33.84
CA LEU E 252 8.87 17.33 -32.42
C LEU E 252 7.49 17.13 -31.79
N TYR E 253 6.45 17.48 -32.53
CA TYR E 253 5.07 17.30 -32.11
C TYR E 253 4.82 15.81 -31.81
N LYS E 254 5.21 14.94 -32.73
CA LYS E 254 5.05 13.49 -32.53
C LYS E 254 5.79 13.01 -31.28
N TYR E 255 6.98 13.55 -31.05
CA TYR E 255 7.78 13.21 -29.86
C TYR E 255 7.07 13.63 -28.56
N ILE E 256 6.55 14.86 -28.54
CA ILE E 256 5.87 15.41 -27.37
C ILE E 256 4.55 14.69 -27.09
N ILE E 257 3.79 14.39 -28.14
CA ILE E 257 2.56 13.62 -27.98
C ILE E 257 2.84 12.24 -27.38
N LYS E 258 3.73 11.49 -28.02
CA LYS E 258 4.11 10.13 -27.58
C LYS E 258 4.59 10.07 -26.14
N ASN E 259 5.41 11.03 -25.75
CA ASN E 259 6.04 11.01 -24.43
C ASN E 259 5.23 11.63 -23.30
N THR E 260 4.35 12.57 -23.61
CA THR E 260 3.35 13.04 -22.65
C THR E 260 2.45 11.84 -22.29
N ALA E 261 1.99 11.12 -23.31
CA ALA E 261 1.21 9.92 -23.10
C ALA E 261 1.95 8.89 -22.24
N TRP E 262 3.19 8.61 -22.61
CA TRP E 262 4.01 7.60 -21.91
C TRP E 262 4.18 7.92 -20.43
N GLN E 263 4.48 9.18 -20.12
CA GLN E 263 4.68 9.62 -18.75
C GLN E 263 3.40 9.59 -17.91
N ASN E 264 2.26 9.49 -18.60
CA ASN E 264 0.97 9.47 -17.93
C ASN E 264 0.23 8.14 -18.07
N GLY E 265 0.98 7.07 -18.34
CA GLY E 265 0.47 5.71 -18.23
C GLY E 265 -0.20 5.18 -19.48
N LYS E 266 -0.10 5.94 -20.58
CA LYS E 266 -0.76 5.58 -21.83
C LYS E 266 0.26 5.26 -22.91
N THR E 267 -0.22 4.90 -24.10
CA THR E 267 0.62 4.60 -25.25
C THR E 267 -0.08 5.09 -26.52
N VAL E 268 0.64 5.88 -27.31
CA VAL E 268 0.10 6.53 -28.52
C VAL E 268 0.59 5.89 -29.80
N THR E 269 -0.30 5.74 -30.79
CA THR E 269 0.12 5.37 -32.13
C THR E 269 -0.37 6.36 -33.19
N PHE E 270 0.51 6.65 -34.15
CA PHE E 270 0.18 7.45 -35.31
C PHE E 270 -0.06 6.59 -36.56
N MET E 271 -0.19 5.28 -36.37
CA MET E 271 -0.40 4.41 -37.54
C MET E 271 -1.73 4.74 -38.23
N PRO E 272 -1.78 4.62 -39.56
CA PRO E 272 -2.96 5.04 -40.35
C PRO E 272 -4.28 4.36 -40.00
N LYS E 273 -4.25 3.07 -39.71
CA LYS E 273 -5.48 2.32 -39.47
C LYS E 273 -5.30 1.22 -38.41
N PRO E 274 -5.24 1.61 -37.12
CA PRO E 274 -5.13 0.60 -36.04
C PRO E 274 -6.44 -0.11 -35.72
N LEU E 275 -7.58 0.52 -36.03
CA LEU E 275 -8.89 -0.08 -35.79
C LEU E 275 -9.60 -0.41 -37.09
N PHE E 276 -10.14 -1.61 -37.15
CA PHE E 276 -10.95 -2.07 -38.28
C PHE E 276 -12.41 -1.68 -38.02
N GLY E 277 -13.03 -1.00 -38.99
CA GLY E 277 -14.41 -0.56 -38.84
C GLY E 277 -14.59 0.74 -38.07
N ASP E 278 -13.51 1.50 -37.90
CA ASP E 278 -13.58 2.85 -37.31
C ASP E 278 -12.56 3.74 -38.03
N ASN E 279 -12.59 5.04 -37.74
CA ASN E 279 -11.78 6.00 -38.50
C ASN E 279 -10.28 5.75 -38.42
N GLY E 280 -9.59 5.93 -39.54
CA GLY E 280 -8.13 5.91 -39.55
C GLY E 280 -7.61 7.24 -39.05
N SER E 281 -6.28 7.36 -38.98
CA SER E 281 -5.64 8.61 -38.57
C SER E 281 -4.91 9.20 -39.78
N GLY E 282 -5.33 10.38 -40.20
CA GLY E 282 -4.73 11.03 -41.34
C GLY E 282 -3.76 12.13 -40.95
N MET E 283 -3.07 12.66 -41.97
CA MET E 283 -2.22 13.85 -41.82
C MET E 283 -2.55 14.81 -42.95
N HIS E 284 -3.72 15.45 -42.87
CA HIS E 284 -4.13 16.44 -43.87
C HIS E 284 -3.11 17.56 -43.94
N CYS E 285 -2.75 17.95 -45.17
CA CYS E 285 -1.78 19.03 -45.36
C CYS E 285 -2.41 20.19 -46.12
N HIS E 286 -2.69 21.26 -45.38
CA HIS E 286 -3.10 22.54 -45.95
C HIS E 286 -1.88 23.21 -46.56
N GLN E 287 -2.02 23.72 -47.78
CA GLN E 287 -0.89 24.26 -48.53
C GLN E 287 -1.23 25.58 -49.22
N SER E 288 -0.29 26.51 -49.20
CA SER E 288 -0.41 27.75 -49.98
C SER E 288 0.96 28.26 -50.43
N LEU E 289 1.00 28.97 -51.55
CA LEU E 289 2.21 29.60 -52.05
C LEU E 289 2.14 31.13 -51.93
N TRP E 290 3.23 31.73 -51.46
CA TRP E 290 3.32 33.19 -51.29
C TRP E 290 4.54 33.75 -52.01
N LYS E 291 4.46 35.00 -52.45
CA LYS E 291 5.60 35.69 -53.05
C LYS E 291 5.65 37.18 -52.68
N ASP E 292 6.81 37.63 -52.22
CA ASP E 292 7.03 39.03 -51.80
C ASP E 292 6.03 39.47 -50.73
N GLY E 293 5.65 38.54 -49.85
CA GLY E 293 4.67 38.81 -48.80
C GLY E 293 3.21 38.90 -49.26
N ALA E 294 2.91 38.39 -50.43
CA ALA E 294 1.55 38.39 -50.97
C ALA E 294 1.07 36.98 -51.32
N PRO E 295 -0.21 36.66 -51.04
CA PRO E 295 -0.78 35.34 -51.32
C PRO E 295 -1.06 35.13 -52.81
N LEU E 296 -0.97 33.88 -53.26
CA LEU E 296 -1.10 33.55 -54.69
C LEU E 296 -2.27 32.62 -55.01
N MET E 297 -2.94 32.12 -53.98
CA MET E 297 -3.97 31.09 -54.16
C MET E 297 -5.38 31.64 -54.49
N TYR E 298 -5.57 32.95 -54.33
CA TYR E 298 -6.92 33.54 -54.39
C TYR E 298 -7.32 34.22 -55.70
N ASP E 299 -8.50 33.85 -56.21
CA ASP E 299 -9.16 34.56 -57.28
C ASP E 299 -10.66 34.51 -57.03
N GLU E 300 -11.23 35.68 -56.75
CA GLU E 300 -12.67 35.86 -56.51
C GLU E 300 -13.58 35.17 -57.55
N THR E 301 -13.10 35.02 -58.79
CA THR E 301 -13.92 34.52 -59.90
C THR E 301 -13.77 33.02 -60.18
N GLY E 302 -12.79 32.37 -59.54
CA GLY E 302 -12.56 30.93 -59.72
C GLY E 302 -13.49 30.09 -58.87
N TYR E 303 -13.68 28.83 -59.25
CA TYR E 303 -14.41 27.87 -58.41
C TYR E 303 -13.75 27.81 -57.04
N ALA E 304 -14.57 27.80 -55.99
CA ALA E 304 -14.09 27.81 -54.60
C ALA E 304 -13.07 28.92 -54.31
N GLY E 305 -13.14 29.99 -55.11
CA GLY E 305 -12.27 31.16 -54.93
C GLY E 305 -10.80 30.94 -55.22
N LEU E 306 -10.51 30.00 -56.13
CA LEU E 306 -9.13 29.61 -56.40
C LEU E 306 -8.55 30.29 -57.66
N SER E 307 -7.31 30.75 -57.56
CA SER E 307 -6.57 31.28 -58.71
C SER E 307 -6.11 30.16 -59.64
N ASP E 308 -5.56 30.55 -60.80
CA ASP E 308 -4.97 29.60 -61.75
C ASP E 308 -3.79 28.84 -61.15
N THR E 309 -2.92 29.55 -60.44
CA THR E 309 -1.76 28.97 -59.77
C THR E 309 -2.20 27.85 -58.81
N ALA E 310 -3.21 28.15 -57.99
CA ALA E 310 -3.77 27.20 -57.04
C ALA E 310 -4.38 25.97 -57.75
N ARG E 311 -5.16 26.23 -58.79
CA ARG E 311 -5.85 25.16 -59.51
C ARG E 311 -4.87 24.23 -60.23
N HIS E 312 -3.77 24.78 -60.73
CA HIS E 312 -2.74 24.01 -61.38
C HIS E 312 -1.89 23.21 -60.39
N TYR E 313 -1.67 23.77 -59.21
CA TYR E 313 -1.03 23.06 -58.10
C TYR E 313 -1.84 21.80 -57.77
N ILE E 314 -3.16 21.95 -57.68
CA ILE E 314 -4.08 20.84 -57.46
C ILE E 314 -4.00 19.83 -58.62
N GLY E 315 -3.99 20.35 -59.85
CA GLY E 315 -3.80 19.52 -61.05
C GLY E 315 -2.57 18.64 -60.95
N GLY E 316 -1.46 19.23 -60.50
CA GLY E 316 -0.21 18.51 -60.24
C GLY E 316 -0.34 17.43 -59.19
N LEU E 317 -0.99 17.74 -58.06
CA LEU E 317 -1.18 16.78 -56.98
C LEU E 317 -2.00 15.56 -57.41
N LEU E 318 -3.11 15.82 -58.10
CA LEU E 318 -4.01 14.76 -58.51
C LEU E 318 -3.47 13.96 -59.70
N HIS E 319 -2.73 14.63 -60.58
CA HIS E 319 -2.07 13.97 -61.71
C HIS E 319 -0.94 13.05 -61.24
N HIS E 320 -0.15 13.52 -60.27
CA HIS E 320 1.01 12.78 -59.80
C HIS E 320 0.73 11.79 -58.67
N ALA E 321 -0.50 11.83 -58.16
CA ALA E 321 -0.92 10.96 -57.04
C ALA E 321 -0.46 9.50 -57.12
N PRO E 322 -0.66 8.80 -58.27
CA PRO E 322 -0.25 7.39 -58.37
C PRO E 322 1.20 7.08 -57.95
N SER E 323 2.10 8.04 -58.11
CA SER E 323 3.49 7.87 -57.62
C SER E 323 3.77 8.69 -56.36
N LEU E 324 3.14 9.86 -56.25
CA LEU E 324 3.28 10.75 -55.09
C LEU E 324 2.94 10.04 -53.78
N LEU E 325 1.93 9.16 -53.79
CA LEU E 325 1.51 8.48 -52.56
C LEU E 325 2.60 7.58 -51.95
N ALA E 326 3.60 7.21 -52.74
CA ALA E 326 4.77 6.48 -52.23
C ALA E 326 5.51 7.24 -51.12
N PHE E 327 5.43 8.57 -51.13
CA PHE E 327 6.03 9.41 -50.09
C PHE E 327 5.00 9.99 -49.11
N THR E 328 3.73 10.07 -49.50
CA THR E 328 2.67 10.65 -48.65
C THR E 328 1.86 9.61 -47.88
N ASN E 329 1.74 8.41 -48.47
CA ASN E 329 1.09 7.25 -47.86
C ASN E 329 2.01 6.03 -47.99
N PRO E 330 3.13 6.02 -47.22
CA PRO E 330 4.27 5.16 -47.53
C PRO E 330 4.31 3.77 -46.87
N THR E 331 3.26 3.35 -46.19
CA THR E 331 3.27 2.03 -45.53
C THR E 331 2.18 1.10 -46.07
N VAL E 332 2.31 -0.20 -45.79
CA VAL E 332 1.27 -1.17 -46.14
C VAL E 332 -0.05 -0.80 -45.44
N ASN E 333 0.05 -0.41 -44.16
CA ASN E 333 -1.12 -0.02 -43.36
C ASN E 333 -1.84 1.23 -43.89
N SER E 334 -1.11 2.09 -44.60
CA SER E 334 -1.69 3.29 -45.23
C SER E 334 -2.93 2.98 -46.05
N TYR E 335 -2.92 1.82 -46.72
CA TYR E 335 -3.95 1.47 -47.70
C TYR E 335 -5.17 0.79 -47.08
N LYS E 336 -5.09 0.47 -45.80
CA LYS E 336 -6.26 0.07 -45.01
C LYS E 336 -7.13 1.27 -44.60
N ARG E 337 -6.54 2.46 -44.60
CA ARG E 337 -7.24 3.71 -44.34
C ARG E 337 -7.96 4.26 -45.59
N LEU E 338 -7.37 4.05 -46.77
CA LEU E 338 -7.97 4.51 -48.03
C LEU E 338 -9.13 3.60 -48.50
N VAL E 339 -10.16 3.51 -47.66
CA VAL E 339 -11.36 2.72 -47.91
C VAL E 339 -12.58 3.62 -47.61
N PRO E 340 -13.74 3.35 -48.26
CA PRO E 340 -14.85 4.29 -48.13
C PRO E 340 -15.54 4.29 -46.75
N GLY E 341 -15.97 5.47 -46.31
CA GLY E 341 -16.84 5.61 -45.16
C GLY E 341 -16.24 6.23 -43.92
N TYR E 342 -15.02 6.76 -44.03
CA TYR E 342 -14.25 7.18 -42.85
C TYR E 342 -13.57 8.55 -42.98
N GLU E 343 -14.10 9.39 -43.86
CA GLU E 343 -13.57 10.74 -44.11
C GLU E 343 -12.13 10.76 -44.65
N ALA E 344 -11.74 9.67 -45.31
CA ALA E 344 -10.48 9.59 -46.05
C ALA E 344 -10.79 9.39 -47.54
N PRO E 345 -9.86 9.83 -48.43
CA PRO E 345 -10.10 9.73 -49.89
C PRO E 345 -10.19 8.30 -50.41
N ILE E 346 -11.04 8.10 -51.43
CA ILE E 346 -11.07 6.85 -52.20
C ILE E 346 -10.89 7.09 -53.71
N ASN E 347 -10.74 8.36 -54.10
CA ASN E 347 -10.53 8.73 -55.51
C ASN E 347 -9.89 10.11 -55.63
N LEU E 348 -9.52 10.49 -56.85
CA LEU E 348 -8.72 11.69 -57.08
C LEU E 348 -9.56 12.91 -57.53
N VAL E 349 -10.41 13.40 -56.64
CA VAL E 349 -11.19 14.60 -56.94
C VAL E 349 -10.91 15.72 -55.94
N TYR E 350 -11.02 16.96 -56.40
CA TYR E 350 -11.07 18.10 -55.48
C TYR E 350 -12.49 18.65 -55.40
N SER E 351 -12.84 19.17 -54.22
CA SER E 351 -14.20 19.68 -53.97
C SER E 351 -14.20 20.54 -52.73
N GLN E 352 -14.89 21.67 -52.78
CA GLN E 352 -14.97 22.54 -51.61
C GLN E 352 -15.90 21.92 -50.57
N ARG E 353 -15.57 22.15 -49.29
CA ARG E 353 -16.41 21.74 -48.15
C ARG E 353 -16.54 20.21 -48.02
N ASN E 354 -15.80 19.47 -48.83
CA ASN E 354 -16.03 18.02 -49.00
C ASN E 354 -15.00 17.10 -48.32
N ARG E 355 -15.40 16.52 -47.20
CA ARG E 355 -14.52 15.63 -46.42
C ARG E 355 -14.42 14.20 -46.97
N SER E 356 -15.14 13.90 -48.05
CA SER E 356 -15.00 12.62 -48.75
C SER E 356 -14.04 12.73 -49.94
N ALA E 357 -13.52 13.92 -50.19
CA ALA E 357 -12.69 14.20 -51.38
C ALA E 357 -11.20 14.06 -51.11
N CYS E 358 -10.41 14.02 -52.19
CA CYS E 358 -8.96 13.90 -52.09
C CYS E 358 -8.30 15.23 -51.72
N VAL E 359 -8.78 16.31 -52.34
CA VAL E 359 -8.44 17.67 -51.95
C VAL E 359 -9.75 18.40 -51.60
N ARG E 360 -9.84 18.85 -50.36
CA ARG E 360 -10.95 19.69 -49.93
C ARG E 360 -10.50 21.15 -49.92
N ILE E 361 -11.37 22.05 -50.35
CA ILE E 361 -11.12 23.47 -50.19
C ILE E 361 -11.93 23.96 -49.00
N PRO E 362 -11.24 24.26 -47.88
CA PRO E 362 -11.95 24.75 -46.69
C PRO E 362 -12.70 26.06 -46.97
N ILE E 363 -13.81 26.28 -46.29
CA ILE E 363 -14.58 27.52 -46.46
C ILE E 363 -13.95 28.63 -45.60
N THR E 364 -13.29 29.58 -46.28
CA THR E 364 -12.52 30.63 -45.60
C THR E 364 -13.01 32.06 -45.87
N GLY E 365 -13.97 32.20 -46.77
CA GLY E 365 -14.55 33.51 -47.09
C GLY E 365 -13.81 34.28 -48.16
N SER E 366 -13.87 35.61 -48.08
CA SER E 366 -13.29 36.48 -49.11
C SER E 366 -11.88 37.01 -48.80
N ASN E 367 -11.36 36.73 -47.61
CA ASN E 367 -9.98 37.05 -47.24
C ASN E 367 -9.00 36.25 -48.10
N PRO E 368 -8.23 36.93 -48.97
CA PRO E 368 -7.32 36.25 -49.90
C PRO E 368 -6.17 35.51 -49.19
N LYS E 369 -5.78 35.98 -48.01
CA LYS E 369 -4.69 35.40 -47.23
C LYS E 369 -5.01 33.99 -46.74
N ALA E 370 -6.27 33.74 -46.44
CA ALA E 370 -6.72 32.47 -45.89
C ALA E 370 -6.92 31.37 -46.93
N LYS E 371 -6.88 31.73 -48.21
CA LYS E 371 -7.14 30.77 -49.30
C LYS E 371 -6.07 29.69 -49.41
N ARG E 372 -6.52 28.43 -49.44
CA ARG E 372 -5.63 27.27 -49.44
C ARG E 372 -6.36 25.98 -49.83
N LEU E 373 -5.59 24.95 -50.19
CA LEU E 373 -6.11 23.62 -50.45
C LEU E 373 -5.74 22.70 -49.29
N GLU E 374 -6.61 21.74 -49.01
CA GLU E 374 -6.34 20.70 -48.03
C GLU E 374 -6.15 19.36 -48.75
N PHE E 375 -4.91 18.88 -48.79
CA PHE E 375 -4.61 17.57 -49.36
C PHE E 375 -4.85 16.52 -48.28
N ARG E 376 -5.94 15.76 -48.44
CA ARG E 376 -6.44 14.86 -47.37
C ARG E 376 -5.85 13.45 -47.43
N SER E 377 -5.15 13.14 -48.52
CA SER E 377 -4.59 11.80 -48.70
C SER E 377 -3.47 11.38 -47.71
N PRO E 378 -2.51 12.28 -47.42
CA PRO E 378 -1.36 11.88 -46.58
C PRO E 378 -1.71 11.37 -45.17
N ASP E 379 -0.84 10.51 -44.63
CA ASP E 379 -0.90 10.05 -43.25
C ASP E 379 0.44 10.25 -42.50
N SER E 380 0.49 9.91 -41.22
CA SER E 380 1.70 10.14 -40.39
C SER E 380 2.67 8.94 -40.32
N SER E 381 2.53 7.98 -41.23
CA SER E 381 3.28 6.73 -41.12
C SER E 381 4.66 6.74 -41.78
N GLY E 382 5.12 7.92 -42.20
CA GLY E 382 6.44 8.03 -42.83
C GLY E 382 7.26 9.26 -42.43
N ASN E 383 7.66 10.03 -43.43
CA ASN E 383 8.66 11.09 -43.26
C ASN E 383 8.13 12.44 -43.73
N PRO E 384 7.93 13.39 -42.77
CA PRO E 384 7.32 14.67 -43.14
C PRO E 384 8.20 15.51 -44.06
N TYR E 385 9.51 15.41 -43.89
CA TYR E 385 10.47 16.11 -44.75
C TYR E 385 10.30 15.69 -46.19
N LEU E 386 10.20 14.37 -46.42
CA LEU E 386 10.07 13.81 -47.76
C LEU E 386 8.67 14.03 -48.33
N ALA E 387 7.65 13.83 -47.47
CA ALA E 387 6.25 14.00 -47.86
C ALA E 387 5.93 15.44 -48.28
N PHE E 388 6.28 16.42 -47.44
CA PHE E 388 6.04 17.82 -47.78
C PHE E 388 6.76 18.17 -49.07
N SER E 389 8.03 17.74 -49.17
CA SER E 389 8.85 18.02 -50.36
C SER E 389 8.25 17.44 -51.64
N ALA E 390 7.82 16.18 -51.59
CA ALA E 390 7.22 15.54 -52.76
C ALA E 390 5.92 16.21 -53.19
N MET E 391 5.08 16.60 -52.22
CA MET E 391 3.86 17.35 -52.49
C MET E 391 4.17 18.65 -53.24
N LEU E 392 5.19 19.38 -52.76
CA LEU E 392 5.58 20.63 -53.39
C LEU E 392 6.04 20.42 -54.84
N MET E 393 6.89 19.41 -55.05
CA MET E 393 7.39 19.07 -56.40
C MET E 393 6.28 18.73 -57.39
N ALA E 394 5.24 18.04 -56.90
CA ALA E 394 4.09 17.67 -57.74
C ALA E 394 3.27 18.91 -58.09
N GLY E 395 3.07 19.77 -57.09
CA GLY E 395 2.34 21.01 -57.26
C GLY E 395 3.03 21.95 -58.24
N LEU E 396 4.35 22.05 -58.12
CA LEU E 396 5.17 22.91 -59.00
C LEU E 396 5.19 22.42 -60.44
N ASP E 397 5.24 21.10 -60.63
CA ASP E 397 5.16 20.51 -61.97
C ASP E 397 3.81 20.82 -62.60
N GLY E 398 2.76 20.85 -61.77
CA GLY E 398 1.42 21.23 -62.20
C GLY E 398 1.31 22.67 -62.67
N ILE E 399 1.93 23.59 -61.94
CA ILE E 399 1.94 25.01 -62.28
C ILE E 399 2.75 25.23 -63.58
N LYS E 400 3.93 24.61 -63.63
CA LYS E 400 4.85 24.77 -64.75
C LYS E 400 4.26 24.24 -66.06
N ASN E 401 3.60 23.09 -66.01
CA ASN E 401 2.97 22.49 -67.19
C ASN E 401 1.49 22.83 -67.32
N LYS E 402 1.02 23.77 -66.50
CA LYS E 402 -0.40 24.16 -66.45
C LYS E 402 -1.37 22.97 -66.54
N ILE E 403 -1.18 21.99 -65.67
CA ILE E 403 -2.01 20.79 -65.65
C ILE E 403 -3.38 21.14 -65.07
N GLU E 404 -4.42 20.90 -65.85
CA GLU E 404 -5.79 21.17 -65.41
C GLU E 404 -6.37 19.97 -64.69
N PRO E 405 -6.88 20.18 -63.45
CA PRO E 405 -7.56 19.09 -62.76
C PRO E 405 -8.93 18.84 -63.40
N GLN E 406 -9.41 17.60 -63.32
CA GLN E 406 -10.75 17.32 -63.80
C GLN E 406 -11.76 18.01 -62.89
N ALA E 407 -12.94 18.31 -63.44
CA ALA E 407 -13.95 19.14 -62.77
C ALA E 407 -14.23 18.67 -61.35
N PRO E 408 -14.37 19.62 -60.41
CA PRO E 408 -14.76 19.28 -59.04
C PRO E 408 -16.07 18.50 -58.97
N VAL E 409 -16.15 17.54 -58.05
CA VAL E 409 -17.37 16.76 -57.84
C VAL E 409 -17.93 17.00 -56.43
N ASP E 410 -19.02 17.77 -56.36
CA ASP E 410 -19.59 18.20 -55.08
C ASP E 410 -20.67 17.21 -54.61
N LYS E 411 -20.23 15.97 -54.36
CA LYS E 411 -21.05 14.82 -53.93
C LYS E 411 -20.42 14.06 -52.76
N ASP E 412 -21.23 13.31 -52.00
CA ASP E 412 -20.70 12.33 -51.02
C ASP E 412 -20.15 11.15 -51.80
N LEU E 413 -18.82 11.07 -51.89
CA LEU E 413 -18.17 10.15 -52.83
C LEU E 413 -18.16 8.67 -52.39
N TYR E 414 -18.79 8.37 -51.26
CA TYR E 414 -18.87 6.99 -50.78
C TYR E 414 -20.19 6.34 -51.18
N GLU E 415 -21.15 7.16 -51.62
CA GLU E 415 -22.50 6.72 -51.97
C GLU E 415 -22.75 6.64 -53.49
N LEU E 416 -21.70 6.83 -54.29
CA LEU E 416 -21.84 6.72 -55.75
C LEU E 416 -22.13 5.27 -56.13
N PRO E 417 -23.17 5.04 -56.96
CA PRO E 417 -23.34 3.67 -57.44
C PRO E 417 -22.07 3.22 -58.17
N PRO E 418 -21.70 1.92 -58.03
CA PRO E 418 -20.46 1.39 -58.62
C PRO E 418 -20.17 1.75 -60.09
N GLU E 419 -21.19 1.83 -60.95
CA GLU E 419 -20.98 2.23 -62.37
C GLU E 419 -20.57 3.69 -62.53
N GLU E 420 -20.95 4.53 -61.58
CA GLU E 420 -20.57 5.95 -61.59
C GLU E 420 -19.25 6.20 -60.86
N ALA E 421 -19.00 5.42 -59.81
CA ALA E 421 -17.71 5.40 -59.13
C ALA E 421 -16.57 5.10 -60.10
N ALA E 422 -16.75 4.05 -60.90
CA ALA E 422 -15.77 3.61 -61.89
C ALA E 422 -15.26 4.71 -62.84
N SER E 423 -16.10 5.71 -63.13
CA SER E 423 -15.76 6.79 -64.09
C SER E 423 -14.81 7.88 -63.58
N ILE E 424 -14.31 7.72 -62.35
CA ILE E 424 -13.37 8.67 -61.73
C ILE E 424 -12.09 7.90 -61.35
N PRO E 425 -10.87 8.48 -61.61
CA PRO E 425 -9.68 7.74 -61.18
C PRO E 425 -9.70 7.45 -59.69
N GLN E 426 -9.46 6.18 -59.33
CA GLN E 426 -9.42 5.76 -57.94
C GLN E 426 -8.04 6.03 -57.35
N THR E 427 -7.98 6.06 -56.02
CA THR E 427 -6.73 6.01 -55.28
C THR E 427 -6.14 4.61 -55.44
N PRO E 428 -4.81 4.48 -55.39
CA PRO E 428 -4.14 3.17 -55.41
C PRO E 428 -4.62 2.24 -54.30
N THR E 429 -4.63 0.95 -54.61
CA THR E 429 -5.14 -0.11 -53.75
C THR E 429 -4.15 -0.53 -52.66
N GLN E 430 -2.87 -0.58 -53.01
CA GLN E 430 -1.84 -1.14 -52.14
C GLN E 430 -0.47 -0.49 -52.39
N LEU E 431 0.42 -0.63 -51.41
CA LEU E 431 1.75 0.02 -51.45
C LEU E 431 2.59 -0.42 -52.64
N SER E 432 2.51 -1.70 -53.01
CA SER E 432 3.31 -2.24 -54.11
C SER E 432 3.01 -1.51 -55.42
N ASP E 433 1.76 -1.09 -55.60
CA ASP E 433 1.35 -0.34 -56.80
C ASP E 433 1.98 1.04 -56.88
N VAL E 434 2.00 1.78 -55.77
CA VAL E 434 2.58 3.13 -55.79
C VAL E 434 4.11 3.12 -55.93
N ILE E 435 4.73 2.09 -55.35
CA ILE E 435 6.19 1.90 -55.43
C ILE E 435 6.59 1.58 -56.88
N ASP E 436 5.86 0.65 -57.51
CA ASP E 436 6.02 0.34 -58.92
C ASP E 436 5.90 1.59 -59.80
N ARG E 437 4.89 2.42 -59.54
CA ARG E 437 4.63 3.63 -60.30
C ARG E 437 5.69 4.71 -60.05
N LEU E 438 6.18 4.81 -58.82
CA LEU E 438 7.29 5.69 -58.49
C LEU E 438 8.54 5.31 -59.29
N GLU E 439 8.81 4.01 -59.35
CA GLU E 439 9.93 3.48 -60.11
C GLU E 439 9.85 3.84 -61.60
N ALA E 440 8.64 3.74 -62.16
CA ALA E 440 8.42 3.99 -63.58
C ALA E 440 8.42 5.48 -63.94
N ASP E 441 7.93 6.32 -63.02
CA ASP E 441 7.78 7.75 -63.30
C ASP E 441 8.04 8.63 -62.09
N HIS E 442 9.22 9.24 -62.03
CA HIS E 442 9.59 10.08 -60.89
C HIS E 442 10.36 11.34 -61.30
N GLU E 443 10.24 11.74 -62.56
CA GLU E 443 10.99 12.89 -63.09
C GLU E 443 10.65 14.22 -62.43
N TYR E 444 9.38 14.42 -62.07
CA TYR E 444 8.95 15.62 -61.38
C TYR E 444 9.67 15.83 -60.05
N LEU E 445 10.05 14.72 -59.41
CA LEU E 445 10.75 14.74 -58.14
C LEU E 445 12.24 15.09 -58.27
N THR E 446 12.85 14.66 -59.36
CA THR E 446 14.28 14.89 -59.61
C THR E 446 14.60 16.27 -60.23
N GLU E 447 13.57 17.09 -60.46
CA GLU E 447 13.77 18.45 -60.96
C GLU E 447 14.64 19.25 -59.98
N GLY E 448 15.66 19.91 -60.51
CA GLY E 448 16.57 20.73 -59.68
C GLY E 448 17.41 19.92 -58.70
N GLY E 449 17.38 18.60 -58.85
CA GLY E 449 18.10 17.69 -57.95
C GLY E 449 17.56 17.65 -56.53
N VAL E 450 16.30 18.05 -56.35
CA VAL E 450 15.64 18.03 -55.04
C VAL E 450 15.59 16.61 -54.48
N PHE E 451 15.03 15.69 -55.26
CA PHE E 451 15.23 14.26 -55.05
C PHE E 451 16.27 13.75 -56.04
N THR E 452 17.14 12.85 -55.61
CA THR E 452 18.11 12.24 -56.50
C THR E 452 17.76 10.77 -56.72
N ASN E 453 18.33 10.15 -57.76
CA ASN E 453 18.03 8.77 -58.08
C ASN E 453 18.42 7.77 -56.98
N ASP E 454 19.53 8.04 -56.29
CA ASP E 454 19.97 7.17 -55.20
C ASP E 454 18.97 7.15 -54.03
N LEU E 455 18.32 8.29 -53.79
CA LEU E 455 17.27 8.37 -52.76
C LEU E 455 16.04 7.55 -53.17
N ILE E 456 15.59 7.78 -54.39
CA ILE E 456 14.38 7.14 -54.90
C ILE E 456 14.59 5.63 -54.97
N GLU E 457 15.74 5.21 -55.47
CA GLU E 457 16.08 3.78 -55.55
C GLU E 457 16.21 3.11 -54.18
N THR E 458 16.79 3.81 -53.21
CA THR E 458 16.90 3.32 -51.83
C THR E 458 15.53 3.15 -51.20
N TRP E 459 14.66 4.14 -51.39
CA TRP E 459 13.29 4.12 -50.90
C TRP E 459 12.52 2.91 -51.45
N ILE E 460 12.57 2.73 -52.78
CA ILE E 460 11.86 1.64 -53.45
C ILE E 460 12.32 0.29 -52.91
N SER E 461 13.63 0.13 -52.82
CA SER E 461 14.28 -1.07 -52.31
C SER E 461 13.92 -1.37 -50.83
N PHE E 462 13.97 -0.35 -49.99
CA PHE E 462 13.60 -0.48 -48.58
C PHE E 462 12.16 -0.96 -48.40
N LYS E 463 11.23 -0.37 -49.15
CA LYS E 463 9.82 -0.69 -48.98
C LYS E 463 9.50 -2.11 -49.43
N ARG E 464 10.12 -2.53 -50.53
CA ARG E 464 9.92 -3.88 -51.08
C ARG E 464 10.46 -4.96 -50.16
N GLU E 465 11.70 -4.79 -49.70
CA GLU E 465 12.39 -5.80 -48.91
C GLU E 465 11.97 -5.86 -47.45
N ASN E 466 11.67 -4.69 -46.87
CA ASN E 466 11.39 -4.56 -45.45
C ASN E 466 9.91 -4.48 -45.07
N GLU E 467 9.05 -4.19 -46.04
CA GLU E 467 7.62 -3.98 -45.75
C GLU E 467 6.66 -4.82 -46.60
N ILE E 468 6.72 -4.63 -47.92
CA ILE E 468 5.83 -5.30 -48.86
C ILE E 468 5.96 -6.82 -48.81
N GLU E 469 7.20 -7.31 -48.94
CA GLU E 469 7.47 -8.74 -48.99
C GLU E 469 7.21 -9.45 -47.65
N PRO E 470 7.72 -8.90 -46.53
CA PRO E 470 7.41 -9.49 -45.22
C PRO E 470 5.92 -9.68 -44.91
N VAL E 471 5.08 -8.73 -45.34
CA VAL E 471 3.62 -8.86 -45.16
C VAL E 471 3.01 -9.91 -46.11
N ASN E 472 3.48 -9.91 -47.37
CA ASN E 472 2.98 -10.83 -48.39
C ASN E 472 3.19 -12.31 -48.10
N ILE E 473 4.30 -12.66 -47.46
CA ILE E 473 4.63 -14.06 -47.21
C ILE E 473 3.94 -14.63 -45.96
N ARG E 474 3.42 -13.74 -45.12
CA ARG E 474 2.79 -14.12 -43.84
C ARG E 474 1.27 -14.25 -43.99
N PRO E 475 0.73 -15.48 -43.79
CA PRO E 475 -0.71 -15.68 -43.77
C PRO E 475 -1.43 -14.71 -42.81
N HIS E 476 -2.54 -14.17 -43.29
CA HIS E 476 -3.43 -13.27 -42.55
C HIS E 476 -4.41 -14.12 -41.72
N PRO E 477 -4.70 -13.73 -40.46
CA PRO E 477 -5.72 -14.39 -39.66
C PRO E 477 -7.06 -14.63 -40.37
N TYR E 478 -7.50 -13.67 -41.19
CA TYR E 478 -8.78 -13.78 -41.88
C TYR E 478 -8.80 -14.88 -42.96
N GLU E 479 -7.62 -15.27 -43.43
CA GLU E 479 -7.47 -16.40 -44.35
C GLU E 479 -7.87 -17.71 -43.67
N PHE E 480 -7.73 -17.76 -42.35
CA PHE E 480 -8.14 -18.93 -41.59
C PHE E 480 -9.66 -18.95 -41.43
N ALA E 481 -10.24 -17.77 -41.23
CA ALA E 481 -11.70 -17.60 -41.20
C ALA E 481 -12.34 -18.00 -42.53
N LEU E 482 -11.70 -17.60 -43.63
CA LEU E 482 -12.18 -17.93 -44.98
C LEU E 482 -11.92 -19.35 -45.44
N TYR E 483 -10.73 -19.88 -45.10
CA TYR E 483 -10.19 -21.06 -45.80
C TYR E 483 -9.80 -22.31 -45.00
N TYR E 484 -9.89 -22.31 -43.67
CA TYR E 484 -9.49 -23.51 -42.93
C TYR E 484 -10.19 -24.79 -43.42
N ASP E 485 -11.48 -24.66 -43.74
CA ASP E 485 -12.33 -25.79 -44.10
C ASP E 485 -12.52 -26.01 -45.63
N VAL E 486 -11.59 -25.51 -46.44
CA VAL E 486 -11.68 -25.68 -47.90
C VAL E 486 -11.64 -27.14 -48.36
N GLU F 11 49.56 13.32 -10.44
CA GLU F 11 50.68 13.64 -9.50
C GLU F 11 50.20 13.87 -8.06
N LYS F 12 49.07 13.26 -7.70
CA LYS F 12 48.52 13.37 -6.35
C LYS F 12 49.47 12.77 -5.32
N THR F 13 49.50 13.37 -4.13
CA THR F 13 50.39 12.95 -3.05
C THR F 13 49.57 12.36 -1.90
N PRO F 14 50.22 11.59 -1.00
CA PRO F 14 49.54 11.10 0.21
C PRO F 14 48.76 12.19 0.96
N ASP F 15 49.37 13.36 1.14
CA ASP F 15 48.74 14.46 1.86
C ASP F 15 47.53 15.07 1.14
N ASP F 16 47.55 15.04 -0.19
CA ASP F 16 46.40 15.43 -1.01
C ASP F 16 45.17 14.55 -0.70
N VAL F 17 45.41 13.25 -0.54
CA VAL F 17 44.35 12.28 -0.25
C VAL F 17 43.83 12.46 1.18
N PHE F 18 44.73 12.67 2.14
CA PHE F 18 44.34 12.93 3.53
C PHE F 18 43.48 14.18 3.65
N LYS F 19 43.82 15.20 2.86
CA LYS F 19 43.03 16.44 2.82
C LYS F 19 41.63 16.19 2.23
N LEU F 20 41.58 15.44 1.12
CA LEU F 20 40.31 15.06 0.49
C LEU F 20 39.41 14.30 1.45
N ALA F 21 39.99 13.37 2.20
CA ALA F 21 39.27 12.58 3.19
C ALA F 21 38.68 13.43 4.32
N LYS F 22 39.46 14.40 4.79
CA LYS F 22 39.03 15.31 5.83
C LYS F 22 37.96 16.28 5.34
N ASP F 23 38.19 16.88 4.18
CA ASP F 23 37.25 17.85 3.59
C ASP F 23 35.89 17.24 3.29
N GLU F 24 35.89 15.99 2.79
CA GLU F 24 34.66 15.28 2.43
C GLU F 24 33.98 14.60 3.61
N LYS F 25 34.60 14.69 4.78
CA LYS F 25 34.11 14.06 6.03
C LYS F 25 33.84 12.56 5.84
N VAL F 26 34.84 11.90 5.29
CA VAL F 26 34.81 10.47 4.97
C VAL F 26 34.71 9.62 6.24
N GLU F 27 33.80 8.65 6.23
CA GLU F 27 33.65 7.71 7.35
C GLU F 27 34.48 6.43 7.15
N TYR F 28 34.59 5.99 5.90
CA TYR F 28 35.29 4.74 5.58
C TYR F 28 36.18 4.89 4.36
N VAL F 29 37.22 4.06 4.31
CA VAL F 29 38.10 3.97 3.15
C VAL F 29 38.03 2.55 2.59
N ASP F 30 37.69 2.44 1.30
CA ASP F 30 37.56 1.15 0.63
C ASP F 30 38.85 0.88 -0.13
N VAL F 31 39.58 -0.14 0.33
CA VAL F 31 40.87 -0.57 -0.22
C VAL F 31 40.63 -1.54 -1.37
N ARG F 32 41.05 -1.16 -2.58
CA ARG F 32 40.79 -1.95 -3.79
C ARG F 32 42.03 -2.38 -4.53
N PHE F 33 41.94 -3.56 -5.16
CA PHE F 33 42.99 -4.10 -6.02
C PHE F 33 42.39 -5.10 -7.01
N CYS F 34 43.17 -5.48 -8.02
CA CYS F 34 42.66 -6.28 -9.13
C CYS F 34 43.12 -7.74 -9.03
N ASP F 35 42.18 -8.68 -9.16
CA ASP F 35 42.57 -10.09 -9.29
C ASP F 35 43.06 -10.36 -10.71
N LEU F 36 43.54 -11.58 -10.98
CA LEU F 36 44.13 -11.84 -12.29
C LEU F 36 43.11 -11.85 -13.46
N PRO F 37 41.98 -12.60 -13.32
CA PRO F 37 40.96 -12.56 -14.40
C PRO F 37 40.43 -11.16 -14.75
N GLY F 38 40.31 -10.28 -13.76
CA GLY F 38 39.95 -8.87 -14.00
C GLY F 38 38.81 -8.25 -13.19
N ILE F 39 38.48 -8.85 -12.05
CA ILE F 39 37.45 -8.33 -11.12
C ILE F 39 38.15 -7.58 -9.97
N MET F 40 37.65 -6.40 -9.62
CA MET F 40 38.20 -5.65 -8.48
C MET F 40 37.77 -6.24 -7.14
N GLN F 41 38.72 -6.26 -6.21
CA GLN F 41 38.54 -6.83 -4.87
C GLN F 41 38.61 -5.70 -3.87
N HIS F 42 37.97 -5.86 -2.71
CA HIS F 42 37.90 -4.78 -1.73
C HIS F 42 37.69 -5.23 -0.28
N PHE F 43 38.21 -4.43 0.64
CA PHE F 43 37.82 -4.46 2.04
C PHE F 43 37.82 -3.04 2.59
N THR F 44 37.16 -2.83 3.72
CA THR F 44 36.91 -1.49 4.23
C THR F 44 37.62 -1.29 5.56
N ILE F 45 38.26 -0.13 5.70
CA ILE F 45 38.83 0.31 6.96
C ILE F 45 38.16 1.61 7.38
N PRO F 46 38.03 1.86 8.69
CA PRO F 46 37.42 3.13 9.13
C PRO F 46 38.36 4.30 8.86
N ALA F 47 37.80 5.51 8.74
CA ALA F 47 38.60 6.72 8.53
C ALA F 47 39.72 6.87 9.57
N SER F 48 39.43 6.53 10.82
CA SER F 48 40.40 6.58 11.92
C SER F 48 41.63 5.69 11.72
N ALA F 49 41.48 4.63 10.93
CA ALA F 49 42.58 3.71 10.63
C ALA F 49 43.32 4.08 9.33
N PHE F 50 42.89 5.15 8.66
CA PHE F 50 43.55 5.62 7.45
C PHE F 50 44.60 6.68 7.80
N ASP F 51 45.84 6.23 7.95
CA ASP F 51 46.95 7.09 8.39
C ASP F 51 48.19 6.89 7.53
N LYS F 52 49.30 7.54 7.92
CA LYS F 52 50.55 7.44 7.18
C LYS F 52 51.13 6.02 7.14
N SER F 53 50.80 5.22 8.15
CA SER F 53 51.21 3.82 8.22
C SER F 53 50.65 3.00 7.04
N VAL F 54 49.47 3.38 6.54
CA VAL F 54 48.88 2.76 5.35
C VAL F 54 49.81 2.98 4.14
N PHE F 55 50.38 4.19 4.05
CA PHE F 55 51.32 4.53 2.99
C PHE F 55 52.72 3.95 3.23
N ASP F 56 53.17 3.90 4.48
CA ASP F 56 54.52 3.47 4.84
C ASP F 56 54.66 1.95 4.93
N ASP F 57 53.72 1.30 5.64
CA ASP F 57 53.79 -0.15 5.87
C ASP F 57 52.86 -0.96 4.97
N GLY F 58 51.74 -0.37 4.58
CA GLY F 58 50.75 -1.06 3.76
C GLY F 58 49.77 -1.87 4.58
N LEU F 59 48.98 -2.70 3.90
CA LEU F 59 47.93 -3.49 4.55
C LEU F 59 47.97 -4.90 3.99
N ALA F 60 47.53 -5.88 4.78
CA ALA F 60 47.63 -7.29 4.42
C ALA F 60 46.32 -7.87 3.92
N PHE F 61 46.40 -8.99 3.18
CA PHE F 61 45.23 -9.75 2.75
C PHE F 61 45.59 -11.22 2.50
N ASP F 62 44.58 -12.05 2.22
CA ASP F 62 44.81 -13.47 1.96
C ASP F 62 44.93 -13.70 0.48
N GLY F 63 46.17 -13.81 0.02
CA GLY F 63 46.46 -14.05 -1.40
C GLY F 63 45.94 -15.37 -1.94
N SER F 64 45.64 -16.32 -1.06
CA SER F 64 45.17 -17.65 -1.51
C SER F 64 43.70 -17.69 -1.89
N SER F 65 42.94 -16.69 -1.45
CA SER F 65 41.53 -16.58 -1.80
C SER F 65 41.29 -15.76 -3.08
N ILE F 66 42.37 -15.20 -3.63
CA ILE F 66 42.29 -14.36 -4.84
C ILE F 66 42.76 -15.16 -6.05
N ARG F 67 41.99 -15.12 -7.12
CA ARG F 67 42.26 -15.93 -8.30
C ARG F 67 43.55 -15.52 -9.02
N GLY F 68 44.35 -16.52 -9.36
CA GLY F 68 45.62 -16.31 -10.04
C GLY F 68 46.73 -15.79 -9.14
N PHE F 69 46.49 -15.74 -7.83
CA PHE F 69 47.48 -15.22 -6.89
C PHE F 69 48.28 -16.34 -6.19
N GLN F 70 48.16 -16.45 -4.87
CA GLN F 70 49.04 -17.32 -4.08
C GLN F 70 48.41 -18.68 -3.77
N SER F 71 49.27 -19.62 -3.35
CA SER F 71 48.81 -20.86 -2.75
C SER F 71 48.60 -20.66 -1.25
N ILE F 72 47.94 -21.63 -0.60
CA ILE F 72 47.48 -21.47 0.79
C ILE F 72 48.62 -21.34 1.82
N HIS F 73 49.74 -22.00 1.55
CA HIS F 73 50.89 -21.98 2.46
C HIS F 73 51.76 -20.74 2.30
N GLU F 74 51.54 -20.01 1.20
CA GLU F 74 52.24 -18.75 0.93
C GLU F 74 51.24 -17.60 0.79
N SER F 75 50.20 -17.65 1.63
CA SER F 75 49.01 -16.80 1.48
C SER F 75 49.20 -15.30 1.69
N ASP F 76 49.79 -14.88 2.82
CA ASP F 76 49.94 -13.46 3.15
C ASP F 76 50.54 -12.65 2.01
N MET F 77 49.89 -11.54 1.67
CA MET F 77 50.38 -10.59 0.66
C MET F 77 50.19 -9.17 1.17
N LEU F 78 50.84 -8.21 0.52
CA LEU F 78 50.85 -6.83 0.98
C LEU F 78 50.26 -5.87 -0.07
N LEU F 79 49.69 -4.76 0.40
CA LEU F 79 49.11 -3.73 -0.48
C LEU F 79 49.66 -2.33 -0.17
N LEU F 80 50.00 -1.59 -1.22
CA LEU F 80 50.47 -0.21 -1.08
C LEU F 80 49.65 0.74 -1.96
N PRO F 81 49.17 1.87 -1.37
CA PRO F 81 48.20 2.75 -2.02
C PRO F 81 48.72 3.49 -3.25
N ASP F 82 47.82 3.77 -4.20
CA ASP F 82 48.10 4.64 -5.34
C ASP F 82 47.20 5.88 -5.23
N PRO F 83 47.76 7.00 -4.70
CA PRO F 83 47.02 8.24 -4.44
C PRO F 83 46.33 8.87 -5.66
N GLU F 84 46.81 8.55 -6.86
CA GLU F 84 46.18 9.00 -8.10
C GLU F 84 44.75 8.48 -8.26
N THR F 85 44.43 7.38 -7.60
CA THR F 85 43.17 6.67 -7.83
C THR F 85 42.07 6.93 -6.78
N ALA F 86 42.30 7.90 -5.89
CA ALA F 86 41.36 8.22 -4.82
C ALA F 86 40.14 8.96 -5.35
N ARG F 87 38.95 8.39 -5.13
CA ARG F 87 37.66 8.96 -5.54
C ARG F 87 36.62 8.69 -4.46
N ILE F 88 35.66 9.60 -4.32
CA ILE F 88 34.51 9.41 -3.43
C ILE F 88 33.52 8.43 -4.07
N ASP F 89 33.08 7.45 -3.29
CA ASP F 89 32.08 6.48 -3.75
C ASP F 89 30.69 7.12 -3.86
N PRO F 90 30.05 7.01 -5.04
CA PRO F 90 28.74 7.65 -5.24
C PRO F 90 27.54 6.90 -4.61
N PHE F 91 27.76 5.68 -4.13
CA PHE F 91 26.65 4.78 -3.77
C PHE F 91 26.43 4.55 -2.26
N ARG F 92 27.50 4.51 -1.48
CA ARG F 92 27.38 4.14 -0.07
C ARG F 92 26.81 5.27 0.80
N ALA F 93 25.81 4.93 1.61
CA ALA F 93 25.17 5.91 2.50
C ALA F 93 26.17 6.50 3.51
N ALA F 94 27.06 5.66 4.04
CA ALA F 94 28.19 6.13 4.85
C ALA F 94 29.30 6.60 3.91
N LYS F 95 29.73 7.85 4.09
CA LYS F 95 30.67 8.51 3.17
C LYS F 95 31.97 7.71 3.04
N THR F 96 32.29 7.31 1.82
CA THR F 96 33.39 6.37 1.57
C THR F 96 34.33 6.87 0.49
N LEU F 97 35.63 6.71 0.74
CA LEU F 97 36.66 7.04 -0.22
C LEU F 97 37.30 5.75 -0.74
N ASN F 98 37.25 5.57 -2.06
CA ASN F 98 37.84 4.40 -2.73
C ASN F 98 39.25 4.74 -3.18
N ILE F 99 40.20 3.83 -2.93
CA ILE F 99 41.57 3.95 -3.43
C ILE F 99 42.05 2.61 -3.96
N ASN F 100 42.70 2.62 -5.13
CA ASN F 100 43.34 1.43 -5.69
C ASN F 100 44.73 1.23 -5.10
N PHE F 101 45.14 -0.03 -4.99
CA PHE F 101 46.43 -0.39 -4.40
C PHE F 101 47.24 -1.27 -5.36
N PHE F 102 48.57 -1.25 -5.17
CA PHE F 102 49.48 -2.19 -5.82
C PHE F 102 49.78 -3.34 -4.86
N VAL F 103 49.86 -4.55 -5.40
CA VAL F 103 50.20 -5.74 -4.63
C VAL F 103 51.72 -5.91 -4.57
N HIS F 104 52.23 -6.13 -3.36
CA HIS F 104 53.66 -6.30 -3.11
C HIS F 104 53.95 -7.57 -2.32
N ASP F 105 55.17 -8.10 -2.47
CA ASP F 105 55.66 -9.22 -1.67
C ASP F 105 55.80 -8.76 -0.21
N PRO F 106 55.30 -9.57 0.75
CA PRO F 106 55.32 -9.15 2.16
C PRO F 106 56.71 -9.20 2.83
N PHE F 107 57.66 -9.90 2.22
CA PHE F 107 59.04 -9.97 2.74
C PHE F 107 59.95 -8.90 2.14
N THR F 108 60.00 -8.86 0.80
CA THR F 108 60.96 -8.01 0.06
C THR F 108 60.38 -6.66 -0.33
N LEU F 109 59.05 -6.51 -0.20
CA LEU F 109 58.31 -5.30 -0.64
C LEU F 109 58.43 -5.01 -2.15
N GLU F 110 58.93 -5.99 -2.91
CA GLU F 110 58.97 -5.91 -4.36
C GLU F 110 57.55 -6.04 -4.95
N PRO F 111 57.28 -5.34 -6.07
CA PRO F 111 55.99 -5.47 -6.75
C PRO F 111 55.74 -6.91 -7.19
N TYR F 112 54.47 -7.33 -7.10
CA TYR F 112 54.05 -8.69 -7.40
C TYR F 112 54.01 -8.91 -8.91
N SER F 113 54.55 -10.05 -9.35
CA SER F 113 54.62 -10.37 -10.78
C SER F 113 53.25 -10.66 -11.39
N ARG F 114 52.26 -10.95 -10.54
CA ARG F 114 50.91 -11.23 -11.03
C ARG F 114 49.87 -10.20 -10.58
N ASP F 115 50.34 -9.01 -10.22
CA ASP F 115 49.45 -7.85 -10.02
C ASP F 115 49.22 -7.19 -11.38
N PRO F 116 47.97 -7.23 -11.89
CA PRO F 116 47.64 -6.60 -13.19
C PRO F 116 48.03 -5.14 -13.26
N ARG F 117 47.86 -4.41 -12.16
CA ARG F 117 48.24 -2.98 -12.11
C ARG F 117 49.75 -2.79 -12.23
N ASN F 118 50.53 -3.78 -11.78
CA ASN F 118 51.97 -3.77 -11.98
C ASN F 118 52.38 -3.96 -13.45
N ILE F 119 51.65 -4.84 -14.14
CA ILE F 119 51.92 -5.11 -15.55
C ILE F 119 51.79 -3.84 -16.39
N ALA F 120 50.73 -3.08 -16.13
CA ALA F 120 50.47 -1.80 -16.78
C ALA F 120 51.58 -0.77 -16.50
N ARG F 121 52.01 -0.71 -15.23
CA ARG F 121 53.16 0.09 -14.78
C ARG F 121 54.42 -0.27 -15.59
N LYS F 122 54.72 -1.56 -15.65
CA LYS F 122 55.89 -2.07 -16.37
C LYS F 122 55.82 -1.79 -17.87
N ALA F 123 54.63 -1.92 -18.46
CA ALA F 123 54.43 -1.68 -19.89
C ALA F 123 54.76 -0.23 -20.26
N GLU F 124 54.29 0.70 -19.43
CA GLU F 124 54.52 2.12 -19.62
C GLU F 124 56.01 2.46 -19.53
N ASN F 125 56.72 1.85 -18.59
CA ASN F 125 58.15 2.09 -18.43
C ASN F 125 58.99 1.47 -19.54
N TYR F 126 58.57 0.30 -20.01
CA TYR F 126 59.22 -0.35 -21.14
C TYR F 126 59.10 0.50 -22.42
N LEU F 127 57.91 1.03 -22.69
CA LEU F 127 57.70 1.95 -23.82
C LEU F 127 58.73 3.09 -23.82
N ILE F 128 58.89 3.76 -22.68
CA ILE F 128 59.85 4.84 -22.55
C ILE F 128 61.27 4.33 -22.86
N SER F 129 61.62 3.17 -22.33
CA SER F 129 62.95 2.57 -22.52
C SER F 129 63.30 2.19 -23.97
N THR F 130 62.30 2.10 -24.84
CA THR F 130 62.54 1.73 -26.25
C THR F 130 62.91 2.93 -27.10
N GLY F 131 62.65 4.14 -26.61
CA GLY F 131 62.88 5.35 -27.38
C GLY F 131 61.82 5.64 -28.45
N ILE F 132 60.97 4.66 -28.73
CA ILE F 132 59.92 4.78 -29.76
C ILE F 132 58.93 5.90 -29.43
N ALA F 133 58.48 5.96 -28.17
CA ALA F 133 57.55 6.99 -27.72
C ALA F 133 57.67 7.09 -26.21
N ASP F 134 57.00 8.07 -25.61
CA ASP F 134 56.95 8.15 -24.15
C ASP F 134 55.53 8.00 -23.58
N THR F 135 54.52 8.04 -24.45
CA THR F 135 53.12 7.92 -24.03
C THR F 135 52.26 7.08 -25.00
N ALA F 136 51.54 6.11 -24.45
CA ALA F 136 50.56 5.34 -25.20
C ALA F 136 49.16 5.68 -24.71
N TYR F 137 48.35 6.30 -25.57
CA TYR F 137 46.98 6.68 -25.22
C TYR F 137 45.96 5.61 -25.61
N PHE F 138 45.09 5.26 -24.66
CA PHE F 138 44.02 4.30 -24.85
C PHE F 138 42.66 4.93 -24.63
N GLY F 139 41.82 4.84 -25.65
CA GLY F 139 40.43 5.25 -25.55
C GLY F 139 39.60 4.01 -25.78
N ALA F 140 38.63 3.76 -24.91
CA ALA F 140 37.87 2.51 -24.96
C ALA F 140 36.37 2.75 -24.99
N GLU F 141 35.65 1.83 -25.64
CA GLU F 141 34.19 1.89 -25.66
C GLU F 141 33.63 0.60 -25.11
N ALA F 142 33.38 0.57 -23.80
CA ALA F 142 32.81 -0.61 -23.16
C ALA F 142 31.27 -0.57 -23.22
N GLU F 143 30.73 -1.33 -24.16
CA GLU F 143 29.29 -1.44 -24.36
C GLU F 143 28.75 -2.42 -23.31
N PHE F 144 27.45 -2.32 -23.02
CA PHE F 144 26.80 -3.17 -22.02
C PHE F 144 25.30 -3.32 -22.26
N TYR F 145 24.70 -4.30 -21.59
CA TYR F 145 23.24 -4.49 -21.63
C TYR F 145 22.62 -4.13 -20.30
N ILE F 146 21.56 -3.33 -20.34
CA ILE F 146 20.75 -3.02 -19.15
C ILE F 146 19.54 -3.96 -19.11
N PHE F 147 19.70 -5.09 -18.42
CA PHE F 147 18.63 -6.08 -18.32
C PHE F 147 17.75 -5.86 -17.10
N ASP F 148 16.63 -6.59 -17.03
CA ASP F 148 15.74 -6.57 -15.87
C ASP F 148 15.98 -7.76 -14.93
N SER F 149 16.38 -8.90 -15.52
CA SER F 149 16.57 -10.12 -14.75
C SER F 149 17.49 -11.12 -15.46
N VAL F 150 18.02 -12.06 -14.68
CA VAL F 150 18.81 -13.18 -15.20
C VAL F 150 18.72 -14.37 -14.23
N SER F 151 18.60 -15.57 -14.80
CA SER F 151 18.72 -16.80 -14.05
C SER F 151 19.25 -17.91 -14.94
N PHE F 152 19.88 -18.90 -14.30
CA PHE F 152 20.63 -19.96 -14.98
C PHE F 152 20.98 -21.03 -13.96
N ASP F 153 21.09 -22.27 -14.41
CA ASP F 153 21.66 -23.34 -13.60
C ASP F 153 22.28 -24.43 -14.45
N SER F 154 22.83 -25.44 -13.80
CA SER F 154 23.50 -26.55 -14.44
C SER F 154 23.40 -27.77 -13.52
N ARG F 155 22.64 -28.77 -13.95
CA ARG F 155 22.37 -29.96 -13.16
C ARG F 155 22.70 -31.22 -13.96
N ALA F 156 22.54 -32.39 -13.36
CA ALA F 156 22.83 -33.64 -14.04
C ALA F 156 21.94 -33.86 -15.24
N ASN F 157 20.65 -33.53 -15.10
CA ASN F 157 19.63 -33.87 -16.10
C ASN F 157 19.08 -32.69 -16.89
N GLY F 158 19.68 -31.50 -16.68
CA GLY F 158 19.21 -30.29 -17.35
C GLY F 158 20.01 -29.06 -17.02
N SER F 159 19.85 -28.03 -17.86
CA SER F 159 20.57 -26.76 -17.73
C SER F 159 19.80 -25.68 -18.47
N PHE F 160 19.89 -24.43 -18.01
CA PHE F 160 19.17 -23.32 -18.63
C PHE F 160 19.83 -21.98 -18.37
N TYR F 161 19.54 -21.00 -19.23
CA TYR F 161 19.72 -19.60 -18.91
C TYR F 161 18.58 -18.78 -19.52
N GLU F 162 18.31 -17.63 -18.91
CA GLU F 162 17.38 -16.68 -19.47
C GLU F 162 17.73 -15.30 -18.95
N VAL F 163 17.92 -14.37 -19.87
CA VAL F 163 17.97 -12.95 -19.55
C VAL F 163 16.65 -12.34 -20.02
N ASP F 164 16.24 -11.24 -19.38
CA ASP F 164 15.00 -10.56 -19.75
C ASP F 164 15.10 -9.04 -19.58
N ALA F 165 14.31 -8.33 -20.38
CA ALA F 165 14.27 -6.87 -20.39
C ALA F 165 12.93 -6.42 -20.95
N ILE F 166 12.34 -5.39 -20.36
CA ILE F 166 11.06 -4.83 -20.86
C ILE F 166 11.11 -4.49 -22.37
N SER F 167 12.22 -3.96 -22.83
CA SER F 167 12.37 -3.53 -24.23
C SER F 167 12.79 -4.65 -25.21
N GLY F 168 12.95 -5.88 -24.70
CA GLY F 168 13.29 -7.00 -25.56
C GLY F 168 12.17 -7.34 -26.54
N TRP F 169 12.54 -7.51 -27.82
CA TRP F 169 11.56 -7.81 -28.88
C TRP F 169 10.80 -9.12 -28.64
N TRP F 170 11.42 -10.04 -27.92
CA TRP F 170 10.82 -11.34 -27.57
C TRP F 170 9.57 -11.16 -26.70
N ASN F 171 9.40 -9.96 -26.13
CA ASN F 171 8.25 -9.63 -25.32
C ASN F 171 7.09 -8.89 -26.02
N THR F 172 7.15 -8.68 -27.34
CA THR F 172 6.07 -7.93 -28.02
C THR F 172 4.68 -8.52 -27.83
N GLY F 173 4.60 -9.83 -27.68
CA GLY F 173 3.32 -10.51 -27.52
C GLY F 173 2.90 -10.77 -26.08
N ALA F 174 3.67 -10.26 -25.10
CA ALA F 174 3.34 -10.45 -23.68
C ALA F 174 2.01 -9.79 -23.33
N ALA F 175 1.19 -10.50 -22.55
CA ALA F 175 -0.10 -10.00 -22.10
C ALA F 175 0.07 -8.84 -21.12
N THR F 176 1.03 -8.96 -20.22
CA THR F 176 1.36 -7.89 -19.27
C THR F 176 2.87 -7.84 -19.05
N GLU F 177 3.34 -6.77 -18.43
CA GLU F 177 4.71 -6.68 -17.98
C GLU F 177 4.91 -7.54 -16.72
N ALA F 178 6.16 -7.72 -16.29
CA ALA F 178 6.48 -8.60 -15.15
C ALA F 178 5.76 -8.24 -13.84
N ASP F 179 5.54 -6.94 -13.60
CA ASP F 179 4.83 -6.47 -12.41
C ASP F 179 3.28 -6.50 -12.57
N GLY F 180 2.80 -6.98 -13.73
CA GLY F 180 1.37 -7.06 -14.00
C GLY F 180 0.76 -5.87 -14.73
N SER F 181 1.56 -4.84 -14.95
CA SER F 181 1.12 -3.65 -15.68
C SER F 181 1.01 -3.91 -17.21
N PRO F 182 0.25 -3.07 -17.93
CA PRO F 182 -0.01 -3.34 -19.35
C PRO F 182 1.24 -3.30 -20.24
N ASN F 183 1.22 -4.10 -21.30
CA ASN F 183 2.19 -4.00 -22.39
C ASN F 183 1.86 -2.75 -23.19
N ARG F 184 2.78 -1.80 -23.24
CA ARG F 184 2.53 -0.51 -23.91
C ARG F 184 3.29 -0.35 -25.23
N GLY F 185 3.84 -1.45 -25.73
CA GLY F 185 4.57 -1.43 -27.00
C GLY F 185 5.88 -0.68 -26.93
N TYR F 186 6.30 -0.14 -28.08
CA TYR F 186 7.58 0.61 -28.22
C TYR F 186 8.82 -0.17 -27.81
N LYS F 187 8.78 -1.49 -27.99
CA LYS F 187 9.93 -2.36 -27.70
C LYS F 187 10.93 -2.28 -28.85
N VAL F 188 12.19 -2.66 -28.57
CA VAL F 188 13.27 -2.50 -29.53
C VAL F 188 13.39 -3.72 -30.43
N ARG F 189 13.40 -3.48 -31.75
CA ARG F 189 13.60 -4.54 -32.74
C ARG F 189 15.04 -5.08 -32.65
N HIS F 190 15.24 -6.36 -32.95
CA HIS F 190 16.59 -6.91 -33.02
C HIS F 190 17.41 -6.13 -34.03
N LYS F 191 18.62 -5.75 -33.61
CA LYS F 191 19.51 -4.89 -34.42
C LYS F 191 18.93 -3.50 -34.66
N GLY F 192 17.93 -3.10 -33.88
CA GLY F 192 17.23 -1.83 -34.12
C GLY F 192 17.28 -0.78 -33.02
N GLY F 193 18.25 -0.88 -32.12
CA GLY F 193 18.33 -0.01 -30.95
C GLY F 193 19.15 1.25 -31.12
N TYR F 194 19.86 1.33 -32.24
CA TYR F 194 20.76 2.45 -32.52
C TYR F 194 20.17 3.35 -33.61
N PHE F 195 19.58 4.49 -33.24
CA PHE F 195 19.23 4.86 -31.85
C PHE F 195 18.01 5.79 -31.82
N PRO F 196 16.80 5.24 -32.05
CA PRO F 196 15.56 6.04 -32.08
C PRO F 196 15.29 6.76 -30.76
N VAL F 197 14.60 7.90 -30.85
CA VAL F 197 14.22 8.68 -29.66
C VAL F 197 13.21 7.93 -28.79
N ALA F 198 13.04 8.41 -27.55
CA ALA F 198 12.02 7.89 -26.64
C ALA F 198 10.65 8.10 -27.26
N PRO F 199 9.67 7.20 -26.97
CA PRO F 199 9.72 6.11 -25.99
C PRO F 199 10.34 4.79 -26.45
N ASN F 200 10.74 4.68 -27.72
CA ASN F 200 11.52 3.52 -28.20
C ASN F 200 12.74 3.26 -27.31
N ASP F 201 13.47 4.33 -27.02
CA ASP F 201 14.58 4.33 -26.08
C ASP F 201 13.98 4.46 -24.69
N GLN F 202 13.95 3.34 -23.95
CA GLN F 202 13.30 3.28 -22.65
C GLN F 202 14.28 3.52 -21.49
N TYR F 203 15.52 3.87 -21.80
CA TYR F 203 16.60 3.97 -20.80
C TYR F 203 17.26 5.35 -20.70
N VAL F 204 16.60 6.39 -21.22
CA VAL F 204 17.17 7.75 -21.28
C VAL F 204 17.53 8.29 -19.89
N ASP F 205 16.55 8.26 -18.98
CA ASP F 205 16.74 8.76 -17.62
C ASP F 205 17.79 7.98 -16.84
N LEU F 206 17.81 6.65 -16.99
CA LEU F 206 18.80 5.82 -16.31
C LEU F 206 20.21 6.10 -16.81
N ARG F 207 20.37 6.22 -18.13
CA ARG F 207 21.67 6.57 -18.72
C ARG F 207 22.16 7.97 -18.31
N ASP F 208 21.22 8.90 -18.10
CA ASP F 208 21.54 10.23 -17.58
C ASP F 208 22.12 10.12 -16.18
N LYS F 209 21.55 9.24 -15.35
CA LYS F 209 22.04 9.00 -14.00
C LYS F 209 23.44 8.37 -14.00
N MET F 210 23.68 7.45 -14.94
CA MET F 210 25.01 6.89 -15.16
C MET F 210 26.01 7.97 -15.58
N LEU F 211 25.61 8.84 -16.51
CA LEU F 211 26.45 9.95 -16.99
C LEU F 211 26.82 10.91 -15.86
N THR F 212 25.84 11.22 -15.01
CA THR F 212 26.03 12.13 -13.87
C THR F 212 26.93 11.54 -12.77
N ASN F 213 26.74 10.26 -12.45
CA ASN F 213 27.61 9.56 -11.49
C ASN F 213 29.06 9.50 -11.95
N LEU F 214 29.27 9.33 -13.26
CA LEU F 214 30.60 9.38 -13.85
C LEU F 214 31.22 10.78 -13.74
N ILE F 215 30.43 11.80 -14.11
CA ILE F 215 30.88 13.21 -14.03
C ILE F 215 31.31 13.53 -12.60
N ASN F 216 30.50 13.15 -11.63
CA ASN F 216 30.79 13.38 -10.21
C ASN F 216 31.93 12.52 -9.64
N SER F 217 32.43 11.57 -10.42
CA SER F 217 33.61 10.78 -10.06
C SER F 217 34.87 11.21 -10.83
N GLY F 218 34.80 12.38 -11.48
CA GLY F 218 35.97 12.95 -12.14
C GLY F 218 36.23 12.47 -13.55
N PHE F 219 35.30 11.72 -14.12
CA PHE F 219 35.38 11.36 -15.55
C PHE F 219 35.05 12.59 -16.40
N ILE F 220 35.78 12.73 -17.51
CA ILE F 220 35.46 13.73 -18.53
C ILE F 220 34.65 13.02 -19.60
N LEU F 221 33.39 13.43 -19.74
CA LEU F 221 32.43 12.69 -20.54
C LEU F 221 32.34 13.22 -21.96
N GLU F 222 32.04 12.31 -22.89
CA GLU F 222 31.90 12.65 -24.30
C GLU F 222 30.52 12.35 -24.86
N LYS F 223 30.04 11.11 -24.67
CA LYS F 223 28.66 10.80 -25.03
C LYS F 223 28.07 9.56 -24.36
N GLY F 224 26.74 9.44 -24.46
CA GLY F 224 26.00 8.26 -24.06
C GLY F 224 24.88 8.02 -25.04
N HIS F 225 24.62 6.74 -25.34
CA HIS F 225 23.51 6.36 -26.23
C HIS F 225 23.09 4.90 -26.10
N HIS F 226 21.88 4.60 -26.59
CA HIS F 226 21.39 3.25 -26.75
C HIS F 226 22.22 2.61 -27.88
N GLU F 227 22.53 1.32 -27.76
CA GLU F 227 23.25 0.64 -28.82
C GLU F 227 22.34 -0.25 -29.67
N VAL F 228 22.90 -0.89 -30.68
CA VAL F 228 22.16 -1.67 -31.68
C VAL F 228 21.24 -2.77 -31.10
N GLY F 229 21.68 -3.43 -30.04
CA GLY F 229 20.95 -4.58 -29.51
C GLY F 229 19.63 -4.29 -28.83
N SER F 230 18.66 -5.16 -29.07
CA SER F 230 17.37 -5.14 -28.36
C SER F 230 17.56 -5.50 -26.88
N GLY F 231 16.62 -5.11 -26.04
CA GLY F 231 16.72 -5.44 -24.63
C GLY F 231 17.72 -4.60 -23.86
N GLY F 232 17.89 -3.35 -24.28
CA GLY F 232 18.62 -2.35 -23.50
C GLY F 232 20.13 -2.22 -23.63
N GLN F 233 20.67 -2.49 -24.82
CA GLN F 233 22.11 -2.28 -25.02
C GLN F 233 22.44 -0.79 -24.93
N ALA F 234 23.62 -0.48 -24.39
CA ALA F 234 24.02 0.90 -24.17
C ALA F 234 25.52 1.08 -24.35
N GLU F 235 25.92 2.35 -24.48
CA GLU F 235 27.33 2.71 -24.54
C GLU F 235 27.51 4.10 -23.94
N ILE F 236 28.56 4.28 -23.16
CA ILE F 236 28.97 5.60 -22.71
C ILE F 236 30.46 5.78 -22.99
N ASN F 237 30.84 6.96 -23.48
CA ASN F 237 32.22 7.30 -23.78
C ASN F 237 32.75 8.38 -22.84
N TYR F 238 33.94 8.14 -22.32
CA TYR F 238 34.68 9.14 -21.54
C TYR F 238 36.04 9.38 -22.21
N GLN F 239 36.68 10.50 -21.89
CA GLN F 239 37.96 10.87 -22.48
C GLN F 239 39.04 9.81 -22.28
N PHE F 240 39.82 9.57 -23.33
CA PHE F 240 40.98 8.67 -23.31
C PHE F 240 42.04 9.13 -22.29
N ASN F 241 43.01 8.27 -22.02
CA ASN F 241 44.14 8.62 -21.15
C ASN F 241 45.32 7.69 -21.41
N SER F 242 46.44 7.91 -20.72
CA SER F 242 47.59 7.01 -20.84
C SER F 242 47.26 5.64 -20.24
N LEU F 243 47.97 4.61 -20.70
CA LEU F 243 47.64 3.20 -20.45
C LEU F 243 47.10 2.89 -19.04
N LEU F 244 47.94 3.05 -18.01
CA LEU F 244 47.53 2.70 -16.65
C LEU F 244 46.28 3.47 -16.18
N HIS F 245 46.28 4.79 -16.37
CA HIS F 245 45.13 5.60 -16.00
C HIS F 245 43.88 5.10 -16.69
N ALA F 246 44.00 4.80 -17.99
CA ALA F 246 42.88 4.31 -18.80
C ALA F 246 42.32 2.97 -18.30
N ALA F 247 43.20 2.08 -17.85
CA ALA F 247 42.77 0.79 -17.31
C ALA F 247 42.07 0.97 -15.96
N ASP F 248 42.60 1.89 -15.14
CA ASP F 248 41.97 2.26 -13.86
C ASP F 248 40.60 2.88 -14.09
N ASP F 249 40.51 3.75 -15.10
CA ASP F 249 39.24 4.35 -15.51
C ASP F 249 38.22 3.27 -15.90
N MET F 250 38.67 2.28 -16.69
CA MET F 250 37.78 1.20 -17.14
C MET F 250 37.14 0.46 -15.97
N GLN F 251 37.97 0.07 -15.00
CA GLN F 251 37.49 -0.69 -13.83
C GLN F 251 36.47 0.09 -12.99
N LEU F 252 36.74 1.38 -12.78
CA LEU F 252 35.81 2.25 -12.05
C LEU F 252 34.52 2.50 -12.85
N TYR F 253 34.66 2.72 -14.15
CA TYR F 253 33.51 2.86 -15.07
C TYR F 253 32.56 1.67 -14.96
N LYS F 254 33.09 0.45 -15.04
CA LYS F 254 32.27 -0.76 -14.92
C LYS F 254 31.58 -0.82 -13.56
N TYR F 255 32.28 -0.44 -12.50
CA TYR F 255 31.70 -0.37 -11.16
C TYR F 255 30.52 0.62 -11.07
N ILE F 256 30.70 1.80 -11.66
CA ILE F 256 29.68 2.84 -11.65
C ILE F 256 28.47 2.49 -12.50
N ILE F 257 28.70 1.88 -13.66
CA ILE F 257 27.61 1.43 -14.51
C ILE F 257 26.79 0.36 -13.79
N LYS F 258 27.46 -0.68 -13.29
CA LYS F 258 26.79 -1.82 -12.65
C LYS F 258 25.95 -1.41 -11.44
N ASN F 259 26.49 -0.51 -10.63
CA ASN F 259 25.84 -0.10 -9.39
C ASN F 259 24.79 1.02 -9.53
N THR F 260 24.93 1.90 -10.52
CA THR F 260 23.86 2.83 -10.85
C THR F 260 22.63 2.02 -11.28
N ALA F 261 22.86 1.01 -12.12
CA ALA F 261 21.80 0.10 -12.57
C ALA F 261 21.17 -0.61 -11.38
N TRP F 262 22.00 -1.17 -10.53
CA TRP F 262 21.55 -1.94 -9.37
C TRP F 262 20.66 -1.12 -8.44
N GLN F 263 21.10 0.11 -8.14
CA GLN F 263 20.34 1.02 -7.28
C GLN F 263 19.03 1.46 -7.89
N ASN F 264 18.88 1.29 -9.19
CA ASN F 264 17.68 1.72 -9.91
C ASN F 264 16.86 0.53 -10.44
N GLY F 265 17.06 -0.64 -9.85
CA GLY F 265 16.17 -1.78 -10.09
C GLY F 265 16.49 -2.61 -11.31
N LYS F 266 17.65 -2.35 -11.93
CA LYS F 266 18.11 -3.07 -13.10
C LYS F 266 19.33 -3.95 -12.80
N THR F 267 19.77 -4.69 -13.82
CA THR F 267 20.98 -5.50 -13.73
C THR F 267 21.77 -5.44 -15.05
N VAL F 268 23.05 -5.11 -14.95
CA VAL F 268 23.90 -4.90 -16.13
C VAL F 268 24.89 -6.05 -16.33
N THR F 269 25.11 -6.41 -17.61
CA THR F 269 26.18 -7.35 -17.95
C THR F 269 27.09 -6.76 -19.05
N PHE F 270 28.38 -6.98 -18.87
CA PHE F 270 29.38 -6.66 -19.89
C PHE F 270 29.83 -7.92 -20.68
N MET F 271 29.09 -9.03 -20.55
CA MET F 271 29.50 -10.23 -21.28
C MET F 271 29.42 -10.00 -22.79
N PRO F 272 30.36 -10.60 -23.54
CA PRO F 272 30.48 -10.37 -24.98
C PRO F 272 29.24 -10.69 -25.81
N LYS F 273 28.54 -11.76 -25.48
CA LYS F 273 27.40 -12.17 -26.30
C LYS F 273 26.27 -12.80 -25.45
N PRO F 274 25.46 -11.95 -24.77
CA PRO F 274 24.35 -12.47 -23.98
C PRO F 274 23.11 -12.82 -24.82
N LEU F 275 23.01 -12.22 -26.01
CA LEU F 275 21.89 -12.47 -26.89
C LEU F 275 22.34 -13.16 -28.16
N PHE F 276 21.60 -14.22 -28.54
CA PHE F 276 21.82 -14.93 -29.78
C PHE F 276 21.02 -14.27 -30.88
N GLY F 277 21.68 -13.91 -31.99
CA GLY F 277 21.00 -13.29 -33.11
C GLY F 277 20.83 -11.79 -32.97
N ASP F 278 21.61 -11.17 -32.07
CA ASP F 278 21.66 -9.71 -31.95
C ASP F 278 23.08 -9.33 -31.57
N ASN F 279 23.40 -8.04 -31.64
CA ASN F 279 24.77 -7.56 -31.44
C ASN F 279 25.36 -7.99 -30.11
N GLY F 280 26.66 -8.33 -30.13
CA GLY F 280 27.42 -8.55 -28.91
C GLY F 280 27.91 -7.22 -28.36
N SER F 281 28.56 -7.24 -27.21
CA SER F 281 29.12 -6.04 -26.59
C SER F 281 30.65 -6.06 -26.69
N GLY F 282 31.20 -5.07 -27.38
CA GLY F 282 32.64 -5.00 -27.60
C GLY F 282 33.30 -3.98 -26.71
N MET F 283 34.64 -3.99 -26.74
CA MET F 283 35.45 -2.97 -26.08
C MET F 283 36.50 -2.50 -27.10
N HIS F 284 36.04 -1.71 -28.08
CA HIS F 284 36.97 -1.15 -29.06
C HIS F 284 38.01 -0.31 -28.34
N CYS F 285 39.26 -0.48 -28.74
CA CYS F 285 40.36 0.30 -28.18
C CYS F 285 41.03 1.19 -29.24
N HIS F 286 40.74 2.48 -29.18
CA HIS F 286 41.47 3.50 -29.95
C HIS F 286 42.85 3.68 -29.32
N GLN F 287 43.88 3.68 -30.16
CA GLN F 287 45.27 3.74 -29.69
C GLN F 287 46.12 4.73 -30.50
N SER F 288 47.00 5.44 -29.81
CA SER F 288 47.99 6.31 -30.45
C SER F 288 49.25 6.42 -29.60
N LEU F 289 50.39 6.61 -30.26
CA LEU F 289 51.67 6.86 -29.57
C LEU F 289 52.11 8.32 -29.73
N TRP F 290 52.61 8.89 -28.63
CA TRP F 290 53.11 10.27 -28.61
C TRP F 290 54.53 10.35 -28.05
N LYS F 291 55.29 11.36 -28.48
CA LYS F 291 56.63 11.59 -27.94
C LYS F 291 56.95 13.08 -27.87
N ASP F 292 57.45 13.51 -26.70
CA ASP F 292 57.79 14.92 -26.44
C ASP F 292 56.63 15.86 -26.75
N GLY F 293 55.42 15.39 -26.49
CA GLY F 293 54.21 16.19 -26.72
C GLY F 293 53.80 16.30 -28.18
N ALA F 294 54.34 15.42 -29.03
CA ALA F 294 53.98 15.40 -30.45
C ALA F 294 53.42 14.04 -30.89
N PRO F 295 52.40 14.05 -31.78
CA PRO F 295 51.78 12.81 -32.27
C PRO F 295 52.63 12.08 -33.30
N LEU F 296 52.55 10.75 -33.31
CA LEU F 296 53.39 9.92 -34.18
C LEU F 296 52.62 9.10 -35.22
N MET F 297 51.30 9.16 -35.18
CA MET F 297 50.48 8.29 -36.04
C MET F 297 50.16 8.86 -37.43
N TYR F 298 50.47 10.13 -37.66
CA TYR F 298 50.01 10.83 -38.87
C TYR F 298 51.06 11.00 -39.98
N ASP F 299 50.66 10.65 -41.20
CA ASP F 299 51.38 10.98 -42.43
C ASP F 299 50.40 11.22 -43.53
N GLU F 300 50.35 12.47 -43.99
CA GLU F 300 49.45 12.95 -45.05
C GLU F 300 49.45 12.06 -46.31
N THR F 301 50.57 11.36 -46.55
CA THR F 301 50.75 10.59 -47.79
C THR F 301 50.48 9.09 -47.67
N GLY F 302 50.30 8.60 -46.44
CA GLY F 302 49.97 7.20 -46.20
C GLY F 302 48.50 6.89 -46.44
N TYR F 303 48.18 5.60 -46.64
CA TYR F 303 46.78 5.15 -46.70
C TYR F 303 46.08 5.52 -45.39
N ALA F 304 44.87 6.07 -45.50
CA ALA F 304 44.10 6.53 -44.34
C ALA F 304 44.87 7.52 -43.46
N GLY F 305 45.83 8.23 -44.07
CA GLY F 305 46.65 9.22 -43.38
C GLY F 305 47.56 8.68 -42.28
N LEU F 306 48.00 7.44 -42.42
CA LEU F 306 48.80 6.77 -41.40
C LEU F 306 50.30 6.83 -41.66
N SER F 307 51.07 7.14 -40.62
CA SER F 307 52.54 7.09 -40.68
C SER F 307 53.04 5.64 -40.69
N ASP F 308 54.35 5.48 -40.88
CA ASP F 308 55.00 4.16 -40.85
C ASP F 308 54.88 3.53 -39.47
N THR F 309 55.12 4.34 -38.44
CA THR F 309 55.01 3.89 -37.04
C THR F 309 53.62 3.31 -36.75
N ALA F 310 52.59 4.03 -37.18
CA ALA F 310 51.20 3.60 -37.03
C ALA F 310 50.90 2.32 -37.80
N ARG F 311 51.33 2.26 -39.06
CA ARG F 311 51.10 1.10 -39.92
C ARG F 311 51.79 -0.16 -39.40
N HIS F 312 52.99 0.00 -38.84
CA HIS F 312 53.73 -1.12 -38.26
C HIS F 312 53.13 -1.58 -36.92
N TYR F 313 52.58 -0.64 -36.17
CA TYR F 313 51.84 -0.95 -34.94
C TYR F 313 50.64 -1.85 -35.30
N ILE F 314 49.93 -1.50 -36.37
CA ILE F 314 48.83 -2.32 -36.89
C ILE F 314 49.33 -3.68 -37.36
N GLY F 315 50.46 -3.69 -38.06
CA GLY F 315 51.12 -4.95 -38.48
C GLY F 315 51.37 -5.88 -37.30
N GLY F 316 51.84 -5.32 -36.19
CA GLY F 316 52.05 -6.07 -34.96
C GLY F 316 50.77 -6.64 -34.36
N LEU F 317 49.71 -5.82 -34.33
CA LEU F 317 48.42 -6.26 -33.81
C LEU F 317 47.81 -7.41 -34.61
N LEU F 318 47.82 -7.27 -35.94
CA LEU F 318 47.26 -8.28 -36.80
C LEU F 318 48.12 -9.55 -36.92
N HIS F 319 49.44 -9.38 -36.81
CA HIS F 319 50.35 -10.53 -36.82
C HIS F 319 50.24 -11.32 -35.53
N HIS F 320 50.17 -10.63 -34.40
CA HIS F 320 50.15 -11.30 -33.09
C HIS F 320 48.77 -11.73 -32.61
N ALA F 321 47.73 -11.30 -33.33
CA ALA F 321 46.33 -11.62 -33.00
C ALA F 321 46.06 -13.06 -32.52
N PRO F 322 46.56 -14.09 -33.26
CA PRO F 322 46.28 -15.47 -32.85
C PRO F 322 46.64 -15.80 -31.39
N SER F 323 47.60 -15.08 -30.81
CA SER F 323 47.92 -15.27 -29.39
C SER F 323 47.44 -14.07 -28.55
N LEU F 324 47.45 -12.88 -29.14
CA LEU F 324 47.04 -11.66 -28.45
C LEU F 324 45.60 -11.74 -27.92
N LEU F 325 44.72 -12.41 -28.67
CA LEU F 325 43.32 -12.51 -28.29
C LEU F 325 43.10 -13.26 -26.98
N ALA F 326 44.10 -14.02 -26.54
CA ALA F 326 44.05 -14.67 -25.23
C ALA F 326 43.92 -13.66 -24.10
N PHE F 327 44.39 -12.43 -24.33
CA PHE F 327 44.29 -11.36 -23.34
C PHE F 327 43.25 -10.30 -23.68
N THR F 328 42.88 -10.19 -24.96
CA THR F 328 41.91 -9.18 -25.41
C THR F 328 40.48 -9.75 -25.56
N ASN F 329 40.40 -11.03 -25.89
CA ASN F 329 39.15 -11.79 -25.97
C ASN F 329 39.24 -13.09 -25.11
N PRO F 330 39.29 -12.95 -23.78
CA PRO F 330 39.78 -14.01 -22.90
C PRO F 330 38.76 -15.03 -22.35
N THR F 331 37.53 -15.03 -22.85
CA THR F 331 36.50 -15.95 -22.34
C THR F 331 35.94 -16.86 -23.44
N VAL F 332 35.26 -17.94 -23.04
CA VAL F 332 34.62 -18.83 -24.00
C VAL F 332 33.52 -18.05 -24.73
N ASN F 333 32.76 -17.24 -24.00
CA ASN F 333 31.72 -16.40 -24.57
C ASN F 333 32.21 -15.39 -25.62
N SER F 334 33.47 -14.94 -25.48
CA SER F 334 34.10 -14.01 -26.44
C SER F 334 33.90 -14.43 -27.89
N TYR F 335 33.98 -15.73 -28.13
CA TYR F 335 34.01 -16.28 -29.48
C TYR F 335 32.63 -16.50 -30.11
N LYS F 336 31.59 -16.34 -29.30
CA LYS F 336 30.22 -16.24 -29.80
C LYS F 336 29.93 -14.86 -30.39
N ARG F 337 30.73 -13.86 -30.01
CA ARG F 337 30.65 -12.50 -30.58
C ARG F 337 31.37 -12.38 -31.94
N LEU F 338 32.48 -13.12 -32.10
CA LEU F 338 33.29 -13.08 -33.32
C LEU F 338 32.67 -13.95 -34.44
N VAL F 339 31.44 -13.59 -34.80
CA VAL F 339 30.67 -14.22 -35.87
C VAL F 339 30.18 -13.10 -36.83
N PRO F 340 29.93 -13.43 -38.11
CA PRO F 340 29.59 -12.37 -39.06
C PRO F 340 28.20 -11.75 -38.88
N GLY F 341 28.11 -10.45 -39.15
CA GLY F 341 26.83 -9.73 -39.27
C GLY F 341 26.47 -8.78 -38.13
N TYR F 342 27.40 -8.52 -37.22
CA TYR F 342 27.08 -7.79 -35.99
C TYR F 342 28.09 -6.68 -35.62
N GLU F 343 28.82 -6.20 -36.63
CA GLU F 343 29.81 -5.13 -36.46
C GLU F 343 31.00 -5.51 -35.57
N ALA F 344 31.29 -6.81 -35.50
CA ALA F 344 32.47 -7.32 -34.84
C ALA F 344 33.35 -8.02 -35.90
N PRO F 345 34.68 -8.12 -35.67
CA PRO F 345 35.60 -8.72 -36.64
C PRO F 345 35.39 -10.22 -36.85
N ILE F 346 35.62 -10.68 -38.08
CA ILE F 346 35.67 -12.11 -38.41
C ILE F 346 36.98 -12.51 -39.10
N ASN F 347 37.83 -11.51 -39.36
CA ASN F 347 39.14 -11.75 -39.97
C ASN F 347 40.12 -10.62 -39.67
N LEU F 348 41.38 -10.83 -40.02
CA LEU F 348 42.46 -9.92 -39.62
C LEU F 348 42.83 -8.88 -40.68
N VAL F 349 41.93 -7.92 -40.92
CA VAL F 349 42.21 -6.83 -41.88
C VAL F 349 42.02 -5.47 -41.22
N TYR F 350 42.78 -4.48 -41.68
CA TYR F 350 42.52 -3.10 -41.32
C TYR F 350 41.93 -2.35 -42.51
N SER F 351 41.06 -1.39 -42.23
CA SER F 351 40.36 -0.64 -43.27
C SER F 351 39.78 0.63 -42.66
N GLN F 352 39.86 1.74 -43.40
CA GLN F 352 39.30 2.98 -42.91
C GLN F 352 37.77 2.97 -43.05
N ARG F 353 37.09 3.61 -42.08
CA ARG F 353 35.64 3.78 -42.12
C ARG F 353 34.86 2.46 -42.00
N ASN F 354 35.59 1.36 -41.77
CA ASN F 354 35.01 0.02 -41.90
C ASN F 354 34.69 -0.71 -40.58
N ARG F 355 33.41 -0.74 -40.23
CA ARG F 355 32.95 -1.39 -39.00
C ARG F 355 32.86 -2.93 -39.07
N SER F 356 33.16 -3.51 -40.23
CA SER F 356 33.25 -4.96 -40.38
C SER F 356 34.69 -5.47 -40.22
N ALA F 357 35.63 -4.52 -40.07
CA ALA F 357 37.07 -4.83 -40.03
C ALA F 357 37.61 -5.07 -38.62
N CYS F 358 38.81 -5.67 -38.56
CA CYS F 358 39.48 -5.94 -37.28
C CYS F 358 40.10 -4.67 -36.69
N VAL F 359 40.70 -3.86 -37.55
CA VAL F 359 41.15 -2.51 -37.18
C VAL F 359 40.48 -1.53 -38.14
N ARG F 360 39.66 -0.64 -37.58
CA ARG F 360 39.07 0.47 -38.34
C ARG F 360 39.88 1.73 -38.11
N ILE F 361 40.10 2.50 -39.18
CA ILE F 361 40.68 3.83 -39.03
C ILE F 361 39.55 4.85 -39.12
N PRO F 362 39.21 5.48 -37.97
CA PRO F 362 38.14 6.47 -37.94
C PRO F 362 38.48 7.66 -38.85
N ILE F 363 37.46 8.26 -39.45
CA ILE F 363 37.64 9.46 -40.29
C ILE F 363 37.78 10.70 -39.39
N THR F 364 39.00 11.22 -39.32
CA THR F 364 39.32 12.34 -38.42
C THR F 364 39.81 13.61 -39.13
N GLY F 365 40.03 13.52 -40.44
CA GLY F 365 40.47 14.67 -41.21
C GLY F 365 41.98 14.86 -41.23
N SER F 366 42.41 16.11 -41.38
CA SER F 366 43.83 16.44 -41.57
C SER F 366 44.58 16.83 -40.27
N ASN F 367 43.84 16.94 -39.15
CA ASN F 367 44.45 17.21 -37.85
C ASN F 367 45.29 16.02 -37.44
N PRO F 368 46.63 16.21 -37.34
CA PRO F 368 47.55 15.11 -37.01
C PRO F 368 47.35 14.54 -35.60
N LYS F 369 46.87 15.37 -34.68
CA LYS F 369 46.64 14.99 -33.29
C LYS F 369 45.55 13.92 -33.14
N ALA F 370 44.55 13.97 -34.01
CA ALA F 370 43.38 13.09 -33.95
C ALA F 370 43.61 11.72 -34.59
N LYS F 371 44.73 11.55 -35.29
CA LYS F 371 45.03 10.29 -35.98
C LYS F 371 45.25 9.14 -35.02
N ARG F 372 44.56 8.03 -35.31
CA ARG F 372 44.60 6.83 -34.46
C ARG F 372 44.02 5.61 -35.17
N LEU F 373 44.27 4.44 -34.58
CA LEU F 373 43.65 3.20 -35.03
C LEU F 373 42.61 2.75 -34.00
N GLU F 374 41.55 2.11 -34.49
CA GLU F 374 40.56 1.48 -33.62
C GLU F 374 40.65 -0.04 -33.71
N PHE F 375 41.19 -0.67 -32.66
CA PHE F 375 41.26 -2.13 -32.60
C PHE F 375 39.90 -2.63 -32.10
N ARG F 376 39.12 -3.23 -33.01
CA ARG F 376 37.73 -3.57 -32.75
C ARG F 376 37.52 -4.97 -32.14
N SER F 377 38.58 -5.78 -32.11
CA SER F 377 38.47 -7.15 -31.62
C SER F 377 38.18 -7.31 -30.12
N PRO F 378 38.82 -6.50 -29.24
CA PRO F 378 38.67 -6.75 -27.79
C PRO F 378 37.24 -6.64 -27.23
N ASP F 379 36.98 -7.35 -26.12
CA ASP F 379 35.73 -7.21 -25.38
C ASP F 379 35.98 -6.90 -23.90
N SER F 380 34.92 -6.76 -23.10
CA SER F 380 35.05 -6.38 -21.67
C SER F 380 35.02 -7.58 -20.71
N SER F 381 35.22 -8.77 -21.23
CA SER F 381 35.06 -9.98 -20.41
C SER F 381 36.31 -10.38 -19.61
N GLY F 382 37.34 -9.55 -19.60
CA GLY F 382 38.57 -9.86 -18.87
C GLY F 382 39.17 -8.73 -18.05
N ASN F 383 40.46 -8.47 -18.32
CA ASN F 383 41.28 -7.57 -17.52
C ASN F 383 41.87 -6.45 -18.38
N PRO F 384 41.45 -5.18 -18.13
CA PRO F 384 41.91 -4.06 -18.98
C PRO F 384 43.41 -3.76 -18.82
N TYR F 385 43.95 -3.96 -17.62
CA TYR F 385 45.39 -3.80 -17.37
C TYR F 385 46.20 -4.73 -18.25
N LEU F 386 45.79 -6.00 -18.31
CA LEU F 386 46.48 -7.01 -19.10
C LEU F 386 46.21 -6.84 -20.60
N ALA F 387 44.98 -6.53 -20.96
CA ALA F 387 44.58 -6.34 -22.35
C ALA F 387 45.28 -5.13 -22.99
N PHE F 388 45.25 -3.98 -22.33
CA PHE F 388 45.90 -2.78 -22.88
C PHE F 388 47.40 -3.03 -23.01
N SER F 389 47.99 -3.64 -21.98
CA SER F 389 49.43 -3.95 -21.98
C SER F 389 49.82 -4.89 -23.13
N ALA F 390 49.06 -5.96 -23.32
CA ALA F 390 49.32 -6.92 -24.40
C ALA F 390 49.22 -6.31 -25.79
N MET F 391 48.20 -5.47 -25.99
CA MET F 391 48.05 -4.72 -27.23
C MET F 391 49.28 -3.85 -27.51
N LEU F 392 49.79 -3.19 -26.46
CA LEU F 392 50.95 -2.31 -26.60
C LEU F 392 52.18 -3.12 -27.01
N MET F 393 52.42 -4.23 -26.31
CA MET F 393 53.55 -5.14 -26.59
C MET F 393 53.54 -5.67 -28.02
N ALA F 394 52.35 -5.98 -28.54
CA ALA F 394 52.19 -6.45 -29.91
C ALA F 394 52.49 -5.34 -30.91
N GLY F 395 52.02 -4.13 -30.60
CA GLY F 395 52.23 -2.99 -31.46
C GLY F 395 53.70 -2.59 -31.53
N LEU F 396 54.35 -2.63 -30.37
CA LEU F 396 55.78 -2.30 -30.26
C LEU F 396 56.68 -3.31 -30.99
N ASP F 397 56.33 -4.60 -30.89
CA ASP F 397 57.04 -5.63 -31.64
C ASP F 397 56.91 -5.41 -33.14
N GLY F 398 55.74 -4.91 -33.56
CA GLY F 398 55.47 -4.54 -34.95
C GLY F 398 56.33 -3.39 -35.47
N ILE F 399 56.45 -2.33 -34.67
CA ILE F 399 57.31 -1.19 -34.98
C ILE F 399 58.79 -1.60 -35.03
N LYS F 400 59.22 -2.34 -34.00
CA LYS F 400 60.62 -2.77 -33.86
C LYS F 400 61.07 -3.67 -35.00
N ASN F 401 60.22 -4.61 -35.40
CA ASN F 401 60.49 -5.52 -36.51
C ASN F 401 59.92 -5.06 -37.85
N LYS F 402 59.44 -3.82 -37.89
CA LYS F 402 58.81 -3.23 -39.10
C LYS F 402 57.89 -4.21 -39.83
N ILE F 403 56.95 -4.81 -39.08
CA ILE F 403 56.02 -5.78 -39.64
C ILE F 403 54.98 -5.08 -40.50
N GLU F 404 54.90 -5.47 -41.77
CA GLU F 404 53.96 -4.84 -42.70
C GLU F 404 52.63 -5.58 -42.67
N PRO F 405 51.53 -4.85 -42.44
CA PRO F 405 50.22 -5.49 -42.49
C PRO F 405 49.87 -5.77 -43.94
N GLN F 406 49.05 -6.78 -44.17
CA GLN F 406 48.58 -7.04 -45.52
C GLN F 406 47.62 -5.93 -45.96
N ALA F 407 47.52 -5.71 -47.26
CA ALA F 407 46.81 -4.56 -47.82
C ALA F 407 45.41 -4.39 -47.23
N PRO F 408 45.02 -3.14 -46.93
CA PRO F 408 43.65 -2.86 -46.47
C PRO F 408 42.58 -3.35 -47.45
N VAL F 409 41.47 -3.85 -46.92
CA VAL F 409 40.35 -4.31 -47.74
C VAL F 409 39.12 -3.46 -47.45
N ASP F 410 38.76 -2.60 -48.41
CA ASP F 410 37.69 -1.63 -48.22
C ASP F 410 36.33 -2.11 -48.75
N LYS F 411 35.83 -3.19 -48.14
CA LYS F 411 34.58 -3.82 -48.56
C LYS F 411 33.83 -4.29 -47.32
N ASP F 412 32.59 -4.70 -47.52
CA ASP F 412 31.84 -5.41 -46.49
C ASP F 412 32.47 -6.79 -46.34
N LEU F 413 33.25 -6.97 -45.26
CA LEU F 413 34.02 -8.20 -45.06
C LEU F 413 33.16 -9.42 -44.74
N TYR F 414 31.90 -9.20 -44.40
CA TYR F 414 30.94 -10.27 -44.16
C TYR F 414 30.42 -10.84 -45.48
N GLU F 415 30.46 -10.04 -46.54
CA GLU F 415 29.89 -10.40 -47.84
C GLU F 415 30.94 -10.73 -48.90
N LEU F 416 32.18 -10.99 -48.46
CA LEU F 416 33.26 -11.39 -49.37
C LEU F 416 32.93 -12.68 -50.12
N PRO F 417 33.24 -12.74 -51.43
CA PRO F 417 33.12 -14.00 -52.17
C PRO F 417 34.03 -15.08 -51.56
N PRO F 418 33.54 -16.33 -51.48
CA PRO F 418 34.22 -17.43 -50.78
C PRO F 418 35.72 -17.56 -51.09
N GLU F 419 36.11 -17.26 -52.33
CA GLU F 419 37.49 -17.44 -52.77
C GLU F 419 38.42 -16.30 -52.37
N GLU F 420 37.86 -15.10 -52.22
CA GLU F 420 38.60 -13.98 -51.64
C GLU F 420 38.64 -14.08 -50.10
N ALA F 421 37.52 -14.53 -49.52
CA ALA F 421 37.43 -14.73 -48.06
C ALA F 421 38.47 -15.73 -47.53
N ALA F 422 38.72 -16.79 -48.30
CA ALA F 422 39.68 -17.83 -47.93
C ALA F 422 41.15 -17.36 -47.93
N SER F 423 41.46 -16.41 -48.79
CA SER F 423 42.82 -15.87 -48.88
C SER F 423 43.15 -14.83 -47.79
N ILE F 424 42.26 -14.67 -46.81
CA ILE F 424 42.49 -13.76 -45.69
C ILE F 424 42.45 -14.52 -44.36
N PRO F 425 43.47 -14.28 -43.50
CA PRO F 425 43.47 -14.95 -42.20
C PRO F 425 42.21 -14.62 -41.38
N GLN F 426 41.57 -15.67 -40.87
CA GLN F 426 40.38 -15.55 -40.04
C GLN F 426 40.78 -15.28 -38.58
N THR F 427 39.83 -14.74 -37.82
CA THR F 427 39.94 -14.68 -36.36
C THR F 427 39.81 -16.10 -35.81
N PRO F 428 40.45 -16.36 -34.67
CA PRO F 428 40.32 -17.66 -33.99
C PRO F 428 38.87 -18.05 -33.69
N THR F 429 38.59 -19.35 -33.74
CA THR F 429 37.26 -19.92 -33.60
C THR F 429 36.81 -19.99 -32.15
N GLN F 430 37.73 -20.35 -31.25
CA GLN F 430 37.42 -20.67 -29.87
C GLN F 430 38.60 -20.36 -28.95
N LEU F 431 38.33 -20.22 -27.65
CA LEU F 431 39.34 -19.84 -26.63
C LEU F 431 40.51 -20.82 -26.53
N SER F 432 40.22 -22.12 -26.66
CA SER F 432 41.26 -23.15 -26.53
C SER F 432 42.34 -22.98 -27.58
N ASP F 433 41.95 -22.46 -28.75
CA ASP F 433 42.89 -22.17 -29.84
C ASP F 433 43.87 -21.03 -29.52
N VAL F 434 43.37 -19.93 -28.96
CA VAL F 434 44.22 -18.77 -28.61
C VAL F 434 45.12 -19.05 -27.41
N ILE F 435 44.64 -19.87 -26.49
CA ILE F 435 45.40 -20.27 -25.31
C ILE F 435 46.57 -21.18 -25.75
N ASP F 436 46.27 -22.14 -26.64
CA ASP F 436 47.28 -23.01 -27.23
C ASP F 436 48.36 -22.18 -27.92
N ARG F 437 47.92 -21.19 -28.69
CA ARG F 437 48.84 -20.33 -29.44
C ARG F 437 49.68 -19.42 -28.52
N LEU F 438 49.05 -18.91 -27.47
CA LEU F 438 49.76 -18.14 -26.44
C LEU F 438 50.87 -18.97 -25.81
N GLU F 439 50.57 -20.24 -25.55
CA GLU F 439 51.52 -21.15 -24.93
C GLU F 439 52.73 -21.40 -25.84
N ALA F 440 52.47 -21.52 -27.13
CA ALA F 440 53.49 -21.79 -28.14
C ALA F 440 54.34 -20.56 -28.50
N ASP F 441 53.73 -19.38 -28.48
CA ASP F 441 54.42 -18.17 -28.90
C ASP F 441 54.01 -16.93 -28.11
N HIS F 442 54.84 -16.53 -27.14
CA HIS F 442 54.54 -15.38 -26.31
C HIS F 442 55.73 -14.47 -26.02
N GLU F 443 56.77 -14.56 -26.85
CA GLU F 443 58.03 -13.83 -26.63
C GLU F 443 57.86 -12.32 -26.65
N TYR F 444 56.98 -11.83 -27.53
CA TYR F 444 56.72 -10.40 -27.65
C TYR F 444 56.19 -9.79 -26.35
N LEU F 445 55.52 -10.62 -25.57
CA LEU F 445 54.93 -10.22 -24.29
C LEU F 445 55.96 -10.17 -23.17
N THR F 446 56.94 -11.06 -23.24
CA THR F 446 57.99 -11.15 -22.22
C THR F 446 59.15 -10.15 -22.40
N GLU F 447 59.12 -9.36 -23.47
CA GLU F 447 60.13 -8.32 -23.71
C GLU F 447 60.19 -7.38 -22.53
N GLY F 448 61.40 -7.09 -22.06
CA GLY F 448 61.60 -6.16 -20.95
C GLY F 448 61.01 -6.64 -19.64
N GLY F 449 60.55 -7.88 -19.61
CA GLY F 449 59.93 -8.46 -18.43
C GLY F 449 58.56 -7.88 -18.09
N VAL F 450 57.90 -7.28 -19.07
CA VAL F 450 56.55 -6.71 -18.88
C VAL F 450 55.58 -7.82 -18.46
N PHE F 451 55.48 -8.86 -19.28
CA PHE F 451 54.86 -10.12 -18.85
C PHE F 451 55.98 -11.08 -18.47
N THR F 452 55.77 -11.86 -17.41
CA THR F 452 56.71 -12.90 -17.04
C THR F 452 56.09 -14.27 -17.29
N ASN F 453 56.91 -15.32 -17.32
CA ASN F 453 56.44 -16.68 -17.62
C ASN F 453 55.45 -17.22 -16.59
N ASP F 454 55.65 -16.87 -15.32
CA ASP F 454 54.74 -17.30 -14.27
C ASP F 454 53.32 -16.74 -14.49
N LEU F 455 53.23 -15.51 -14.99
CA LEU F 455 51.93 -14.90 -15.29
C LEU F 455 51.27 -15.61 -16.46
N ILE F 456 52.01 -15.79 -17.54
CA ILE F 456 51.50 -16.43 -18.74
C ILE F 456 51.06 -17.87 -18.48
N GLU F 457 51.86 -18.62 -17.73
CA GLU F 457 51.54 -19.99 -17.38
C GLU F 457 50.33 -20.09 -16.44
N THR F 458 50.21 -19.14 -15.51
CA THR F 458 49.07 -19.10 -14.59
C THR F 458 47.77 -18.82 -15.36
N TRP F 459 47.84 -17.87 -16.30
CA TRP F 459 46.72 -17.50 -17.14
C TRP F 459 46.24 -18.70 -17.96
N ILE F 460 47.18 -19.40 -18.60
CA ILE F 460 46.87 -20.54 -19.48
C ILE F 460 46.20 -21.65 -18.68
N SER F 461 46.78 -21.94 -17.52
CA SER F 461 46.28 -22.94 -16.59
C SER F 461 44.88 -22.59 -16.07
N PHE F 462 44.66 -21.33 -15.68
CA PHE F 462 43.36 -20.88 -15.18
C PHE F 462 42.25 -21.05 -16.23
N LYS F 463 42.54 -20.65 -17.47
CA LYS F 463 41.52 -20.68 -18.52
C LYS F 463 41.12 -22.11 -18.89
N ARG F 464 42.11 -22.99 -18.95
CA ARG F 464 41.88 -24.42 -19.25
C ARG F 464 41.06 -25.13 -18.17
N GLU F 465 41.48 -24.98 -16.91
CA GLU F 465 40.86 -25.69 -15.80
C GLU F 465 39.50 -25.11 -15.35
N ASN F 466 39.37 -23.78 -15.43
CA ASN F 466 38.21 -23.10 -14.88
C ASN F 466 37.16 -22.66 -15.91
N GLU F 467 37.54 -22.67 -17.18
CA GLU F 467 36.63 -22.16 -18.23
C GLU F 467 36.45 -23.12 -19.39
N ILE F 468 37.55 -23.46 -20.06
CA ILE F 468 37.50 -24.30 -21.27
C ILE F 468 36.93 -25.69 -20.98
N GLU F 469 37.51 -26.37 -19.99
CA GLU F 469 37.10 -27.73 -19.63
C GLU F 469 35.68 -27.82 -19.05
N PRO F 470 35.34 -26.95 -18.07
CA PRO F 470 33.96 -26.96 -17.55
C PRO F 470 32.85 -26.80 -18.61
N VAL F 471 33.07 -25.98 -19.63
CA VAL F 471 32.10 -25.83 -20.73
C VAL F 471 32.11 -27.05 -21.65
N ASN F 472 33.30 -27.60 -21.91
CA ASN F 472 33.46 -28.76 -22.80
C ASN F 472 32.78 -30.04 -22.36
N ILE F 473 32.72 -30.25 -21.04
CA ILE F 473 32.16 -31.48 -20.48
C ILE F 473 30.64 -31.41 -20.32
N ARG F 474 30.09 -30.21 -20.36
CA ARG F 474 28.65 -29.99 -20.17
C ARG F 474 27.88 -29.98 -21.49
N PRO F 475 26.96 -30.95 -21.68
CA PRO F 475 26.06 -30.92 -22.84
C PRO F 475 25.34 -29.58 -23.04
N HIS F 476 25.29 -29.13 -24.28
CA HIS F 476 24.64 -27.88 -24.71
C HIS F 476 23.17 -28.18 -25.01
N PRO F 477 22.24 -27.29 -24.60
CA PRO F 477 20.82 -27.46 -24.92
C PRO F 477 20.52 -27.74 -26.38
N TYR F 478 21.29 -27.14 -27.28
CA TYR F 478 21.08 -27.35 -28.72
C TYR F 478 21.44 -28.77 -29.20
N GLU F 479 22.27 -29.48 -28.43
CA GLU F 479 22.57 -30.87 -28.71
C GLU F 479 21.35 -31.76 -28.54
N PHE F 480 20.42 -31.33 -27.71
CA PHE F 480 19.17 -32.05 -27.53
C PHE F 480 18.20 -31.78 -28.68
N ALA F 481 18.22 -30.54 -29.17
CA ALA F 481 17.46 -30.17 -30.38
C ALA F 481 17.96 -30.95 -31.59
N LEU F 482 19.28 -31.09 -31.70
CA LEU F 482 19.90 -31.82 -32.80
C LEU F 482 19.81 -33.32 -32.68
N TYR F 483 20.00 -33.86 -31.47
CA TYR F 483 20.34 -35.29 -31.29
C TYR F 483 19.46 -36.20 -30.43
N TYR F 484 18.43 -35.68 -29.78
CA TYR F 484 17.64 -36.54 -28.90
C TYR F 484 17.12 -37.81 -29.63
N ASP F 485 16.66 -37.61 -30.86
CA ASP F 485 16.05 -38.67 -31.66
C ASP F 485 17.00 -39.44 -32.62
N VAL F 486 18.30 -39.44 -32.33
CA VAL F 486 19.28 -40.14 -33.19
C VAL F 486 19.07 -41.65 -33.29
#